data_8EOI
#
_entry.id   8EOI
#
_cell.length_a   1.00
_cell.length_b   1.00
_cell.length_c   1.00
_cell.angle_alpha   90.00
_cell.angle_beta   90.00
_cell.angle_gamma   90.00
#
_symmetry.space_group_name_H-M   'P 1'
#
loop_
_entity.id
_entity.type
_entity.pdbx_description
1 polymer 'ER membrane protein complex subunit 1'
2 polymer 'ER membrane protein complex subunit 2'
3 polymer 'ER membrane protein complex subunit 3'
4 polymer 'ER membrane protein complex subunit 5'
5 polymer 'ER membrane protein complex subunit 6'
6 polymer 'ER membrane protein complex subunit 7'
7 polymer 'ER membrane protein complex subunit 8'
8 polymer 'ER membrane protein complex subunit 10'
9 polymer 'Voltage-dependent L-type calcium channel subunit alpha-1C'
10 polymer 'Voltage-dependent L-type calcium channel subunit beta-3'
11 polymer 'ER membrane protein complex subunit 4'
12 branched 2-acetamido-2-deoxy-beta-D-glucopyranose-(1-4)-2-acetamido-2-deoxy-beta-D-glucopyranose
13 non-polymer 2-acetamido-2-deoxy-beta-D-glucopyranose
14 non-polymer (3beta,14beta,17beta,25R)-3-[4-methoxy-3-(methoxymethyl)butoxy]spirost-5-en
#
loop_
_entity_poly.entity_id
_entity_poly.type
_entity_poly.pdbx_seq_one_letter_code
_entity_poly.pdbx_strand_id
1 'polypeptide(L)'
;AVYEDQVGKFDWRQQYVGKVKFASLEFSPGSKKLVVATEKNVIAALNSRTGEILWRHVDKGTAEGAVDAMLLHGQDVITV
SNGGRIMRSWETNIGGLNWEITLDSGSFQALGLVGLQESVRYIAVLKKTTLALHHLSSGHLKWVEHLPESDSIHYQMVYS
YGSGVVWALGVVPFSHVNIVKFNVEDGEIVQQVRVSTPWLQHLSGACGVVDEAVLVCPDPSSRSLQTLALETEWELRQIP
LQSLDLEFGSGFQPRVLPTQPNPVDASRAQFFLHLSPSHYALLQYHYGTLSLLKNFPQTALVSFATTGEKTVAAVMACRN
EVQKSSSSEDGSMGSFSEKSSSKDSLACFNQTYTINLYLVETGRRLLDTTITFSLEQSGTRPERLYIQVFLKKDDSVGYR
ALVQTEDHLLLFLQQLAGKVVLWSREESLAEVVCLEMVDLPLTGAQAELEGEFGKKADGLLGMFLKRLSSQLILLQAWTS
HLWKMFYDARKPRSQIKNEINIDTLARDEFNLQKMMVMVTASGKLFGIESSSGTILWKQYLPNVKPDSSFKLMVQRTTAH
FPHPPQCTLLVKDKESGMSSLYVFNPIFGKWSQVAPPVLKRPILQSLLLPVMDQDYAKVLLLIDDEYKVTAFPATRNVLR
QLHELAPSIFFYLVDAEQGRLCGYRLRKDLTTELSWELTIPPEVQRIVKVKGKRSSEHVHSQGRVMGDRSVLYKSLNPNL
LAVVTESTDAHHERTFIGIFLIDGVTGRIIHSSVQKKAKGPVHIVHSENWVVYQYWNTKARRNEFTVLELYEGTEQYNAT
AFSSLDRPQLPQVLQQSYIFPSSISAMEATITERGITSRHLLIGLPSGAILSLPKALLDPRRPEIPTEQSREENLIPYSP
DVQIHAERFINYNQTVSRMRGIYTAPSGLESTCLVVAYGLDIYQTRVYPSKQFDVLKDDYDYVLISSVLFGLVFATMITK
RLAQVKLLNRAWR
;
A
2 'polypeptide(L)'
;KVSELYDVTWEEMRDKMRKWREENSRNSEQIVEVGEELINEYASKLGDDIWIIYEQVMIAALDYGRDDLALFCLQELRRQ
FPGSHRVKRLTGMRFEAMERYDDAIQLYDRILQEDPTNTAARKRKIAIRKAQGKNVEAIRELNEYLEQFVGDQEAWHELA
ELYINEHDYAKAAFCLEELMMTNPHNHLYCQQYAEVKYTQGGLENLELSRKYFAQALKLNNRNMRALFGLYMSASHIASN
PKASAKTKKDNMKYASWAASQINRAYQFAGRSKKETKYSLKAVEDMLETLQ
;
B
3 'polypeptide(L)'
;PELLLDSNIRLWVVLPIVIITFFVGMIRHYVSILLQSDKKLTQEQVSDSQVLIRSRVLRENGKYIPKQSFLTRKYYFNNP
EDGFFKKTKRKVVPPSPMTDPTMLTDMMKGNVTNVLPMILIGGWINMTFSGFVTTKVPFPLTLRFKPMLQQGIELLTLDA
SWVSSASWYFLNVFGLRSIYSLILGQDNAADQSRMMQEQMTGAAMAMPADTNKAFKTEWEALELTDHQWALDDVEEELMA
KDLHFEGMFKKELQTSIF
;
C
4 'polypeptide(L)'
;PSLWKGLVGIGLFALAHAAFSAAQHRSYMRLTEKEDESLPIDIVLQTLLAFAVTCYGIVHIAGEFKDMDATSELKNKTFD
TLRNHPSFYVFNHRGRVLFRP
;
E
5 'polypeptide(L)'
;PPFISEAAVRGNAAVLDYCRTSVSALSGATAGILGLTGLYGFIFYLLASVLLSLLLILKAGRRWNKYFKSRRPLFTGGLI
GGLFTYVLFWTFLYGMVHVY
;
F
6 'polypeptide(L)'
;DRFKIEGRAVVPGVKPQDWISAARVLVDGEEHVGFLKTDGSFVVHDIPSGSYVVEVVSPAYRFDPVRVDITSKGKMRARY
VNYIKTSEVVRLPYPLQMKSSGPPSYFIKRESWGWT
;
G
7 'polypeptide(L)'
;GVKLTTQAYCKMVLHGAKYPHCAVNGLLVAEKQKPRKEHLPLGGPGAHHTLFVDCIPLFHGTLALAPMLEVALTLIDSWC
KDHSYVIAGYYQANERVKDASPNQVAEKVASRIAEGFSDTALIMVDNTKFTMDCVAPTIHVYEHHENRWRCRDPHHDYCE
DWPEAQRISASLLDSRSYETLVDFDNHLDDIRNDWTNPEINKAVLHLC
;
H
8 'polypeptide(L)'
;GTVGLLLEHSFEIDDSANFRKRGSLLWNQQDGTLSLSQRQLSEEERGRLRDVAALNGLYRVRIPRRPGALDGLEAGGYVS
SFVPACSLVESHLSDQLTLHVDVAGNVVGVSVVTHPGGCRGHEVEDVDLELFNTSVQLQPPTTAPGPETAAFIERLE
;
I
9 'polypeptide(L)'
;LKNPIRRACISIVEWKPFEIIILLTIFANCVALAIYIPFPEDDSNATNSNLERVEYLFLIIFTVEAFLKVIAYGLLFHPN
AYLRNGWNLLDFIIVVVGLFSAILEQATKADGANALGGKGAGFDVKALRAFRVLRPLRLVSGVPSLQVVLNSIIKAMVPL
LHIALLVLFVIIIYAIIGLELFMGKMHKTCYNQEGIADVPAEDDPSPCALETGHGRQCQNGTVCKPGWDGPKHGITNFDN
FAFAMLTVFQCITMEGWTDVLYWVNDAVGRDWPWIYFVTLIIIGSFFVLNLVLGVLSGEFSKEREKAKARGDFQKLREKQ
QLEEDLKGYLDWITQAEDIDPENEDEGMDEEKPRNMSMPTSETESVNTENVAGGDIEGENCGARLAHRISKSKFSRYWRR
WNRFCRRKCRAAVKSNVFYWLVIFLVFLNTLTIASEHYNQPNWLTEVQDTANKALLALFTAEMLLKMYSLGLQAYFVSLF
NRFDCFVVCGGILETILVETKIMSPLGISVLRCVRLLRIFKITRYWNSLSNLVASLLNSVRSIASLLLLLFLFIIIFSLL
GMQLFGGKFNFDEMQTRRSTFDNFPQSLLTVFQILTGEDWNSVMYDGIMAYGGPSFPGMLVCIYFIILFICGNYILLNVF
LAIAVDNLADAESLTSAQKEEEEEKERKKLARTASPEKKQELVEKPAVGESKEEKIELKSITADGESPPATKINMDDLQP
NENEDKSPYPNPETTGEEDEEEPEMPVGPRPRPLSELHLKEKAVPMPEASAFFIFSSNNRFRLQCHRIVNDTIFTNLILF
FILLSSISLAAEDPVQHTSFRNHILFYFDIVFTTIFTIEIALKILGNADYVFTSIFTLEIILKMTAYGAFLHKGSFCRNY
FNILDLLVVSVSLISFGIQSSAINVVKILRVLRVLRPLRAINRAKGLKHVVQCVFVAIRTIGNIVIVTTLLQFMFACIGV
QLFKGKLYTCSDSSKQTEAECKGNYITYKDGEVDHPIIQPRSWENSKFDFDNVLAAMMALFTVSTFEGWPELLYRSIDSH
TEDKGPIYNYRVEISIFFIIYIIIIAFFMMNIFVGFVIVTFQEQGEQEYKNCELDKNQRQCVEYALKARPLRRYIPKNQH
QYKVWYVVNSTYFEYLMFVLILLNTICLAMQHYGQSCLFKIAMNILNMLFTGLFTVEMILKLIAFKPKGYFSDPWNVFDF
LIVIGSIIDVILSETNHYFCDAWNTFDALIVVGSIVDIAITEVNPAEHTQCSPSMNAEENSRISITFFRLFRVMRLVKLL
SRGEGIRTLLWTFIKSFQALPYVALLIVMLFFIYAVIGMQVFGKIALNDTTEINRNNNFQTFPQAVLLLFRCATGEAWQD
IMLACMPGKKCAPESEPSNSTEGETPCGSSFAVFYFISFYMLCAFLIINLFVAVIMDNFDYLTRDWSILGPHHLDEFKRI
WAEYDPEAKGRIKHLDVVTLLRRIQPPLGFGKLCPHRVACKRLVSMNMPLNSDGTVMFNATLFALVRTALRIKTEGNLEQ
ANEELRAIIKKIWKRTSMKLLDQVVPPAGD
;
K
10 'polypeptide(L)'
;ESARREVESQAQQQLERAKHKPVAFAVRTNVSYCGVLDEECPVQGSGINFEAKDFLHIKEKYSNDWWIGRLVKEGGDIAF
IPSPQRLESIRLKQEQKARRSGNPSSLSDIGNRRSPPPSLAKQKQKQAEHVPPYDVVPSMRPVVLVGPSLKGYEVTDMMQ
KALFDFLKHRFDGRISITRVTADLSLAKRSVLNNPGKRTIIERSSARSSIAEVQSEIERIFELAKSLQLVVLDADTINHP
AQLAKTSLAPIIVFVKVSSPKVLQRLIRSRGKSQMKHLTVQMMAYDKLVQCPPESFDVILDENQLEDACEHLAEYLEVYW
RATH
;
J
11 'polypeptide(L)'
;RFKWAIELSGPGGGSRGRSDRGSGQGDSLYPVGYLDKQVPDTSVQETDRILVEKRCWDIALGPLKQIPMNLFIMYMAGNT
ISIFPTMMVCMMAWRPIQALMAISATFKMLESSSQKFLQGLVYLIGNLMGLALAVYKCQSMGLLPTHASDWLAFIEPPER
MEFSGGGLLL
;
D
#
loop_
_chem_comp.id
_chem_comp.type
_chem_comp.name
_chem_comp.formula
9Z9 non-polymer (3beta,14beta,17beta,25R)-3-[4-methoxy-3-(methoxymethyl)butoxy]spirost-5-en 'C34 H56 O5'
NAG D-saccharide, beta linking 2-acetamido-2-deoxy-beta-D-glucopyranose 'C8 H15 N O6'
#
# COMPACT_ATOMS: atom_id res chain seq x y z
N ALA A 1 -22.93 -28.84 -23.31
CA ALA A 1 -22.50 -27.83 -22.36
C ALA A 1 -23.31 -26.55 -22.53
N VAL A 2 -22.76 -25.43 -22.09
CA VAL A 2 -23.44 -24.15 -22.13
C VAL A 2 -22.44 -23.05 -22.49
N TYR A 3 -22.98 -21.92 -22.96
CA TYR A 3 -22.23 -20.68 -23.15
C TYR A 3 -21.20 -20.73 -24.26
N GLU A 4 -21.00 -21.90 -24.87
CA GLU A 4 -20.08 -22.11 -25.98
C GLU A 4 -18.65 -21.67 -25.66
N ASP A 5 -18.32 -21.47 -24.39
CA ASP A 5 -17.00 -20.99 -23.98
C ASP A 5 -16.20 -22.01 -23.21
N GLN A 6 -16.85 -22.84 -22.39
CA GLN A 6 -16.17 -23.89 -21.65
C GLN A 6 -15.97 -25.16 -22.48
N VAL A 7 -16.10 -25.06 -23.81
CA VAL A 7 -15.95 -26.22 -24.68
C VAL A 7 -14.52 -26.72 -24.61
N GLY A 8 -14.35 -27.98 -24.23
CA GLY A 8 -13.05 -28.60 -24.13
C GLY A 8 -12.28 -28.30 -22.87
N LYS A 9 -12.85 -27.53 -21.94
CA LYS A 9 -12.15 -27.19 -20.70
C LYS A 9 -12.30 -28.24 -19.62
N PHE A 10 -13.40 -28.97 -19.59
CA PHE A 10 -13.63 -29.99 -18.58
C PHE A 10 -13.94 -31.37 -19.14
N ASP A 11 -14.55 -31.46 -20.32
CA ASP A 11 -14.99 -32.73 -20.89
C ASP A 11 -13.97 -33.27 -21.88
N TRP A 12 -14.03 -34.57 -22.12
CA TRP A 12 -13.19 -35.17 -23.15
C TRP A 12 -13.82 -36.47 -23.62
N ARG A 13 -13.56 -36.80 -24.89
CA ARG A 13 -14.12 -37.98 -25.53
C ARG A 13 -13.02 -38.75 -26.26
N GLN A 14 -13.09 -40.07 -26.17
CA GLN A 14 -12.20 -40.97 -26.89
C GLN A 14 -13.04 -41.95 -27.70
N GLN A 15 -12.71 -42.09 -28.98
CA GLN A 15 -13.41 -42.98 -29.89
C GLN A 15 -12.61 -44.26 -30.11
N TYR A 16 -13.32 -45.33 -30.43
CA TYR A 16 -12.68 -46.63 -30.57
C TYR A 16 -13.43 -47.47 -31.61
N VAL A 17 -12.75 -48.51 -32.07
CA VAL A 17 -13.33 -49.54 -32.92
C VAL A 17 -12.97 -50.89 -32.31
N GLY A 18 -13.74 -51.91 -32.70
CA GLY A 18 -13.55 -53.22 -32.12
C GLY A 18 -12.33 -53.93 -32.67
N LYS A 19 -12.20 -55.19 -32.25
CA LYS A 19 -11.08 -56.02 -32.69
C LYS A 19 -11.14 -56.24 -34.20
N VAL A 20 -9.99 -56.10 -34.87
CA VAL A 20 -9.95 -56.17 -36.32
C VAL A 20 -10.28 -57.57 -36.79
N LYS A 21 -11.09 -57.66 -37.84
CA LYS A 21 -11.36 -58.94 -38.50
C LYS A 21 -10.83 -58.99 -39.92
N PHE A 22 -11.00 -57.91 -40.68
CA PHE A 22 -10.45 -57.80 -42.03
C PHE A 22 -9.79 -56.43 -42.18
N ALA A 23 -8.84 -56.36 -43.11
CA ALA A 23 -8.11 -55.12 -43.35
C ALA A 23 -7.66 -55.08 -44.80
N SER A 24 -7.40 -53.86 -45.28
CA SER A 24 -6.95 -53.64 -46.64
C SER A 24 -6.07 -52.39 -46.65
N LEU A 25 -4.84 -52.53 -47.15
CA LEU A 25 -3.87 -51.45 -47.11
C LEU A 25 -3.38 -50.98 -48.48
N GLU A 26 -3.55 -51.79 -49.54
CA GLU A 26 -3.08 -51.40 -50.86
C GLU A 26 -3.90 -50.23 -51.38
N PHE A 27 -3.22 -49.15 -51.74
CA PHE A 27 -3.89 -47.93 -52.18
C PHE A 27 -3.00 -47.23 -53.21
N SER A 28 -3.26 -45.95 -53.43
CA SER A 28 -2.63 -45.20 -54.53
C SER A 28 -1.11 -45.27 -54.54
N PRO A 29 -0.37 -45.08 -53.43
CA PRO A 29 -0.78 -44.71 -52.07
C PRO A 29 -0.60 -43.23 -51.77
N GLY A 30 -0.82 -42.34 -52.75
CA GLY A 30 -0.76 -40.91 -52.47
C GLY A 30 -1.73 -40.50 -51.38
N SER A 31 -2.96 -41.00 -51.44
CA SER A 31 -3.88 -40.86 -50.33
C SER A 31 -3.49 -41.84 -49.23
N LYS A 32 -3.55 -41.36 -47.98
CA LYS A 32 -3.12 -42.15 -46.82
C LYS A 32 -4.36 -42.62 -46.08
N LYS A 33 -4.74 -43.87 -46.29
CA LYS A 33 -5.94 -44.43 -45.70
C LYS A 33 -5.67 -45.86 -45.28
N LEU A 34 -6.52 -46.36 -44.38
CA LEU A 34 -6.46 -47.75 -43.93
C LEU A 34 -7.89 -48.16 -43.59
N VAL A 35 -8.52 -48.90 -44.49
CA VAL A 35 -9.91 -49.30 -44.31
C VAL A 35 -9.93 -50.59 -43.50
N VAL A 36 -10.70 -50.60 -42.42
CA VAL A 36 -10.74 -51.73 -41.50
C VAL A 36 -12.18 -52.05 -41.15
N ALA A 37 -12.42 -53.31 -40.78
CA ALA A 37 -13.70 -53.78 -40.27
C ALA A 37 -13.44 -54.54 -38.99
N THR A 38 -14.28 -54.33 -37.98
CA THR A 38 -14.04 -54.93 -36.67
C THR A 38 -15.11 -55.95 -36.34
N GLU A 39 -14.96 -56.58 -35.17
CA GLU A 39 -15.92 -57.55 -34.69
C GLU A 39 -17.11 -56.90 -33.98
N LYS A 40 -17.08 -55.58 -33.77
CA LYS A 40 -18.21 -54.84 -33.23
C LYS A 40 -19.14 -54.36 -34.32
N ASN A 41 -19.12 -55.00 -35.49
CA ASN A 41 -19.97 -54.64 -36.62
C ASN A 41 -19.80 -53.18 -37.01
N VAL A 42 -18.55 -52.72 -37.06
CA VAL A 42 -18.23 -51.33 -37.41
C VAL A 42 -17.13 -51.34 -38.46
N ILE A 43 -17.30 -50.51 -39.49
CA ILE A 43 -16.34 -50.37 -40.58
C ILE A 43 -15.84 -48.93 -40.59
N ALA A 44 -14.52 -48.75 -40.56
CA ALA A 44 -13.94 -47.43 -40.42
C ALA A 44 -12.79 -47.25 -41.38
N ALA A 45 -12.34 -46.01 -41.52
CA ALA A 45 -11.16 -45.66 -42.32
C ALA A 45 -10.23 -44.83 -41.44
N LEU A 46 -9.09 -45.40 -41.09
CA LEU A 46 -8.12 -44.75 -40.22
C LEU A 46 -7.03 -44.08 -41.03
N ASN A 47 -6.63 -42.88 -40.61
CA ASN A 47 -5.46 -42.24 -41.18
C ASN A 47 -4.21 -43.03 -40.81
N SER A 48 -3.29 -43.15 -41.77
CA SER A 48 -2.07 -43.91 -41.54
C SER A 48 -0.94 -43.06 -40.98
N ARG A 49 -0.97 -41.74 -41.20
CA ARG A 49 0.07 -40.88 -40.66
C ARG A 49 0.03 -40.83 -39.13
N THR A 50 -1.16 -40.73 -38.55
CA THR A 50 -1.31 -40.54 -37.12
C THR A 50 -2.12 -41.63 -36.44
N GLY A 51 -3.10 -42.22 -37.11
CA GLY A 51 -3.96 -43.21 -36.50
C GLY A 51 -5.34 -42.73 -36.10
N GLU A 52 -5.76 -41.57 -36.58
CA GLU A 52 -7.06 -41.02 -36.24
C GLU A 52 -8.14 -41.72 -37.06
N ILE A 53 -9.37 -41.18 -37.03
CA ILE A 53 -10.49 -41.74 -37.76
C ILE A 53 -10.95 -40.70 -38.77
N LEU A 54 -11.02 -41.10 -40.04
CA LEU A 54 -11.56 -40.24 -41.08
C LEU A 54 -13.08 -40.37 -41.18
N TRP A 55 -13.58 -41.59 -41.24
CA TRP A 55 -15.01 -41.84 -41.16
C TRP A 55 -15.25 -43.22 -40.57
N ARG A 56 -16.41 -43.39 -39.97
CA ARG A 56 -16.78 -44.63 -39.30
C ARG A 56 -18.27 -44.88 -39.47
N HIS A 57 -18.63 -46.14 -39.69
CA HIS A 57 -20.03 -46.55 -39.82
C HIS A 57 -20.29 -47.71 -38.89
N VAL A 58 -21.34 -47.59 -38.08
CA VAL A 58 -21.69 -48.56 -37.07
C VAL A 58 -23.00 -49.22 -37.45
N ASP A 59 -23.03 -50.55 -37.46
CA ASP A 59 -24.20 -51.33 -37.81
C ASP A 59 -24.87 -51.85 -36.53
N LYS A 60 -25.85 -52.73 -36.70
CA LYS A 60 -26.55 -53.30 -35.56
C LYS A 60 -25.60 -54.11 -34.69
N GLY A 61 -25.80 -54.02 -33.37
CA GLY A 61 -24.93 -54.71 -32.44
C GLY A 61 -25.16 -56.19 -32.31
N THR A 62 -26.32 -56.68 -32.76
CA THR A 62 -26.65 -58.10 -32.64
C THR A 62 -25.97 -58.87 -33.76
N ALA A 63 -26.34 -60.15 -33.91
CA ALA A 63 -25.75 -60.99 -34.94
C ALA A 63 -26.22 -60.64 -36.34
N GLU A 64 -27.21 -59.77 -36.48
CA GLU A 64 -27.72 -59.37 -37.78
C GLU A 64 -26.89 -58.26 -38.44
N GLY A 65 -25.70 -57.99 -37.91
CA GLY A 65 -24.84 -56.97 -38.48
C GLY A 65 -23.41 -57.43 -38.65
N ALA A 66 -23.16 -58.72 -38.45
CA ALA A 66 -21.82 -59.25 -38.61
C ALA A 66 -21.40 -59.21 -40.07
N VAL A 67 -20.13 -58.85 -40.30
CA VAL A 67 -19.56 -58.78 -41.64
C VAL A 67 -19.03 -60.15 -42.01
N ASP A 68 -19.47 -60.67 -43.16
CA ASP A 68 -19.04 -61.99 -43.60
C ASP A 68 -17.85 -61.93 -44.57
N ALA A 69 -17.83 -60.96 -45.47
CA ALA A 69 -16.76 -60.92 -46.47
C ALA A 69 -16.47 -59.48 -46.83
N MET A 70 -15.22 -59.23 -47.20
CA MET A 70 -14.74 -57.89 -47.54
C MET A 70 -13.70 -57.99 -48.64
N LEU A 71 -13.81 -57.11 -49.64
CA LEU A 71 -12.87 -57.05 -50.74
C LEU A 71 -12.63 -55.59 -51.11
N LEU A 72 -11.50 -55.34 -51.78
CA LEU A 72 -11.14 -54.01 -52.23
C LEU A 72 -10.88 -54.03 -53.72
N HIS A 73 -11.26 -52.94 -54.39
CA HIS A 73 -11.04 -52.82 -55.83
C HIS A 73 -10.88 -51.34 -56.16
N GLY A 74 -9.68 -50.94 -56.55
CA GLY A 74 -9.40 -49.56 -56.88
C GLY A 74 -9.61 -48.62 -55.71
N GLN A 75 -10.67 -47.80 -55.78
CA GLN A 75 -11.03 -46.90 -54.71
C GLN A 75 -12.35 -47.28 -54.05
N ASP A 76 -12.80 -48.52 -54.22
CA ASP A 76 -14.07 -48.97 -53.70
C ASP A 76 -13.87 -50.21 -52.83
N VAL A 77 -14.79 -50.41 -51.89
CA VAL A 77 -14.79 -51.57 -51.01
C VAL A 77 -16.11 -52.30 -51.19
N ILE A 78 -16.07 -53.63 -51.22
CA ILE A 78 -17.25 -54.46 -51.37
C ILE A 78 -17.40 -55.28 -50.09
N THR A 79 -18.59 -55.22 -49.49
CA THR A 79 -18.85 -55.91 -48.23
C THR A 79 -20.08 -56.79 -48.37
N VAL A 80 -20.00 -58.00 -47.83
CA VAL A 80 -21.14 -58.92 -47.75
C VAL A 80 -21.38 -59.22 -46.28
N SER A 81 -22.59 -58.94 -45.81
CA SER A 81 -22.90 -59.04 -44.40
C SER A 81 -24.35 -59.48 -44.22
N ASN A 82 -24.76 -59.58 -42.94
CA ASN A 82 -26.09 -60.03 -42.54
C ASN A 82 -26.33 -61.49 -42.92
N GLY A 83 -25.36 -62.34 -42.60
CA GLY A 83 -25.49 -63.76 -42.90
C GLY A 83 -25.65 -64.07 -44.37
N GLY A 84 -24.88 -63.40 -45.23
CA GLY A 84 -25.03 -63.58 -46.66
C GLY A 84 -26.34 -63.07 -47.21
N ARG A 85 -26.76 -61.88 -46.80
CA ARG A 85 -28.02 -61.29 -47.24
C ARG A 85 -27.86 -59.92 -47.87
N ILE A 86 -26.95 -59.08 -47.37
CA ILE A 86 -26.80 -57.71 -47.84
C ILE A 86 -25.42 -57.54 -48.44
N MET A 87 -25.35 -56.88 -49.59
CA MET A 87 -24.09 -56.54 -50.23
C MET A 87 -24.03 -55.04 -50.46
N ARG A 88 -22.88 -54.44 -50.14
CA ARG A 88 -22.72 -53.00 -50.19
C ARG A 88 -21.42 -52.64 -50.87
N SER A 89 -21.42 -51.47 -51.52
CA SER A 89 -20.25 -50.93 -52.19
C SER A 89 -19.95 -49.56 -51.58
N TRP A 90 -18.95 -49.52 -50.71
CA TRP A 90 -18.53 -48.30 -50.05
C TRP A 90 -17.54 -47.53 -50.92
N GLU A 91 -17.77 -46.23 -51.05
CA GLU A 91 -16.83 -45.32 -51.70
C GLU A 91 -15.82 -44.85 -50.65
N THR A 92 -14.57 -45.29 -50.79
CA THR A 92 -13.57 -45.01 -49.77
C THR A 92 -13.21 -43.52 -49.72
N ASN A 93 -13.16 -42.85 -50.87
CA ASN A 93 -12.65 -41.50 -50.91
C ASN A 93 -13.52 -40.53 -50.11
N ILE A 94 -14.84 -40.67 -50.21
CA ILE A 94 -15.75 -39.75 -49.52
C ILE A 94 -16.37 -40.36 -48.27
N GLY A 95 -16.40 -41.70 -48.16
CA GLY A 95 -17.04 -42.33 -47.04
C GLY A 95 -18.53 -42.54 -47.19
N GLY A 96 -19.09 -42.27 -48.36
CA GLY A 96 -20.51 -42.44 -48.59
C GLY A 96 -20.86 -43.87 -48.94
N LEU A 97 -21.64 -44.07 -49.99
CA LEU A 97 -22.06 -45.40 -50.39
C LEU A 97 -22.42 -45.38 -51.87
N ASN A 98 -21.91 -46.35 -52.62
CA ASN A 98 -22.22 -46.43 -54.05
C ASN A 98 -23.57 -47.12 -54.29
N TRP A 99 -23.73 -48.33 -53.76
CA TRP A 99 -25.00 -49.03 -53.89
C TRP A 99 -25.08 -50.11 -52.81
N GLU A 100 -26.31 -50.57 -52.58
CA GLU A 100 -26.59 -51.62 -51.62
C GLU A 100 -27.74 -52.47 -52.14
N ILE A 101 -27.53 -53.78 -52.19
CA ILE A 101 -28.52 -54.70 -52.72
C ILE A 101 -28.69 -55.87 -51.76
N THR A 102 -29.77 -56.62 -51.96
CA THR A 102 -30.09 -57.79 -51.16
C THR A 102 -30.01 -59.03 -52.03
N LEU A 103 -29.25 -60.02 -51.59
CA LEU A 103 -29.14 -61.28 -52.30
C LEU A 103 -30.35 -62.16 -51.97
N ASP A 104 -30.39 -63.35 -52.59
CA ASP A 104 -31.46 -64.30 -52.33
C ASP A 104 -31.16 -65.04 -51.02
N SER A 105 -32.01 -66.01 -50.68
CA SER A 105 -31.81 -66.79 -49.48
C SER A 105 -30.66 -67.78 -49.67
N GLY A 106 -30.17 -68.31 -48.57
CA GLY A 106 -29.08 -69.27 -48.56
C GLY A 106 -27.98 -68.87 -47.60
N SER A 107 -26.95 -69.71 -47.56
CA SER A 107 -25.81 -69.50 -46.69
C SER A 107 -24.60 -69.10 -47.51
N PHE A 108 -23.95 -68.00 -47.12
CA PHE A 108 -22.76 -67.54 -47.81
C PHE A 108 -21.63 -68.55 -47.65
N GLN A 109 -20.88 -68.77 -48.74
CA GLN A 109 -19.74 -69.67 -48.70
C GLN A 109 -18.44 -68.96 -49.07
N ALA A 110 -18.41 -68.20 -50.16
CA ALA A 110 -17.19 -67.52 -50.57
C ALA A 110 -17.55 -66.36 -51.49
N LEU A 111 -16.70 -65.35 -51.50
CA LEU A 111 -16.84 -64.18 -52.36
C LEU A 111 -15.61 -64.08 -53.26
N GLY A 112 -15.84 -63.76 -54.53
CA GLY A 112 -14.75 -63.69 -55.49
C GLY A 112 -14.94 -62.54 -56.45
N LEU A 113 -13.86 -62.22 -57.16
CA LEU A 113 -13.84 -61.14 -58.14
C LEU A 113 -13.34 -61.69 -59.47
N VAL A 114 -14.11 -61.46 -60.53
CA VAL A 114 -13.80 -62.01 -61.84
C VAL A 114 -13.76 -60.87 -62.86
N GLY A 115 -13.17 -61.17 -64.01
CA GLY A 115 -13.06 -60.19 -65.07
C GLY A 115 -12.86 -60.86 -66.41
N LEU A 116 -12.82 -60.04 -67.45
CA LEU A 116 -12.67 -60.52 -68.82
C LEU A 116 -11.84 -59.54 -69.63
N GLN A 117 -10.94 -60.09 -70.44
CA GLN A 117 -10.12 -59.32 -71.38
C GLN A 117 -9.35 -58.21 -70.66
N GLU A 118 -8.66 -58.58 -69.57
CA GLU A 118 -7.86 -57.67 -68.77
C GLU A 118 -8.70 -56.49 -68.26
N SER A 119 -9.88 -56.81 -67.74
CA SER A 119 -10.76 -55.80 -67.15
C SER A 119 -11.73 -56.51 -66.23
N VAL A 120 -11.76 -56.09 -64.96
CA VAL A 120 -12.68 -56.68 -63.99
C VAL A 120 -14.01 -55.94 -64.06
N ARG A 121 -15.08 -56.70 -64.26
CA ARG A 121 -16.41 -56.10 -64.43
C ARG A 121 -17.53 -56.82 -63.69
N TYR A 122 -17.24 -57.88 -62.93
CA TYR A 122 -18.29 -58.65 -62.30
C TYR A 122 -17.87 -59.08 -60.90
N ILE A 123 -18.86 -59.42 -60.09
CA ILE A 123 -18.67 -59.96 -58.75
C ILE A 123 -19.38 -61.30 -58.68
N ALA A 124 -18.70 -62.31 -58.14
CA ALA A 124 -19.25 -63.66 -58.03
C ALA A 124 -19.55 -63.97 -56.58
N VAL A 125 -20.77 -64.44 -56.31
CA VAL A 125 -21.23 -64.78 -54.97
C VAL A 125 -21.63 -66.25 -54.95
N LEU A 126 -21.14 -66.98 -53.95
CA LEU A 126 -21.39 -68.40 -53.83
C LEU A 126 -22.20 -68.69 -52.58
N LYS A 127 -23.32 -69.39 -52.75
CA LYS A 127 -24.12 -69.86 -51.63
C LYS A 127 -24.31 -71.36 -51.78
N LYS A 128 -24.58 -72.01 -50.64
CA LYS A 128 -24.57 -73.47 -50.55
C LYS A 128 -25.38 -74.14 -51.65
N THR A 129 -26.29 -73.42 -52.29
CA THR A 129 -27.09 -73.96 -53.38
C THR A 129 -26.76 -73.37 -54.74
N THR A 130 -26.45 -72.08 -54.82
CA THR A 130 -26.39 -71.38 -56.10
C THR A 130 -25.11 -70.57 -56.24
N LEU A 131 -24.90 -70.08 -57.46
CA LEU A 131 -23.81 -69.16 -57.76
C LEU A 131 -24.35 -68.02 -58.60
N ALA A 132 -24.01 -66.79 -58.22
CA ALA A 132 -24.55 -65.61 -58.88
C ALA A 132 -23.42 -64.70 -59.35
N LEU A 133 -23.63 -64.07 -60.50
CA LEU A 133 -22.74 -63.05 -61.02
C LEU A 133 -23.51 -61.75 -61.16
N HIS A 134 -22.99 -60.70 -60.54
CA HIS A 134 -23.58 -59.37 -60.55
C HIS A 134 -22.61 -58.37 -61.19
N HIS A 135 -23.16 -57.27 -61.69
CA HIS A 135 -22.33 -56.19 -62.20
C HIS A 135 -21.59 -55.50 -61.07
N LEU A 136 -20.42 -54.95 -61.41
CA LEU A 136 -19.59 -54.24 -60.42
C LEU A 136 -19.89 -52.75 -60.39
N SER A 137 -20.23 -52.15 -61.52
CA SER A 137 -20.44 -50.70 -61.56
C SER A 137 -21.74 -50.30 -60.87
N SER A 138 -22.81 -51.07 -61.08
CA SER A 138 -24.11 -50.71 -60.55
C SER A 138 -24.69 -51.74 -59.58
N GLY A 139 -24.15 -52.95 -59.54
CA GLY A 139 -24.67 -53.98 -58.67
C GLY A 139 -25.86 -54.75 -59.21
N HIS A 140 -26.34 -54.42 -60.40
CA HIS A 140 -27.45 -55.15 -60.98
C HIS A 140 -27.03 -56.58 -61.28
N LEU A 141 -27.95 -57.52 -61.02
CA LEU A 141 -27.68 -58.92 -61.23
C LEU A 141 -27.45 -59.21 -62.71
N LYS A 142 -26.41 -60.00 -63.01
CA LYS A 142 -26.18 -60.46 -64.37
C LYS A 142 -26.85 -61.81 -64.60
N TRP A 143 -26.50 -62.81 -63.80
CA TRP A 143 -27.17 -64.10 -63.92
C TRP A 143 -26.96 -64.93 -62.65
N VAL A 144 -27.74 -66.00 -62.55
CA VAL A 144 -27.71 -66.92 -61.42
C VAL A 144 -27.82 -68.33 -61.96
N GLU A 145 -27.07 -69.26 -61.38
CA GLU A 145 -27.12 -70.66 -61.78
C GLU A 145 -27.18 -71.55 -60.54
N HIS A 146 -27.72 -72.74 -60.74
CA HIS A 146 -27.94 -73.71 -59.66
C HIS A 146 -26.84 -74.76 -59.70
N LEU A 147 -26.17 -74.95 -58.58
CA LEU A 147 -25.07 -75.92 -58.51
C LEU A 147 -25.62 -77.34 -58.54
N PRO A 148 -25.16 -78.19 -59.45
CA PRO A 148 -25.67 -79.57 -59.50
C PRO A 148 -25.34 -80.34 -58.23
N GLU A 149 -26.27 -81.21 -57.84
CA GLU A 149 -26.08 -82.11 -56.70
C GLU A 149 -25.75 -81.34 -55.42
N SER A 150 -26.42 -80.21 -55.22
CA SER A 150 -26.19 -79.38 -54.04
C SER A 150 -26.70 -80.01 -52.76
N ASP A 151 -27.47 -81.10 -52.84
CA ASP A 151 -28.03 -81.70 -51.65
C ASP A 151 -26.95 -82.29 -50.75
N SER A 152 -25.94 -82.93 -51.33
CA SER A 152 -24.90 -83.61 -50.56
C SER A 152 -23.51 -83.02 -50.73
N ILE A 153 -23.19 -82.48 -51.90
CA ILE A 153 -21.86 -81.93 -52.14
C ILE A 153 -21.81 -80.50 -51.58
N HIS A 154 -20.87 -80.26 -50.67
CA HIS A 154 -20.73 -78.95 -50.04
C HIS A 154 -19.70 -78.15 -50.85
N TYR A 155 -20.16 -77.10 -51.53
CA TYR A 155 -19.29 -76.26 -52.35
C TYR A 155 -18.63 -75.20 -51.48
N GLN A 156 -17.32 -75.03 -51.66
CA GLN A 156 -16.56 -74.18 -50.75
C GLN A 156 -15.60 -73.19 -51.40
N MET A 157 -15.28 -73.31 -52.68
CA MET A 157 -14.27 -72.44 -53.27
C MET A 157 -14.73 -71.95 -54.64
N VAL A 158 -14.24 -70.77 -55.01
CA VAL A 158 -14.47 -70.18 -56.33
C VAL A 158 -13.14 -69.63 -56.84
N TYR A 159 -12.77 -70.01 -58.05
CA TYR A 159 -11.52 -69.54 -58.66
C TYR A 159 -11.76 -69.25 -60.13
N SER A 160 -11.06 -68.24 -60.64
CA SER A 160 -11.15 -67.84 -62.03
C SER A 160 -10.05 -66.84 -62.33
N TYR A 161 -9.79 -66.62 -63.61
CA TYR A 161 -8.87 -65.59 -64.05
C TYR A 161 -9.32 -65.11 -65.43
N GLY A 162 -8.42 -64.40 -66.13
CA GLY A 162 -8.77 -63.76 -67.37
C GLY A 162 -9.06 -64.67 -68.55
N SER A 163 -9.12 -65.98 -68.31
CA SER A 163 -9.40 -66.91 -69.40
C SER A 163 -10.80 -66.69 -69.96
N GLY A 164 -11.81 -66.67 -69.10
CA GLY A 164 -13.17 -66.47 -69.53
C GLY A 164 -14.14 -67.51 -68.98
N VAL A 165 -13.66 -68.33 -68.05
CA VAL A 165 -14.47 -69.36 -67.41
C VAL A 165 -14.29 -69.26 -65.90
N VAL A 166 -15.25 -69.83 -65.18
CA VAL A 166 -15.28 -69.78 -63.72
C VAL A 166 -15.42 -71.20 -63.18
N TRP A 167 -14.55 -71.57 -62.25
CA TRP A 167 -14.60 -72.86 -61.59
C TRP A 167 -15.38 -72.76 -60.28
N ALA A 168 -15.95 -73.89 -59.88
CA ALA A 168 -16.59 -74.00 -58.56
C ALA A 168 -16.31 -75.40 -58.04
N LEU A 169 -15.83 -75.48 -56.80
CA LEU A 169 -15.33 -76.73 -56.23
C LEU A 169 -16.18 -77.11 -55.02
N GLY A 170 -16.65 -78.36 -55.02
CA GLY A 170 -17.39 -78.89 -53.89
C GLY A 170 -16.80 -80.21 -53.46
N VAL A 171 -16.98 -80.51 -52.17
CA VAL A 171 -16.41 -81.71 -51.57
C VAL A 171 -17.45 -82.40 -50.71
N VAL A 172 -17.30 -83.71 -50.58
CA VAL A 172 -17.96 -84.52 -49.57
C VAL A 172 -16.86 -85.20 -48.78
N PRO A 173 -16.81 -85.08 -47.45
CA PRO A 173 -15.67 -85.58 -46.69
C PRO A 173 -15.47 -87.08 -46.89
N PHE A 174 -14.20 -87.47 -47.07
CA PHE A 174 -13.82 -88.87 -47.27
C PHE A 174 -14.63 -89.51 -48.39
N SER A 175 -14.76 -88.79 -49.51
CA SER A 175 -15.69 -89.17 -50.56
C SER A 175 -15.26 -88.52 -51.87
N HIS A 176 -16.17 -88.47 -52.83
CA HIS A 176 -15.88 -87.82 -54.09
C HIS A 176 -15.87 -86.30 -53.94
N VAL A 177 -15.11 -85.66 -54.82
CA VAL A 177 -15.03 -84.21 -54.92
C VAL A 177 -15.33 -83.82 -56.36
N ASN A 178 -16.07 -82.72 -56.52
CA ASN A 178 -16.61 -82.30 -57.80
C ASN A 178 -16.10 -80.91 -58.16
N ILE A 179 -15.81 -80.71 -59.44
CA ILE A 179 -15.43 -79.41 -59.99
C ILE A 179 -16.33 -79.12 -61.18
N VAL A 180 -16.94 -77.95 -61.18
CA VAL A 180 -17.85 -77.55 -62.26
C VAL A 180 -17.33 -76.27 -62.88
N LYS A 181 -17.21 -76.25 -64.20
CA LYS A 181 -16.72 -75.11 -64.95
C LYS A 181 -17.88 -74.50 -65.72
N PHE A 182 -18.18 -73.24 -65.42
CA PHE A 182 -19.14 -72.44 -66.17
C PHE A 182 -18.39 -71.42 -67.03
N ASN A 183 -19.13 -70.80 -67.94
CA ASN A 183 -18.59 -69.74 -68.79
C ASN A 183 -19.19 -68.40 -68.39
N VAL A 184 -18.36 -67.37 -68.39
CA VAL A 184 -18.76 -66.07 -67.85
C VAL A 184 -19.81 -65.40 -68.74
N GLU A 185 -19.65 -65.53 -70.07
CA GLU A 185 -20.43 -64.69 -70.98
C GLU A 185 -21.93 -64.96 -70.86
N ASP A 186 -22.33 -66.22 -70.75
CA ASP A 186 -23.74 -66.56 -70.67
C ASP A 186 -24.10 -67.29 -69.39
N GLY A 187 -23.36 -68.33 -69.01
CA GLY A 187 -23.63 -69.00 -67.75
C GLY A 187 -24.07 -70.45 -67.87
N GLU A 188 -23.60 -71.16 -68.88
CA GLU A 188 -23.92 -72.57 -69.04
C GLU A 188 -22.92 -73.42 -68.28
N ILE A 189 -23.38 -74.58 -67.82
CA ILE A 189 -22.50 -75.57 -67.18
C ILE A 189 -21.74 -76.27 -68.30
N VAL A 190 -20.52 -75.82 -68.58
CA VAL A 190 -19.78 -76.32 -69.73
C VAL A 190 -18.85 -77.47 -69.40
N GLN A 191 -18.56 -77.72 -68.13
CA GLN A 191 -17.70 -78.86 -67.82
C GLN A 191 -17.96 -79.35 -66.41
N GLN A 192 -17.80 -80.66 -66.20
CA GLN A 192 -17.91 -81.27 -64.88
C GLN A 192 -16.86 -82.37 -64.74
N VAL A 193 -16.20 -82.41 -63.60
CA VAL A 193 -15.16 -83.39 -63.30
C VAL A 193 -15.39 -83.92 -61.89
N ARG A 194 -15.23 -85.23 -61.71
CA ARG A 194 -15.36 -85.86 -60.40
C ARG A 194 -14.15 -86.72 -60.11
N VAL A 195 -13.67 -86.68 -58.87
CA VAL A 195 -12.55 -87.48 -58.42
C VAL A 195 -12.90 -88.03 -57.03
N SER A 196 -12.07 -88.95 -56.54
CA SER A 196 -12.30 -89.59 -55.25
C SER A 196 -11.15 -89.31 -54.30
N THR A 197 -11.46 -88.86 -53.08
CA THR A 197 -10.48 -88.64 -52.03
C THR A 197 -11.02 -89.22 -50.74
N PRO A 198 -10.56 -90.41 -50.35
CA PRO A 198 -11.00 -91.00 -49.07
C PRO A 198 -10.18 -90.59 -47.86
N TRP A 199 -9.37 -89.53 -47.97
CA TRP A 199 -8.47 -89.14 -46.90
C TRP A 199 -8.66 -87.72 -46.39
N LEU A 200 -9.27 -86.82 -47.17
CA LEU A 200 -9.47 -85.45 -46.73
C LEU A 200 -10.92 -85.24 -46.29
N GLN A 201 -11.14 -84.14 -45.57
CA GLN A 201 -12.49 -83.77 -45.14
C GLN A 201 -12.82 -82.29 -45.33
N HIS A 202 -11.84 -81.43 -45.63
CA HIS A 202 -12.08 -80.02 -45.80
C HIS A 202 -11.41 -79.53 -47.07
N LEU A 203 -11.96 -78.46 -47.62
CA LEU A 203 -11.45 -77.87 -48.86
C LEU A 203 -11.15 -76.38 -48.71
N SER A 204 -11.91 -75.66 -47.88
CA SER A 204 -11.74 -74.22 -47.77
C SER A 204 -10.46 -73.88 -47.00
N GLY A 205 -10.21 -74.56 -45.89
CA GLY A 205 -9.11 -74.23 -45.02
C GLY A 205 -7.82 -75.00 -45.23
N ALA A 206 -7.76 -75.90 -46.19
CA ALA A 206 -6.55 -76.70 -46.36
C ALA A 206 -5.99 -76.66 -47.77
N CYS A 207 -6.83 -76.63 -48.79
CA CYS A 207 -6.37 -76.68 -50.16
C CYS A 207 -6.10 -75.28 -50.70
N GLY A 208 -5.46 -75.22 -51.87
CA GLY A 208 -5.18 -73.96 -52.52
C GLY A 208 -5.12 -74.13 -54.02
N VAL A 209 -5.07 -73.00 -54.72
CA VAL A 209 -4.97 -72.96 -56.17
C VAL A 209 -3.75 -72.12 -56.54
N VAL A 210 -2.88 -72.69 -57.37
CA VAL A 210 -1.64 -72.03 -57.76
C VAL A 210 -1.46 -72.14 -59.27
N ASP A 211 -0.69 -71.20 -59.80
CA ASP A 211 -0.22 -71.17 -61.20
C ASP A 211 -1.45 -71.08 -62.12
N GLU A 212 -1.51 -71.86 -63.20
CA GLU A 212 -2.61 -71.80 -64.15
C GLU A 212 -3.76 -72.70 -63.70
N ALA A 213 -4.38 -72.28 -62.58
CA ALA A 213 -5.53 -72.95 -62.01
C ALA A 213 -5.22 -74.43 -61.70
N VAL A 214 -4.26 -74.63 -60.82
CA VAL A 214 -3.85 -75.97 -60.40
C VAL A 214 -4.19 -76.12 -58.92
N LEU A 215 -5.04 -77.09 -58.61
CA LEU A 215 -5.43 -77.35 -57.23
C LEU A 215 -4.37 -78.19 -56.53
N VAL A 216 -4.05 -77.82 -55.30
CA VAL A 216 -3.04 -78.52 -54.49
C VAL A 216 -3.58 -78.67 -53.09
N CYS A 217 -3.48 -79.89 -52.55
CA CYS A 217 -3.92 -80.18 -51.19
C CYS A 217 -2.85 -81.01 -50.49
N PRO A 218 -2.75 -80.89 -49.16
CA PRO A 218 -1.81 -81.75 -48.42
C PRO A 218 -2.46 -83.04 -47.95
N ASP A 219 -1.66 -84.05 -47.62
CA ASP A 219 -2.21 -85.26 -47.03
C ASP A 219 -1.22 -85.84 -46.03
N PRO A 220 -1.50 -85.75 -44.73
CA PRO A 220 -0.58 -86.29 -43.72
C PRO A 220 -0.70 -87.80 -43.57
N SER A 221 -1.91 -88.33 -43.77
CA SER A 221 -2.09 -89.77 -43.69
C SER A 221 -1.29 -90.48 -44.78
N SER A 222 -1.34 -89.96 -46.01
CA SER A 222 -0.52 -90.48 -47.09
C SER A 222 0.86 -89.85 -47.13
N ARG A 223 1.11 -88.80 -46.35
CA ARG A 223 2.43 -88.20 -46.21
C ARG A 223 2.94 -87.69 -47.57
N SER A 224 2.15 -86.80 -48.17
CA SER A 224 2.47 -86.31 -49.51
C SER A 224 1.59 -85.10 -49.83
N LEU A 225 1.68 -84.66 -51.08
CA LEU A 225 0.82 -83.62 -51.63
C LEU A 225 0.08 -84.16 -52.83
N GLN A 226 -1.10 -83.62 -53.10
CA GLN A 226 -1.92 -84.02 -54.23
C GLN A 226 -2.19 -82.80 -55.10
N THR A 227 -1.95 -82.94 -56.40
CA THR A 227 -2.11 -81.85 -57.35
C THR A 227 -3.01 -82.29 -58.49
N LEU A 228 -3.73 -81.32 -59.06
CA LEU A 228 -4.61 -81.58 -60.20
C LEU A 228 -4.70 -80.32 -61.04
N ALA A 229 -4.36 -80.43 -62.32
CA ALA A 229 -4.50 -79.30 -63.23
C ALA A 229 -5.95 -79.25 -63.71
N LEU A 230 -6.68 -78.22 -63.27
CA LEU A 230 -8.09 -78.12 -63.59
C LEU A 230 -8.34 -77.95 -65.09
N GLU A 231 -7.33 -77.54 -65.86
CA GLU A 231 -7.52 -77.32 -67.29
C GLU A 231 -7.54 -78.62 -68.07
N THR A 232 -6.44 -79.38 -68.03
CA THR A 232 -6.26 -80.54 -68.89
C THR A 232 -5.88 -81.78 -68.09
N GLU A 233 -6.57 -82.02 -66.98
CA GLU A 233 -6.35 -83.23 -66.20
C GLU A 233 -7.66 -83.70 -65.59
N TRP A 234 -7.74 -85.01 -65.34
CA TRP A 234 -8.89 -85.57 -64.65
C TRP A 234 -8.48 -86.64 -63.64
N GLU A 235 -7.25 -86.61 -63.15
CA GLU A 235 -6.78 -87.55 -62.15
C GLU A 235 -5.78 -86.86 -61.23
N LEU A 236 -5.79 -87.25 -59.96
CA LEU A 236 -4.88 -86.67 -58.98
C LEU A 236 -3.46 -87.20 -59.18
N ARG A 237 -2.48 -86.32 -58.96
CA ARG A 237 -1.08 -86.67 -59.00
C ARG A 237 -0.50 -86.50 -57.61
N GLN A 238 0.09 -87.56 -57.06
CA GLN A 238 0.65 -87.53 -55.73
C GLN A 238 2.16 -87.32 -55.80
N ILE A 239 2.67 -86.50 -54.88
CA ILE A 239 4.09 -86.16 -54.82
C ILE A 239 4.56 -86.31 -53.38
N PRO A 240 5.54 -87.16 -53.10
CA PRO A 240 6.04 -87.29 -51.73
C PRO A 240 7.00 -86.15 -51.39
N LEU A 241 7.10 -85.87 -50.10
CA LEU A 241 7.97 -84.82 -49.59
C LEU A 241 9.34 -85.32 -49.17
N GLN A 242 9.62 -86.62 -49.33
CA GLN A 242 10.93 -87.14 -48.95
C GLN A 242 12.03 -86.57 -49.83
N SER A 243 11.70 -86.16 -51.06
CA SER A 243 12.69 -85.51 -51.92
C SER A 243 13.16 -84.20 -51.31
N LEU A 244 12.25 -83.40 -50.77
CA LEU A 244 12.60 -82.15 -50.11
C LEU A 244 12.82 -82.31 -48.62
N ASP A 245 12.56 -83.49 -48.07
CA ASP A 245 12.88 -83.85 -46.68
C ASP A 245 12.19 -82.90 -45.69
N LEU A 246 10.86 -82.96 -45.71
CA LEU A 246 10.01 -82.29 -44.71
C LEU A 246 9.27 -83.35 -43.90
N GLU A 247 8.43 -82.90 -42.99
CA GLU A 247 7.67 -83.80 -42.13
C GLU A 247 6.47 -83.08 -41.55
N PHE A 248 5.28 -83.61 -41.80
CA PHE A 248 4.07 -83.04 -41.23
C PHE A 248 4.04 -83.22 -39.71
N GLY A 249 3.45 -82.24 -39.03
CA GLY A 249 3.28 -82.35 -37.60
C GLY A 249 2.20 -83.35 -37.23
N SER A 250 2.28 -83.82 -35.99
CA SER A 250 1.33 -84.80 -35.48
C SER A 250 0.12 -84.10 -34.88
N GLY A 251 -1.07 -84.50 -35.32
CA GLY A 251 -2.29 -83.88 -34.84
C GLY A 251 -2.41 -82.41 -35.18
N PHE A 252 -2.03 -82.04 -36.40
CA PHE A 252 -2.08 -80.66 -36.85
C PHE A 252 -2.62 -80.60 -38.27
N GLN A 253 -3.25 -79.48 -38.61
CA GLN A 253 -3.83 -79.30 -39.93
C GLN A 253 -2.90 -78.45 -40.79
N PRO A 254 -2.26 -79.02 -41.80
CA PRO A 254 -1.38 -78.22 -42.67
C PRO A 254 -2.20 -77.27 -43.53
N ARG A 255 -1.54 -76.22 -44.00
CA ARG A 255 -2.21 -75.21 -44.82
C ARG A 255 -1.37 -74.86 -46.04
N VAL A 256 -2.05 -74.40 -47.08
CA VAL A 256 -1.42 -73.93 -48.30
C VAL A 256 -1.83 -72.48 -48.52
N LEU A 257 -0.84 -71.60 -48.71
CA LEU A 257 -1.07 -70.17 -48.89
C LEU A 257 -0.58 -69.76 -50.27
N PRO A 258 -1.48 -69.63 -51.25
CA PRO A 258 -1.09 -69.09 -52.55
C PRO A 258 -1.23 -67.57 -52.60
N THR A 259 -0.96 -66.98 -53.76
CA THR A 259 -1.12 -65.54 -53.93
C THR A 259 -1.58 -65.25 -55.34
N GLN A 260 -2.30 -64.15 -55.50
CA GLN A 260 -2.78 -63.70 -56.81
C GLN A 260 -2.89 -62.18 -56.79
N PRO A 261 -1.79 -61.49 -57.06
CA PRO A 261 -1.81 -60.01 -56.98
C PRO A 261 -2.81 -59.36 -57.91
N ASN A 262 -3.03 -59.93 -59.10
CA ASN A 262 -3.96 -59.36 -60.08
C ASN A 262 -5.04 -60.38 -60.38
N PRO A 263 -6.32 -60.05 -60.19
CA PRO A 263 -7.38 -61.04 -60.46
C PRO A 263 -7.50 -61.45 -61.92
N VAL A 264 -6.88 -60.71 -62.84
CA VAL A 264 -7.02 -61.02 -64.26
C VAL A 264 -6.10 -62.18 -64.65
N ASP A 265 -4.79 -62.00 -64.44
CA ASP A 265 -3.82 -63.00 -64.88
C ASP A 265 -3.82 -64.19 -63.93
N ALA A 266 -2.91 -65.13 -64.16
CA ALA A 266 -2.82 -66.33 -63.35
C ALA A 266 -2.13 -66.04 -62.02
N SER A 267 -2.16 -67.03 -61.13
CA SER A 267 -1.54 -66.91 -59.83
C SER A 267 -0.05 -67.23 -59.91
N ARG A 268 0.69 -66.76 -58.91
CA ARG A 268 2.12 -67.02 -58.84
C ARG A 268 2.39 -68.51 -58.64
N ALA A 269 3.48 -68.98 -59.25
CA ALA A 269 3.87 -70.38 -59.12
C ALA A 269 4.49 -70.70 -57.78
N GLN A 270 4.82 -69.70 -56.97
CA GLN A 270 5.40 -69.90 -55.65
C GLN A 270 4.34 -69.74 -54.58
N PHE A 271 4.41 -70.57 -53.54
CA PHE A 271 3.40 -70.55 -52.50
C PHE A 271 4.02 -70.99 -51.17
N PHE A 272 3.38 -70.57 -50.09
CA PHE A 272 3.80 -70.98 -48.76
C PHE A 272 3.04 -72.23 -48.32
N LEU A 273 3.70 -73.05 -47.50
CA LEU A 273 3.09 -74.22 -46.92
C LEU A 273 3.31 -74.17 -45.41
N HIS A 274 2.22 -74.09 -44.66
CA HIS A 274 2.26 -74.13 -43.21
C HIS A 274 2.24 -75.60 -42.79
N LEU A 275 3.39 -76.10 -42.33
CA LEU A 275 3.61 -77.51 -42.09
C LEU A 275 3.32 -77.91 -40.65
N SER A 276 3.90 -77.19 -39.70
CA SER A 276 3.73 -77.42 -38.28
C SER A 276 3.58 -76.08 -37.60
N PRO A 277 2.97 -76.03 -36.41
CA PRO A 277 2.96 -74.78 -35.64
C PRO A 277 4.35 -74.16 -35.54
N SER A 278 4.50 -72.96 -36.09
CA SER A 278 5.80 -72.30 -36.24
C SER A 278 6.73 -73.12 -37.15
N HIS A 279 6.23 -73.41 -38.35
CA HIS A 279 7.04 -74.09 -39.36
C HIS A 279 6.42 -73.84 -40.73
N TYR A 280 7.15 -73.14 -41.60
CA TYR A 280 6.66 -72.79 -42.92
C TYR A 280 7.69 -73.18 -43.98
N ALA A 281 7.22 -73.31 -45.21
CA ALA A 281 8.10 -73.64 -46.33
C ALA A 281 7.64 -72.89 -47.57
N LEU A 282 8.50 -72.05 -48.13
CA LEU A 282 8.22 -71.36 -49.39
C LEU A 282 8.68 -72.26 -50.53
N LEU A 283 7.73 -72.78 -51.30
CA LEU A 283 8.01 -73.74 -52.36
C LEU A 283 7.59 -73.16 -53.70
N GLN A 284 8.10 -73.78 -54.76
CA GLN A 284 7.81 -73.38 -56.13
C GLN A 284 7.41 -74.60 -56.93
N TYR A 285 6.32 -74.47 -57.70
CA TYR A 285 5.77 -75.57 -58.48
C TYR A 285 6.02 -75.32 -59.96
N HIS A 286 6.44 -76.38 -60.67
CA HIS A 286 6.70 -76.28 -62.10
C HIS A 286 6.53 -77.66 -62.71
N TYR A 287 5.37 -77.89 -63.35
CA TYR A 287 5.09 -79.10 -64.13
C TYR A 287 5.28 -80.37 -63.28
N GLY A 288 4.50 -80.45 -62.20
CA GLY A 288 4.53 -81.62 -61.36
C GLY A 288 5.80 -81.81 -60.56
N THR A 289 6.65 -80.79 -60.47
CA THR A 289 7.88 -80.86 -59.71
C THR A 289 7.89 -79.76 -58.66
N LEU A 290 8.30 -80.12 -57.44
CA LEU A 290 8.35 -79.19 -56.32
C LEU A 290 9.80 -78.88 -55.97
N SER A 291 10.13 -77.60 -55.91
CA SER A 291 11.48 -77.15 -55.58
C SER A 291 11.45 -76.43 -54.24
N LEU A 292 12.30 -76.85 -53.32
CA LEU A 292 12.41 -76.23 -52.00
C LEU A 292 13.12 -74.90 -52.16
N LEU A 293 12.34 -73.84 -52.36
CA LEU A 293 12.91 -72.50 -52.48
C LEU A 293 13.50 -72.04 -51.15
N LYS A 294 12.75 -72.22 -50.06
CA LYS A 294 13.26 -71.88 -48.74
C LYS A 294 12.39 -72.56 -47.69
N ASN A 295 12.95 -72.73 -46.49
CA ASN A 295 12.21 -73.23 -45.34
C ASN A 295 12.45 -72.31 -44.16
N PHE A 296 11.46 -72.24 -43.27
CA PHE A 296 11.52 -71.36 -42.11
C PHE A 296 11.04 -72.14 -40.89
N PRO A 297 11.97 -72.62 -40.06
CA PRO A 297 11.58 -73.22 -38.78
C PRO A 297 11.60 -72.19 -37.66
N GLN A 298 10.67 -72.38 -36.73
CA GLN A 298 10.52 -71.51 -35.56
C GLN A 298 10.27 -70.06 -35.97
N THR A 299 9.18 -69.86 -36.69
CA THR A 299 8.78 -68.54 -37.15
C THR A 299 7.34 -68.27 -36.71
N ALA A 300 7.01 -66.99 -36.53
CA ALA A 300 5.71 -66.63 -35.99
C ALA A 300 4.67 -66.42 -37.09
N LEU A 301 4.91 -65.46 -37.99
CA LEU A 301 3.88 -65.10 -38.97
C LEU A 301 4.51 -64.86 -40.33
N VAL A 302 3.70 -65.01 -41.37
CA VAL A 302 4.10 -64.73 -42.74
C VAL A 302 3.01 -63.91 -43.41
N SER A 303 3.41 -63.17 -44.44
CA SER A 303 2.45 -62.35 -45.19
C SER A 303 3.00 -62.08 -46.59
N PHE A 304 2.09 -61.67 -47.48
CA PHE A 304 2.42 -61.39 -48.87
C PHE A 304 2.15 -59.92 -49.19
N ALA A 305 2.82 -59.43 -50.22
CA ALA A 305 2.55 -58.10 -50.77
C ALA A 305 3.09 -58.05 -52.18
N THR A 306 2.65 -57.05 -52.93
CA THR A 306 3.08 -56.90 -54.32
C THR A 306 2.99 -55.43 -54.72
N THR A 307 4.07 -54.92 -55.32
CA THR A 307 4.11 -53.57 -55.86
C THR A 307 4.65 -53.63 -57.27
N GLY A 308 3.92 -53.03 -58.22
CA GLY A 308 4.29 -53.10 -59.61
C GLY A 308 4.33 -54.52 -60.13
N GLU A 309 5.53 -55.03 -60.39
CA GLU A 309 5.71 -56.42 -60.78
C GLU A 309 6.53 -57.22 -59.77
N LYS A 310 6.84 -56.64 -58.61
CA LYS A 310 7.64 -57.29 -57.59
C LYS A 310 6.73 -57.81 -56.48
N THR A 311 6.80 -59.11 -56.24
CA THR A 311 6.07 -59.74 -55.14
C THR A 311 7.04 -60.04 -54.01
N VAL A 312 6.68 -59.65 -52.79
CA VAL A 312 7.56 -59.70 -51.64
C VAL A 312 6.84 -60.37 -50.48
N ALA A 313 7.52 -61.28 -49.80
CA ALA A 313 6.99 -61.91 -48.60
C ALA A 313 7.61 -61.26 -47.37
N ALA A 314 6.86 -61.30 -46.27
CA ALA A 314 7.32 -60.75 -44.98
C ALA A 314 7.21 -61.84 -43.94
N VAL A 315 8.27 -62.03 -43.16
CA VAL A 315 8.35 -63.08 -42.15
C VAL A 315 8.67 -62.45 -40.80
N MET A 316 7.88 -62.79 -39.78
CA MET A 316 8.07 -62.30 -38.42
C MET A 316 8.38 -63.49 -37.52
N ALA A 317 9.46 -63.37 -36.75
CA ALA A 317 9.87 -64.39 -35.80
C ALA A 317 10.45 -63.70 -34.56
N CYS A 318 11.05 -64.47 -33.67
CA CYS A 318 11.72 -63.90 -32.50
C CYS A 318 13.12 -64.48 -32.38
N ARG A 319 13.98 -63.74 -31.69
CA ARG A 319 15.42 -63.97 -31.78
C ARG A 319 15.89 -65.12 -30.90
N ASN A 320 15.73 -65.00 -29.59
CA ASN A 320 16.43 -65.91 -28.67
C ASN A 320 15.71 -67.26 -28.57
N GLU A 321 14.45 -67.25 -28.14
CA GLU A 321 13.70 -68.50 -28.01
C GLU A 321 12.52 -68.54 -28.98
N ALA A 347 7.15 -68.82 -26.52
CA ALA A 347 7.92 -68.64 -25.30
C ALA A 347 9.20 -67.85 -25.57
N CYS A 348 9.08 -66.78 -26.35
CA CYS A 348 10.24 -65.95 -26.67
C CYS A 348 10.73 -65.22 -25.42
N PHE A 349 12.04 -64.98 -25.39
CA PHE A 349 12.70 -64.53 -24.17
C PHE A 349 12.19 -63.16 -23.72
N ASN A 350 12.43 -62.13 -24.53
CA ASN A 350 12.14 -60.75 -24.16
C ASN A 350 10.88 -60.20 -24.83
N GLN A 351 10.07 -61.07 -25.43
CA GLN A 351 8.93 -60.65 -26.25
C GLN A 351 9.39 -59.69 -27.34
N THR A 352 10.57 -59.98 -27.89
CA THR A 352 11.17 -59.15 -28.94
C THR A 352 11.11 -59.91 -30.25
N TYR A 353 10.60 -59.25 -31.29
CA TYR A 353 10.36 -59.89 -32.57
C TYR A 353 11.04 -59.10 -33.68
N THR A 354 11.42 -59.84 -34.72
CA THR A 354 12.08 -59.31 -35.90
C THR A 354 11.28 -59.66 -37.14
N ILE A 355 11.18 -58.69 -38.05
CA ILE A 355 10.45 -58.82 -39.31
C ILE A 355 11.45 -58.62 -40.44
N ASN A 356 11.44 -59.55 -41.40
CA ASN A 356 12.35 -59.53 -42.52
C ASN A 356 11.57 -59.65 -43.82
N LEU A 357 12.15 -59.10 -44.89
CA LEU A 357 11.57 -59.11 -46.22
C LEU A 357 12.31 -60.11 -47.10
N TYR A 358 11.56 -60.86 -47.90
CA TYR A 358 12.11 -61.89 -48.77
C TYR A 358 11.53 -61.74 -50.17
N LEU A 359 12.35 -62.03 -51.17
CA LEU A 359 11.88 -62.10 -52.54
C LEU A 359 11.19 -63.44 -52.78
N VAL A 360 10.11 -63.40 -53.57
CA VAL A 360 9.29 -64.57 -53.80
C VAL A 360 9.81 -65.43 -54.94
N GLU A 361 10.38 -64.81 -55.98
CA GLU A 361 10.90 -65.57 -57.11
C GLU A 361 12.00 -66.53 -56.67
N THR A 362 12.94 -66.04 -55.87
CA THR A 362 13.96 -66.89 -55.26
C THR A 362 14.06 -66.55 -53.78
N GLY A 363 14.22 -67.59 -52.95
CA GLY A 363 14.33 -67.38 -51.53
C GLY A 363 15.59 -66.63 -51.17
N ARG A 364 15.45 -65.36 -50.80
CA ARG A 364 16.58 -64.49 -50.56
C ARG A 364 16.14 -63.29 -49.74
N ARG A 365 16.91 -62.98 -48.71
CA ARG A 365 16.67 -61.77 -47.92
C ARG A 365 17.00 -60.53 -48.74
N LEU A 366 16.29 -59.45 -48.45
CA LEU A 366 16.61 -58.12 -48.96
C LEU A 366 17.31 -57.36 -47.86
N LEU A 367 18.56 -56.97 -48.10
CA LEU A 367 19.38 -56.37 -47.06
C LEU A 367 18.84 -55.01 -46.64
N ASP A 368 19.10 -54.66 -45.38
CA ASP A 368 18.67 -53.39 -44.80
C ASP A 368 17.15 -53.28 -44.78
N THR A 369 16.50 -54.32 -44.26
CA THR A 369 15.04 -54.35 -44.15
C THR A 369 14.53 -54.87 -42.80
N THR A 370 15.41 -55.34 -41.91
CA THR A 370 14.96 -55.93 -40.66
C THR A 370 14.34 -54.87 -39.75
N ILE A 371 13.21 -55.21 -39.13
CA ILE A 371 12.54 -54.35 -38.17
C ILE A 371 12.42 -55.10 -36.85
N THR A 372 12.89 -54.48 -35.77
CA THR A 372 12.88 -55.09 -34.45
C THR A 372 11.95 -54.33 -33.53
N PHE A 373 11.03 -55.04 -32.87
CA PHE A 373 10.11 -54.41 -31.93
C PHE A 373 9.93 -55.33 -30.72
N SER A 374 9.19 -54.83 -29.73
CA SER A 374 8.98 -55.56 -28.49
C SER A 374 7.62 -55.19 -27.91
N LEU A 375 7.12 -56.07 -27.05
CA LEU A 375 5.83 -55.89 -26.38
C LEU A 375 6.04 -55.67 -24.89
N GLU A 376 5.31 -54.70 -24.33
CA GLU A 376 5.49 -54.34 -22.93
C GLU A 376 4.88 -55.38 -21.99
N GLN A 377 3.72 -55.92 -22.34
CA GLN A 377 3.03 -56.82 -21.43
C GLN A 377 3.76 -58.15 -21.29
N SER A 378 3.51 -58.82 -20.17
CA SER A 378 4.29 -59.99 -19.80
C SER A 378 3.92 -61.21 -20.64
N GLY A 379 2.63 -61.42 -20.89
CA GLY A 379 2.20 -62.65 -21.53
C GLY A 379 1.40 -62.48 -22.80
N THR A 380 1.81 -61.54 -23.66
CA THR A 380 1.13 -61.30 -24.92
C THR A 380 1.98 -61.78 -26.09
N ARG A 381 1.35 -61.84 -27.27
CA ARG A 381 2.01 -62.25 -28.49
C ARG A 381 1.16 -61.82 -29.67
N PRO A 382 1.75 -61.48 -30.81
CA PRO A 382 0.96 -61.04 -31.96
C PRO A 382 0.18 -62.20 -32.58
N GLU A 383 -0.87 -61.83 -33.31
CA GLU A 383 -1.72 -62.80 -33.99
C GLU A 383 -2.00 -62.49 -35.45
N ARG A 384 -1.88 -61.23 -35.89
CA ARG A 384 -2.13 -60.87 -37.27
C ARG A 384 -1.02 -59.95 -37.77
N LEU A 385 -0.78 -59.99 -39.08
CA LEU A 385 0.27 -59.19 -39.69
C LEU A 385 -0.18 -58.76 -41.08
N TYR A 386 -0.31 -57.46 -41.28
CA TYR A 386 -0.64 -56.88 -42.57
C TYR A 386 0.45 -55.88 -42.95
N ILE A 387 0.90 -55.95 -44.21
CA ILE A 387 2.08 -55.22 -44.66
C ILE A 387 1.72 -54.40 -45.89
N GLN A 388 2.14 -53.14 -45.88
CA GLN A 388 1.97 -52.24 -47.02
C GLN A 388 3.36 -51.91 -47.58
N VAL A 389 3.52 -52.07 -48.89
CA VAL A 389 4.81 -51.87 -49.53
C VAL A 389 4.72 -50.69 -50.49
N PHE A 390 5.88 -50.10 -50.77
CA PHE A 390 5.98 -49.00 -51.71
C PHE A 390 7.40 -48.99 -52.28
N LEU A 391 7.56 -48.27 -53.38
CA LEU A 391 8.84 -48.22 -54.09
C LEU A 391 9.57 -46.93 -53.73
N LYS A 392 10.81 -47.07 -53.28
CA LYS A 392 11.60 -45.91 -52.85
C LYS A 392 12.25 -45.23 -54.05
N LYS A 393 12.86 -44.07 -53.77
CA LYS A 393 13.49 -43.29 -54.83
C LYS A 393 14.71 -44.01 -55.41
N ASP A 394 15.43 -44.77 -54.58
CA ASP A 394 16.63 -45.45 -55.03
C ASP A 394 16.30 -46.83 -55.57
N ASP A 395 15.07 -47.01 -56.07
CA ASP A 395 14.59 -48.28 -56.61
C ASP A 395 14.69 -49.39 -55.56
N SER A 396 14.36 -49.05 -54.32
CA SER A 396 14.30 -50.00 -53.22
C SER A 396 12.86 -50.19 -52.80
N VAL A 397 12.64 -51.22 -51.97
CA VAL A 397 11.31 -51.61 -51.55
C VAL A 397 11.20 -51.32 -50.06
N GLY A 398 10.61 -50.18 -49.72
CA GLY A 398 10.29 -49.88 -48.33
C GLY A 398 8.89 -50.35 -47.97
N TYR A 399 8.66 -50.52 -46.68
CA TYR A 399 7.38 -51.09 -46.25
C TYR A 399 7.08 -50.66 -44.82
N ARG A 400 5.81 -50.81 -44.45
CA ARG A 400 5.34 -50.59 -43.10
C ARG A 400 4.40 -51.73 -42.73
N ALA A 401 4.27 -51.99 -41.43
CA ALA A 401 3.52 -53.13 -40.96
C ALA A 401 2.45 -52.71 -39.96
N LEU A 402 1.41 -53.51 -39.88
CA LEU A 402 0.32 -53.33 -38.92
C LEU A 402 0.15 -54.63 -38.15
N VAL A 403 0.39 -54.57 -36.85
CA VAL A 403 0.44 -55.77 -36.02
C VAL A 403 -0.62 -55.69 -34.93
N GLN A 404 -1.42 -56.73 -34.81
CA GLN A 404 -2.40 -56.86 -33.73
C GLN A 404 -1.91 -57.90 -32.75
N THR A 405 -1.91 -57.55 -31.47
CA THR A 405 -1.40 -58.44 -30.44
C THR A 405 -2.53 -59.31 -29.91
N GLU A 406 -2.26 -60.05 -28.84
CA GLU A 406 -3.26 -60.95 -28.27
C GLU A 406 -4.32 -60.21 -27.48
N ASP A 407 -3.96 -59.06 -26.89
CA ASP A 407 -4.87 -58.30 -26.03
C ASP A 407 -5.47 -57.09 -26.73
N HIS A 408 -5.77 -57.23 -28.03
CA HIS A 408 -6.49 -56.21 -28.79
C HIS A 408 -5.73 -54.90 -28.84
N LEU A 409 -4.43 -54.97 -29.09
CA LEU A 409 -3.58 -53.79 -29.24
C LEU A 409 -3.06 -53.72 -30.66
N LEU A 410 -3.22 -52.57 -31.31
CA LEU A 410 -2.79 -52.35 -32.68
C LEU A 410 -1.54 -51.48 -32.69
N LEU A 411 -0.53 -51.91 -33.44
CA LEU A 411 0.71 -51.16 -33.59
C LEU A 411 0.98 -50.94 -35.07
N PHE A 412 1.43 -49.74 -35.42
CA PHE A 412 1.81 -49.43 -36.79
C PHE A 412 3.31 -49.16 -36.82
N LEU A 413 4.06 -50.11 -37.36
CA LEU A 413 5.51 -50.07 -37.34
C LEU A 413 6.04 -49.58 -38.68
N GLN A 414 7.06 -48.71 -38.62
CA GLN A 414 7.73 -48.19 -39.81
C GLN A 414 9.18 -48.66 -39.82
N GLN A 415 9.94 -48.14 -40.78
CA GLN A 415 11.29 -48.64 -41.06
C GLN A 415 12.36 -47.63 -40.65
N LEU A 416 12.17 -46.98 -39.51
CA LEU A 416 13.15 -46.07 -38.95
C LEU A 416 13.99 -46.79 -37.90
N ALA A 417 14.83 -46.04 -37.19
CA ALA A 417 15.74 -46.60 -36.19
C ALA A 417 15.22 -46.40 -34.76
N GLY A 418 14.97 -45.15 -34.38
CA GLY A 418 14.52 -44.86 -33.03
C GLY A 418 13.02 -44.62 -32.94
N LYS A 419 12.35 -44.62 -34.10
CA LYS A 419 10.92 -44.41 -34.15
C LYS A 419 10.23 -45.60 -34.80
N VAL A 420 10.58 -46.81 -34.34
CA VAL A 420 10.05 -48.02 -34.95
C VAL A 420 8.53 -48.09 -34.84
N VAL A 421 7.97 -47.49 -33.79
CA VAL A 421 6.53 -47.50 -33.56
C VAL A 421 6.00 -46.13 -33.94
N LEU A 422 5.18 -46.08 -34.99
CA LEU A 422 4.58 -44.82 -35.40
C LEU A 422 3.41 -44.44 -34.50
N TRP A 423 2.45 -45.35 -34.32
CA TRP A 423 1.34 -45.12 -33.42
C TRP A 423 0.76 -46.46 -32.97
N SER A 424 -0.03 -46.39 -31.90
CA SER A 424 -0.65 -47.57 -31.32
C SER A 424 -2.05 -47.23 -30.85
N ARG A 425 -2.90 -48.24 -30.79
CA ARG A 425 -4.28 -48.08 -30.34
C ARG A 425 -4.66 -49.23 -29.43
N GLU A 426 -5.24 -48.89 -28.28
CA GLU A 426 -5.74 -49.87 -27.32
C GLU A 426 -7.24 -50.06 -27.61
N GLU A 427 -7.56 -51.14 -28.32
CA GLU A 427 -8.94 -51.39 -28.72
C GLU A 427 -9.66 -52.35 -27.77
N SER A 428 -9.03 -52.70 -26.65
CA SER A 428 -9.73 -53.45 -25.62
C SER A 428 -10.67 -52.58 -24.79
N LEU A 429 -10.58 -51.25 -24.91
CA LEU A 429 -11.41 -50.33 -24.16
C LEU A 429 -12.77 -50.10 -24.80
N ALA A 430 -13.17 -50.95 -25.76
CA ALA A 430 -14.49 -50.87 -26.36
C ALA A 430 -15.50 -51.79 -25.68
N GLU A 431 -15.08 -52.53 -24.66
CA GLU A 431 -15.95 -53.47 -23.97
C GLU A 431 -15.75 -53.34 -22.45
N VAL A 432 -15.77 -52.11 -21.96
CA VAL A 432 -15.62 -51.88 -20.53
C VAL A 432 -16.80 -52.48 -19.78
N VAL A 433 -16.50 -53.21 -18.71
CA VAL A 433 -17.54 -53.90 -17.94
C VAL A 433 -17.65 -53.41 -16.51
N CYS A 434 -16.61 -52.79 -15.95
CA CYS A 434 -16.65 -52.28 -14.59
C CYS A 434 -16.00 -50.89 -14.58
N LEU A 435 -16.24 -50.17 -13.48
CA LEU A 435 -15.75 -48.80 -13.38
C LEU A 435 -15.81 -48.36 -11.93
N GLU A 436 -14.75 -47.72 -11.47
CA GLU A 436 -14.69 -47.16 -10.13
C GLU A 436 -13.86 -45.89 -10.18
N MET A 437 -14.10 -45.01 -9.20
CA MET A 437 -13.34 -43.77 -9.07
C MET A 437 -12.74 -43.71 -7.66
N VAL A 438 -11.43 -43.57 -7.60
CA VAL A 438 -10.71 -43.47 -6.33
C VAL A 438 -10.01 -42.12 -6.29
N ASP A 439 -10.20 -41.39 -5.20
CA ASP A 439 -9.58 -40.08 -5.07
C ASP A 439 -8.08 -40.23 -4.85
N LEU A 440 -7.33 -39.26 -5.36
CA LEU A 440 -5.88 -39.31 -5.28
C LEU A 440 -5.43 -39.21 -3.81
N PRO A 441 -4.27 -39.76 -3.49
CA PRO A 441 -3.78 -39.65 -2.10
C PRO A 441 -3.54 -38.21 -1.71
N LEU A 442 -3.71 -37.95 -0.41
CA LEU A 442 -3.52 -36.60 0.11
C LEU A 442 -2.09 -36.13 -0.15
N THR A 443 -1.95 -34.85 -0.49
CA THR A 443 -0.67 -34.30 -0.89
C THR A 443 0.39 -34.53 0.17
N GLY A 444 1.54 -35.04 -0.25
CA GLY A 444 2.61 -35.34 0.69
C GLY A 444 3.09 -34.10 1.44
N ALA A 445 3.18 -32.98 0.74
CA ALA A 445 3.63 -31.73 1.36
C ALA A 445 2.68 -31.28 2.46
N GLN A 446 1.45 -31.81 2.49
CA GLN A 446 0.52 -31.56 3.58
C GLN A 446 0.24 -32.80 4.42
N ALA A 447 0.25 -33.99 3.82
CA ALA A 447 0.07 -35.21 4.60
C ALA A 447 1.18 -35.38 5.63
N GLU A 448 2.43 -35.14 5.22
CA GLU A 448 3.53 -35.18 6.17
C GLU A 448 3.59 -33.92 7.03
N LEU A 449 3.10 -32.80 6.50
CA LEU A 449 3.01 -31.58 7.29
C LEU A 449 2.06 -31.74 8.47
N GLU A 450 1.07 -32.64 8.34
CA GLU A 450 0.15 -32.91 9.43
C GLU A 450 0.89 -33.31 10.70
N GLY A 451 1.95 -34.11 10.56
CA GLY A 451 2.72 -34.51 11.73
C GLY A 451 3.47 -33.36 12.37
N GLU A 452 4.08 -32.50 11.55
CA GLU A 452 4.92 -31.42 12.05
C GLU A 452 4.16 -30.13 12.35
N PHE A 453 2.93 -29.99 11.85
CA PHE A 453 2.11 -28.81 12.10
C PHE A 453 0.94 -29.19 12.99
N GLY A 454 0.56 -28.26 13.86
CA GLY A 454 -0.52 -28.52 14.80
C GLY A 454 -0.22 -29.65 15.76
N LYS A 455 1.02 -29.71 16.26
CA LYS A 455 1.47 -30.77 17.14
C LYS A 455 1.87 -30.17 18.48
N LYS A 456 1.36 -30.76 19.56
CA LYS A 456 1.71 -30.30 20.90
C LYS A 456 3.17 -30.60 21.21
N ALA A 457 3.90 -29.59 21.66
CA ALA A 457 5.33 -29.73 21.92
C ALA A 457 5.68 -29.50 23.38
N ASP A 458 5.28 -28.38 23.96
CA ASP A 458 5.66 -28.04 25.33
C ASP A 458 4.53 -27.21 25.94
N GLY A 459 4.84 -26.54 27.05
CA GLY A 459 3.85 -25.78 27.79
C GLY A 459 3.36 -24.55 27.03
N LEU A 460 2.74 -23.64 27.80
CA LEU A 460 2.08 -22.48 27.21
C LEU A 460 3.06 -21.56 26.49
N LEU A 461 4.36 -21.64 26.79
CA LEU A 461 5.34 -20.78 26.15
C LEU A 461 5.88 -21.34 24.83
N GLY A 462 5.44 -22.53 24.42
CA GLY A 462 5.99 -23.14 23.23
C GLY A 462 5.15 -23.01 21.97
N MET A 463 3.84 -23.27 22.09
CA MET A 463 2.99 -23.30 20.91
C MET A 463 2.91 -21.93 20.25
N PHE A 464 2.86 -20.86 21.05
CA PHE A 464 2.77 -19.53 20.46
C PHE A 464 4.09 -19.12 19.80
N LEU A 465 5.22 -19.52 20.39
CA LEU A 465 6.52 -19.25 19.75
C LEU A 465 6.63 -19.99 18.43
N LYS A 466 6.25 -21.27 18.39
CA LYS A 466 6.33 -22.00 17.13
C LYS A 466 5.32 -21.47 16.13
N ARG A 467 4.17 -20.99 16.59
CA ARG A 467 3.19 -20.39 15.68
C ARG A 467 3.73 -19.11 15.07
N LEU A 468 4.39 -18.26 15.86
CA LEU A 468 4.94 -17.03 15.30
C LEU A 468 6.12 -17.32 14.38
N SER A 469 6.92 -18.36 14.68
CA SER A 469 7.96 -18.77 13.74
C SER A 469 7.35 -19.25 12.42
N SER A 470 6.26 -20.01 12.50
CA SER A 470 5.56 -20.44 11.30
C SER A 470 5.01 -19.25 10.51
N GLN A 471 4.50 -18.25 11.22
CA GLN A 471 4.04 -17.04 10.54
C GLN A 471 5.20 -16.32 9.85
N LEU A 472 6.36 -16.28 10.50
CA LEU A 472 7.53 -15.65 9.89
C LEU A 472 7.95 -16.39 8.62
N ILE A 473 7.98 -17.72 8.67
CA ILE A 473 8.39 -18.47 7.48
C ILE A 473 7.32 -18.36 6.39
N LEU A 474 6.04 -18.25 6.77
CA LEU A 474 4.99 -18.00 5.79
C LEU A 474 5.17 -16.64 5.13
N LEU A 475 5.54 -15.63 5.91
CA LEU A 475 5.84 -14.32 5.35
C LEU A 475 7.02 -14.38 4.40
N GLN A 476 8.06 -15.15 4.77
CA GLN A 476 9.21 -15.32 3.88
C GLN A 476 8.79 -15.99 2.58
N ALA A 477 7.92 -17.00 2.66
CA ALA A 477 7.43 -17.67 1.46
C ALA A 477 6.64 -16.71 0.59
N TRP A 478 5.79 -15.87 1.20
CA TRP A 478 5.05 -14.88 0.44
C TRP A 478 5.98 -13.91 -0.27
N THR A 479 7.02 -13.44 0.43
CA THR A 479 7.98 -12.54 -0.19
C THR A 479 8.72 -13.22 -1.34
N SER A 480 9.06 -14.50 -1.16
CA SER A 480 9.73 -15.24 -2.22
C SER A 480 8.84 -15.40 -3.45
N HIS A 481 7.54 -15.65 -3.22
CA HIS A 481 6.62 -15.84 -4.34
C HIS A 481 6.51 -14.59 -5.20
N LEU A 482 6.43 -13.42 -4.57
CA LEU A 482 6.31 -12.18 -5.33
C LEU A 482 7.63 -11.73 -5.94
N TRP A 483 8.77 -12.30 -5.51
CA TRP A 483 10.05 -11.95 -6.10
C TRP A 483 10.14 -12.36 -7.56
N LYS A 484 9.60 -13.53 -7.90
CA LYS A 484 9.67 -14.03 -9.28
C LYS A 484 8.59 -13.44 -10.18
N MET A 485 7.91 -12.38 -9.74
CA MET A 485 6.93 -11.72 -10.60
C MET A 485 7.59 -11.17 -11.85
N PHE A 486 8.75 -10.52 -11.70
CA PHE A 486 9.53 -10.02 -12.82
C PHE A 486 10.93 -10.62 -12.87
N TYR A 487 11.17 -11.70 -12.13
CA TYR A 487 12.46 -12.39 -12.11
C TYR A 487 13.61 -11.46 -11.75
N ILE A 500 3.36 -35.67 -16.62
CA ILE A 500 2.60 -36.34 -15.57
C ILE A 500 3.35 -37.56 -15.08
N ASN A 501 3.62 -37.60 -13.78
CA ASN A 501 4.33 -38.70 -13.14
C ASN A 501 3.43 -39.37 -12.12
N ILE A 502 3.55 -40.70 -12.02
CA ILE A 502 2.66 -41.45 -11.15
C ILE A 502 2.94 -41.16 -9.67
N ASP A 503 4.19 -40.89 -9.32
CA ASP A 503 4.58 -40.72 -7.93
C ASP A 503 4.46 -39.28 -7.43
N THR A 504 4.07 -38.34 -8.30
CA THR A 504 3.88 -36.95 -7.91
C THR A 504 2.40 -36.56 -7.86
N LEU A 505 1.50 -37.52 -7.97
CA LEU A 505 0.07 -37.21 -7.99
C LEU A 505 -0.41 -36.82 -6.59
N ALA A 506 -1.14 -35.70 -6.52
CA ALA A 506 -1.74 -35.24 -5.29
C ALA A 506 -3.15 -34.73 -5.59
N ARG A 507 -4.05 -34.90 -4.63
CA ARG A 507 -5.43 -34.52 -4.84
C ARG A 507 -5.59 -33.00 -4.88
N ASP A 508 -6.62 -32.55 -5.59
CA ASP A 508 -6.94 -31.13 -5.64
C ASP A 508 -7.59 -30.70 -4.32
N GLU A 509 -7.69 -29.39 -4.13
CA GLU A 509 -8.36 -28.88 -2.93
C GLU A 509 -9.85 -29.16 -2.95
N PHE A 510 -10.46 -29.16 -4.14
CA PHE A 510 -11.87 -29.49 -4.29
C PHE A 510 -12.11 -30.96 -4.58
N ASN A 511 -11.05 -31.76 -4.70
CA ASN A 511 -11.16 -33.18 -5.00
C ASN A 511 -11.95 -33.42 -6.29
N LEU A 512 -11.68 -32.61 -7.31
CA LEU A 512 -12.34 -32.75 -8.60
C LEU A 512 -11.55 -33.58 -9.59
N GLN A 513 -10.44 -34.18 -9.16
CA GLN A 513 -9.61 -35.03 -10.03
C GLN A 513 -9.42 -36.36 -9.34
N LYS A 514 -9.80 -37.45 -10.03
CA LYS A 514 -9.74 -38.77 -9.43
C LYS A 514 -8.97 -39.74 -10.33
N MET A 515 -9.01 -41.02 -10.00
CA MET A 515 -8.25 -42.05 -10.69
C MET A 515 -9.23 -43.13 -11.17
N MET A 516 -9.62 -43.05 -12.44
CA MET A 516 -10.56 -44.03 -12.99
C MET A 516 -9.89 -45.39 -13.13
N VAL A 517 -10.60 -46.43 -12.70
CA VAL A 517 -10.13 -47.81 -12.80
C VAL A 517 -11.10 -48.54 -13.71
N MET A 518 -10.61 -48.96 -14.88
CA MET A 518 -11.43 -49.59 -15.90
C MET A 518 -11.06 -51.07 -16.01
N VAL A 519 -12.08 -51.91 -16.17
CA VAL A 519 -11.89 -53.34 -16.40
C VAL A 519 -12.55 -53.68 -17.73
N THR A 520 -11.83 -54.40 -18.58
CA THR A 520 -12.32 -54.71 -19.91
C THR A 520 -12.65 -56.19 -20.02
N ALA A 521 -13.55 -56.52 -20.96
CA ALA A 521 -14.00 -57.90 -21.12
C ALA A 521 -12.85 -58.81 -21.55
N SER A 522 -11.85 -58.27 -22.24
CA SER A 522 -10.72 -59.07 -22.68
C SER A 522 -9.84 -59.51 -21.53
N GLY A 523 -10.01 -58.95 -20.34
CA GLY A 523 -9.20 -59.27 -19.20
C GLY A 523 -8.10 -58.28 -18.89
N LYS A 524 -8.28 -57.01 -19.22
CA LYS A 524 -7.26 -56.00 -19.05
C LYS A 524 -7.77 -54.89 -18.14
N LEU A 525 -6.89 -54.45 -17.24
CA LEU A 525 -7.21 -53.39 -16.28
C LEU A 525 -6.43 -52.14 -16.64
N PHE A 526 -7.11 -51.00 -16.62
CA PHE A 526 -6.51 -49.71 -16.95
C PHE A 526 -6.68 -48.75 -15.78
N GLY A 527 -5.63 -48.00 -15.47
CA GLY A 527 -5.71 -46.92 -14.52
C GLY A 527 -5.46 -45.61 -15.22
N ILE A 528 -6.48 -44.77 -15.28
CA ILE A 528 -6.50 -43.59 -16.15
C ILE A 528 -6.75 -42.35 -15.29
N GLU A 529 -6.08 -41.25 -15.65
CA GLU A 529 -6.39 -39.96 -15.06
C GLU A 529 -7.77 -39.50 -15.50
N SER A 530 -8.53 -38.93 -14.56
CA SER A 530 -9.89 -38.50 -14.82
C SER A 530 -9.99 -37.06 -15.29
N SER A 531 -8.86 -36.39 -15.50
CA SER A 531 -8.87 -34.99 -15.93
C SER A 531 -8.55 -34.81 -17.40
N SER A 532 -7.73 -35.69 -17.98
CA SER A 532 -7.37 -35.58 -19.39
C SER A 532 -7.45 -36.91 -20.14
N GLY A 533 -7.79 -38.00 -19.46
CA GLY A 533 -7.91 -39.29 -20.12
C GLY A 533 -6.61 -39.85 -20.65
N THR A 534 -5.53 -39.76 -19.89
CA THR A 534 -4.24 -40.32 -20.25
C THR A 534 -4.00 -41.57 -19.43
N ILE A 535 -3.73 -42.69 -20.11
CA ILE A 535 -3.52 -43.95 -19.41
C ILE A 535 -2.29 -43.84 -18.53
N LEU A 536 -2.48 -44.06 -17.23
CA LEU A 536 -1.37 -43.99 -16.27
C LEU A 536 -0.79 -45.35 -15.92
N TRP A 537 -1.58 -46.41 -15.95
CA TRP A 537 -1.01 -47.74 -15.78
C TRP A 537 -1.90 -48.78 -16.44
N LYS A 538 -1.31 -49.95 -16.71
CA LYS A 538 -2.00 -51.04 -17.36
C LYS A 538 -1.64 -52.35 -16.66
N GLN A 539 -2.54 -53.33 -16.78
CA GLN A 539 -2.32 -54.63 -16.19
C GLN A 539 -3.13 -55.66 -16.97
N TYR A 540 -2.66 -56.90 -16.96
CA TYR A 540 -3.27 -57.95 -17.76
C TYR A 540 -3.56 -59.17 -16.91
N LEU A 541 -4.72 -59.79 -17.14
CA LEU A 541 -5.11 -61.03 -16.47
C LEU A 541 -5.13 -62.16 -17.48
N PRO A 542 -4.28 -63.18 -17.33
CA PRO A 542 -4.27 -64.28 -18.29
C PRO A 542 -5.46 -65.21 -18.13
N ASN A 543 -5.82 -65.85 -19.24
CA ASN A 543 -6.84 -66.91 -19.27
C ASN A 543 -8.19 -66.41 -18.75
N VAL A 544 -8.74 -65.46 -19.49
CA VAL A 544 -10.07 -64.90 -19.21
C VAL A 544 -10.98 -65.27 -20.37
N LYS A 545 -12.06 -66.01 -20.07
CA LYS A 545 -12.98 -66.43 -21.10
C LYS A 545 -13.84 -65.26 -21.57
N PRO A 546 -14.33 -65.31 -22.81
CA PRO A 546 -15.03 -64.14 -23.38
C PRO A 546 -16.31 -63.75 -22.65
N ASP A 547 -16.92 -64.65 -21.88
CA ASP A 547 -18.22 -64.39 -21.27
C ASP A 547 -18.18 -64.64 -19.78
N SER A 548 -17.17 -64.10 -19.10
CA SER A 548 -17.06 -64.24 -17.66
C SER A 548 -17.91 -63.19 -16.96
N SER A 549 -17.83 -63.17 -15.63
CA SER A 549 -18.56 -62.21 -14.81
C SER A 549 -17.58 -61.51 -13.88
N PHE A 550 -17.65 -60.18 -13.83
CA PHE A 550 -16.71 -59.38 -13.07
C PHE A 550 -17.43 -58.56 -12.02
N LYS A 551 -16.73 -58.31 -10.91
CA LYS A 551 -17.27 -57.48 -9.83
C LYS A 551 -16.10 -57.04 -8.96
N LEU A 552 -15.94 -55.73 -8.81
CA LEU A 552 -14.86 -55.19 -7.99
C LEU A 552 -15.42 -54.22 -6.97
N MET A 553 -14.76 -54.13 -5.82
CA MET A 553 -15.16 -53.25 -4.74
C MET A 553 -13.91 -52.64 -4.11
N VAL A 554 -13.99 -51.36 -3.77
CA VAL A 554 -12.87 -50.65 -3.14
C VAL A 554 -12.85 -51.02 -1.67
N GLN A 555 -11.82 -51.76 -1.25
CA GLN A 555 -11.73 -52.16 0.15
C GLN A 555 -11.17 -51.03 1.02
N ARG A 556 -9.97 -50.55 0.70
CA ARG A 556 -9.30 -49.54 1.52
C ARG A 556 -8.94 -48.35 0.66
N THR A 557 -9.30 -47.16 1.13
CA THR A 557 -9.05 -45.91 0.42
C THR A 557 -7.69 -45.33 0.83
N THR A 558 -7.42 -44.10 0.43
CA THR A 558 -6.14 -43.44 0.68
C THR A 558 -6.21 -42.47 1.86
N ALA A 559 -6.98 -42.81 2.90
CA ALA A 559 -7.11 -41.95 4.06
C ALA A 559 -6.31 -42.45 5.25
N HIS A 560 -5.40 -43.40 5.05
CA HIS A 560 -4.57 -43.95 6.12
C HIS A 560 -3.16 -44.11 5.58
N PHE A 561 -2.28 -43.15 5.90
CA PHE A 561 -0.97 -43.10 5.27
C PHE A 561 -0.11 -44.34 5.48
N PRO A 562 0.02 -44.90 6.69
CA PRO A 562 0.91 -46.07 6.84
C PRO A 562 0.46 -47.29 6.06
N HIS A 563 -0.80 -47.36 5.64
CA HIS A 563 -1.28 -48.50 4.89
C HIS A 563 -1.59 -48.10 3.45
N PRO A 564 -1.39 -49.00 2.49
CA PRO A 564 -1.64 -48.66 1.09
C PRO A 564 -3.10 -48.86 0.73
N PRO A 565 -3.63 -48.09 -0.22
CA PRO A 565 -4.99 -48.36 -0.70
C PRO A 565 -5.06 -49.72 -1.36
N GLN A 566 -6.24 -50.35 -1.26
CA GLN A 566 -6.37 -51.74 -1.68
C GLN A 566 -7.73 -51.97 -2.31
N CYS A 567 -7.73 -52.57 -3.51
CA CYS A 567 -8.94 -52.94 -4.21
C CYS A 567 -8.92 -54.43 -4.53
N THR A 568 -10.11 -55.00 -4.68
CA THR A 568 -10.28 -56.42 -4.92
C THR A 568 -11.18 -56.63 -6.13
N LEU A 569 -10.88 -57.67 -6.90
CA LEU A 569 -11.63 -58.02 -8.09
C LEU A 569 -11.98 -59.50 -8.03
N LEU A 570 -13.24 -59.82 -8.32
CA LEU A 570 -13.73 -61.19 -8.31
C LEU A 570 -14.09 -61.61 -9.73
N VAL A 571 -13.53 -62.72 -10.19
CA VAL A 571 -13.76 -63.21 -11.54
C VAL A 571 -14.28 -64.64 -11.48
N LYS A 572 -15.42 -64.88 -12.11
CA LYS A 572 -16.04 -66.20 -12.14
C LYS A 572 -16.10 -66.70 -13.57
N ASP A 573 -15.67 -67.95 -13.77
CA ASP A 573 -15.71 -68.55 -15.09
C ASP A 573 -17.13 -68.96 -15.45
N LYS A 574 -17.50 -68.76 -16.72
CA LYS A 574 -18.85 -69.06 -17.17
C LYS A 574 -19.11 -70.56 -17.19
N GLU A 575 -18.21 -71.34 -17.77
CA GLU A 575 -18.45 -72.76 -18.00
C GLU A 575 -18.05 -73.61 -16.80
N SER A 576 -16.77 -73.54 -16.40
CA SER A 576 -16.29 -74.38 -15.31
C SER A 576 -16.88 -73.94 -13.97
N GLY A 577 -17.22 -72.66 -13.82
CA GLY A 577 -17.73 -72.15 -12.57
C GLY A 577 -16.67 -71.77 -11.56
N MET A 578 -15.40 -71.93 -11.88
CA MET A 578 -14.33 -71.57 -10.96
C MET A 578 -14.31 -70.06 -10.72
N SER A 579 -14.00 -69.68 -9.48
CA SER A 579 -13.96 -68.28 -9.10
C SER A 579 -12.60 -67.95 -8.50
N SER A 580 -12.17 -66.71 -8.70
CA SER A 580 -10.85 -66.28 -8.24
C SER A 580 -10.91 -64.83 -7.81
N LEU A 581 -9.97 -64.47 -6.93
CA LEU A 581 -9.83 -63.11 -6.42
C LEU A 581 -8.49 -62.54 -6.84
N TYR A 582 -8.47 -61.22 -7.02
CA TYR A 582 -7.23 -60.50 -7.35
C TYR A 582 -7.20 -59.21 -6.55
N VAL A 583 -6.18 -59.05 -5.72
CA VAL A 583 -6.03 -57.89 -4.84
C VAL A 583 -4.89 -57.03 -5.37
N PHE A 584 -5.14 -55.73 -5.52
CA PHE A 584 -4.13 -54.86 -6.11
C PHE A 584 -4.26 -53.45 -5.55
N ASN A 585 -3.35 -52.58 -6.00
CA ASN A 585 -3.28 -51.20 -5.56
C ASN A 585 -3.96 -50.32 -6.60
N PRO A 586 -4.95 -49.51 -6.22
CA PRO A 586 -5.64 -48.67 -7.21
C PRO A 586 -4.75 -47.62 -7.86
N ILE A 587 -3.63 -47.25 -7.25
CA ILE A 587 -2.81 -46.15 -7.73
C ILE A 587 -1.69 -46.64 -8.63
N PHE A 588 -0.99 -47.71 -8.25
CA PHE A 588 0.18 -48.18 -8.98
C PHE A 588 -0.08 -49.40 -9.84
N GLY A 589 -1.08 -50.23 -9.49
CA GLY A 589 -1.43 -51.38 -10.29
C GLY A 589 -0.67 -52.64 -9.96
N LYS A 590 0.32 -52.57 -9.07
CA LYS A 590 1.08 -53.76 -8.69
C LYS A 590 0.28 -54.61 -7.73
N TRP A 591 0.43 -55.93 -7.86
CA TRP A 591 -0.27 -56.85 -6.98
C TRP A 591 0.22 -56.70 -5.54
N SER A 592 -0.71 -56.82 -4.60
CA SER A 592 -0.35 -56.68 -3.19
C SER A 592 0.32 -57.95 -2.69
N GLN A 593 1.04 -57.81 -1.57
CA GLN A 593 1.79 -58.94 -1.02
C GLN A 593 0.88 -59.94 -0.33
N VAL A 594 -0.25 -59.48 0.23
CA VAL A 594 -1.16 -60.37 0.94
C VAL A 594 -1.85 -61.27 -0.07
N ALA A 595 -1.68 -62.57 0.10
CA ALA A 595 -2.23 -63.55 -0.84
C ALA A 595 -3.70 -63.78 -0.54
N PRO A 596 -4.60 -63.59 -1.50
CA PRO A 596 -6.01 -63.91 -1.29
C PRO A 596 -6.20 -65.41 -1.15
N PRO A 597 -7.26 -65.84 -0.46
CA PRO A 597 -7.45 -67.29 -0.26
C PRO A 597 -7.78 -68.04 -1.54
N VAL A 598 -7.91 -69.35 -1.45
CA VAL A 598 -8.23 -70.20 -2.60
C VAL A 598 -9.67 -70.67 -2.44
N LEU A 599 -10.50 -70.36 -3.43
CA LEU A 599 -11.92 -70.68 -3.39
C LEU A 599 -12.12 -72.08 -3.97
N LYS A 600 -12.25 -73.07 -3.08
CA LYS A 600 -12.40 -74.46 -3.49
C LYS A 600 -13.78 -74.78 -4.04
N ARG A 601 -14.75 -73.89 -3.89
CA ARG A 601 -16.11 -74.11 -4.35
C ARG A 601 -16.58 -72.92 -5.17
N PRO A 602 -17.51 -73.14 -6.10
CA PRO A 602 -18.05 -72.01 -6.86
C PRO A 602 -18.71 -70.99 -5.94
N ILE A 603 -18.54 -69.72 -6.28
CA ILE A 603 -19.03 -68.62 -5.47
C ILE A 603 -20.38 -68.19 -6.00
N LEU A 604 -21.39 -68.16 -5.13
CA LEU A 604 -22.73 -67.77 -5.52
C LEU A 604 -22.93 -66.25 -5.46
N GLN A 605 -22.47 -65.62 -4.38
CA GLN A 605 -22.65 -64.17 -4.25
C GLN A 605 -21.61 -63.61 -3.29
N SER A 606 -21.61 -62.29 -3.19
CA SER A 606 -20.64 -61.56 -2.40
C SER A 606 -21.34 -60.43 -1.65
N LEU A 607 -20.69 -59.94 -0.60
CA LEU A 607 -21.22 -58.86 0.22
C LEU A 607 -20.06 -58.08 0.80
N LEU A 608 -20.25 -56.77 0.95
CA LEU A 608 -19.22 -55.87 1.47
C LEU A 608 -19.77 -55.18 2.70
N LEU A 609 -19.35 -55.63 3.88
CA LEU A 609 -19.78 -55.03 5.12
C LEU A 609 -19.11 -53.68 5.34
N PRO A 610 -19.71 -52.82 6.16
CA PRO A 610 -19.04 -51.59 6.59
C PRO A 610 -18.14 -51.76 7.80
N VAL A 611 -18.00 -52.99 8.31
CA VAL A 611 -17.15 -53.24 9.46
C VAL A 611 -15.69 -53.19 9.03
N MET A 612 -14.89 -52.38 9.72
CA MET A 612 -13.49 -52.20 9.39
C MET A 612 -12.61 -52.98 10.36
N ASP A 613 -11.60 -53.66 9.81
CA ASP A 613 -10.60 -54.31 10.62
C ASP A 613 -9.71 -53.26 11.29
N GLN A 614 -8.77 -53.72 12.11
CA GLN A 614 -7.81 -52.82 12.73
C GLN A 614 -6.88 -52.17 11.71
N ASP A 615 -6.85 -52.68 10.48
CA ASP A 615 -6.11 -52.07 9.39
C ASP A 615 -7.00 -51.19 8.51
N TYR A 616 -8.22 -50.88 8.96
CA TYR A 616 -9.14 -49.99 8.26
C TYR A 616 -9.51 -50.56 6.88
N ALA A 617 -9.65 -51.88 6.81
CA ALA A 617 -10.06 -52.57 5.60
C ALA A 617 -11.44 -53.18 5.82
N LYS A 618 -12.39 -52.84 4.97
CA LYS A 618 -13.75 -53.35 5.11
C LYS A 618 -13.79 -54.85 4.88
N VAL A 619 -14.53 -55.55 5.74
CA VAL A 619 -14.62 -57.01 5.64
C VAL A 619 -15.51 -57.38 4.47
N LEU A 620 -15.11 -58.42 3.74
CA LEU A 620 -15.85 -58.92 2.58
C LEU A 620 -16.24 -60.36 2.83
N LEU A 621 -17.49 -60.69 2.51
CA LEU A 621 -18.03 -62.03 2.70
C LEU A 621 -18.40 -62.63 1.35
N LEU A 622 -18.15 -63.92 1.20
CA LEU A 622 -18.49 -64.65 -0.02
C LEU A 622 -19.33 -65.86 0.35
N ILE A 623 -20.45 -66.05 -0.34
CA ILE A 623 -21.33 -67.19 -0.12
C ILE A 623 -21.23 -68.09 -1.34
N ASP A 624 -20.86 -69.35 -1.10
CA ASP A 624 -20.53 -70.31 -2.13
C ASP A 624 -21.73 -71.22 -2.42
N ASP A 625 -21.49 -72.29 -3.18
CA ASP A 625 -22.54 -73.20 -3.60
C ASP A 625 -23.08 -74.06 -2.46
N GLU A 626 -22.32 -74.24 -1.38
CA GLU A 626 -22.75 -75.04 -0.25
C GLU A 626 -23.35 -74.21 0.87
N TYR A 627 -23.58 -72.92 0.64
CA TYR A 627 -24.25 -72.04 1.59
C TYR A 627 -23.47 -71.94 2.90
N LYS A 628 -22.16 -71.74 2.78
CA LYS A 628 -21.31 -71.40 3.92
C LYS A 628 -20.39 -70.26 3.50
N VAL A 629 -20.23 -69.29 4.37
CA VAL A 629 -19.59 -68.04 3.99
C VAL A 629 -18.11 -68.07 4.31
N THR A 630 -17.35 -67.30 3.56
CA THR A 630 -15.93 -67.10 3.77
C THR A 630 -15.65 -65.61 3.92
N ALA A 631 -14.80 -65.27 4.88
CA ALA A 631 -14.52 -63.87 5.20
C ALA A 631 -13.13 -63.49 4.72
N PHE A 632 -12.96 -62.20 4.40
CA PHE A 632 -11.68 -61.68 3.97
C PHE A 632 -11.57 -60.21 4.34
N PRO A 633 -10.59 -59.83 5.17
CA PRO A 633 -9.55 -60.66 5.80
C PRO A 633 -10.09 -61.50 6.95
N ALA A 634 -9.59 -62.72 7.14
CA ALA A 634 -10.05 -63.59 8.22
C ALA A 634 -9.11 -63.48 9.42
N THR A 635 -8.98 -62.26 9.94
CA THR A 635 -8.15 -62.03 11.12
C THR A 635 -8.93 -62.40 12.39
N ARG A 636 -8.20 -62.44 13.50
CA ARG A 636 -8.81 -62.77 14.78
C ARG A 636 -9.82 -61.71 15.20
N ASN A 637 -9.47 -60.43 15.04
CA ASN A 637 -10.39 -59.36 15.40
C ASN A 637 -11.65 -59.41 14.54
N VAL A 638 -11.48 -59.61 13.23
CA VAL A 638 -12.64 -59.70 12.33
C VAL A 638 -13.48 -60.92 12.70
N LEU A 639 -12.85 -62.04 13.00
CA LEU A 639 -13.60 -63.23 13.37
C LEU A 639 -14.40 -63.01 14.64
N ARG A 640 -13.80 -62.34 15.64
CA ARG A 640 -14.54 -62.03 16.86
C ARG A 640 -15.70 -61.08 16.60
N GLN A 641 -15.48 -60.06 15.77
CA GLN A 641 -16.55 -59.12 15.46
C GLN A 641 -17.71 -59.82 14.75
N LEU A 642 -17.39 -60.70 13.81
CA LEU A 642 -18.45 -61.46 13.13
C LEU A 642 -19.16 -62.41 14.09
N HIS A 643 -18.41 -63.06 14.98
CA HIS A 643 -19.03 -63.90 15.99
C HIS A 643 -20.01 -63.11 16.85
N GLU A 644 -19.69 -61.85 17.12
CA GLU A 644 -20.60 -61.01 17.90
C GLU A 644 -21.79 -60.52 17.08
N LEU A 645 -21.57 -60.18 15.80
CA LEU A 645 -22.56 -59.48 14.99
C LEU A 645 -23.27 -60.38 13.98
N ALA A 646 -23.11 -61.69 14.08
CA ALA A 646 -23.72 -62.61 13.12
C ALA A 646 -25.23 -62.45 12.92
N PRO A 647 -26.07 -62.36 13.97
CA PRO A 647 -27.52 -62.45 13.72
C PRO A 647 -28.13 -61.18 13.13
N SER A 648 -27.29 -60.27 12.63
CA SER A 648 -27.78 -59.04 12.02
C SER A 648 -27.41 -58.91 10.54
N ILE A 649 -26.97 -59.99 9.90
CA ILE A 649 -26.55 -59.97 8.50
C ILE A 649 -27.37 -61.02 7.74
N PHE A 650 -27.93 -60.62 6.60
CA PHE A 650 -28.79 -61.49 5.80
C PHE A 650 -28.31 -61.52 4.36
N PHE A 651 -28.46 -62.67 3.72
CA PHE A 651 -28.19 -62.84 2.29
C PHE A 651 -29.50 -63.13 1.56
N TYR A 652 -29.63 -62.61 0.34
CA TYR A 652 -30.76 -62.96 -0.52
C TYR A 652 -30.24 -63.34 -1.90
N LEU A 653 -30.75 -64.44 -2.44
CA LEU A 653 -30.33 -64.97 -3.72
C LEU A 653 -31.52 -65.12 -4.64
N VAL A 654 -31.32 -64.86 -5.93
CA VAL A 654 -32.37 -64.93 -6.92
C VAL A 654 -31.92 -65.88 -8.03
N ASP A 655 -32.75 -66.88 -8.34
CA ASP A 655 -32.51 -67.81 -9.42
C ASP A 655 -33.53 -67.52 -10.52
N ALA A 656 -33.05 -66.95 -11.63
CA ALA A 656 -33.94 -66.57 -12.72
C ALA A 656 -34.40 -67.77 -13.54
N GLU A 657 -33.59 -68.83 -13.61
CA GLU A 657 -33.96 -70.00 -14.38
C GLU A 657 -35.21 -70.66 -13.81
N GLN A 658 -35.30 -70.77 -12.49
CA GLN A 658 -36.47 -71.32 -11.83
C GLN A 658 -37.36 -70.25 -11.22
N GLY A 659 -36.95 -68.98 -11.27
CA GLY A 659 -37.72 -67.90 -10.68
C GLY A 659 -37.94 -68.07 -9.18
N ARG A 660 -36.87 -68.41 -8.46
CA ARG A 660 -36.96 -68.71 -7.04
C ARG A 660 -36.08 -67.74 -6.26
N LEU A 661 -36.65 -67.10 -5.24
CA LEU A 661 -35.91 -66.18 -4.39
C LEU A 661 -35.77 -66.82 -3.01
N CYS A 662 -34.58 -66.73 -2.44
CA CYS A 662 -34.30 -67.31 -1.13
C CYS A 662 -33.59 -66.28 -0.26
N GLY A 663 -33.78 -66.42 1.05
CA GLY A 663 -33.13 -65.53 1.99
C GLY A 663 -32.65 -66.26 3.22
N TYR A 664 -31.34 -66.15 3.48
CA TYR A 664 -30.67 -66.84 4.58
C TYR A 664 -30.15 -65.83 5.59
N ARG A 665 -29.96 -66.31 6.82
CA ARG A 665 -29.40 -65.51 7.91
C ARG A 665 -28.08 -66.13 8.36
N LEU A 666 -27.08 -65.28 8.58
CA LEU A 666 -25.77 -65.75 9.02
C LEU A 666 -25.83 -66.22 10.47
N ARG A 667 -25.10 -67.30 10.78
CA ARG A 667 -25.03 -67.84 12.13
C ARG A 667 -23.69 -67.49 12.76
N LYS A 668 -23.52 -67.89 14.02
CA LYS A 668 -22.34 -67.51 14.79
C LYS A 668 -21.05 -68.05 14.18
N ASP A 669 -21.07 -69.31 13.73
CA ASP A 669 -19.87 -69.98 13.22
C ASP A 669 -19.74 -69.86 11.71
N LEU A 670 -20.22 -68.76 11.13
CA LEU A 670 -20.11 -68.50 9.69
C LEU A 670 -20.85 -69.55 8.87
N THR A 671 -21.91 -70.10 9.41
CA THR A 671 -22.82 -70.98 8.68
C THR A 671 -24.10 -70.22 8.41
N THR A 672 -24.90 -70.74 7.47
CA THR A 672 -26.13 -70.08 7.06
C THR A 672 -27.31 -71.03 7.19
N GLU A 673 -28.47 -70.46 7.49
CA GLU A 673 -29.71 -71.19 7.61
C GLU A 673 -30.80 -70.48 6.83
N LEU A 674 -31.68 -71.27 6.20
CA LEU A 674 -32.74 -70.70 5.40
C LEU A 674 -33.75 -69.96 6.27
N SER A 675 -34.13 -68.76 5.84
CA SER A 675 -35.08 -67.94 6.58
C SER A 675 -36.37 -67.72 5.82
N TRP A 676 -36.31 -67.28 4.57
CA TRP A 676 -37.52 -67.04 3.80
C TRP A 676 -37.35 -67.52 2.36
N GLU A 677 -38.48 -67.72 1.69
CA GLU A 677 -38.47 -68.28 0.34
C GLU A 677 -39.71 -67.82 -0.41
N LEU A 678 -39.50 -67.44 -1.67
CA LEU A 678 -40.57 -67.03 -2.58
C LEU A 678 -40.37 -67.70 -3.92
N THR A 679 -41.48 -67.91 -4.64
CA THR A 679 -41.44 -68.55 -5.95
C THR A 679 -42.31 -67.77 -6.94
N ILE A 680 -41.80 -67.59 -8.15
CA ILE A 680 -42.53 -67.01 -9.25
C ILE A 680 -42.53 -68.03 -10.39
N PRO A 681 -43.68 -68.49 -10.85
CA PRO A 681 -43.71 -69.53 -11.88
C PRO A 681 -43.09 -69.05 -13.18
N PRO A 682 -42.04 -69.71 -13.65
CA PRO A 682 -41.37 -69.24 -14.88
C PRO A 682 -42.22 -69.36 -16.14
N GLU A 683 -43.27 -70.17 -16.12
CA GLU A 683 -44.10 -70.36 -17.30
C GLU A 683 -44.99 -69.17 -17.61
N VAL A 684 -45.10 -68.21 -16.69
CA VAL A 684 -45.92 -67.02 -16.88
C VAL A 684 -45.05 -65.77 -16.93
N GLN A 685 -44.07 -65.64 -16.04
CA GLN A 685 -43.23 -64.46 -15.95
C GLN A 685 -41.78 -64.89 -15.83
N ARG A 686 -40.89 -63.99 -16.24
CA ARG A 686 -39.46 -64.20 -16.07
C ARG A 686 -38.81 -62.93 -15.54
N ILE A 687 -37.93 -63.10 -14.57
CA ILE A 687 -37.27 -61.96 -13.92
C ILE A 687 -36.19 -61.42 -14.84
N VAL A 688 -36.12 -60.09 -14.96
CA VAL A 688 -35.14 -59.49 -15.85
C VAL A 688 -34.18 -58.60 -15.07
N LYS A 689 -34.63 -58.03 -13.95
CA LYS A 689 -33.81 -57.11 -13.19
C LYS A 689 -34.15 -57.18 -11.72
N VAL A 690 -33.19 -56.76 -10.90
CA VAL A 690 -33.38 -56.57 -9.46
C VAL A 690 -32.46 -55.44 -9.02
N LYS A 691 -33.03 -54.43 -8.38
CA LYS A 691 -32.29 -53.20 -8.08
C LYS A 691 -32.37 -52.88 -6.58
N GLY A 692 -31.25 -52.42 -6.03
CA GLY A 692 -31.21 -51.95 -4.67
C GLY A 692 -30.57 -50.57 -4.60
N LYS A 693 -30.83 -49.89 -3.48
CA LYS A 693 -30.30 -48.55 -3.31
C LYS A 693 -28.80 -48.57 -3.13
N ARG A 694 -28.15 -47.52 -3.61
CA ARG A 694 -26.70 -47.40 -3.46
C ARG A 694 -26.33 -47.23 -2.00
N SER A 695 -25.33 -47.99 -1.55
CA SER A 695 -24.93 -47.99 -0.16
C SER A 695 -24.18 -46.72 0.25
N SER A 696 -23.75 -45.90 -0.70
CA SER A 696 -22.98 -44.70 -0.43
C SER A 696 -23.77 -43.42 -0.73
N GLU A 697 -25.07 -43.43 -0.42
CA GLU A 697 -25.90 -42.25 -0.60
C GLU A 697 -26.44 -41.79 0.74
N HIS A 698 -26.76 -40.50 0.82
CA HIS A 698 -27.27 -39.90 2.03
C HIS A 698 -28.53 -39.11 1.71
N VAL A 699 -29.57 -39.31 2.50
CA VAL A 699 -30.85 -38.62 2.35
C VAL A 699 -30.89 -37.48 3.36
N HIS A 700 -31.22 -36.28 2.88
CA HIS A 700 -31.12 -35.09 3.72
C HIS A 700 -32.34 -34.93 4.60
N SER A 701 -33.52 -34.78 3.99
CA SER A 701 -34.75 -34.52 4.73
C SER A 701 -35.49 -35.81 5.03
N GLN A 702 -36.13 -35.84 6.21
CA GLN A 702 -36.89 -37.00 6.66
C GLN A 702 -38.39 -36.81 6.46
N GLY A 703 -38.79 -35.77 5.75
CA GLY A 703 -40.20 -35.52 5.52
C GLY A 703 -40.38 -34.41 4.49
N ARG A 704 -41.62 -34.28 4.04
CA ARG A 704 -41.99 -33.30 3.04
C ARG A 704 -43.07 -32.39 3.61
N VAL A 705 -42.99 -31.09 3.29
CA VAL A 705 -43.94 -30.10 3.77
C VAL A 705 -44.88 -29.75 2.63
N MET A 706 -46.18 -29.98 2.84
CA MET A 706 -47.19 -29.62 1.86
C MET A 706 -47.90 -28.31 2.22
N GLY A 707 -47.39 -27.58 3.20
CA GLY A 707 -48.01 -26.35 3.61
C GLY A 707 -48.92 -26.51 4.81
N ASP A 708 -49.60 -25.41 5.14
CA ASP A 708 -50.56 -25.30 6.25
C ASP A 708 -50.05 -25.95 7.53
N ARG A 709 -48.75 -25.83 7.79
CA ARG A 709 -48.12 -26.32 9.03
C ARG A 709 -48.40 -27.82 9.22
N SER A 710 -47.89 -28.62 8.30
CA SER A 710 -47.99 -30.07 8.43
C SER A 710 -46.86 -30.70 7.63
N VAL A 711 -46.54 -31.94 8.00
CA VAL A 711 -45.43 -32.68 7.40
C VAL A 711 -45.90 -34.06 6.99
N LEU A 712 -45.52 -34.48 5.79
CA LEU A 712 -45.77 -35.84 5.29
C LEU A 712 -44.44 -36.59 5.31
N TYR A 713 -44.39 -37.71 6.02
CA TYR A 713 -43.14 -38.40 6.29
C TYR A 713 -42.88 -39.47 5.25
N LYS A 714 -41.65 -39.52 4.75
CA LYS A 714 -41.24 -40.54 3.80
C LYS A 714 -41.02 -41.88 4.50
N SER A 715 -41.08 -42.95 3.72
CA SER A 715 -40.85 -44.31 4.21
C SER A 715 -39.53 -44.78 3.60
N LEU A 716 -38.43 -44.56 4.33
CA LEU A 716 -37.09 -44.84 3.83
C LEU A 716 -36.63 -46.19 4.37
N ASN A 717 -37.12 -47.25 3.76
CA ASN A 717 -36.66 -48.59 4.08
C ASN A 717 -35.32 -48.85 3.42
N PRO A 718 -34.27 -49.14 4.18
CA PRO A 718 -32.93 -49.33 3.57
C PRO A 718 -32.69 -50.71 3.00
N ASN A 719 -33.66 -51.62 3.05
CA ASN A 719 -33.49 -52.97 2.55
C ASN A 719 -34.53 -53.32 1.49
N LEU A 720 -35.14 -52.33 0.85
CA LEU A 720 -36.16 -52.57 -0.15
C LEU A 720 -35.54 -53.04 -1.46
N LEU A 721 -36.27 -53.92 -2.15
CA LEU A 721 -35.84 -54.47 -3.43
C LEU A 721 -36.93 -54.27 -4.46
N ALA A 722 -36.53 -53.86 -5.67
CA ALA A 722 -37.44 -53.72 -6.80
C ALA A 722 -37.12 -54.79 -7.82
N VAL A 723 -38.11 -55.62 -8.14
CA VAL A 723 -37.95 -56.75 -9.04
C VAL A 723 -38.86 -56.54 -10.24
N VAL A 724 -38.31 -56.68 -11.44
CA VAL A 724 -39.04 -56.49 -12.68
C VAL A 724 -39.15 -57.83 -13.38
N THR A 725 -40.36 -58.18 -13.79
CA THR A 725 -40.62 -59.42 -14.52
C THR A 725 -41.35 -59.09 -15.82
N GLU A 726 -41.12 -59.93 -16.82
CA GLU A 726 -41.73 -59.76 -18.13
C GLU A 726 -42.53 -61.01 -18.47
N SER A 727 -43.67 -60.81 -19.13
CA SER A 727 -44.52 -61.94 -19.49
C SER A 727 -43.87 -62.78 -20.58
N THR A 728 -44.21 -64.06 -20.59
CA THR A 728 -43.71 -64.98 -21.61
C THR A 728 -44.61 -65.06 -22.83
N ASP A 729 -45.77 -64.41 -22.82
CA ASP A 729 -46.66 -64.36 -23.97
C ASP A 729 -46.30 -63.13 -24.79
N ALA A 730 -45.78 -63.35 -26.00
CA ALA A 730 -45.24 -62.28 -26.83
C ALA A 730 -46.28 -61.65 -27.76
N HIS A 731 -47.54 -62.07 -27.69
CA HIS A 731 -48.56 -61.47 -28.53
C HIS A 731 -48.79 -60.02 -28.14
N HIS A 732 -49.18 -59.21 -29.13
CA HIS A 732 -49.34 -57.78 -28.92
C HIS A 732 -50.58 -57.41 -28.13
N GLU A 733 -51.29 -58.37 -27.54
CA GLU A 733 -52.44 -58.05 -26.71
C GLU A 733 -52.47 -58.84 -25.40
N ARG A 734 -51.47 -59.66 -25.12
CA ARG A 734 -51.45 -60.47 -23.91
C ARG A 734 -50.06 -60.43 -23.25
N THR A 735 -49.35 -59.31 -23.39
CA THR A 735 -48.03 -59.15 -22.82
C THR A 735 -48.09 -58.10 -21.69
N PHE A 736 -47.30 -58.32 -20.64
CA PHE A 736 -47.35 -57.44 -19.49
C PHE A 736 -46.00 -57.41 -18.79
N ILE A 737 -45.84 -56.41 -17.93
CA ILE A 737 -44.63 -56.21 -17.13
C ILE A 737 -45.05 -56.11 -15.67
N GLY A 738 -44.47 -56.94 -14.82
CA GLY A 738 -44.81 -56.99 -13.40
C GLY A 738 -43.72 -56.34 -12.56
N ILE A 739 -44.15 -55.62 -11.53
CA ILE A 739 -43.24 -54.91 -10.62
C ILE A 739 -43.52 -55.39 -9.20
N PHE A 740 -42.46 -55.75 -8.50
CA PHE A 740 -42.56 -56.23 -7.12
C PHE A 740 -41.65 -55.41 -6.23
N LEU A 741 -42.20 -54.85 -5.16
CA LEU A 741 -41.43 -54.16 -4.13
C LEU A 741 -41.45 -55.07 -2.90
N ILE A 742 -40.27 -55.59 -2.54
CA ILE A 742 -40.14 -56.62 -1.51
C ILE A 742 -39.18 -56.12 -0.44
N ASP A 743 -39.26 -56.73 0.74
CA ASP A 743 -38.33 -56.48 1.83
C ASP A 743 -37.29 -57.59 1.84
N GLY A 744 -36.01 -57.20 1.91
CA GLY A 744 -34.94 -58.17 1.80
C GLY A 744 -34.69 -59.00 3.03
N VAL A 745 -35.16 -58.56 4.19
CA VAL A 745 -34.88 -59.26 5.45
C VAL A 745 -35.92 -60.34 5.69
N THR A 746 -37.19 -59.94 5.80
CA THR A 746 -38.27 -60.87 6.12
C THR A 746 -38.85 -61.53 4.88
N GLY A 747 -39.05 -60.76 3.81
CA GLY A 747 -39.63 -61.27 2.59
C GLY A 747 -41.02 -60.78 2.29
N ARG A 748 -41.55 -59.84 3.07
CA ARG A 748 -42.88 -59.30 2.81
C ARG A 748 -42.90 -58.61 1.44
N ILE A 749 -43.92 -58.92 0.65
CA ILE A 749 -44.13 -58.24 -0.63
C ILE A 749 -44.84 -56.92 -0.32
N ILE A 750 -44.07 -55.84 -0.22
CA ILE A 750 -44.64 -54.53 0.11
C ILE A 750 -45.60 -54.08 -0.97
N HIS A 751 -45.28 -54.37 -2.23
CA HIS A 751 -46.13 -53.91 -3.32
C HIS A 751 -46.06 -54.89 -4.50
N SER A 752 -47.20 -55.10 -5.14
CA SER A 752 -47.29 -55.88 -6.37
C SER A 752 -48.08 -55.08 -7.39
N SER A 753 -47.59 -55.03 -8.63
CA SER A 753 -48.30 -54.32 -9.68
C SER A 753 -48.03 -55.01 -11.00
N VAL A 754 -48.96 -54.85 -11.94
CA VAL A 754 -48.80 -55.35 -13.30
C VAL A 754 -49.26 -54.27 -14.26
N GLN A 755 -48.47 -54.04 -15.31
CA GLN A 755 -48.81 -53.10 -16.37
C GLN A 755 -49.07 -53.89 -17.64
N LYS A 756 -50.26 -53.72 -18.21
CA LYS A 756 -50.71 -54.48 -19.36
C LYS A 756 -50.40 -53.74 -20.65
N LYS A 757 -50.34 -54.52 -21.74
CA LYS A 757 -50.00 -53.99 -23.06
C LYS A 757 -48.64 -53.30 -23.03
N ALA A 758 -47.63 -54.01 -22.56
CA ALA A 758 -46.30 -53.46 -22.42
C ALA A 758 -45.27 -54.51 -22.83
N LYS A 759 -44.09 -54.04 -23.21
CA LYS A 759 -43.03 -54.91 -23.70
C LYS A 759 -41.69 -54.29 -23.37
N GLY A 760 -40.69 -55.16 -23.17
CA GLY A 760 -39.35 -54.71 -22.84
C GLY A 760 -38.63 -54.13 -24.04
N PRO A 761 -37.36 -53.75 -23.82
CA PRO A 761 -36.60 -53.82 -22.56
C PRO A 761 -37.02 -52.77 -21.54
N VAL A 762 -36.67 -52.96 -20.27
CA VAL A 762 -37.10 -52.09 -19.18
C VAL A 762 -35.87 -51.46 -18.55
N HIS A 763 -35.89 -50.14 -18.39
CA HIS A 763 -34.85 -49.41 -17.67
C HIS A 763 -35.46 -48.83 -16.41
N ILE A 764 -34.82 -49.10 -15.27
CA ILE A 764 -35.39 -48.78 -13.96
C ILE A 764 -34.34 -48.10 -13.11
N VAL A 765 -34.75 -47.08 -12.35
CA VAL A 765 -33.91 -46.42 -11.37
C VAL A 765 -34.66 -46.41 -10.04
N HIS A 766 -34.02 -46.91 -9.00
CA HIS A 766 -34.60 -47.03 -7.66
C HIS A 766 -33.73 -46.24 -6.70
N SER A 767 -34.29 -45.18 -6.12
CA SER A 767 -33.52 -44.28 -5.28
C SER A 767 -34.28 -44.02 -3.99
N GLU A 768 -33.72 -43.11 -3.19
CA GLU A 768 -34.00 -42.93 -1.76
C GLU A 768 -35.44 -43.18 -1.38
N ASN A 769 -36.39 -42.66 -2.15
CA ASN A 769 -37.80 -42.82 -1.84
C ASN A 769 -38.64 -43.27 -3.03
N TRP A 770 -38.08 -43.37 -4.23
CA TRP A 770 -38.92 -43.50 -5.41
C TRP A 770 -38.35 -44.52 -6.39
N VAL A 771 -39.19 -44.93 -7.34
CA VAL A 771 -38.81 -45.83 -8.42
C VAL A 771 -39.35 -45.25 -9.71
N VAL A 772 -38.52 -45.22 -10.75
CA VAL A 772 -38.92 -44.71 -12.06
C VAL A 772 -38.47 -45.72 -13.11
N TYR A 773 -39.42 -46.24 -13.88
CA TYR A 773 -39.09 -47.25 -14.89
C TYR A 773 -39.78 -46.92 -16.20
N GLN A 774 -39.11 -47.24 -17.31
CA GLN A 774 -39.60 -46.94 -18.63
C GLN A 774 -39.91 -48.23 -19.38
N TYR A 775 -40.82 -48.15 -20.33
CA TYR A 775 -41.26 -49.33 -21.06
C TYR A 775 -41.86 -48.89 -22.39
N TRP A 776 -42.28 -49.86 -23.19
CA TRP A 776 -42.87 -49.65 -24.50
C TRP A 776 -44.30 -50.14 -24.50
N ASN A 777 -45.23 -49.28 -24.93
CA ASN A 777 -46.65 -49.59 -24.97
C ASN A 777 -47.03 -49.90 -26.41
N THR A 778 -47.64 -51.07 -26.62
CA THR A 778 -47.94 -51.58 -27.95
C THR A 778 -49.29 -51.11 -28.49
N LYS A 779 -50.29 -50.92 -27.62
CA LYS A 779 -51.60 -50.51 -28.09
C LYS A 779 -51.53 -49.12 -28.72
N ALA A 780 -50.71 -48.24 -28.17
CA ALA A 780 -50.47 -46.92 -28.75
C ALA A 780 -49.10 -46.80 -29.40
N ARG A 781 -48.22 -47.77 -29.20
CA ARG A 781 -46.89 -47.81 -29.80
C ARG A 781 -46.08 -46.56 -29.44
N ARG A 782 -45.81 -46.43 -28.15
CA ARG A 782 -45.06 -45.28 -27.66
C ARG A 782 -44.31 -45.65 -26.40
N ASN A 783 -43.26 -44.89 -26.09
CA ASN A 783 -42.48 -45.14 -24.90
C ASN A 783 -43.07 -44.38 -23.72
N GLU A 784 -43.14 -45.04 -22.56
CA GLU A 784 -43.78 -44.47 -21.40
C GLU A 784 -42.91 -44.60 -20.15
N PHE A 785 -42.99 -43.58 -19.31
CA PHE A 785 -42.37 -43.54 -18.00
C PHE A 785 -43.43 -43.83 -16.93
N THR A 786 -43.01 -44.48 -15.86
CA THR A 786 -43.89 -44.72 -14.71
C THR A 786 -43.11 -44.47 -13.44
N VAL A 787 -43.69 -43.69 -12.53
CA VAL A 787 -43.05 -43.27 -11.29
C VAL A 787 -43.91 -43.72 -10.13
N LEU A 788 -43.29 -44.41 -9.17
CA LEU A 788 -43.90 -44.81 -7.92
C LEU A 788 -43.17 -44.11 -6.77
N GLU A 789 -43.94 -43.58 -5.83
CA GLU A 789 -43.39 -42.85 -4.70
C GLU A 789 -44.06 -43.34 -3.42
N LEU A 790 -43.25 -43.54 -2.38
CA LEU A 790 -43.70 -44.11 -1.12
C LEU A 790 -43.74 -43.05 -0.04
N TYR A 791 -44.82 -43.06 0.76
CA TYR A 791 -44.96 -42.13 1.87
C TYR A 791 -45.47 -42.90 3.10
N GLU A 792 -45.09 -42.42 4.26
CA GLU A 792 -45.64 -42.91 5.51
C GLU A 792 -46.86 -42.06 5.89
N GLY A 793 -47.34 -42.20 7.12
CA GLY A 793 -48.48 -41.42 7.56
C GLY A 793 -48.12 -40.00 7.92
N THR A 794 -48.69 -39.48 9.01
CA THR A 794 -48.39 -38.14 9.47
C THR A 794 -47.56 -38.14 10.75
N GLU A 795 -47.37 -39.28 11.39
CA GLU A 795 -46.57 -39.40 12.59
C GLU A 795 -45.52 -40.48 12.39
N GLN A 796 -44.30 -40.22 12.87
CA GLN A 796 -43.23 -41.20 12.77
C GLN A 796 -43.50 -42.37 13.70
N TYR A 797 -43.41 -43.58 13.15
CA TYR A 797 -43.56 -44.79 13.97
C TYR A 797 -42.41 -44.90 14.97
N ASN A 798 -41.20 -44.59 14.54
CA ASN A 798 -40.03 -44.65 15.40
C ASN A 798 -38.96 -43.77 14.78
N ALA A 799 -38.52 -42.76 15.53
CA ALA A 799 -37.55 -41.79 15.03
C ALA A 799 -36.14 -42.04 15.55
N THR A 800 -35.91 -43.21 16.16
CA THR A 800 -34.61 -43.55 16.72
C THR A 800 -33.86 -44.62 15.93
N ALA A 801 -34.58 -45.52 15.25
CA ALA A 801 -33.95 -46.57 14.48
C ALA A 801 -34.96 -47.08 13.45
N PHE A 802 -34.53 -48.07 12.67
CA PHE A 802 -35.40 -48.67 11.66
C PHE A 802 -35.07 -50.17 11.62
N SER A 803 -35.87 -50.96 12.33
CA SER A 803 -35.74 -52.41 12.32
C SER A 803 -36.81 -53.01 11.43
N SER A 804 -36.38 -53.83 10.47
CA SER A 804 -37.32 -54.44 9.53
C SER A 804 -38.19 -55.49 10.17
N LEU A 805 -37.90 -55.90 11.40
CA LEU A 805 -38.73 -56.84 12.14
C LEU A 805 -39.80 -56.15 12.97
N ASP A 806 -39.91 -54.83 12.90
CA ASP A 806 -40.82 -54.06 13.74
C ASP A 806 -41.52 -52.98 12.93
N ARG A 807 -41.98 -53.35 11.73
CA ARG A 807 -42.71 -52.44 10.84
C ARG A 807 -43.97 -53.17 10.37
N PRO A 808 -45.02 -53.20 11.18
CA PRO A 808 -46.24 -53.95 10.81
C PRO A 808 -47.25 -53.15 9.99
N GLN A 809 -46.90 -51.98 9.49
CA GLN A 809 -47.83 -51.13 8.74
C GLN A 809 -47.28 -50.90 7.34
N LEU A 810 -48.10 -51.18 6.33
CA LEU A 810 -47.69 -50.98 4.95
C LEU A 810 -47.67 -49.48 4.61
N PRO A 811 -46.75 -49.06 3.73
CA PRO A 811 -46.70 -47.65 3.33
C PRO A 811 -47.79 -47.29 2.33
N GLN A 812 -47.81 -46.02 1.92
CA GLN A 812 -48.75 -45.52 0.93
C GLN A 812 -48.01 -45.29 -0.39
N VAL A 813 -48.56 -45.81 -1.48
CA VAL A 813 -47.90 -45.79 -2.78
C VAL A 813 -48.69 -44.87 -3.70
N LEU A 814 -47.99 -43.94 -4.35
CA LEU A 814 -48.59 -43.06 -5.34
C LEU A 814 -47.90 -43.30 -6.68
N GLN A 815 -48.70 -43.44 -7.73
CA GLN A 815 -48.19 -43.80 -9.05
C GLN A 815 -48.62 -42.78 -10.08
N GLN A 816 -47.78 -42.61 -11.10
CA GLN A 816 -48.16 -41.79 -12.25
C GLN A 816 -47.37 -42.26 -13.46
N SER A 817 -47.81 -41.82 -14.64
CA SER A 817 -47.21 -42.23 -15.90
C SER A 817 -47.14 -41.04 -16.85
N TYR A 818 -46.17 -41.09 -17.76
CA TYR A 818 -45.92 -40.03 -18.72
C TYR A 818 -45.49 -40.64 -20.05
N ILE A 819 -45.52 -39.84 -21.10
CA ILE A 819 -45.16 -40.26 -22.45
C ILE A 819 -43.84 -39.62 -22.83
N PHE A 820 -42.88 -40.43 -23.28
CA PHE A 820 -41.56 -39.97 -23.66
C PHE A 820 -41.37 -40.20 -25.15
N PRO A 821 -41.11 -39.15 -25.95
CA PRO A 821 -41.11 -39.29 -27.42
C PRO A 821 -39.77 -39.69 -28.02
N SER A 822 -39.18 -40.77 -27.52
CA SER A 822 -37.94 -41.30 -28.04
C SER A 822 -37.70 -42.67 -27.41
N SER A 823 -36.60 -43.30 -27.81
CA SER A 823 -36.14 -44.53 -27.18
C SER A 823 -35.04 -44.18 -26.17
N ILE A 824 -34.61 -45.19 -25.41
CA ILE A 824 -33.63 -44.98 -24.36
C ILE A 824 -32.57 -46.07 -24.45
N SER A 825 -31.30 -45.68 -24.40
CA SER A 825 -30.21 -46.63 -24.33
C SER A 825 -29.64 -46.77 -22.93
N ALA A 826 -29.74 -45.74 -22.09
CA ALA A 826 -29.25 -45.86 -20.72
C ALA A 826 -30.00 -44.88 -19.82
N MET A 827 -29.93 -45.13 -18.52
CA MET A 827 -30.53 -44.24 -17.53
C MET A 827 -29.73 -44.30 -16.24
N GLU A 828 -29.61 -43.14 -15.59
CA GLU A 828 -28.88 -43.06 -14.33
C GLU A 828 -29.35 -41.82 -13.57
N ALA A 829 -28.98 -41.74 -12.30
CA ALA A 829 -29.34 -40.62 -11.44
C ALA A 829 -28.09 -40.01 -10.83
N THR A 830 -28.07 -38.69 -10.71
CA THR A 830 -26.94 -37.97 -10.16
C THR A 830 -26.85 -38.18 -8.65
N ILE A 831 -25.64 -37.97 -8.11
CA ILE A 831 -25.38 -38.13 -6.69
C ILE A 831 -24.58 -36.93 -6.19
N THR A 832 -24.64 -36.70 -4.89
CA THR A 832 -23.95 -35.59 -4.25
C THR A 832 -23.55 -36.02 -2.84
N GLU A 833 -22.71 -35.18 -2.21
CA GLU A 833 -22.17 -35.53 -0.89
C GLU A 833 -23.28 -35.62 0.15
N ARG A 834 -24.09 -34.58 0.27
CA ARG A 834 -25.12 -34.49 1.30
C ARG A 834 -26.53 -34.63 0.76
N GLY A 835 -26.71 -34.76 -0.55
CA GLY A 835 -28.04 -34.83 -1.12
C GLY A 835 -28.84 -33.56 -0.96
N ILE A 836 -28.18 -32.40 -1.02
CA ILE A 836 -28.87 -31.12 -0.88
C ILE A 836 -29.35 -30.60 -2.23
N THR A 837 -28.52 -30.74 -3.27
CA THR A 837 -28.90 -30.28 -4.59
C THR A 837 -30.03 -31.13 -5.16
N SER A 838 -30.68 -30.60 -6.19
CA SER A 838 -31.79 -31.29 -6.83
C SER A 838 -31.28 -32.54 -7.56
N ARG A 839 -32.19 -33.50 -7.74
CA ARG A 839 -31.89 -34.76 -8.38
C ARG A 839 -32.29 -34.70 -9.85
N HIS A 840 -31.40 -35.16 -10.73
CA HIS A 840 -31.65 -35.18 -12.15
C HIS A 840 -31.44 -36.59 -12.68
N LEU A 841 -32.15 -36.92 -13.75
CA LEU A 841 -32.00 -38.20 -14.44
C LEU A 841 -31.23 -37.97 -15.73
N LEU A 842 -30.12 -38.69 -15.88
CA LEU A 842 -29.34 -38.66 -17.10
C LEU A 842 -29.78 -39.83 -17.98
N ILE A 843 -30.24 -39.51 -19.19
CA ILE A 843 -30.81 -40.50 -20.10
C ILE A 843 -29.97 -40.53 -21.36
N GLY A 844 -29.54 -41.73 -21.75
CA GLY A 844 -28.76 -41.91 -22.94
C GLY A 844 -29.60 -42.41 -24.09
N LEU A 845 -29.79 -41.56 -25.09
CA LEU A 845 -30.62 -41.83 -26.26
C LEU A 845 -29.85 -42.65 -27.30
N PRO A 846 -30.55 -43.31 -28.23
CA PRO A 846 -29.85 -44.06 -29.28
C PRO A 846 -29.08 -43.19 -30.25
N SER A 847 -29.46 -41.92 -30.43
CA SER A 847 -28.75 -41.06 -31.37
C SER A 847 -27.33 -40.77 -30.89
N GLY A 848 -27.14 -40.63 -29.58
CA GLY A 848 -25.83 -40.38 -29.04
C GLY A 848 -25.81 -39.31 -27.97
N ALA A 849 -26.81 -38.44 -27.97
CA ALA A 849 -26.88 -37.36 -27.00
C ALA A 849 -27.28 -37.89 -25.62
N ILE A 850 -27.05 -37.07 -24.60
CA ILE A 850 -27.41 -37.39 -23.23
C ILE A 850 -28.29 -36.26 -22.71
N LEU A 851 -29.45 -36.61 -22.17
CA LEU A 851 -30.45 -35.67 -21.72
C LEU A 851 -30.49 -35.62 -20.20
N SER A 852 -30.63 -34.41 -19.66
CA SER A 852 -30.74 -34.19 -18.22
C SER A 852 -32.18 -33.76 -17.93
N LEU A 853 -32.93 -34.64 -17.26
CA LEU A 853 -34.34 -34.40 -16.98
C LEU A 853 -34.54 -34.19 -15.49
N PRO A 854 -35.10 -33.05 -15.07
CA PRO A 854 -35.33 -32.84 -13.64
C PRO A 854 -36.28 -33.88 -13.07
N LYS A 855 -36.01 -34.29 -11.83
CA LYS A 855 -36.89 -35.25 -11.15
C LYS A 855 -38.19 -34.60 -10.68
N ALA A 856 -38.15 -33.31 -10.35
CA ALA A 856 -39.35 -32.62 -9.89
C ALA A 856 -40.45 -32.60 -10.95
N LEU A 857 -40.09 -32.78 -12.22
CA LEU A 857 -41.09 -32.89 -13.28
C LEU A 857 -41.90 -34.16 -13.15
N LEU A 858 -41.28 -35.25 -12.69
CA LEU A 858 -41.95 -36.54 -12.52
C LEU A 858 -42.38 -36.67 -11.06
N ASP A 859 -43.48 -36.03 -10.74
CA ASP A 859 -44.03 -36.05 -9.38
C ASP A 859 -45.46 -36.60 -9.43
N PRO A 860 -45.75 -37.70 -8.73
CA PRO A 860 -47.12 -38.24 -8.75
C PRO A 860 -48.15 -37.33 -8.09
N ARG A 861 -47.71 -36.35 -7.29
CA ARG A 861 -48.63 -35.47 -6.58
C ARG A 861 -49.13 -34.31 -7.41
N ARG A 862 -48.69 -34.19 -8.66
CA ARG A 862 -49.17 -33.12 -9.52
C ARG A 862 -50.65 -33.30 -9.81
N PRO A 863 -51.48 -32.28 -9.59
CA PRO A 863 -52.93 -32.44 -9.75
C PRO A 863 -53.40 -32.20 -11.17
N GLU A 864 -54.45 -32.95 -11.54
CA GLU A 864 -55.08 -32.73 -12.84
C GLU A 864 -55.91 -31.46 -12.83
N ILE A 865 -56.64 -31.21 -11.75
CA ILE A 865 -57.47 -30.02 -11.60
C ILE A 865 -56.77 -29.08 -10.63
N PRO A 866 -56.28 -27.93 -11.07
CA PRO A 866 -55.60 -27.00 -10.16
C PRO A 866 -56.53 -26.52 -9.05
N THR A 867 -55.97 -26.39 -7.86
CA THR A 867 -56.70 -25.94 -6.68
C THR A 867 -55.87 -24.92 -5.92
N GLU A 868 -56.49 -24.30 -4.92
CA GLU A 868 -55.78 -23.34 -4.08
C GLU A 868 -54.66 -24.03 -3.30
N GLN A 869 -54.93 -25.24 -2.79
CA GLN A 869 -53.89 -25.99 -2.09
C GLN A 869 -52.72 -26.31 -3.02
N SER A 870 -53.02 -26.65 -4.27
CA SER A 870 -51.96 -26.87 -5.24
C SER A 870 -51.14 -25.62 -5.47
N ARG A 871 -51.80 -24.46 -5.53
CA ARG A 871 -51.08 -23.19 -5.68
C ARG A 871 -50.18 -22.93 -4.48
N GLU A 872 -50.69 -23.14 -3.26
CA GLU A 872 -49.89 -22.91 -2.07
C GLU A 872 -48.77 -23.93 -1.93
N GLU A 873 -48.91 -25.11 -2.53
CA GLU A 873 -47.81 -26.06 -2.62
C GLU A 873 -46.88 -25.77 -3.79
N ASN A 874 -47.27 -24.88 -4.70
CA ASN A 874 -46.48 -24.55 -5.88
C ASN A 874 -46.19 -25.79 -6.71
N LEU A 875 -47.27 -26.42 -7.20
CA LEU A 875 -47.18 -27.62 -8.01
C LEU A 875 -47.70 -27.33 -9.41
N ILE A 876 -46.96 -27.76 -10.42
CA ILE A 876 -47.38 -27.57 -11.81
C ILE A 876 -48.53 -28.52 -12.12
N PRO A 877 -49.58 -28.06 -12.82
CA PRO A 877 -50.65 -28.98 -13.20
C PRO A 877 -50.16 -30.08 -14.12
N TYR A 878 -50.85 -31.22 -14.07
CA TYR A 878 -50.41 -32.40 -14.80
C TYR A 878 -50.42 -32.15 -16.30
N SER A 879 -49.42 -32.71 -16.99
CA SER A 879 -49.31 -32.67 -18.43
C SER A 879 -48.80 -34.04 -18.86
N PRO A 880 -49.39 -34.65 -19.89
CA PRO A 880 -49.04 -36.05 -20.21
C PRO A 880 -47.78 -36.23 -21.03
N ASP A 881 -47.16 -35.16 -21.51
CA ASP A 881 -46.00 -35.27 -22.39
C ASP A 881 -44.81 -34.53 -21.81
N VAL A 882 -43.64 -35.13 -21.94
CA VAL A 882 -42.36 -34.49 -21.60
C VAL A 882 -41.62 -34.22 -22.89
N GLN A 883 -41.08 -33.01 -23.03
CA GLN A 883 -40.47 -32.57 -24.27
C GLN A 883 -38.95 -32.64 -24.18
N ILE A 884 -38.32 -32.83 -25.33
CA ILE A 884 -36.87 -32.92 -25.44
C ILE A 884 -36.37 -31.65 -26.13
N HIS A 885 -35.51 -30.91 -25.44
CA HIS A 885 -34.92 -29.69 -25.98
C HIS A 885 -33.42 -29.87 -26.13
N ALA A 886 -32.88 -29.33 -27.22
CA ALA A 886 -31.45 -29.47 -27.49
C ALA A 886 -30.60 -28.77 -26.44
N GLU A 887 -31.13 -27.71 -25.82
CA GLU A 887 -30.36 -26.99 -24.81
C GLU A 887 -30.09 -27.81 -23.55
N ARG A 888 -30.80 -28.91 -23.35
CA ARG A 888 -30.66 -29.71 -22.14
C ARG A 888 -29.58 -30.78 -22.26
N PHE A 889 -29.01 -30.98 -23.44
CA PHE A 889 -27.96 -31.97 -23.60
C PHE A 889 -26.70 -31.54 -22.85
N ILE A 890 -26.08 -32.49 -22.15
CA ILE A 890 -24.84 -32.21 -21.45
C ILE A 890 -23.61 -32.38 -22.33
N ASN A 891 -23.76 -33.01 -23.50
CA ASN A 891 -22.69 -33.09 -24.49
C ASN A 891 -23.22 -32.42 -25.76
N TYR A 892 -22.58 -31.32 -26.16
CA TYR A 892 -23.03 -30.54 -27.31
C TYR A 892 -23.07 -31.37 -28.58
N ASN A 893 -21.91 -31.83 -29.06
CA ASN A 893 -21.89 -32.71 -30.23
C ASN A 893 -20.90 -33.86 -30.05
N GLN A 894 -20.38 -34.10 -28.85
CA GLN A 894 -19.51 -35.23 -28.59
C GLN A 894 -20.37 -36.46 -28.33
N THR A 895 -21.00 -36.93 -29.41
CA THR A 895 -21.95 -38.04 -29.30
C THR A 895 -21.23 -39.33 -28.94
N VAL A 896 -21.92 -40.17 -28.16
CA VAL A 896 -21.43 -41.48 -27.78
C VAL A 896 -22.27 -42.52 -28.50
N SER A 897 -21.62 -43.40 -29.25
CA SER A 897 -22.32 -44.38 -30.08
C SER A 897 -22.41 -45.72 -29.37
N ARG A 898 -23.60 -46.33 -29.44
CA ARG A 898 -23.88 -47.60 -28.78
C ARG A 898 -23.57 -47.52 -27.30
N MET A 899 -24.29 -46.63 -26.61
CA MET A 899 -24.06 -46.39 -25.20
C MET A 899 -24.51 -47.59 -24.37
N ARG A 900 -23.76 -47.86 -23.31
CA ARG A 900 -24.07 -48.98 -22.42
C ARG A 900 -24.07 -48.64 -20.94
N GLY A 901 -23.38 -47.59 -20.50
CA GLY A 901 -23.34 -47.28 -19.09
C GLY A 901 -23.10 -45.81 -18.83
N ILE A 902 -23.65 -45.33 -17.71
CA ILE A 902 -23.41 -43.98 -17.21
C ILE A 902 -23.06 -44.09 -15.74
N TYR A 903 -22.01 -43.40 -15.32
CA TYR A 903 -21.50 -43.46 -13.96
C TYR A 903 -21.38 -42.04 -13.42
N THR A 904 -21.74 -41.86 -12.15
CA THR A 904 -21.73 -40.55 -11.50
C THR A 904 -20.96 -40.62 -10.19
N ALA A 905 -20.23 -39.55 -9.90
CA ALA A 905 -19.41 -39.45 -8.70
C ALA A 905 -19.64 -38.12 -8.00
N PRO A 906 -19.56 -38.11 -6.66
CA PRO A 906 -19.86 -36.88 -5.90
C PRO A 906 -18.85 -35.76 -6.11
N SER A 907 -17.56 -36.10 -6.07
CA SER A 907 -16.46 -35.17 -6.32
C SER A 907 -16.39 -34.07 -5.26
N GLY A 908 -16.43 -34.47 -3.99
CA GLY A 908 -16.14 -33.62 -2.86
C GLY A 908 -16.60 -32.18 -2.92
N LEU A 909 -17.82 -31.95 -3.41
CA LEU A 909 -18.36 -30.60 -3.52
C LEU A 909 -19.87 -30.73 -3.71
N GLU A 910 -20.61 -29.80 -3.11
CA GLU A 910 -22.05 -29.90 -3.01
C GLU A 910 -22.79 -29.44 -4.24
N SER A 911 -22.10 -28.98 -5.28
CA SER A 911 -22.76 -28.46 -6.47
C SER A 911 -22.30 -29.11 -7.77
N THR A 912 -21.29 -29.98 -7.75
CA THR A 912 -20.76 -30.57 -8.96
C THR A 912 -20.77 -32.08 -8.84
N CYS A 913 -21.11 -32.75 -9.94
CA CYS A 913 -21.08 -34.21 -10.03
C CYS A 913 -20.33 -34.63 -11.28
N LEU A 914 -19.50 -35.66 -11.17
CA LEU A 914 -18.69 -36.12 -12.30
C LEU A 914 -19.41 -37.23 -13.04
N VAL A 915 -19.50 -37.10 -14.36
CA VAL A 915 -20.27 -38.02 -15.19
C VAL A 915 -19.33 -38.66 -16.21
N VAL A 916 -19.40 -39.98 -16.32
CA VAL A 916 -18.63 -40.74 -17.30
C VAL A 916 -19.61 -41.65 -18.04
N ALA A 917 -19.71 -41.47 -19.35
CA ALA A 917 -20.57 -42.29 -20.20
C ALA A 917 -19.69 -43.19 -21.06
N TYR A 918 -19.89 -44.51 -20.94
CA TYR A 918 -19.09 -45.47 -21.68
C TYR A 918 -19.99 -46.33 -22.54
N GLY A 919 -19.68 -46.37 -23.84
CA GLY A 919 -20.27 -47.27 -24.80
C GLY A 919 -19.17 -47.77 -25.72
N LEU A 920 -19.34 -47.62 -27.04
CA LEU A 920 -18.20 -47.77 -27.93
C LEU A 920 -17.15 -46.70 -27.65
N ASP A 921 -17.60 -45.47 -27.43
CA ASP A 921 -16.74 -44.35 -27.07
C ASP A 921 -16.74 -44.17 -25.55
N ILE A 922 -15.89 -43.27 -25.07
CA ILE A 922 -15.82 -42.92 -23.66
C ILE A 922 -15.86 -41.40 -23.54
N TYR A 923 -16.76 -40.88 -22.71
CA TYR A 923 -16.93 -39.44 -22.56
C TYR A 923 -16.95 -39.10 -21.08
N GLN A 924 -16.33 -37.98 -20.73
CA GLN A 924 -16.22 -37.56 -19.33
C GLN A 924 -16.48 -36.07 -19.22
N THR A 925 -17.27 -35.69 -18.22
CA THR A 925 -17.62 -34.28 -18.02
C THR A 925 -18.10 -34.10 -16.58
N ARG A 926 -18.57 -32.90 -16.28
CA ARG A 926 -19.13 -32.57 -14.96
C ARG A 926 -20.41 -31.79 -15.14
N VAL A 927 -21.32 -31.94 -14.19
CA VAL A 927 -22.63 -31.31 -14.26
C VAL A 927 -22.95 -30.63 -12.93
N TYR A 928 -23.66 -29.51 -13.00
CA TYR A 928 -24.16 -28.82 -11.83
C TYR A 928 -25.68 -28.66 -11.93
N PRO A 929 -26.46 -29.48 -11.24
CA PRO A 929 -27.93 -29.32 -11.31
C PRO A 929 -28.43 -27.99 -10.81
N SER A 930 -27.77 -27.38 -9.82
CA SER A 930 -28.26 -26.18 -9.15
C SER A 930 -27.38 -24.97 -9.43
N LYS A 931 -26.84 -24.89 -10.64
CA LYS A 931 -26.16 -23.69 -11.15
C LYS A 931 -24.92 -23.31 -10.34
N GLN A 932 -24.32 -24.26 -9.62
CA GLN A 932 -23.02 -24.08 -8.98
C GLN A 932 -23.01 -22.89 -8.02
N PHE A 933 -23.79 -23.01 -6.95
CA PHE A 933 -23.89 -21.96 -5.93
C PHE A 933 -22.68 -21.90 -5.02
N ASP A 934 -21.68 -22.77 -5.19
CA ASP A 934 -20.59 -22.89 -4.23
C ASP A 934 -19.30 -22.21 -4.66
N VAL A 935 -19.06 -22.05 -5.96
CA VAL A 935 -17.80 -21.52 -6.47
C VAL A 935 -18.08 -20.21 -7.19
N LEU A 936 -17.19 -19.24 -7.00
CA LEU A 936 -17.35 -17.94 -7.63
C LEU A 936 -17.31 -18.06 -9.14
N LYS A 937 -18.14 -17.27 -9.81
CA LYS A 937 -18.23 -17.32 -11.27
C LYS A 937 -16.90 -16.95 -11.91
N ASP A 938 -16.62 -17.59 -13.04
CA ASP A 938 -15.36 -17.40 -13.75
C ASP A 938 -15.28 -16.09 -14.51
N ASP A 939 -16.39 -15.36 -14.64
CA ASP A 939 -16.43 -14.09 -15.37
C ASP A 939 -16.49 -12.90 -14.42
N TYR A 940 -15.78 -12.98 -13.29
CA TYR A 940 -15.74 -11.87 -12.34
C TYR A 940 -14.88 -10.74 -12.88
N ASP A 941 -15.38 -9.51 -12.80
CA ASP A 941 -14.69 -8.33 -13.30
C ASP A 941 -14.05 -7.61 -12.12
N TYR A 942 -12.76 -7.86 -11.90
CA TYR A 942 -12.05 -7.20 -10.81
C TYR A 942 -11.91 -5.70 -11.06
N VAL A 943 -11.65 -5.32 -12.33
CA VAL A 943 -11.37 -3.93 -12.66
C VAL A 943 -12.56 -3.04 -12.32
N LEU A 944 -13.77 -3.49 -12.64
CA LEU A 944 -14.97 -2.70 -12.34
C LEU A 944 -15.14 -2.51 -10.84
N ILE A 945 -14.87 -3.55 -10.05
CA ILE A 945 -14.98 -3.43 -8.60
C ILE A 945 -13.98 -2.41 -8.07
N SER A 946 -12.73 -2.49 -8.53
CA SER A 946 -11.73 -1.52 -8.09
C SER A 946 -12.11 -0.11 -8.49
N SER A 947 -12.61 0.06 -9.71
CA SER A 947 -13.01 1.38 -10.19
C SER A 947 -14.14 1.95 -9.36
N VAL A 948 -15.16 1.14 -9.06
CA VAL A 948 -16.29 1.65 -8.31
C VAL A 948 -15.88 1.99 -6.88
N LEU A 949 -15.00 1.18 -6.27
CA LEU A 949 -14.51 1.50 -4.93
C LEU A 949 -13.75 2.82 -4.93
N PHE A 950 -12.85 3.00 -5.90
CA PHE A 950 -12.07 4.23 -5.96
C PHE A 950 -12.98 5.43 -6.21
N GLY A 951 -13.99 5.27 -7.07
CA GLY A 951 -14.93 6.35 -7.30
C GLY A 951 -15.72 6.71 -6.07
N LEU A 952 -16.15 5.70 -5.29
CA LEU A 952 -16.85 5.98 -4.04
C LEU A 952 -15.97 6.76 -3.08
N VAL A 953 -14.70 6.37 -2.94
CA VAL A 953 -13.79 7.07 -2.06
C VAL A 953 -13.61 8.52 -2.51
N PHE A 954 -13.39 8.72 -3.81
CA PHE A 954 -13.19 10.07 -4.33
C PHE A 954 -14.42 10.94 -4.10
N ALA A 955 -15.61 10.38 -4.35
CA ALA A 955 -16.84 11.14 -4.14
C ALA A 955 -17.02 11.49 -2.66
N THR A 956 -16.68 10.55 -1.76
CA THR A 956 -16.75 10.85 -0.33
C THR A 956 -15.86 12.03 0.02
N MET A 957 -14.62 12.02 -0.44
CA MET A 957 -13.69 13.10 -0.13
C MET A 957 -14.21 14.43 -0.65
N ILE A 958 -14.66 14.45 -1.91
CA ILE A 958 -15.10 15.69 -2.53
C ILE A 958 -16.33 16.24 -1.81
N THR A 959 -17.29 15.36 -1.50
CA THR A 959 -18.51 15.81 -0.82
C THR A 959 -18.19 16.34 0.58
N LYS A 960 -17.26 15.69 1.28
CA LYS A 960 -16.88 16.18 2.60
C LYS A 960 -16.29 17.58 2.50
N ARG A 961 -15.39 17.79 1.53
CA ARG A 961 -14.80 19.11 1.36
C ARG A 961 -15.85 20.16 1.04
N LEU A 962 -16.77 19.84 0.11
CA LEU A 962 -17.80 20.80 -0.27
C LEU A 962 -18.70 21.15 0.90
N ALA A 963 -19.11 20.14 1.69
CA ALA A 963 -19.96 20.41 2.84
C ALA A 963 -19.24 21.28 3.86
N GLN A 964 -17.97 20.99 4.13
CA GLN A 964 -17.23 21.81 5.09
C GLN A 964 -17.11 23.25 4.63
N VAL A 965 -16.80 23.46 3.34
CA VAL A 965 -16.67 24.82 2.84
C VAL A 965 -18.01 25.54 2.88
N LYS A 966 -19.10 24.84 2.55
CA LYS A 966 -20.41 25.48 2.60
C LYS A 966 -20.77 25.90 4.02
N LEU A 967 -20.49 25.04 5.01
CA LEU A 967 -20.76 25.41 6.39
C LEU A 967 -19.93 26.62 6.80
N LEU A 968 -18.64 26.63 6.44
CA LEU A 968 -17.78 27.75 6.80
C LEU A 968 -18.27 29.05 6.17
N ASN A 969 -18.67 29.01 4.89
CA ASN A 969 -19.14 30.21 4.23
C ASN A 969 -20.49 30.68 4.76
N ARG A 970 -21.35 29.74 5.18
CA ARG A 970 -22.63 30.14 5.75
C ARG A 970 -22.44 30.75 7.14
N ALA A 971 -21.44 30.28 7.89
CA ALA A 971 -21.18 30.86 9.21
C ALA A 971 -20.79 32.32 9.11
N TRP A 972 -19.96 32.67 8.13
CA TRP A 972 -19.49 34.05 7.94
C TRP A 972 -20.39 34.86 7.03
N ARG A 973 -21.65 34.45 6.85
CA ARG A 973 -22.58 35.15 5.96
C ARG A 973 -22.02 35.28 4.54
N LYS B 1 5.92 35.28 22.20
CA LYS B 1 5.81 35.05 23.64
C LYS B 1 6.28 33.65 24.00
N VAL B 2 6.29 32.74 23.02
CA VAL B 2 6.85 31.42 23.24
C VAL B 2 8.35 31.55 23.44
N SER B 3 8.87 30.88 24.48
CA SER B 3 10.25 31.02 24.91
C SER B 3 10.59 32.47 25.29
N GLU B 4 9.56 33.30 25.50
CA GLU B 4 9.72 34.70 25.87
C GLU B 4 8.86 34.91 27.12
N LEU B 5 9.47 34.71 28.29
CA LEU B 5 8.81 34.84 29.59
C LEU B 5 7.75 33.76 29.80
N TYR B 6 7.58 32.88 28.80
CA TYR B 6 6.60 31.80 28.88
C TYR B 6 7.10 30.65 28.02
N ASP B 7 6.58 29.45 28.31
CA ASP B 7 6.89 28.24 27.55
C ASP B 7 5.58 27.52 27.27
N VAL B 8 4.94 27.87 26.16
CA VAL B 8 3.65 27.31 25.79
C VAL B 8 3.66 26.95 24.30
N THR B 9 2.91 25.92 23.96
CA THR B 9 2.74 25.52 22.57
C THR B 9 1.67 26.37 21.89
N TRP B 10 1.55 26.23 20.57
CA TRP B 10 0.52 26.97 19.85
C TRP B 10 -0.88 26.53 20.25
N GLU B 11 -1.06 25.26 20.62
CA GLU B 11 -2.35 24.81 21.09
C GLU B 11 -2.75 25.53 22.37
N GLU B 12 -1.80 25.75 23.28
CA GLU B 12 -2.11 26.49 24.50
C GLU B 12 -2.53 27.91 24.20
N MET B 13 -1.83 28.58 23.28
CA MET B 13 -2.22 29.93 22.89
C MET B 13 -3.61 29.95 22.28
N ARG B 14 -3.91 28.98 21.41
CA ARG B 14 -5.23 28.90 20.82
C ARG B 14 -6.31 28.70 21.89
N ASP B 15 -6.05 27.82 22.85
CA ASP B 15 -7.02 27.59 23.93
C ASP B 15 -7.21 28.83 24.78
N LYS B 16 -6.12 29.54 25.09
CA LYS B 16 -6.24 30.77 25.86
C LYS B 16 -7.04 31.82 25.11
N MET B 17 -6.80 31.96 23.81
CA MET B 17 -7.59 32.89 23.00
C MET B 17 -9.06 32.50 22.97
N ARG B 18 -9.34 31.20 22.84
CA ARG B 18 -10.73 30.76 22.86
C ARG B 18 -11.40 31.06 24.19
N LYS B 19 -10.69 30.82 25.30
CA LYS B 19 -11.25 31.11 26.62
C LYS B 19 -11.49 32.60 26.79
N TRP B 20 -10.55 33.43 26.34
CA TRP B 20 -10.77 34.88 26.36
C TRP B 20 -11.93 35.28 25.47
N ARG B 21 -12.24 34.48 24.45
CA ARG B 21 -13.38 34.79 23.60
C ARG B 21 -14.69 34.39 24.25
N GLU B 22 -14.71 33.28 24.99
CA GLU B 22 -15.96 32.82 25.60
C GLU B 22 -16.50 33.81 26.61
N GLU B 23 -15.65 34.24 27.55
CA GLU B 23 -16.01 35.27 28.50
C GLU B 23 -15.53 36.62 27.98
N ASN B 24 -16.41 37.61 27.97
CA ASN B 24 -16.13 38.87 27.28
C ASN B 24 -15.09 39.70 28.03
N SER B 25 -13.84 39.25 28.00
CA SER B 25 -12.74 40.02 28.58
C SER B 25 -12.29 41.09 27.60
N ARG B 26 -11.89 42.24 28.14
CA ARG B 26 -11.49 43.39 27.32
C ARG B 26 -10.08 43.85 27.69
N ASN B 27 -9.18 42.89 27.92
CA ASN B 27 -7.76 43.20 28.12
C ASN B 27 -7.10 43.23 26.74
N SER B 28 -7.14 44.39 26.10
CA SER B 28 -6.73 44.50 24.70
C SER B 28 -5.24 44.24 24.51
N GLU B 29 -4.42 44.66 25.48
CA GLU B 29 -2.97 44.59 25.30
C GLU B 29 -2.48 43.15 25.18
N GLN B 30 -2.90 42.29 26.12
CA GLN B 30 -2.49 40.89 26.09
C GLN B 30 -3.06 40.17 24.86
N ILE B 31 -4.30 40.48 24.51
CA ILE B 31 -4.92 39.86 23.35
C ILE B 31 -4.14 40.20 22.09
N VAL B 32 -3.76 41.48 21.94
CA VAL B 32 -2.96 41.88 20.77
C VAL B 32 -1.61 41.19 20.78
N GLU B 33 -0.95 41.15 21.95
CA GLU B 33 0.37 40.53 22.04
C GLU B 33 0.33 39.08 21.58
N VAL B 34 -0.64 38.31 22.09
CA VAL B 34 -0.72 36.90 21.70
C VAL B 34 -1.16 36.77 20.24
N GLY B 35 -2.13 37.58 19.82
CA GLY B 35 -2.73 37.40 18.51
C GLY B 35 -1.79 37.72 17.36
N GLU B 36 -0.98 38.78 17.49
CA GLU B 36 -0.07 39.12 16.40
C GLU B 36 0.95 38.01 16.18
N GLU B 37 1.47 37.45 17.27
CA GLU B 37 2.40 36.34 17.16
C GLU B 37 1.72 35.11 16.56
N LEU B 38 0.49 34.81 16.99
CA LEU B 38 -0.21 33.65 16.45
C LEU B 38 -0.46 33.82 14.95
N ILE B 39 -0.82 35.03 14.53
CA ILE B 39 -1.03 35.29 13.10
C ILE B 39 0.27 35.16 12.33
N ASN B 40 1.36 35.71 12.86
CA ASN B 40 2.61 35.75 12.10
C ASN B 40 3.26 34.38 12.03
N GLU B 41 3.59 33.80 13.18
CA GLU B 41 4.49 32.65 13.22
C GLU B 41 3.79 31.30 13.15
N TYR B 42 2.45 31.28 13.16
CA TYR B 42 1.72 30.02 13.13
C TYR B 42 0.50 30.08 12.22
N ALA B 43 0.59 30.85 11.13
CA ALA B 43 -0.55 30.99 10.23
C ALA B 43 -0.93 29.67 9.57
N SER B 44 0.07 28.92 9.09
CA SER B 44 -0.23 27.68 8.37
C SER B 44 -0.65 26.57 9.31
N LYS B 45 -0.23 26.63 10.58
CA LYS B 45 -0.57 25.57 11.52
C LYS B 45 -2.07 25.49 11.76
N LEU B 46 -2.74 26.64 11.85
CA LEU B 46 -4.18 26.70 12.06
C LEU B 46 -4.88 26.47 10.73
N GLY B 47 -5.57 25.34 10.60
CA GLY B 47 -6.22 25.00 9.34
C GLY B 47 -7.34 25.95 9.00
N ASP B 48 -8.45 25.90 9.74
CA ASP B 48 -9.49 26.92 9.67
C ASP B 48 -9.83 27.32 11.10
N ASP B 49 -9.00 28.19 11.67
CA ASP B 49 -9.28 28.83 12.94
C ASP B 49 -8.79 30.27 12.95
N ILE B 50 -8.27 30.77 11.84
CA ILE B 50 -7.60 32.06 11.81
C ILE B 50 -8.54 33.24 11.57
N TRP B 51 -9.76 32.99 11.08
CA TRP B 51 -10.65 34.10 10.76
C TRP B 51 -11.25 34.73 12.02
N ILE B 52 -11.69 33.90 12.97
CA ILE B 52 -12.19 34.44 14.22
C ILE B 52 -11.07 35.12 15.00
N ILE B 53 -9.86 34.56 14.93
CA ILE B 53 -8.71 35.22 15.55
C ILE B 53 -8.42 36.55 14.87
N TYR B 54 -8.56 36.59 13.54
CA TYR B 54 -8.40 37.84 12.82
C TYR B 54 -9.37 38.90 13.33
N GLU B 55 -10.64 38.52 13.46
CA GLU B 55 -11.65 39.47 13.93
C GLU B 55 -11.34 39.95 15.34
N GLN B 56 -11.00 39.01 16.23
CA GLN B 56 -10.73 39.37 17.62
C GLN B 56 -9.52 40.27 17.73
N VAL B 57 -8.46 39.96 16.99
CA VAL B 57 -7.24 40.76 17.04
C VAL B 57 -7.48 42.14 16.43
N MET B 58 -8.27 42.22 15.37
CA MET B 58 -8.61 43.52 14.80
C MET B 58 -9.36 44.38 15.81
N ILE B 59 -10.34 43.79 16.49
CA ILE B 59 -11.09 44.55 17.49
C ILE B 59 -10.17 45.00 18.63
N ALA B 60 -9.31 44.10 19.10
CA ALA B 60 -8.40 44.45 20.18
C ALA B 60 -7.43 45.55 19.77
N ALA B 61 -6.90 45.46 18.55
CA ALA B 61 -5.98 46.48 18.06
C ALA B 61 -6.67 47.83 17.91
N LEU B 62 -7.91 47.83 17.44
CA LEU B 62 -8.68 49.08 17.41
C LEU B 62 -8.85 49.65 18.82
N ASP B 63 -9.09 48.78 19.80
CA ASP B 63 -9.17 49.23 21.19
C ASP B 63 -7.83 49.69 21.73
N TYR B 64 -6.72 49.24 21.14
CA TYR B 64 -5.39 49.53 21.65
C TYR B 64 -4.71 50.71 20.96
N GLY B 65 -5.41 51.39 20.04
CA GLY B 65 -4.82 52.51 19.33
C GLY B 65 -3.64 52.13 18.46
N ARG B 66 -3.80 51.06 17.68
CA ARG B 66 -2.76 50.54 16.79
C ARG B 66 -3.47 50.06 15.53
N ASP B 67 -3.47 50.91 14.50
CA ASP B 67 -4.34 50.71 13.35
C ASP B 67 -3.69 49.93 12.21
N ASP B 68 -2.37 49.80 12.19
CA ASP B 68 -1.72 49.05 11.11
C ASP B 68 -2.14 47.58 11.13
N LEU B 69 -2.12 46.97 12.32
CA LEU B 69 -2.55 45.58 12.45
C LEU B 69 -4.02 45.43 12.13
N ALA B 70 -4.84 46.41 12.53
CA ALA B 70 -6.26 46.37 12.21
C ALA B 70 -6.48 46.40 10.70
N LEU B 71 -5.76 47.28 10.01
CA LEU B 71 -5.90 47.36 8.56
C LEU B 71 -5.42 46.09 7.88
N PHE B 72 -4.33 45.51 8.37
CA PHE B 72 -3.83 44.25 7.82
C PHE B 72 -4.86 43.13 7.98
N CYS B 73 -5.41 42.99 9.18
CA CYS B 73 -6.42 41.96 9.42
C CYS B 73 -7.68 42.19 8.59
N LEU B 74 -8.10 43.46 8.48
CA LEU B 74 -9.28 43.76 7.67
C LEU B 74 -9.04 43.44 6.21
N GLN B 75 -7.85 43.74 5.69
CA GLN B 75 -7.54 43.40 4.31
C GLN B 75 -7.56 41.89 4.10
N GLU B 76 -6.97 41.14 5.03
CA GLU B 76 -6.98 39.67 4.90
C GLU B 76 -8.40 39.14 4.91
N LEU B 77 -9.22 39.61 5.86
CA LEU B 77 -10.59 39.12 5.96
C LEU B 77 -11.41 39.49 4.72
N ARG B 78 -11.23 40.72 4.21
CA ARG B 78 -11.96 41.12 3.01
C ARG B 78 -11.53 40.31 1.80
N ARG B 79 -10.24 40.00 1.70
CA ARG B 79 -9.77 39.16 0.59
C ARG B 79 -10.33 37.75 0.68
N GLN B 80 -10.38 37.18 1.88
CA GLN B 80 -10.89 35.81 2.03
C GLN B 80 -12.38 35.74 1.74
N PHE B 81 -13.17 36.62 2.32
CA PHE B 81 -14.62 36.61 2.15
C PHE B 81 -15.05 37.84 1.37
N PRO B 82 -15.33 37.73 0.07
CA PRO B 82 -15.77 38.90 -0.69
C PRO B 82 -17.26 39.13 -0.52
N GLY B 83 -17.63 40.37 -0.22
CA GLY B 83 -19.02 40.75 -0.13
C GLY B 83 -19.74 40.33 1.14
N SER B 84 -19.02 39.92 2.18
CA SER B 84 -19.66 39.51 3.41
C SER B 84 -20.19 40.72 4.17
N HIS B 85 -21.04 40.47 5.16
CA HIS B 85 -21.66 41.52 5.95
C HIS B 85 -20.94 41.77 7.27
N ARG B 86 -20.28 40.76 7.83
CA ARG B 86 -19.47 41.00 9.02
C ARG B 86 -18.27 41.88 8.71
N VAL B 87 -17.68 41.71 7.53
CA VAL B 87 -16.54 42.53 7.15
C VAL B 87 -16.95 43.98 6.98
N LYS B 88 -18.16 44.22 6.45
CA LYS B 88 -18.67 45.59 6.37
C LYS B 88 -18.85 46.20 7.75
N ARG B 89 -19.34 45.40 8.70
CA ARG B 89 -19.47 45.90 10.07
C ARG B 89 -18.11 46.25 10.66
N LEU B 90 -17.10 45.41 10.40
CA LEU B 90 -15.75 45.72 10.88
C LEU B 90 -15.22 46.99 10.24
N THR B 91 -15.47 47.17 8.94
CA THR B 91 -15.05 48.40 8.26
C THR B 91 -15.75 49.62 8.85
N GLY B 92 -17.04 49.50 9.15
CA GLY B 92 -17.75 50.60 9.79
C GLY B 92 -17.19 50.93 11.16
N MET B 93 -16.86 49.89 11.94
CA MET B 93 -16.25 50.13 13.25
C MET B 93 -14.91 50.82 13.12
N ARG B 94 -14.10 50.41 12.13
CA ARG B 94 -12.83 51.09 11.89
C ARG B 94 -13.05 52.54 11.48
N PHE B 95 -14.05 52.79 10.65
CA PHE B 95 -14.37 54.17 10.25
C PHE B 95 -14.74 55.02 11.46
N GLU B 96 -15.61 54.49 12.32
CA GLU B 96 -16.07 55.27 13.48
C GLU B 96 -15.02 55.35 14.58
N ALA B 97 -14.01 54.47 14.55
CA ALA B 97 -12.91 54.59 15.51
C ALA B 97 -12.00 55.77 15.18
N MET B 98 -12.10 56.33 13.98
CA MET B 98 -11.32 57.49 13.58
C MET B 98 -12.17 58.75 13.51
N GLU B 99 -13.30 58.77 14.22
CA GLU B 99 -14.18 59.93 14.28
C GLU B 99 -14.69 60.33 12.89
N ARG B 100 -15.07 59.33 12.10
CA ARG B 100 -15.70 59.53 10.80
C ARG B 100 -17.06 58.83 10.85
N TYR B 101 -18.07 59.55 11.33
CA TYR B 101 -19.36 58.96 11.63
C TYR B 101 -20.31 58.93 10.44
N ASP B 102 -20.23 59.92 9.54
CA ASP B 102 -21.15 59.96 8.41
C ASP B 102 -20.96 58.75 7.49
N ASP B 103 -19.70 58.39 7.23
CA ASP B 103 -19.42 57.23 6.39
C ASP B 103 -19.93 55.95 7.03
N ALA B 104 -19.74 55.80 8.34
CA ALA B 104 -20.25 54.61 9.03
C ALA B 104 -21.77 54.57 8.98
N ILE B 105 -22.43 55.72 9.14
CA ILE B 105 -23.89 55.76 9.08
C ILE B 105 -24.38 55.35 7.70
N GLN B 106 -23.75 55.88 6.65
CA GLN B 106 -24.19 55.50 5.30
C GLN B 106 -23.90 54.03 5.02
N LEU B 107 -22.79 53.51 5.53
CA LEU B 107 -22.47 52.09 5.36
C LEU B 107 -23.51 51.21 6.04
N TYR B 108 -23.90 51.56 7.27
CA TYR B 108 -24.89 50.77 7.99
C TYR B 108 -26.26 50.89 7.35
N ASP B 109 -26.61 52.07 6.82
CA ASP B 109 -27.85 52.21 6.09
C ASP B 109 -27.86 51.35 4.83
N ARG B 110 -26.73 51.28 4.12
CA ARG B 110 -26.63 50.41 2.97
C ARG B 110 -26.79 48.95 3.37
N ILE B 111 -26.17 48.54 4.49
CA ILE B 111 -26.30 47.18 4.97
C ILE B 111 -27.76 46.85 5.27
N LEU B 112 -28.45 47.77 5.97
CA LEU B 112 -29.85 47.54 6.30
C LEU B 112 -30.72 47.50 5.06
N GLN B 113 -30.39 48.31 4.05
CA GLN B 113 -31.15 48.27 2.80
C GLN B 113 -30.96 46.95 2.08
N GLU B 114 -29.74 46.42 2.07
CA GLU B 114 -29.51 45.12 1.45
C GLU B 114 -30.23 44.01 2.21
N ASP B 115 -30.19 44.04 3.54
CA ASP B 115 -30.84 43.03 4.38
C ASP B 115 -31.60 43.74 5.49
N PRO B 116 -32.94 43.68 5.48
CA PRO B 116 -33.70 44.44 6.48
C PRO B 116 -33.76 43.80 7.86
N THR B 117 -33.52 42.49 7.96
CA THR B 117 -33.61 41.79 9.24
C THR B 117 -32.26 41.64 9.92
N ASN B 118 -31.33 42.58 9.71
CA ASN B 118 -30.02 42.53 10.34
C ASN B 118 -30.04 43.29 11.66
N THR B 119 -29.30 42.78 12.64
CA THR B 119 -29.31 43.31 13.99
C THR B 119 -28.08 44.16 14.31
N ALA B 120 -26.89 43.73 13.86
CA ALA B 120 -25.66 44.39 14.26
C ALA B 120 -25.59 45.83 13.79
N ALA B 121 -26.16 46.14 12.62
CA ALA B 121 -26.11 47.51 12.11
C ALA B 121 -26.86 48.47 13.03
N ARG B 122 -28.02 48.05 13.53
CA ARG B 122 -28.78 48.89 14.46
C ARG B 122 -28.01 49.11 15.75
N LYS B 123 -27.36 48.07 16.27
CA LYS B 123 -26.55 48.21 17.48
C LYS B 123 -25.39 49.15 17.25
N ARG B 124 -24.76 49.09 16.08
CA ARG B 124 -23.65 49.99 15.80
C ARG B 124 -24.13 51.43 15.64
N LYS B 125 -25.31 51.63 15.06
CA LYS B 125 -25.87 52.98 14.99
C LYS B 125 -26.16 53.51 16.39
N ILE B 126 -26.67 52.66 17.28
CA ILE B 126 -26.90 53.07 18.66
C ILE B 126 -25.58 53.41 19.34
N ALA B 127 -24.53 52.64 19.06
CA ALA B 127 -23.21 52.93 19.61
C ALA B 127 -22.67 54.27 19.09
N ILE B 128 -22.91 54.55 17.81
CA ILE B 128 -22.52 55.84 17.24
C ILE B 128 -23.25 56.97 17.95
N ARG B 129 -24.55 56.80 18.19
CA ARG B 129 -25.31 57.79 18.93
C ARG B 129 -24.74 57.98 20.34
N LYS B 130 -24.35 56.89 20.99
CA LYS B 130 -23.84 56.97 22.35
C LYS B 130 -22.47 57.65 22.39
N ALA B 131 -21.66 57.45 21.34
CA ALA B 131 -20.31 57.99 21.33
C ALA B 131 -20.27 59.51 21.36
N GLN B 132 -21.33 60.17 20.91
CA GLN B 132 -21.37 61.62 20.85
C GLN B 132 -21.97 62.26 22.10
N GLY B 133 -22.37 61.46 23.09
CA GLY B 133 -22.97 61.99 24.29
C GLY B 133 -24.47 62.20 24.23
N LYS B 134 -25.10 61.92 23.10
CA LYS B 134 -26.54 62.09 22.94
C LYS B 134 -27.23 60.92 23.63
N ASN B 135 -27.47 61.09 24.93
CA ASN B 135 -28.00 59.99 25.74
C ASN B 135 -29.48 59.72 25.44
N VAL B 136 -30.29 60.76 25.33
CA VAL B 136 -31.73 60.57 25.17
C VAL B 136 -32.04 59.90 23.83
N GLU B 137 -31.37 60.32 22.76
CA GLU B 137 -31.59 59.69 21.46
C GLU B 137 -31.18 58.23 21.49
N ALA B 138 -30.06 57.92 22.14
CA ALA B 138 -29.63 56.53 22.25
C ALA B 138 -30.63 55.69 23.02
N ILE B 139 -31.17 56.24 24.12
CA ILE B 139 -32.17 55.51 24.90
C ILE B 139 -33.42 55.27 24.06
N ARG B 140 -33.87 56.29 23.32
CA ARG B 140 -35.05 56.12 22.49
C ARG B 140 -34.84 55.06 21.41
N GLU B 141 -33.68 55.11 20.74
CA GLU B 141 -33.41 54.14 19.69
C GLU B 141 -33.28 52.72 20.25
N LEU B 142 -32.67 52.58 21.43
CA LEU B 142 -32.58 51.27 22.05
C LEU B 142 -33.95 50.75 22.46
N ASN B 143 -34.82 51.64 22.95
CA ASN B 143 -36.19 51.24 23.27
C ASN B 143 -36.92 50.77 22.02
N GLU B 144 -36.75 51.48 20.91
CA GLU B 144 -37.39 51.07 19.67
C GLU B 144 -36.87 49.72 19.20
N TYR B 145 -35.55 49.51 19.28
CA TYR B 145 -34.97 48.23 18.87
C TYR B 145 -35.47 47.09 19.74
N LEU B 146 -35.55 47.31 21.05
CA LEU B 146 -36.09 46.29 21.94
C LEU B 146 -37.56 46.02 21.65
N GLU B 147 -38.31 47.07 21.29
CA GLU B 147 -39.69 46.87 20.86
C GLU B 147 -39.76 45.99 19.62
N GLN B 148 -38.85 46.19 18.66
CA GLN B 148 -38.84 45.34 17.47
C GLN B 148 -38.33 43.95 17.79
N PHE B 149 -37.15 43.84 18.40
CA PHE B 149 -36.50 42.56 18.68
C PHE B 149 -36.45 42.35 20.20
N VAL B 150 -37.49 41.70 20.73
CA VAL B 150 -37.48 41.33 22.14
C VAL B 150 -36.66 40.05 22.33
N GLY B 151 -36.32 39.76 23.58
CA GLY B 151 -35.57 38.58 23.92
C GLY B 151 -34.07 38.67 23.76
N ASP B 152 -33.54 39.87 23.53
CA ASP B 152 -32.09 40.09 23.42
C ASP B 152 -31.58 40.61 24.75
N GLN B 153 -30.82 39.79 25.47
CA GLN B 153 -30.43 40.11 26.83
C GLN B 153 -29.34 41.20 26.88
N GLU B 154 -28.45 41.23 25.89
CA GLU B 154 -27.43 42.27 25.87
C GLU B 154 -28.06 43.65 25.80
N ALA B 155 -29.09 43.82 24.96
CA ALA B 155 -29.76 45.10 24.85
C ALA B 155 -30.45 45.48 26.16
N TRP B 156 -31.07 44.50 26.83
CA TRP B 156 -31.72 44.78 28.11
C TRP B 156 -30.69 45.23 29.14
N HIS B 157 -29.54 44.56 29.21
CA HIS B 157 -28.53 44.95 30.17
C HIS B 157 -27.96 46.33 29.85
N GLU B 158 -27.74 46.61 28.56
CA GLU B 158 -27.24 47.92 28.18
C GLU B 158 -28.24 49.02 28.53
N LEU B 159 -29.53 48.78 28.28
CA LEU B 159 -30.55 49.76 28.64
C LEU B 159 -30.61 49.96 30.14
N ALA B 160 -30.47 48.88 30.91
CA ALA B 160 -30.44 49.02 32.35
C ALA B 160 -29.26 49.86 32.80
N GLU B 161 -28.09 49.64 32.22
CA GLU B 161 -26.92 50.44 32.56
C GLU B 161 -27.12 51.90 32.19
N LEU B 162 -27.69 52.17 31.02
CA LEU B 162 -27.92 53.54 30.60
C LEU B 162 -28.91 54.24 31.53
N TYR B 163 -29.96 53.54 31.95
CA TYR B 163 -30.92 54.10 32.89
C TYR B 163 -30.27 54.35 34.25
N ILE B 164 -29.36 53.46 34.68
CA ILE B 164 -28.64 53.67 35.92
C ILE B 164 -27.79 54.93 35.84
N ASN B 165 -27.12 55.13 34.70
CA ASN B 165 -26.28 56.32 34.55
C ASN B 165 -27.08 57.61 34.56
N GLU B 166 -28.38 57.57 34.33
CA GLU B 166 -29.22 58.76 34.30
C GLU B 166 -29.99 58.96 35.60
N HIS B 167 -29.68 58.19 36.63
CA HIS B 167 -30.34 58.30 37.94
C HIS B 167 -31.85 58.09 37.83
N ASP B 168 -32.25 57.15 36.97
CA ASP B 168 -33.64 56.71 36.86
C ASP B 168 -33.65 55.23 37.22
N TYR B 169 -34.08 54.91 38.44
CA TYR B 169 -33.87 53.58 38.99
C TYR B 169 -35.07 52.65 38.86
N ALA B 170 -36.29 53.18 38.72
CA ALA B 170 -37.45 52.32 38.58
C ALA B 170 -37.40 51.53 37.27
N LYS B 171 -37.08 52.21 36.17
CA LYS B 171 -36.99 51.52 34.89
C LYS B 171 -35.78 50.60 34.83
N ALA B 172 -34.68 50.98 35.49
CA ALA B 172 -33.54 50.08 35.60
C ALA B 172 -33.90 48.82 36.37
N ALA B 173 -34.68 48.98 37.45
CA ALA B 173 -35.15 47.82 38.21
C ALA B 173 -36.06 46.95 37.36
N PHE B 174 -36.92 47.57 36.55
CA PHE B 174 -37.77 46.80 35.64
C PHE B 174 -36.94 46.00 34.64
N CYS B 175 -35.92 46.62 34.06
CA CYS B 175 -35.05 45.92 33.13
C CYS B 175 -34.30 44.79 33.81
N LEU B 176 -33.84 45.01 35.04
CA LEU B 176 -33.15 43.96 35.78
C LEU B 176 -34.09 42.82 36.13
N GLU B 177 -35.37 43.12 36.41
CA GLU B 177 -36.36 42.07 36.61
C GLU B 177 -36.54 41.27 35.33
N GLU B 178 -36.60 41.95 34.19
CA GLU B 178 -36.72 41.25 32.91
C GLU B 178 -35.53 40.34 32.67
N LEU B 179 -34.32 40.80 32.98
CA LEU B 179 -33.14 39.97 32.85
C LEU B 179 -33.17 38.79 33.82
N MET B 180 -33.58 39.04 35.07
CA MET B 180 -33.58 38.00 36.08
C MET B 180 -34.60 36.92 35.79
N MET B 181 -35.71 37.28 35.13
CA MET B 181 -36.74 36.29 34.83
C MET B 181 -36.22 35.21 33.89
N THR B 182 -35.42 35.59 32.91
CA THR B 182 -34.88 34.61 31.96
C THR B 182 -33.78 33.77 32.58
N ASN B 183 -33.00 34.32 33.52
CA ASN B 183 -31.86 33.63 34.11
C ASN B 183 -32.01 33.63 35.62
N PRO B 184 -32.86 32.76 36.17
CA PRO B 184 -33.07 32.74 37.62
C PRO B 184 -31.94 32.09 38.40
N HIS B 185 -30.96 31.49 37.74
CA HIS B 185 -29.87 30.80 38.40
C HIS B 185 -28.60 31.65 38.48
N ASN B 186 -28.65 32.91 38.05
CA ASN B 186 -27.50 33.79 38.07
C ASN B 186 -27.61 34.75 39.25
N HIS B 187 -26.63 34.70 40.15
CA HIS B 187 -26.65 35.51 41.36
C HIS B 187 -26.25 36.95 41.11
N LEU B 188 -25.50 37.23 40.03
CA LEU B 188 -25.05 38.59 39.77
C LEU B 188 -26.23 39.51 39.49
N TYR B 189 -27.21 39.03 38.71
CA TYR B 189 -28.39 39.85 38.43
C TYR B 189 -29.18 40.15 39.70
N CYS B 190 -29.32 39.14 40.58
CA CYS B 190 -30.00 39.37 41.84
C CYS B 190 -29.26 40.37 42.70
N GLN B 191 -27.93 40.27 42.75
CA GLN B 191 -27.13 41.22 43.51
C GLN B 191 -27.31 42.64 42.99
N GLN B 192 -27.25 42.81 41.67
CA GLN B 192 -27.39 44.14 41.09
C GLN B 192 -28.79 44.70 41.30
N TYR B 193 -29.81 43.85 41.19
CA TYR B 193 -31.17 44.30 41.44
C TYR B 193 -31.35 44.71 42.90
N ALA B 194 -30.75 43.96 43.82
CA ALA B 194 -30.80 44.33 45.23
C ALA B 194 -30.11 45.67 45.46
N GLU B 195 -28.96 45.90 44.80
CA GLU B 195 -28.29 47.19 44.94
C GLU B 195 -29.16 48.33 44.41
N VAL B 196 -29.80 48.11 43.26
CA VAL B 196 -30.66 49.15 42.69
C VAL B 196 -31.84 49.44 43.62
N LYS B 197 -32.46 48.40 44.17
CA LYS B 197 -33.57 48.61 45.09
C LYS B 197 -33.12 49.30 46.36
N TYR B 198 -31.91 48.99 46.84
CA TYR B 198 -31.36 49.70 47.99
C TYR B 198 -31.19 51.19 47.67
N THR B 199 -30.65 51.50 46.50
CA THR B 199 -30.40 52.89 46.13
C THR B 199 -31.68 53.65 45.78
N GLN B 200 -32.76 52.93 45.46
CA GLN B 200 -33.95 53.60 44.92
C GLN B 200 -34.68 54.40 45.99
N GLY B 201 -35.19 53.72 47.02
CA GLY B 201 -36.10 54.40 47.92
C GLY B 201 -35.97 54.08 49.40
N GLY B 202 -37.12 53.84 50.05
CA GLY B 202 -37.16 53.78 51.50
C GLY B 202 -37.36 52.41 52.11
N LEU B 203 -38.47 52.24 52.83
CA LEU B 203 -38.63 51.08 53.72
C LEU B 203 -38.88 49.79 52.95
N GLU B 204 -39.96 49.75 52.16
CA GLU B 204 -40.27 48.55 51.41
C GLU B 204 -39.21 48.23 50.37
N ASN B 205 -38.60 49.26 49.78
CA ASN B 205 -37.49 49.04 48.87
C ASN B 205 -36.32 48.38 49.59
N LEU B 206 -36.04 48.82 50.83
CA LEU B 206 -35.01 48.19 51.63
C LEU B 206 -35.37 46.74 51.96
N GLU B 207 -36.65 46.48 52.21
CA GLU B 207 -37.08 45.11 52.48
C GLU B 207 -36.85 44.20 51.27
N LEU B 208 -37.20 44.69 50.08
CA LEU B 208 -36.95 43.93 48.86
C LEU B 208 -35.45 43.75 48.62
N SER B 209 -34.66 44.79 48.92
CA SER B 209 -33.21 44.69 48.76
C SER B 209 -32.63 43.61 49.68
N ARG B 210 -33.10 43.58 50.93
CA ARG B 210 -32.65 42.55 51.85
C ARG B 210 -33.06 41.16 51.37
N LYS B 211 -34.30 41.03 50.89
CA LYS B 211 -34.77 39.74 50.38
C LYS B 211 -33.91 39.25 49.24
N TYR B 212 -33.60 40.12 48.28
CA TYR B 212 -32.84 39.68 47.12
C TYR B 212 -31.36 39.51 47.43
N PHE B 213 -30.82 40.26 48.39
CA PHE B 213 -29.48 39.97 48.87
C PHE B 213 -29.42 38.59 49.50
N ALA B 214 -30.43 38.23 50.30
CA ALA B 214 -30.48 36.90 50.87
C ALA B 214 -30.59 35.83 49.79
N GLN B 215 -31.41 36.08 48.77
CA GLN B 215 -31.54 35.13 47.67
C GLN B 215 -30.21 34.95 46.94
N ALA B 216 -29.51 36.06 46.65
CA ALA B 216 -28.23 35.99 45.97
C ALA B 216 -27.21 35.23 46.80
N LEU B 217 -27.18 35.47 48.11
CA LEU B 217 -26.26 34.74 48.99
C LEU B 217 -26.63 33.26 49.05
N LYS B 218 -27.91 32.94 48.96
CA LYS B 218 -28.32 31.53 48.92
C LYS B 218 -27.86 30.85 47.65
N LEU B 219 -27.95 31.56 46.51
CA LEU B 219 -27.51 30.98 45.25
C LEU B 219 -26.01 30.70 45.25
N ASN B 220 -25.22 31.65 45.75
CA ASN B 220 -23.78 31.47 45.85
C ASN B 220 -23.32 31.93 47.23
N ASN B 221 -22.59 31.06 47.92
CA ASN B 221 -22.13 31.33 49.28
C ASN B 221 -20.80 32.06 49.33
N ARG B 222 -20.19 32.35 48.18
CA ARG B 222 -18.92 33.05 48.12
C ARG B 222 -19.08 34.53 47.82
N ASN B 223 -20.31 35.02 47.69
CA ASN B 223 -20.56 36.41 47.29
C ASN B 223 -20.45 37.30 48.52
N MET B 224 -19.31 37.99 48.65
CA MET B 224 -19.11 38.87 49.79
C MET B 224 -19.91 40.16 49.68
N ARG B 225 -20.12 40.65 48.45
CA ARG B 225 -20.96 41.83 48.25
C ARG B 225 -22.37 41.59 48.76
N ALA B 226 -22.93 40.40 48.47
CA ALA B 226 -24.27 40.09 48.95
C ALA B 226 -24.33 40.07 50.46
N LEU B 227 -23.31 39.51 51.11
CA LEU B 227 -23.29 39.45 52.57
C LEU B 227 -23.20 40.85 53.18
N PHE B 228 -22.31 41.69 52.64
CA PHE B 228 -22.21 43.06 53.14
C PHE B 228 -23.51 43.82 52.94
N GLY B 229 -24.13 43.67 51.77
CA GLY B 229 -25.39 44.34 51.51
C GLY B 229 -26.50 43.87 52.43
N LEU B 230 -26.55 42.56 52.70
CA LEU B 230 -27.54 42.01 53.62
C LEU B 230 -27.36 42.60 55.01
N TYR B 231 -26.12 42.63 55.51
CA TYR B 231 -25.87 43.20 56.82
C TYR B 231 -26.26 44.67 56.88
N MET B 232 -25.86 45.44 55.86
CA MET B 232 -26.15 46.87 55.85
C MET B 232 -27.65 47.13 55.79
N SER B 233 -28.37 46.38 54.94
CA SER B 233 -29.81 46.57 54.82
C SER B 233 -30.53 46.18 56.10
N ALA B 234 -30.13 45.07 56.73
CA ALA B 234 -30.75 44.69 57.98
C ALA B 234 -30.52 45.74 59.06
N SER B 235 -29.29 46.26 59.15
CA SER B 235 -29.01 47.30 60.14
C SER B 235 -29.81 48.57 59.85
N HIS B 236 -29.93 48.94 58.58
CA HIS B 236 -30.68 50.14 58.22
C HIS B 236 -32.16 49.98 58.56
N ILE B 237 -32.74 48.82 58.26
CA ILE B 237 -34.16 48.59 58.54
C ILE B 237 -34.41 48.54 60.04
N ALA B 238 -33.47 47.94 60.79
CA ALA B 238 -33.67 47.79 62.23
C ALA B 238 -33.76 49.14 62.93
N SER B 239 -32.94 50.11 62.52
CA SER B 239 -32.88 51.40 63.18
C SER B 239 -33.92 52.40 62.66
N ASN B 240 -34.74 52.00 61.69
CA ASN B 240 -35.74 52.91 61.16
C ASN B 240 -36.79 53.21 62.23
N PRO B 241 -37.10 54.48 62.49
CA PRO B 241 -38.06 54.82 63.54
C PRO B 241 -39.52 54.65 63.17
N LYS B 242 -39.82 54.02 62.03
CA LYS B 242 -41.19 53.79 61.59
C LYS B 242 -41.41 52.32 61.27
N ALA B 243 -40.98 51.44 62.16
CA ALA B 243 -41.15 50.01 62.00
C ALA B 243 -41.68 49.40 63.29
N SER B 244 -42.39 48.28 63.15
CA SER B 244 -42.95 47.58 64.30
C SER B 244 -41.84 46.83 65.04
N ALA B 245 -42.16 46.42 66.27
CA ALA B 245 -41.17 45.74 67.11
C ALA B 245 -40.76 44.39 66.53
N LYS B 246 -41.72 43.66 65.95
CA LYS B 246 -41.42 42.34 65.39
C LYS B 246 -40.39 42.45 64.26
N THR B 247 -40.62 43.38 63.33
CA THR B 247 -39.67 43.59 62.25
C THR B 247 -38.33 44.06 62.79
N LYS B 248 -38.36 44.89 63.82
CA LYS B 248 -37.11 45.40 64.40
C LYS B 248 -36.27 44.27 64.97
N LYS B 249 -36.89 43.36 65.72
CA LYS B 249 -36.13 42.25 66.31
C LYS B 249 -35.69 41.26 65.25
N ASP B 250 -36.52 41.03 64.22
CA ASP B 250 -36.11 40.14 63.13
C ASP B 250 -34.89 40.70 62.41
N ASN B 251 -34.89 42.00 62.13
CA ASN B 251 -33.75 42.62 61.46
C ASN B 251 -32.53 42.64 62.35
N MET B 252 -32.70 42.81 63.66
CA MET B 252 -31.56 42.73 64.57
C MET B 252 -30.93 41.34 64.55
N LYS B 253 -31.78 40.30 64.55
CA LYS B 253 -31.28 38.93 64.46
C LYS B 253 -30.54 38.70 63.15
N TYR B 254 -31.11 39.19 62.05
CA TYR B 254 -30.47 39.04 60.75
C TYR B 254 -29.11 39.74 60.74
N ALA B 255 -29.03 40.94 61.28
CA ALA B 255 -27.78 41.68 61.32
C ALA B 255 -26.74 40.97 62.18
N SER B 256 -27.16 40.41 63.31
CA SER B 256 -26.23 39.68 64.17
C SER B 256 -25.66 38.48 63.44
N TRP B 257 -26.52 37.71 62.77
CA TRP B 257 -26.04 36.55 62.02
C TRP B 257 -25.09 36.98 60.90
N ALA B 258 -25.44 38.05 60.19
CA ALA B 258 -24.59 38.53 59.10
C ALA B 258 -23.22 38.97 59.63
N ALA B 259 -23.19 39.67 60.76
CA ALA B 259 -21.93 40.10 61.35
C ALA B 259 -21.09 38.91 61.77
N SER B 260 -21.71 37.90 62.38
CA SER B 260 -20.97 36.69 62.74
C SER B 260 -20.36 36.01 61.53
N GLN B 261 -21.15 35.90 60.45
CA GLN B 261 -20.63 35.27 59.23
C GLN B 261 -19.49 36.09 58.62
N ILE B 262 -19.60 37.41 58.64
CA ILE B 262 -18.53 38.26 58.12
C ILE B 262 -17.26 38.06 58.91
N ASN B 263 -17.38 38.02 60.24
CA ASN B 263 -16.20 37.84 61.09
C ASN B 263 -15.55 36.47 60.84
N ARG B 264 -16.38 35.43 60.71
CA ARG B 264 -15.83 34.10 60.43
C ARG B 264 -15.13 34.07 59.06
N ALA B 265 -15.72 34.73 58.07
CA ALA B 265 -15.11 34.77 56.74
C ALA B 265 -13.78 35.49 56.76
N TYR B 266 -13.70 36.61 57.49
CA TYR B 266 -12.43 37.34 57.57
C TYR B 266 -11.38 36.56 58.35
N GLN B 267 -11.79 35.83 59.39
CA GLN B 267 -10.84 34.94 60.07
C GLN B 267 -10.33 33.85 59.13
N PHE B 268 -11.23 33.28 58.33
CA PHE B 268 -10.82 32.28 57.33
C PHE B 268 -9.83 32.88 56.35
N ALA B 269 -10.09 34.11 55.89
CA ALA B 269 -9.18 34.77 54.96
C ALA B 269 -7.82 35.02 55.60
N GLY B 270 -7.81 35.47 56.85
CA GLY B 270 -6.56 35.74 57.53
C GLY B 270 -5.77 34.50 57.89
N ARG B 271 -6.44 33.35 58.00
CA ARG B 271 -5.74 32.11 58.33
C ARG B 271 -4.73 31.74 57.25
N SER B 272 -5.12 31.87 55.98
CA SER B 272 -4.24 31.44 54.89
C SER B 272 -3.10 32.42 54.67
N LYS B 273 -3.42 33.65 54.31
CA LYS B 273 -2.42 34.68 54.06
C LYS B 273 -2.30 35.59 55.28
N LYS B 274 -1.07 35.90 55.66
CA LYS B 274 -0.78 36.63 56.89
C LYS B 274 -0.64 38.12 56.57
N GLU B 275 -1.72 38.87 56.78
CA GLU B 275 -1.68 40.32 56.72
C GLU B 275 -2.23 40.96 57.98
N THR B 276 -3.30 40.39 58.56
CA THR B 276 -3.84 40.83 59.84
C THR B 276 -4.11 42.33 59.89
N LYS B 277 -4.58 42.90 58.77
CA LYS B 277 -4.88 44.32 58.73
C LYS B 277 -6.36 44.63 58.69
N TYR B 278 -7.19 43.74 58.14
CA TYR B 278 -8.63 43.94 58.08
C TYR B 278 -9.37 43.17 59.17
N SER B 279 -8.83 42.02 59.59
CA SER B 279 -9.43 41.30 60.71
C SER B 279 -9.41 42.14 61.99
N LEU B 280 -8.38 43.00 62.14
CA LEU B 280 -8.35 43.96 63.22
C LEU B 280 -9.21 45.18 62.92
N LYS B 281 -9.63 45.36 61.67
CA LYS B 281 -10.38 46.53 61.23
C LYS B 281 -11.86 46.25 61.01
N ALA B 282 -12.19 45.12 60.39
CA ALA B 282 -13.61 44.78 60.19
C ALA B 282 -14.33 44.64 61.52
N VAL B 283 -13.63 44.20 62.57
CA VAL B 283 -14.26 44.07 63.88
C VAL B 283 -14.68 45.44 64.40
N GLU B 284 -13.84 46.46 64.19
CA GLU B 284 -14.20 47.81 64.60
C GLU B 284 -15.39 48.33 63.81
N ASP B 285 -15.44 48.02 62.51
CA ASP B 285 -16.60 48.40 61.71
C ASP B 285 -17.87 47.75 62.25
N MET B 286 -17.80 46.47 62.60
CA MET B 286 -18.96 45.78 63.16
C MET B 286 -19.37 46.37 64.49
N LEU B 287 -18.39 46.71 65.34
CA LEU B 287 -18.71 47.20 66.68
C LEU B 287 -19.31 48.60 66.63
N GLU B 288 -18.71 49.50 65.85
CA GLU B 288 -19.19 50.88 65.83
C GLU B 288 -20.55 51.02 65.15
N THR B 289 -20.93 50.06 64.32
CA THR B 289 -22.22 50.08 63.64
C THR B 289 -23.26 49.18 64.32
N LEU B 290 -22.96 48.69 65.51
CA LEU B 290 -23.88 47.80 66.21
C LEU B 290 -25.17 48.52 66.57
N GLN B 291 -26.25 47.76 66.66
CA GLN B 291 -27.59 48.29 66.90
C GLN B 291 -27.97 49.36 65.87
N PRO C 1 -17.85 -27.61 8.28
CA PRO C 1 -19.24 -27.96 8.55
C PRO C 1 -19.88 -28.75 7.41
N GLU C 2 -21.13 -28.43 7.09
CA GLU C 2 -21.84 -29.15 6.03
C GLU C 2 -21.22 -28.87 4.67
N LEU C 3 -21.01 -27.60 4.34
CA LEU C 3 -20.56 -27.19 3.02
C LEU C 3 -19.09 -26.80 3.05
N LEU C 4 -18.45 -26.92 1.89
CA LEU C 4 -17.08 -26.48 1.68
C LEU C 4 -17.12 -25.29 0.72
N LEU C 5 -16.56 -24.17 1.14
CA LEU C 5 -16.64 -22.92 0.40
C LEU C 5 -15.27 -22.52 -0.13
N ASP C 6 -15.27 -21.80 -1.25
CA ASP C 6 -14.04 -21.29 -1.83
C ASP C 6 -13.61 -20.03 -1.10
N SER C 7 -12.33 -19.95 -0.74
CA SER C 7 -11.83 -18.76 -0.04
C SER C 7 -11.91 -17.52 -0.91
N ASN C 8 -11.90 -17.69 -2.24
CA ASN C 8 -11.96 -16.54 -3.14
C ASN C 8 -13.27 -15.78 -2.98
N ILE C 9 -14.37 -16.50 -2.77
CA ILE C 9 -15.65 -15.82 -2.57
C ILE C 9 -15.61 -14.99 -1.30
N ARG C 10 -14.99 -15.51 -0.24
CA ARG C 10 -14.83 -14.76 0.99
C ARG C 10 -13.97 -13.51 0.75
N LEU C 11 -12.92 -13.64 -0.05
CA LEU C 11 -12.02 -12.52 -0.27
C LEU C 11 -12.63 -11.45 -1.17
N TRP C 12 -13.56 -11.83 -2.06
CA TRP C 12 -13.99 -10.91 -3.11
C TRP C 12 -15.48 -10.62 -3.15
N VAL C 13 -16.29 -11.15 -2.25
CA VAL C 13 -17.73 -10.87 -2.30
C VAL C 13 -18.20 -10.31 -0.97
N VAL C 14 -17.50 -10.65 0.11
CA VAL C 14 -17.94 -10.25 1.45
C VAL C 14 -17.54 -8.81 1.74
N LEU C 15 -16.24 -8.53 1.69
CA LEU C 15 -15.74 -7.19 2.01
C LEU C 15 -16.31 -6.10 1.11
N PRO C 16 -16.38 -6.26 -0.23
CA PRO C 16 -16.89 -5.17 -1.06
C PRO C 16 -18.28 -4.71 -0.69
N ILE C 17 -19.16 -5.60 -0.26
CA ILE C 17 -20.51 -5.19 0.16
C ILE C 17 -20.41 -4.22 1.33
N VAL C 18 -19.60 -4.55 2.33
CA VAL C 18 -19.47 -3.70 3.51
C VAL C 18 -18.87 -2.35 3.13
N ILE C 19 -17.82 -2.36 2.31
CA ILE C 19 -17.18 -1.11 1.91
C ILE C 19 -18.18 -0.24 1.16
N ILE C 20 -18.92 -0.83 0.22
CA ILE C 20 -19.85 -0.07 -0.59
C ILE C 20 -20.95 0.53 0.26
N THR C 21 -21.53 -0.25 1.17
CA THR C 21 -22.62 0.29 1.98
C THR C 21 -22.12 1.37 2.93
N PHE C 22 -20.93 1.18 3.51
CA PHE C 22 -20.36 2.20 4.39
C PHE C 22 -20.17 3.52 3.66
N PHE C 23 -19.50 3.48 2.51
CA PHE C 23 -19.22 4.73 1.81
C PHE C 23 -20.46 5.32 1.18
N VAL C 24 -21.44 4.49 0.80
CA VAL C 24 -22.71 5.01 0.31
C VAL C 24 -23.42 5.78 1.41
N GLY C 25 -23.44 5.24 2.63
CA GLY C 25 -24.03 5.95 3.74
C GLY C 25 -23.33 7.28 4.01
N MET C 26 -21.99 7.26 3.99
CA MET C 26 -21.24 8.50 4.22
C MET C 26 -21.55 9.55 3.15
N ILE C 27 -21.59 9.12 1.88
CA ILE C 27 -21.90 10.03 0.78
C ILE C 27 -23.31 10.57 0.93
N ARG C 28 -24.25 9.73 1.32
CA ARG C 28 -25.62 10.20 1.52
C ARG C 28 -25.68 11.26 2.60
N HIS C 29 -24.98 11.05 3.71
CA HIS C 29 -24.95 12.04 4.78
C HIS C 29 -24.38 13.37 4.28
N TYR C 30 -23.24 13.31 3.59
CA TYR C 30 -22.60 14.55 3.15
C TYR C 30 -23.44 15.28 2.11
N VAL C 31 -24.07 14.54 1.19
CA VAL C 31 -24.94 15.16 0.19
C VAL C 31 -26.15 15.78 0.86
N SER C 32 -26.75 15.09 1.83
CA SER C 32 -27.89 15.64 2.54
C SER C 32 -27.52 16.94 3.26
N ILE C 33 -26.32 16.98 3.84
CA ILE C 33 -25.85 18.23 4.45
C ILE C 33 -25.65 19.30 3.38
N LEU C 34 -25.19 18.92 2.19
CA LEU C 34 -24.83 19.90 1.18
C LEU C 34 -26.03 20.72 0.73
N LEU C 35 -27.18 20.07 0.51
CA LEU C 35 -28.36 20.79 0.04
C LEU C 35 -29.52 20.62 1.00
N GLN C 36 -29.29 20.85 2.30
CA GLN C 36 -30.32 20.57 3.30
C GLN C 36 -31.55 21.45 3.11
N SER C 37 -31.36 22.78 3.06
CA SER C 37 -32.48 23.71 2.99
C SER C 37 -31.94 25.13 2.89
N ASP C 38 -32.85 26.05 2.59
CA ASP C 38 -32.55 27.48 2.58
C ASP C 38 -33.87 28.22 2.86
N LYS C 39 -34.03 28.67 4.10
CA LYS C 39 -35.29 29.24 4.57
C LYS C 39 -35.11 30.70 4.95
N LYS C 40 -36.12 31.52 4.64
CA LYS C 40 -36.13 32.94 4.97
C LYS C 40 -37.43 33.29 5.65
N LEU C 41 -37.36 34.15 6.66
CA LEU C 41 -38.51 34.57 7.44
C LEU C 41 -38.60 36.09 7.47
N THR C 42 -39.83 36.61 7.42
CA THR C 42 -40.04 38.04 7.49
C THR C 42 -39.96 38.52 8.94
N GLN C 43 -39.90 39.84 9.10
CA GLN C 43 -39.68 40.44 10.42
C GLN C 43 -40.85 40.15 11.36
N GLU C 44 -42.09 40.20 10.84
CA GLU C 44 -43.25 39.98 11.69
C GLU C 44 -43.25 38.60 12.30
N GLN C 45 -42.85 37.59 11.53
CA GLN C 45 -42.84 36.22 12.04
C GLN C 45 -41.90 36.07 13.23
N VAL C 46 -40.65 36.55 13.09
CA VAL C 46 -39.69 36.40 14.17
C VAL C 46 -40.08 37.27 15.36
N SER C 47 -40.62 38.46 15.11
CA SER C 47 -41.08 39.31 16.21
C SER C 47 -42.18 38.64 17.00
N ASP C 48 -43.17 38.07 16.30
CA ASP C 48 -44.26 37.39 17.00
C ASP C 48 -43.77 36.15 17.74
N SER C 49 -42.83 35.41 17.14
CA SER C 49 -42.29 34.23 17.82
C SER C 49 -41.55 34.64 19.10
N GLN C 50 -40.78 35.72 19.05
CA GLN C 50 -40.09 36.19 20.25
C GLN C 50 -41.08 36.67 21.30
N VAL C 51 -42.17 37.31 20.88
CA VAL C 51 -43.20 37.73 21.83
C VAL C 51 -43.83 36.51 22.50
N LEU C 52 -44.13 35.48 21.71
CA LEU C 52 -44.71 34.26 22.28
C LEU C 52 -43.75 33.60 23.27
N ILE C 53 -42.46 33.56 22.92
CA ILE C 53 -41.47 32.97 23.82
C ILE C 53 -41.38 33.78 25.11
N ARG C 54 -41.44 35.11 25.01
CA ARG C 54 -41.41 35.96 26.20
C ARG C 54 -42.62 35.69 27.08
N SER C 55 -43.81 35.56 26.48
CA SER C 55 -45.01 35.28 27.25
C SER C 55 -44.92 33.93 27.94
N ARG C 56 -44.41 32.91 27.23
CA ARG C 56 -44.23 31.59 27.83
C ARG C 56 -43.25 31.65 28.99
N VAL C 57 -42.14 32.39 28.83
CA VAL C 57 -41.15 32.49 29.90
C VAL C 57 -41.73 33.23 31.09
N LEU C 58 -42.57 34.24 30.85
CA LEU C 58 -43.25 34.92 31.96
C LEU C 58 -44.14 33.94 32.72
N ARG C 59 -44.97 33.20 31.99
CA ARG C 59 -45.86 32.24 32.63
C ARG C 59 -45.08 31.20 33.42
N GLU C 60 -43.93 30.77 32.90
CA GLU C 60 -43.18 29.71 33.56
C GLU C 60 -42.41 30.22 34.78
N ASN C 61 -41.84 31.42 34.72
CA ASN C 61 -40.93 31.89 35.76
C ASN C 61 -41.36 33.24 36.36
N GLY C 62 -42.65 33.48 36.46
CA GLY C 62 -43.08 34.64 37.22
C GLY C 62 -42.96 34.53 38.73
N LYS C 63 -42.49 33.38 39.23
CA LYS C 63 -42.39 33.15 40.67
C LYS C 63 -41.05 33.59 41.26
N TYR C 64 -40.27 34.37 40.52
CA TYR C 64 -38.99 34.89 41.01
C TYR C 64 -38.93 36.41 41.03
N ILE C 65 -40.07 37.08 40.89
CA ILE C 65 -40.12 38.54 40.89
C ILE C 65 -41.20 38.97 41.87
N PRO C 66 -41.16 40.23 42.32
CA PRO C 66 -42.23 40.72 43.20
C PRO C 66 -43.59 40.63 42.51
N LYS C 67 -44.62 40.33 43.32
CA LYS C 67 -45.95 40.09 42.77
C LYS C 67 -46.49 41.30 42.02
N GLN C 68 -46.15 42.51 42.47
CA GLN C 68 -46.65 43.71 41.79
C GLN C 68 -46.16 43.77 40.35
N SER C 69 -44.88 43.48 40.13
CA SER C 69 -44.36 43.46 38.76
C SER C 69 -45.00 42.37 37.92
N PHE C 70 -45.21 41.19 38.52
CA PHE C 70 -45.85 40.09 37.80
C PHE C 70 -47.24 40.48 37.33
N LEU C 71 -48.03 41.10 38.22
CA LEU C 71 -49.38 41.50 37.85
C LEU C 71 -49.39 42.71 36.91
N THR C 72 -48.38 43.57 37.02
CA THR C 72 -48.23 44.66 36.05
C THR C 72 -47.99 44.13 34.65
N ARG C 73 -47.11 43.12 34.53
CA ARG C 73 -46.93 42.46 33.25
C ARG C 73 -48.16 41.67 32.85
N LYS C 74 -48.92 41.16 33.84
CA LYS C 74 -50.12 40.41 33.52
C LYS C 74 -51.27 41.32 33.10
N TYR C 75 -51.30 42.56 33.58
CA TYR C 75 -52.23 43.55 33.03
C TYR C 75 -51.92 43.80 31.57
N TYR C 76 -50.64 43.89 31.24
CA TYR C 76 -50.17 43.82 29.86
C TYR C 76 -50.41 42.40 29.32
N PHE C 77 -50.23 42.25 28.00
CA PHE C 77 -50.35 40.97 27.32
C PHE C 77 -51.79 40.47 27.25
N ASN C 78 -52.71 41.13 27.95
CA ASN C 78 -54.09 40.69 28.02
C ASN C 78 -55.02 41.69 27.37
N ASN C 79 -54.92 42.96 27.71
CA ASN C 79 -55.73 43.98 27.06
C ASN C 79 -55.08 44.50 25.78
N PRO C 80 -53.86 45.08 25.82
CA PRO C 80 -53.31 45.69 24.60
C PRO C 80 -52.84 44.66 23.57
N GLU C 81 -52.20 43.57 24.01
CA GLU C 81 -51.48 42.70 23.09
C GLU C 81 -52.32 41.52 22.59
N ASP C 82 -52.67 40.60 23.48
CA ASP C 82 -53.41 39.41 23.04
C ASP C 82 -54.89 39.72 22.91
N GLY C 83 -55.27 40.31 21.78
CA GLY C 83 -56.63 40.74 21.57
C GLY C 83 -56.67 42.05 20.80
N PHE C 84 -55.54 42.75 20.81
CA PHE C 84 -55.37 44.01 20.08
C PHE C 84 -56.47 45.02 20.42
N GLY C 110 -34.62 16.66 -2.59
CA GLY C 110 -34.33 16.74 -1.16
C GLY C 110 -34.48 15.41 -0.45
N ASN C 111 -35.58 14.70 -0.73
CA ASN C 111 -35.84 13.41 -0.10
C ASN C 111 -35.71 12.24 -1.06
N VAL C 112 -35.69 12.49 -2.37
CA VAL C 112 -35.52 11.41 -3.33
C VAL C 112 -34.19 10.71 -3.12
N THR C 113 -33.12 11.49 -2.96
CA THR C 113 -31.80 10.93 -2.70
C THR C 113 -31.69 10.33 -1.30
N ASN C 114 -32.66 10.58 -0.43
CA ASN C 114 -32.62 10.01 0.91
C ASN C 114 -33.03 8.55 0.95
N VAL C 115 -33.95 8.13 0.06
CA VAL C 115 -34.53 6.80 0.10
C VAL C 115 -34.31 6.04 -1.19
N LEU C 116 -34.52 6.68 -2.34
CA LEU C 116 -34.39 6.00 -3.62
C LEU C 116 -33.03 5.35 -3.84
N PRO C 117 -31.90 5.98 -3.51
CA PRO C 117 -30.61 5.28 -3.69
C PRO C 117 -30.51 3.97 -2.93
N MET C 118 -31.18 3.84 -1.78
CA MET C 118 -31.15 2.56 -1.07
C MET C 118 -31.71 1.44 -1.93
N ILE C 119 -32.91 1.65 -2.49
CA ILE C 119 -33.53 0.63 -3.35
C ILE C 119 -32.71 0.42 -4.61
N LEU C 120 -32.20 1.51 -5.20
CA LEU C 120 -31.42 1.37 -6.43
C LEU C 120 -30.15 0.54 -6.19
N ILE C 121 -29.44 0.82 -5.09
CA ILE C 121 -28.22 0.08 -4.79
C ILE C 121 -28.54 -1.37 -4.45
N GLY C 122 -29.66 -1.61 -3.73
CA GLY C 122 -30.05 -2.97 -3.46
C GLY C 122 -30.32 -3.75 -4.74
N GLY C 123 -31.04 -3.13 -5.68
CA GLY C 123 -31.30 -3.78 -6.95
C GLY C 123 -30.04 -4.03 -7.76
N TRP C 124 -29.13 -3.05 -7.77
CA TRP C 124 -27.88 -3.21 -8.50
C TRP C 124 -27.03 -4.34 -7.90
N ILE C 125 -26.98 -4.41 -6.58
CA ILE C 125 -26.22 -5.47 -5.92
C ILE C 125 -26.86 -6.83 -6.20
N ASN C 126 -28.19 -6.91 -6.14
CA ASN C 126 -28.87 -8.15 -6.49
C ASN C 126 -28.57 -8.55 -7.93
N MET C 127 -28.46 -7.57 -8.82
CA MET C 127 -28.16 -7.88 -10.22
C MET C 127 -26.74 -8.42 -10.39
N THR C 128 -25.76 -7.74 -9.80
CA THR C 128 -24.36 -8.02 -10.10
C THR C 128 -23.66 -8.91 -9.08
N PHE C 129 -24.35 -9.39 -8.05
CA PHE C 129 -23.71 -10.19 -7.01
C PHE C 129 -24.46 -11.45 -6.61
N SER C 130 -25.77 -11.54 -6.84
CA SER C 130 -26.55 -12.67 -6.34
C SER C 130 -26.17 -13.96 -7.05
N GLY C 131 -26.26 -15.07 -6.31
CA GLY C 131 -26.09 -16.37 -6.91
C GLY C 131 -25.26 -17.39 -6.14
N PHE C 132 -24.80 -17.04 -4.93
CA PHE C 132 -23.99 -17.96 -4.16
C PHE C 132 -24.20 -17.73 -2.67
N VAL C 133 -23.86 -18.75 -1.88
CA VAL C 133 -23.93 -18.65 -0.43
C VAL C 133 -22.87 -17.67 0.07
N THR C 134 -23.27 -16.78 0.98
CA THR C 134 -22.38 -15.76 1.51
C THR C 134 -21.80 -16.15 2.87
N THR C 135 -22.66 -16.37 3.86
CA THR C 135 -22.20 -16.70 5.21
C THR C 135 -23.35 -17.36 5.97
N LYS C 136 -23.09 -17.67 7.24
CA LYS C 136 -24.03 -18.38 8.09
C LYS C 136 -24.07 -17.74 9.47
N VAL C 137 -25.28 -17.56 10.01
CA VAL C 137 -25.45 -17.02 11.35
C VAL C 137 -25.12 -18.11 12.36
N PRO C 138 -24.62 -17.77 13.56
CA PRO C 138 -24.16 -18.80 14.49
C PRO C 138 -25.23 -19.31 15.45
N PHE C 139 -26.49 -18.96 15.23
CA PHE C 139 -27.53 -19.44 16.12
C PHE C 139 -28.64 -20.11 15.32
N PRO C 140 -29.24 -21.17 15.87
CA PRO C 140 -30.28 -21.90 15.14
C PRO C 140 -31.51 -21.03 14.93
N LEU C 141 -32.19 -21.28 13.82
CA LEU C 141 -33.41 -20.57 13.45
C LEU C 141 -34.47 -21.57 13.02
N THR C 142 -35.65 -21.05 12.68
CA THR C 142 -36.77 -21.85 12.24
C THR C 142 -36.99 -21.64 10.74
N LEU C 143 -37.97 -22.36 10.19
CA LEU C 143 -38.28 -22.27 8.77
C LEU C 143 -38.82 -20.90 8.39
N ARG C 144 -39.33 -20.13 9.35
CA ARG C 144 -39.84 -18.80 9.06
C ARG C 144 -38.74 -17.88 8.53
N PHE C 145 -37.50 -18.08 8.99
CA PHE C 145 -36.41 -17.21 8.57
C PHE C 145 -35.94 -17.52 7.15
N LYS C 146 -36.16 -18.74 6.68
CA LYS C 146 -35.61 -19.17 5.39
C LYS C 146 -36.06 -18.33 4.21
N PRO C 147 -37.34 -17.97 4.03
CA PRO C 147 -37.71 -17.19 2.83
C PRO C 147 -37.07 -15.82 2.76
N MET C 148 -36.58 -15.28 3.88
CA MET C 148 -36.02 -13.93 3.90
C MET C 148 -34.54 -13.90 3.59
N LEU C 149 -33.78 -14.90 4.03
CA LEU C 149 -32.33 -14.88 3.98
C LEU C 149 -31.75 -15.56 2.75
N GLN C 150 -32.58 -16.11 1.87
CA GLN C 150 -32.12 -16.91 0.74
C GLN C 150 -32.82 -16.49 -0.54
N GLN C 151 -32.82 -15.18 -0.81
CA GLN C 151 -33.55 -14.66 -1.96
C GLN C 151 -33.00 -15.20 -3.28
N GLY C 152 -31.67 -15.30 -3.40
CA GLY C 152 -31.06 -15.64 -4.66
C GLY C 152 -30.94 -17.12 -4.98
N ILE C 153 -30.62 -17.93 -3.96
CA ILE C 153 -30.39 -19.36 -4.20
C ILE C 153 -31.70 -20.05 -4.57
N GLU C 154 -31.56 -21.22 -5.19
CA GLU C 154 -32.71 -21.98 -5.69
C GLU C 154 -32.81 -23.36 -5.05
N LEU C 155 -32.12 -23.58 -3.94
CA LEU C 155 -32.21 -24.85 -3.24
C LEU C 155 -33.55 -24.94 -2.49
N LEU C 156 -33.83 -26.14 -2.00
CA LEU C 156 -35.11 -26.43 -1.35
C LEU C 156 -34.94 -26.84 0.11
N THR C 157 -34.04 -27.78 0.40
CA THR C 157 -33.88 -28.33 1.73
C THR C 157 -32.72 -27.72 2.50
N LEU C 158 -32.11 -26.65 2.00
CA LEU C 158 -31.01 -26.01 2.70
C LEU C 158 -31.49 -25.33 3.96
N ASP C 159 -30.64 -25.35 5.00
CA ASP C 159 -31.00 -24.74 6.28
C ASP C 159 -31.13 -23.23 6.13
N ALA C 160 -31.84 -22.62 7.09
CA ALA C 160 -32.10 -21.20 7.07
C ALA C 160 -30.94 -20.36 7.60
N SER C 161 -29.93 -20.99 8.20
CA SER C 161 -28.78 -20.23 8.70
C SER C 161 -27.95 -19.66 7.56
N TRP C 162 -27.82 -20.39 6.45
CA TRP C 162 -27.05 -19.90 5.31
C TRP C 162 -27.80 -18.77 4.62
N VAL C 163 -27.08 -17.70 4.29
CA VAL C 163 -27.69 -16.48 3.77
C VAL C 163 -27.18 -16.23 2.36
N SER C 164 -27.97 -15.46 1.60
CA SER C 164 -27.59 -15.02 0.26
C SER C 164 -26.92 -13.65 0.34
N SER C 165 -26.58 -13.11 -0.84
CA SER C 165 -25.87 -11.83 -0.88
C SER C 165 -26.78 -10.65 -0.56
N ALA C 166 -28.00 -10.65 -1.09
CA ALA C 166 -28.91 -9.53 -0.85
C ALA C 166 -29.32 -9.44 0.61
N SER C 167 -29.56 -10.59 1.25
CA SER C 167 -29.89 -10.58 2.68
C SER C 167 -28.72 -10.06 3.50
N TRP C 168 -27.49 -10.45 3.13
CA TRP C 168 -26.31 -9.93 3.81
C TRP C 168 -26.19 -8.42 3.63
N TYR C 169 -26.48 -7.93 2.41
CA TYR C 169 -26.43 -6.48 2.17
C TYR C 169 -27.45 -5.74 3.03
N PHE C 170 -28.68 -6.26 3.10
CA PHE C 170 -29.70 -5.59 3.90
C PHE C 170 -29.36 -5.64 5.39
N LEU C 171 -28.81 -6.77 5.85
CA LEU C 171 -28.39 -6.87 7.24
C LEU C 171 -27.28 -5.87 7.55
N ASN C 172 -26.31 -5.73 6.64
CA ASN C 172 -25.24 -4.77 6.83
C ASN C 172 -25.78 -3.34 6.84
N VAL C 173 -26.76 -3.05 5.98
CA VAL C 173 -27.37 -1.73 5.95
C VAL C 173 -28.05 -1.43 7.28
N PHE C 174 -28.81 -2.41 7.79
CA PHE C 174 -29.57 -2.17 9.02
C PHE C 174 -28.65 -2.11 10.25
N GLY C 175 -27.51 -2.79 10.22
CA GLY C 175 -26.65 -2.82 11.37
C GLY C 175 -25.51 -1.84 11.37
N LEU C 176 -25.78 -0.58 11.00
CA LEU C 176 -24.73 0.44 11.01
C LEU C 176 -25.20 1.78 11.57
N ARG C 177 -26.41 1.86 12.11
CA ARG C 177 -26.89 3.13 12.66
C ARG C 177 -26.02 3.60 13.82
N SER C 178 -25.72 2.69 14.74
CA SER C 178 -24.89 3.06 15.90
C SER C 178 -23.47 3.42 15.46
N ILE C 179 -22.93 2.70 14.48
CA ILE C 179 -21.58 3.02 13.99
C ILE C 179 -21.56 4.39 13.35
N TYR C 180 -22.59 4.72 12.56
CA TYR C 180 -22.67 6.06 11.98
C TYR C 180 -22.81 7.13 13.05
N SER C 181 -23.61 6.86 14.08
CA SER C 181 -23.77 7.83 15.16
C SER C 181 -22.47 8.02 15.93
N LEU C 182 -21.65 6.96 16.03
CA LEU C 182 -20.39 7.05 16.76
C LEU C 182 -19.33 7.78 15.96
N ILE C 183 -18.99 7.24 14.78
CA ILE C 183 -17.89 7.80 14.00
C ILE C 183 -18.21 9.13 13.35
N LEU C 184 -19.49 9.53 13.32
CA LEU C 184 -19.91 10.76 12.69
C LEU C 184 -20.74 11.58 13.66
N GLY C 185 -20.68 12.90 13.51
CA GLY C 185 -21.37 13.81 14.40
C GLY C 185 -22.87 13.65 14.45
N GLN C 186 -23.39 13.50 15.67
CA GLN C 186 -24.84 13.39 15.95
C GLN C 186 -25.38 12.18 15.19
N ASP C 187 -26.50 12.29 14.48
CA ASP C 187 -27.16 11.13 13.87
C ASP C 187 -27.68 11.53 12.50
N ASN C 188 -27.23 10.84 11.47
CA ASN C 188 -27.71 11.05 10.11
C ASN C 188 -27.30 9.84 9.27
N ALA C 189 -27.40 9.98 7.93
CA ALA C 189 -27.00 8.96 6.98
C ALA C 189 -27.89 7.71 7.05
N ALA C 190 -29.16 7.89 7.38
CA ALA C 190 -30.07 6.75 7.49
C ALA C 190 -31.50 7.23 7.37
N ASP C 191 -32.39 6.29 7.08
CA ASP C 191 -33.82 6.56 7.08
C ASP C 191 -34.36 6.48 8.50
N GLN C 192 -35.59 6.96 8.69
CA GLN C 192 -36.22 6.96 9.99
C GLN C 192 -36.49 5.53 10.47
N PRO C 208 -45.32 29.10 13.26
CA PRO C 208 -46.65 28.67 13.70
C PRO C 208 -47.64 28.55 12.55
N ALA C 209 -48.78 27.91 12.80
CA ALA C 209 -49.79 27.77 11.76
C ALA C 209 -50.56 29.07 11.56
N ASP C 210 -51.23 29.54 12.61
CA ASP C 210 -51.96 30.80 12.58
C ASP C 210 -51.55 31.64 13.78
N THR C 211 -51.19 32.90 13.54
CA THR C 211 -50.80 33.77 14.64
C THR C 211 -51.94 34.03 15.61
N ASN C 212 -53.15 34.22 15.08
CA ASN C 212 -54.30 34.48 15.94
C ASN C 212 -54.63 33.28 16.82
N LYS C 213 -54.53 32.07 16.27
CA LYS C 213 -54.78 30.88 17.07
C LYS C 213 -53.80 30.76 18.22
N ALA C 214 -52.50 31.00 17.93
CA ALA C 214 -51.49 30.94 18.98
C ALA C 214 -51.72 32.02 20.03
N PHE C 215 -52.11 33.23 19.58
CA PHE C 215 -52.40 34.30 20.51
C PHE C 215 -53.54 33.92 21.44
N LYS C 216 -54.62 33.37 20.88
CA LYS C 216 -55.75 32.96 21.71
C LYS C 216 -55.36 31.84 22.66
N THR C 217 -54.57 30.87 22.19
CA THR C 217 -54.15 29.77 23.04
C THR C 217 -53.32 30.27 24.22
N GLU C 218 -52.37 31.17 23.96
CA GLU C 218 -51.55 31.71 25.03
C GLU C 218 -52.37 32.59 25.97
N TRP C 219 -53.33 33.35 25.43
CA TRP C 219 -54.20 34.16 26.28
C TRP C 219 -55.01 33.28 27.23
N GLU C 220 -55.54 32.17 26.71
CA GLU C 220 -56.32 31.27 27.56
C GLU C 220 -55.43 30.55 28.57
N ALA C 221 -54.21 30.18 28.17
CA ALA C 221 -53.32 29.47 29.09
C ALA C 221 -52.82 30.38 30.21
N LEU C 222 -52.54 31.64 29.90
CA LEU C 222 -52.00 32.56 30.88
C LEU C 222 -53.04 33.02 31.89
N GLU C 223 -54.33 32.98 31.53
CA GLU C 223 -55.36 33.56 32.37
C GLU C 223 -55.53 32.80 33.69
N LEU C 224 -55.17 31.52 33.73
CA LEU C 224 -55.38 30.69 34.91
C LEU C 224 -54.13 30.55 35.76
N THR C 225 -53.10 31.36 35.50
CA THR C 225 -51.87 31.32 36.27
C THR C 225 -51.89 32.41 37.35
N ASP C 226 -51.43 32.06 38.54
CA ASP C 226 -51.43 32.97 39.67
C ASP C 226 -50.04 33.01 40.30
N HIS C 227 -49.70 34.17 40.85
CA HIS C 227 -48.36 34.36 41.41
C HIS C 227 -48.17 33.56 42.69
N GLN C 228 -47.01 32.94 42.81
CA GLN C 228 -46.64 32.17 44.01
C GLN C 228 -45.16 32.47 44.29
N TRP C 229 -44.92 33.47 45.14
CA TRP C 229 -43.56 33.93 45.38
C TRP C 229 -42.72 32.83 46.02
N ALA C 230 -41.48 32.70 45.57
CA ALA C 230 -40.55 31.69 46.06
C ALA C 230 -39.52 32.24 47.03
N LEU C 231 -39.71 33.47 47.51
CA LEU C 231 -38.76 34.11 48.43
C LEU C 231 -39.41 34.45 49.77
N ASP C 232 -40.53 33.80 50.11
CA ASP C 232 -41.22 34.13 51.35
C ASP C 232 -40.40 33.78 52.58
N ASP C 233 -39.74 32.64 52.58
CA ASP C 233 -39.01 32.14 53.74
C ASP C 233 -37.57 31.81 53.38
N VAL C 234 -36.94 32.65 52.55
CA VAL C 234 -35.55 32.42 52.17
C VAL C 234 -34.63 32.68 53.37
N GLU C 235 -34.95 33.67 54.20
CA GLU C 235 -34.10 34.01 55.33
C GLU C 235 -33.98 32.85 56.30
N GLU C 236 -35.10 32.21 56.64
CA GLU C 236 -35.07 31.10 57.58
C GLU C 236 -34.26 29.94 57.04
N GLU C 237 -34.36 29.68 55.73
CA GLU C 237 -33.54 28.64 55.12
C GLU C 237 -32.06 28.99 55.19
N LEU C 238 -31.72 30.26 54.98
CA LEU C 238 -30.33 30.68 55.08
C LEU C 238 -29.79 30.53 56.50
N MET C 239 -30.61 30.89 57.49
CA MET C 239 -30.16 30.92 58.88
C MET C 239 -29.93 29.54 59.48
N ALA C 240 -30.33 28.48 58.78
CA ALA C 240 -30.26 27.13 59.36
C ALA C 240 -28.84 26.72 59.68
N LYS C 241 -27.90 27.01 58.78
CA LYS C 241 -26.53 26.53 58.91
C LYS C 241 -25.55 27.63 58.53
N ASP C 242 -24.29 27.42 58.91
CA ASP C 242 -23.24 28.36 58.54
C ASP C 242 -22.95 28.28 57.05
N LEU C 243 -22.37 29.35 56.52
CA LEU C 243 -22.03 29.41 55.11
C LEU C 243 -20.89 28.45 54.80
N HIS C 244 -20.85 28.01 53.53
CA HIS C 244 -19.90 27.01 53.09
C HIS C 244 -18.64 27.72 52.59
N PHE C 245 -17.81 28.14 53.54
CA PHE C 245 -16.54 28.80 53.25
C PHE C 245 -15.39 27.82 53.13
N GLU C 246 -15.67 26.57 52.81
CA GLU C 246 -14.64 25.54 52.68
C GLU C 246 -14.27 25.35 51.22
N GLY C 247 -12.98 25.17 50.97
CA GLY C 247 -12.48 25.01 49.61
C GLY C 247 -12.62 26.25 48.75
N MET C 248 -12.44 27.43 49.35
CA MET C 248 -12.49 28.69 48.62
C MET C 248 -11.19 29.46 48.63
N PHE C 249 -10.34 29.26 49.64
CA PHE C 249 -9.07 29.95 49.75
C PHE C 249 -7.89 29.01 49.49
N LYS C 250 -8.09 28.01 48.65
CA LYS C 250 -6.99 27.16 48.20
C LYS C 250 -6.23 27.89 47.10
N LYS C 251 -5.35 27.16 46.40
CA LYS C 251 -4.54 27.67 45.29
C LYS C 251 -3.87 29.00 45.64
N GLU C 252 -3.57 29.81 44.64
CA GLU C 252 -2.96 31.11 44.87
C GLU C 252 -3.52 32.11 43.86
N LEU C 253 -3.50 33.39 44.25
CA LEU C 253 -3.96 34.46 43.38
C LEU C 253 -3.14 34.47 42.08
N GLN C 254 -3.83 34.60 40.96
CA GLN C 254 -3.17 34.61 39.67
C GLN C 254 -2.31 35.87 39.51
N THR C 255 -1.13 35.70 38.93
CA THR C 255 -0.17 36.78 38.73
C THR C 255 -0.26 37.40 37.34
N SER C 256 -0.23 36.55 36.30
CA SER C 256 -0.27 37.03 34.93
C SER C 256 -0.96 35.97 34.07
N ILE C 257 -0.86 36.14 32.75
CA ILE C 257 -1.48 35.18 31.84
C ILE C 257 -0.75 33.83 31.93
N PHE C 258 -1.44 32.79 31.50
CA PHE C 258 -0.94 31.41 31.57
C PHE C 258 -0.58 31.03 33.00
N PRO D 1 -2.91 10.80 29.59
CA PRO D 1 -2.58 11.63 28.43
C PRO D 1 -2.81 10.90 27.11
N SER D 2 -1.76 10.78 26.30
CA SER D 2 -1.85 10.15 24.99
C SER D 2 -1.48 8.68 24.99
N LEU D 3 -1.16 8.10 26.15
CA LEU D 3 -0.79 6.69 26.21
C LEU D 3 -1.99 5.77 25.98
N TRP D 4 -3.20 6.24 26.27
CA TRP D 4 -4.38 5.40 26.09
C TRP D 4 -4.61 5.08 24.62
N LYS D 5 -4.30 6.02 23.72
CA LYS D 5 -4.40 5.73 22.30
C LYS D 5 -3.45 4.61 21.90
N GLY D 6 -2.20 4.65 22.39
CA GLY D 6 -1.28 3.57 22.12
C GLY D 6 -1.75 2.25 22.70
N LEU D 7 -2.33 2.29 23.91
CA LEU D 7 -2.83 1.08 24.54
C LEU D 7 -3.95 0.45 23.73
N VAL D 8 -4.91 1.27 23.29
CA VAL D 8 -6.04 0.72 22.52
C VAL D 8 -5.56 0.23 21.15
N GLY D 9 -4.58 0.92 20.55
CA GLY D 9 -4.01 0.43 19.30
C GLY D 9 -3.33 -0.92 19.46
N ILE D 10 -2.56 -1.07 20.54
CA ILE D 10 -1.91 -2.35 20.81
C ILE D 10 -2.94 -3.45 21.04
N GLY D 11 -4.01 -3.13 21.77
CA GLY D 11 -5.06 -4.11 21.99
C GLY D 11 -5.72 -4.54 20.69
N LEU D 12 -6.04 -3.58 19.82
CA LEU D 12 -6.64 -3.91 18.52
C LEU D 12 -5.70 -4.75 17.67
N PHE D 13 -4.40 -4.41 17.67
CA PHE D 13 -3.44 -5.19 16.92
C PHE D 13 -3.35 -6.62 17.45
N ALA D 14 -3.35 -6.78 18.76
CA ALA D 14 -3.30 -8.12 19.35
C ALA D 14 -4.56 -8.92 18.99
N LEU D 15 -5.72 -8.27 19.04
CA LEU D 15 -6.96 -8.96 18.67
C LEU D 15 -6.92 -9.39 17.21
N ALA D 16 -6.42 -8.52 16.32
CA ALA D 16 -6.30 -8.89 14.91
C ALA D 16 -5.34 -10.05 14.71
N HIS D 17 -4.22 -10.05 15.44
CA HIS D 17 -3.27 -11.15 15.34
C HIS D 17 -3.90 -12.46 15.82
N ALA D 18 -4.65 -12.40 16.92
CA ALA D 18 -5.35 -13.59 17.40
C ALA D 18 -6.37 -14.09 16.38
N ALA D 19 -7.08 -13.17 15.73
CA ALA D 19 -8.03 -13.56 14.69
C ALA D 19 -7.33 -14.26 13.54
N PHE D 20 -6.21 -13.71 13.09
CA PHE D 20 -5.45 -14.33 12.00
C PHE D 20 -4.95 -15.71 12.42
N SER D 21 -4.45 -15.84 13.65
CA SER D 21 -3.97 -17.12 14.14
C SER D 21 -5.08 -18.15 14.18
N ALA D 22 -6.26 -17.76 14.69
CA ALA D 22 -7.38 -18.69 14.75
C ALA D 22 -7.82 -19.13 13.36
N ALA D 23 -7.86 -18.18 12.41
CA ALA D 23 -8.24 -18.53 11.05
C ALA D 23 -7.22 -19.49 10.42
N GLN D 24 -5.93 -19.23 10.62
CA GLN D 24 -4.90 -20.11 10.08
C GLN D 24 -4.98 -21.49 10.69
N HIS D 25 -5.22 -21.57 12.00
CA HIS D 25 -5.34 -22.87 12.66
C HIS D 25 -6.54 -23.63 12.13
N ARG D 26 -7.68 -22.96 11.96
CA ARG D 26 -8.86 -23.63 11.41
C ARG D 26 -8.60 -24.13 10.00
N SER D 27 -7.96 -23.31 9.17
CA SER D 27 -7.66 -23.72 7.80
C SER D 27 -6.73 -24.92 7.76
N TYR D 28 -5.71 -24.94 8.63
CA TYR D 28 -4.84 -26.11 8.72
C TYR D 28 -5.61 -27.34 9.20
N MET D 29 -6.46 -27.17 10.20
CA MET D 29 -7.16 -28.32 10.77
C MET D 29 -8.13 -28.94 9.77
N ARG D 30 -8.81 -28.11 8.98
CA ARG D 30 -9.74 -28.66 7.99
C ARG D 30 -9.04 -29.50 6.94
N LEU D 31 -7.73 -29.28 6.73
CA LEU D 31 -6.98 -30.10 5.79
C LEU D 31 -6.81 -31.52 6.30
N THR D 32 -6.41 -31.67 7.56
CA THR D 32 -6.12 -32.98 8.12
C THR D 32 -7.38 -33.78 8.44
N GLU D 33 -8.55 -33.15 8.43
CA GLU D 33 -9.84 -33.83 8.65
C GLU D 33 -9.85 -34.52 10.01
N LYS D 34 -9.60 -33.73 11.05
CA LYS D 34 -9.64 -34.21 12.43
C LYS D 34 -10.85 -33.60 13.12
N GLU D 35 -11.74 -34.46 13.63
CA GLU D 35 -12.97 -34.02 14.28
C GLU D 35 -12.82 -33.87 15.79
N ASP D 36 -11.59 -33.68 16.28
CA ASP D 36 -11.36 -33.53 17.71
C ASP D 36 -11.77 -32.15 18.23
N GLU D 37 -11.85 -31.15 17.35
CA GLU D 37 -12.18 -29.77 17.73
C GLU D 37 -11.22 -29.26 18.81
N SER D 38 -9.95 -29.18 18.44
CA SER D 38 -8.90 -28.76 19.36
C SER D 38 -8.69 -27.26 19.21
N LEU D 39 -9.14 -26.49 20.20
CA LEU D 39 -8.91 -25.05 20.23
C LEU D 39 -7.79 -24.76 21.22
N PRO D 40 -6.63 -24.27 20.77
CA PRO D 40 -5.53 -24.01 21.70
C PRO D 40 -5.90 -22.99 22.77
N ILE D 41 -5.44 -23.25 23.99
CA ILE D 41 -5.79 -22.39 25.12
C ILE D 41 -5.09 -21.04 25.03
N ASP D 42 -3.86 -21.00 24.49
CA ASP D 42 -3.11 -19.76 24.44
C ASP D 42 -3.82 -18.72 23.59
N ILE D 43 -4.46 -19.14 22.50
CA ILE D 43 -5.18 -18.20 21.66
C ILE D 43 -6.36 -17.59 22.43
N VAL D 44 -7.08 -18.42 23.18
CA VAL D 44 -8.21 -17.92 23.97
C VAL D 44 -7.71 -16.93 25.02
N LEU D 45 -6.62 -17.27 25.71
CA LEU D 45 -6.08 -16.35 26.70
C LEU D 45 -5.65 -15.03 26.07
N GLN D 46 -4.99 -15.10 24.91
CA GLN D 46 -4.52 -13.89 24.25
C GLN D 46 -5.69 -13.01 23.83
N THR D 47 -6.73 -13.60 23.22
CA THR D 47 -7.84 -12.78 22.75
C THR D 47 -8.63 -12.20 23.92
N LEU D 48 -8.81 -12.97 25.01
CA LEU D 48 -9.49 -12.43 26.17
C LEU D 48 -8.72 -11.28 26.80
N LEU D 49 -7.40 -11.46 26.93
CA LEU D 49 -6.57 -10.39 27.49
C LEU D 49 -6.62 -9.15 26.62
N ALA D 50 -6.54 -9.32 25.29
CA ALA D 50 -6.59 -8.18 24.39
C ALA D 50 -7.93 -7.46 24.48
N PHE D 51 -9.03 -8.22 24.53
CA PHE D 51 -10.35 -7.61 24.66
C PHE D 51 -10.49 -6.83 25.96
N ALA D 52 -10.02 -7.41 27.07
CA ALA D 52 -10.12 -6.72 28.35
C ALA D 52 -9.28 -5.45 28.36
N VAL D 53 -8.04 -5.53 27.86
CA VAL D 53 -7.18 -4.36 27.83
C VAL D 53 -7.77 -3.28 26.94
N THR D 54 -8.29 -3.66 25.77
CA THR D 54 -8.86 -2.69 24.85
C THR D 54 -10.08 -2.01 25.45
N CYS D 55 -10.96 -2.78 26.11
CA CYS D 55 -12.14 -2.16 26.71
C CYS D 55 -11.75 -1.23 27.85
N TYR D 56 -10.78 -1.64 28.68
CA TYR D 56 -10.34 -0.76 29.77
C TYR D 56 -9.72 0.52 29.23
N GLY D 57 -8.92 0.41 28.17
CA GLY D 57 -8.32 1.59 27.58
C GLY D 57 -9.35 2.51 26.94
N ILE D 58 -10.36 1.92 26.29
CA ILE D 58 -11.33 2.74 25.57
C ILE D 58 -12.36 3.36 26.51
N VAL D 59 -12.50 2.80 27.72
CA VAL D 59 -13.42 3.41 28.67
C VAL D 59 -12.84 4.70 29.25
N HIS D 60 -11.54 4.94 29.09
CA HIS D 60 -10.88 6.10 29.66
C HIS D 60 -10.70 7.26 28.68
N ILE D 61 -11.19 7.14 27.45
CA ILE D 61 -11.03 8.18 26.45
C ILE D 61 -12.36 8.72 25.93
N ALA D 62 -13.49 8.19 26.41
CA ALA D 62 -14.78 8.64 25.93
C ALA D 62 -15.07 10.10 26.30
N GLY D 63 -14.38 10.62 27.31
CA GLY D 63 -14.59 11.98 27.75
C GLY D 63 -14.63 12.05 29.26
N GLU D 64 -15.16 13.16 29.77
CA GLU D 64 -15.33 13.36 31.19
C GLU D 64 -16.73 13.88 31.48
N PHE D 65 -17.29 13.47 32.61
CA PHE D 65 -18.62 13.94 32.99
C PHE D 65 -18.57 15.40 33.43
N LYS D 66 -19.74 16.02 33.46
CA LYS D 66 -19.88 17.39 33.92
C LYS D 66 -21.07 17.48 34.87
N ASP D 67 -20.96 18.36 35.85
CA ASP D 67 -22.00 18.50 36.86
C ASP D 67 -23.27 19.05 36.21
N MET D 68 -24.42 18.51 36.62
CA MET D 68 -25.69 18.97 36.08
C MET D 68 -26.24 20.18 36.80
N ASP D 69 -25.62 20.62 37.89
CA ASP D 69 -26.07 21.80 38.61
C ASP D 69 -25.80 23.04 37.77
N ALA D 70 -26.86 23.82 37.50
CA ALA D 70 -26.74 24.97 36.63
C ALA D 70 -25.90 26.08 37.26
N THR D 71 -25.80 26.12 38.58
CA THR D 71 -25.07 27.15 39.31
C THR D 71 -23.69 26.67 39.75
N SER D 72 -23.03 25.84 38.94
CA SER D 72 -21.73 25.29 39.30
C SER D 72 -20.57 26.00 38.64
N GLU D 73 -20.73 26.43 37.39
CA GLU D 73 -19.67 27.12 36.67
C GLU D 73 -19.68 28.64 36.88
N LEU D 74 -20.70 29.17 37.55
CA LEU D 74 -20.78 30.59 37.82
C LEU D 74 -20.19 30.99 39.17
N LYS D 75 -19.65 30.03 39.92
CA LYS D 75 -19.03 30.34 41.20
C LYS D 75 -17.78 31.20 41.04
N ASN D 76 -17.13 31.16 39.88
CA ASN D 76 -15.94 31.95 39.62
C ASN D 76 -16.19 33.12 38.68
N LYS D 77 -17.37 33.20 38.07
CA LYS D 77 -17.70 34.35 37.23
C LYS D 77 -17.76 35.62 38.07
N THR D 78 -17.25 36.71 37.51
CA THR D 78 -17.22 38.00 38.19
C THR D 78 -17.93 39.05 37.34
N PHE D 79 -18.28 40.16 37.99
CA PHE D 79 -19.02 41.21 37.30
C PHE D 79 -18.16 42.00 36.33
N ASP D 80 -16.83 41.84 36.38
CA ASP D 80 -15.96 42.54 35.45
C ASP D 80 -16.21 42.07 34.01
N THR D 81 -16.38 40.77 33.82
CA THR D 81 -16.62 40.21 32.49
C THR D 81 -18.09 40.17 32.11
N LEU D 82 -19.00 40.48 33.04
CA LEU D 82 -20.43 40.45 32.74
C LEU D 82 -20.93 41.77 32.20
N ARG D 83 -20.25 42.88 32.46
CA ARG D 83 -20.67 44.19 32.02
C ARG D 83 -20.11 44.56 30.65
N ASN D 84 -19.36 43.67 30.01
CA ASN D 84 -18.78 43.93 28.70
C ASN D 84 -19.74 43.45 27.62
N HIS D 85 -20.20 44.38 26.79
CA HIS D 85 -21.09 44.06 25.67
C HIS D 85 -20.36 44.28 24.36
N PRO D 86 -19.92 43.23 23.67
CA PRO D 86 -19.14 43.42 22.43
C PRO D 86 -19.89 44.18 21.34
N SER D 87 -21.22 44.11 21.34
CA SER D 87 -22.00 44.79 20.30
C SER D 87 -22.08 46.29 20.52
N PHE D 88 -21.85 46.78 21.74
CA PHE D 88 -21.96 48.19 22.04
C PHE D 88 -20.60 48.81 22.41
N TYR D 89 -19.52 48.24 21.89
CA TYR D 89 -18.20 48.79 22.15
C TYR D 89 -18.06 50.18 21.54
N VAL D 90 -17.39 51.06 22.27
CA VAL D 90 -17.06 52.41 21.79
C VAL D 90 -15.58 52.64 22.05
N PHE D 91 -14.90 53.23 21.07
CA PHE D 91 -13.46 53.43 21.12
C PHE D 91 -13.10 54.90 21.35
N ASN D 92 -13.91 55.60 22.15
CA ASN D 92 -13.69 57.01 22.46
C ASN D 92 -13.41 57.10 23.95
N HIS D 93 -12.14 56.95 24.31
CA HIS D 93 -11.72 56.98 25.70
C HIS D 93 -10.25 57.38 25.76
N ARG D 94 -9.64 57.23 26.93
CA ARG D 94 -8.27 57.63 27.16
C ARG D 94 -7.26 56.55 26.79
N GLY D 95 -7.72 55.37 26.35
CA GLY D 95 -6.78 54.36 25.91
C GLY D 95 -6.05 54.75 24.64
N ARG D 96 -6.74 55.46 23.74
CA ARG D 96 -6.09 55.94 22.52
C ARG D 96 -5.02 56.99 22.84
N VAL D 97 -5.32 57.88 23.78
CA VAL D 97 -4.38 58.95 24.13
C VAL D 97 -3.13 58.38 24.78
N LEU D 98 -3.31 57.42 25.69
CA LEU D 98 -2.17 56.89 26.44
C LEU D 98 -1.18 56.18 25.51
N PHE D 99 -1.68 55.41 24.55
CA PHE D 99 -0.85 54.64 23.63
C PHE D 99 -0.82 55.34 22.28
N ARG D 100 0.31 55.97 21.97
CA ARG D 100 0.55 56.64 20.69
C ARG D 100 -0.56 57.63 20.36
N PRO D 101 -0.62 58.79 21.04
CA PRO D 101 -1.66 59.80 20.78
C PRO D 101 -1.56 60.40 19.39
N PRO E 1 -31.31 18.87 42.78
CA PRO E 1 -30.93 20.25 42.46
C PRO E 1 -32.09 21.05 41.88
N PRO E 2 -32.33 22.24 42.44
CA PRO E 2 -33.46 23.06 41.93
C PRO E 2 -33.34 23.44 40.47
N PHE E 3 -32.12 23.64 39.96
CA PHE E 3 -31.90 24.07 38.58
C PHE E 3 -31.03 23.05 37.87
N ILE E 4 -31.43 22.67 36.66
CA ILE E 4 -30.75 21.65 35.88
C ILE E 4 -30.38 22.22 34.52
N SER E 5 -29.18 21.91 34.05
CA SER E 5 -28.70 22.34 32.74
C SER E 5 -28.78 21.17 31.77
N GLU E 6 -29.42 21.41 30.62
CA GLU E 6 -29.63 20.35 29.64
C GLU E 6 -28.33 19.93 28.96
N ALA E 7 -27.38 20.85 28.81
CA ALA E 7 -26.15 20.55 28.10
C ALA E 7 -25.36 19.44 28.80
N ALA E 8 -25.27 19.52 30.14
CA ALA E 8 -24.51 18.52 30.87
C ALA E 8 -25.14 17.13 30.75
N VAL E 9 -26.46 17.04 30.87
CA VAL E 9 -27.10 15.74 30.80
C VAL E 9 -27.02 15.18 29.38
N ARG E 10 -27.11 16.04 28.36
CA ARG E 10 -26.97 15.55 26.99
C ARG E 10 -25.55 15.08 26.71
N GLY E 11 -24.55 15.78 27.24
CA GLY E 11 -23.18 15.32 27.10
C GLY E 11 -22.94 13.99 27.80
N ASN E 12 -23.48 13.82 29.00
CA ASN E 12 -23.35 12.55 29.70
C ASN E 12 -24.02 11.42 28.92
N ALA E 13 -25.21 11.69 28.35
CA ALA E 13 -25.88 10.69 27.55
C ALA E 13 -25.06 10.32 26.31
N ALA E 14 -24.44 11.32 25.68
CA ALA E 14 -23.59 11.04 24.52
C ALA E 14 -22.41 10.17 24.91
N VAL E 15 -21.78 10.46 26.05
CA VAL E 15 -20.65 9.66 26.49
C VAL E 15 -21.08 8.22 26.76
N LEU E 16 -22.22 8.05 27.43
CA LEU E 16 -22.72 6.70 27.71
C LEU E 16 -23.01 5.95 26.42
N ASP E 17 -23.64 6.62 25.44
CA ASP E 17 -23.92 5.96 24.16
C ASP E 17 -22.65 5.56 23.45
N TYR E 18 -21.64 6.44 23.45
CA TYR E 18 -20.36 6.10 22.85
C TYR E 18 -19.77 4.85 23.48
N CYS E 19 -19.70 4.83 24.82
CA CYS E 19 -19.14 3.68 25.51
C CYS E 19 -19.91 2.40 25.20
N ARG E 20 -21.25 2.48 25.25
CA ARG E 20 -22.07 1.29 25.02
C ARG E 20 -21.88 0.74 23.62
N THR E 21 -21.93 1.62 22.61
CA THR E 21 -21.78 1.16 21.23
C THR E 21 -20.41 0.53 21.01
N SER E 22 -19.35 1.20 21.48
CA SER E 22 -18.01 0.68 21.25
C SER E 22 -17.80 -0.66 21.94
N VAL E 23 -18.25 -0.78 23.20
CA VAL E 23 -18.04 -2.02 23.92
C VAL E 23 -18.87 -3.14 23.32
N SER E 24 -20.09 -2.84 22.85
CA SER E 24 -20.91 -3.87 22.21
C SER E 24 -20.25 -4.38 20.94
N ALA E 25 -19.73 -3.46 20.12
CA ALA E 25 -19.05 -3.87 18.89
C ALA E 25 -17.83 -4.73 19.20
N LEU E 26 -17.03 -4.31 20.18
CA LEU E 26 -15.82 -5.07 20.51
C LEU E 26 -16.16 -6.45 21.08
N SER E 27 -17.20 -6.52 21.93
CA SER E 27 -17.62 -7.81 22.48
C SER E 27 -18.12 -8.74 21.39
N GLY E 28 -18.89 -8.20 20.44
CA GLY E 28 -19.31 -9.02 19.30
C GLY E 28 -18.13 -9.54 18.51
N ALA E 29 -17.14 -8.67 18.27
CA ALA E 29 -15.95 -9.09 17.52
C ALA E 29 -15.22 -10.22 18.24
N THR E 30 -14.99 -10.07 19.55
CA THR E 30 -14.23 -11.10 20.26
C THR E 30 -15.04 -12.38 20.42
N ALA E 31 -16.36 -12.28 20.56
CA ALA E 31 -17.18 -13.49 20.61
C ALA E 31 -17.14 -14.23 19.27
N GLY E 32 -17.17 -13.48 18.16
CA GLY E 32 -17.00 -14.12 16.87
C GLY E 32 -15.64 -14.79 16.73
N ILE E 33 -14.59 -14.13 17.22
CA ILE E 33 -13.25 -14.69 17.12
C ILE E 33 -13.13 -15.97 17.92
N LEU E 34 -13.69 -15.99 19.13
CA LEU E 34 -13.60 -17.17 19.98
C LEU E 34 -14.30 -18.38 19.39
N GLY E 35 -15.17 -18.19 18.40
CA GLY E 35 -15.89 -19.29 17.82
C GLY E 35 -17.10 -19.76 18.58
N LEU E 36 -17.49 -19.04 19.63
CA LEU E 36 -18.69 -19.41 20.38
C LEU E 36 -19.92 -19.30 19.49
N THR E 37 -20.90 -20.17 19.74
CA THR E 37 -22.11 -20.18 18.94
C THR E 37 -23.27 -20.61 19.82
N GLY E 38 -24.48 -20.24 19.40
CA GLY E 38 -25.67 -20.56 20.14
C GLY E 38 -25.86 -19.67 21.36
N LEU E 39 -26.88 -20.02 22.15
CA LEU E 39 -27.23 -19.23 23.32
C LEU E 39 -26.06 -19.11 24.30
N TYR E 40 -25.14 -20.08 24.27
CA TYR E 40 -23.93 -20.00 25.08
C TYR E 40 -23.22 -18.67 24.85
N GLY E 41 -23.01 -18.31 23.58
CA GLY E 41 -22.38 -17.04 23.27
C GLY E 41 -23.15 -15.86 23.84
N PHE E 42 -24.49 -15.95 23.82
CA PHE E 42 -25.31 -14.89 24.41
C PHE E 42 -24.87 -14.57 25.83
N ILE E 43 -24.57 -15.62 26.62
CA ILE E 43 -24.13 -15.39 27.99
C ILE E 43 -22.95 -14.44 28.03
N PHE E 44 -21.96 -14.70 27.16
CA PHE E 44 -20.78 -13.85 27.10
C PHE E 44 -21.18 -12.39 26.95
N TYR E 45 -22.11 -12.12 26.04
CA TYR E 45 -22.57 -10.75 25.82
C TYR E 45 -23.00 -10.11 27.13
N LEU E 46 -23.88 -10.79 27.88
CA LEU E 46 -24.34 -10.25 29.15
C LEU E 46 -23.15 -9.99 30.06
N LEU E 47 -22.24 -10.96 30.15
CA LEU E 47 -21.04 -10.76 30.96
C LEU E 47 -20.32 -9.48 30.55
N ALA E 48 -20.09 -9.32 29.25
CA ALA E 48 -19.41 -8.13 28.76
C ALA E 48 -20.14 -6.87 29.23
N SER E 49 -21.47 -6.87 29.09
CA SER E 49 -22.25 -5.72 29.52
C SER E 49 -21.96 -5.38 30.97
N VAL E 50 -21.98 -6.40 31.83
CA VAL E 50 -21.72 -6.17 33.25
C VAL E 50 -20.37 -5.50 33.42
N LEU E 51 -19.35 -6.03 32.73
CA LEU E 51 -18.02 -5.47 32.84
C LEU E 51 -18.05 -3.97 32.54
N LEU E 52 -18.71 -3.60 31.44
CA LEU E 52 -18.80 -2.19 31.08
C LEU E 52 -19.33 -1.37 32.25
N SER E 53 -20.47 -1.80 32.81
CA SER E 53 -21.07 -1.05 33.90
C SER E 53 -20.08 -0.88 35.04
N LEU E 54 -19.34 -1.94 35.37
CA LEU E 54 -18.38 -1.88 36.46
C LEU E 54 -17.37 -0.76 36.21
N LEU E 55 -16.83 -0.71 34.99
CA LEU E 55 -15.85 0.32 34.68
C LEU E 55 -16.47 1.71 34.81
N LEU E 56 -17.73 1.84 34.41
CA LEU E 56 -18.41 3.13 34.53
C LEU E 56 -18.40 3.60 35.98
N ILE E 57 -18.57 2.68 36.92
CA ILE E 57 -18.51 3.06 38.34
C ILE E 57 -17.15 3.68 38.65
N LEU E 58 -16.07 3.03 38.21
CA LEU E 58 -14.74 3.58 38.44
C LEU E 58 -14.57 4.91 37.72
N LYS E 59 -15.31 5.13 36.64
CA LYS E 59 -15.29 6.44 35.99
C LYS E 59 -16.10 7.45 36.81
N ALA E 60 -17.22 7.02 37.37
CA ALA E 60 -18.04 7.93 38.18
C ALA E 60 -17.43 8.13 39.56
N GLY E 61 -16.87 7.08 40.15
CA GLY E 61 -16.32 7.19 41.49
C GLY E 61 -17.41 7.52 42.50
N ARG E 62 -17.01 8.29 43.52
CA ARG E 62 -17.96 8.79 44.50
C ARG E 62 -18.66 10.03 43.93
N ARG E 63 -19.47 10.68 44.78
CA ARG E 63 -20.26 11.87 44.43
C ARG E 63 -20.94 11.75 43.08
N TRP E 64 -21.35 10.53 42.71
CA TRP E 64 -22.02 10.30 41.44
C TRP E 64 -23.34 11.05 41.33
N ASN E 65 -23.92 11.47 42.46
CA ASN E 65 -25.20 12.16 42.43
C ASN E 65 -25.12 13.50 41.69
N LYS E 66 -23.92 14.08 41.58
CA LYS E 66 -23.77 15.31 40.82
C LYS E 66 -24.03 15.07 39.34
N TYR E 67 -23.59 13.93 38.81
CA TYR E 67 -23.68 13.65 37.39
C TYR E 67 -25.01 13.02 36.99
N PHE E 68 -25.55 12.12 37.82
CA PHE E 68 -26.78 11.41 37.48
C PHE E 68 -27.70 11.36 38.68
N LYS E 69 -29.00 11.23 38.40
CA LYS E 69 -29.99 11.08 39.46
C LYS E 69 -29.91 9.71 40.10
N SER E 70 -29.77 8.66 39.29
CA SER E 70 -29.73 7.29 39.80
C SER E 70 -28.82 6.45 38.91
N ARG E 71 -28.40 5.31 39.44
CA ARG E 71 -27.53 4.40 38.70
C ARG E 71 -28.29 3.52 37.71
N ARG E 72 -29.62 3.57 37.71
CA ARG E 72 -30.38 2.73 36.78
C ARG E 72 -30.06 3.01 35.32
N PRO E 73 -30.00 4.26 34.86
CA PRO E 73 -29.50 4.48 33.49
C PRO E 73 -28.08 4.01 33.28
N LEU E 74 -27.24 4.08 34.32
CA LEU E 74 -25.86 3.65 34.19
C LEU E 74 -25.75 2.14 34.01
N PHE E 75 -26.72 1.39 34.52
CA PHE E 75 -26.72 -0.07 34.45
C PHE E 75 -27.50 -0.61 33.25
N THR E 76 -28.75 -0.19 33.10
CA THR E 76 -29.64 -0.72 32.07
C THR E 76 -29.90 0.29 30.96
N GLY E 77 -28.87 1.04 30.58
CA GLY E 77 -28.98 2.03 29.54
C GLY E 77 -28.45 1.51 28.21
N GLY E 78 -29.34 1.45 27.22
CA GLY E 78 -28.95 1.04 25.89
C GLY E 78 -28.63 -0.43 25.73
N LEU E 79 -29.63 -1.29 25.87
CA LEU E 79 -29.48 -2.73 25.66
C LEU E 79 -30.32 -3.21 24.47
N ILE E 80 -30.47 -2.37 23.45
CA ILE E 80 -31.26 -2.73 22.29
C ILE E 80 -30.39 -2.67 21.03
N GLY E 81 -29.90 -1.47 20.71
CA GLY E 81 -29.01 -1.33 19.58
C GLY E 81 -27.68 -2.04 19.78
N GLY E 82 -27.19 -2.05 21.02
CA GLY E 82 -25.96 -2.76 21.31
C GLY E 82 -26.05 -4.24 20.97
N LEU E 83 -27.21 -4.86 21.25
CA LEU E 83 -27.40 -6.26 20.89
C LEU E 83 -27.37 -6.45 19.38
N PHE E 84 -27.98 -5.52 18.64
CA PHE E 84 -27.98 -5.62 17.17
C PHE E 84 -26.57 -5.53 16.62
N THR E 85 -25.79 -4.55 17.10
CA THR E 85 -24.40 -4.45 16.66
C THR E 85 -23.61 -5.68 17.06
N TYR E 86 -23.86 -6.21 18.26
CA TYR E 86 -23.17 -7.39 18.74
C TYR E 86 -23.43 -8.58 17.82
N VAL E 87 -24.70 -8.83 17.49
CA VAL E 87 -25.02 -9.98 16.64
C VAL E 87 -24.48 -9.77 15.23
N LEU E 88 -24.52 -8.52 14.73
CA LEU E 88 -24.00 -8.27 13.39
C LEU E 88 -22.50 -8.57 13.31
N PHE E 89 -21.73 -8.02 14.25
CA PHE E 89 -20.29 -8.28 14.25
C PHE E 89 -19.99 -9.74 14.54
N TRP E 90 -20.79 -10.38 15.38
CA TRP E 90 -20.64 -11.81 15.65
C TRP E 90 -20.77 -12.62 14.37
N THR E 91 -21.84 -12.39 13.62
CA THR E 91 -22.03 -13.10 12.36
C THR E 91 -20.90 -12.80 11.39
N PHE E 92 -20.53 -11.53 11.27
CA PHE E 92 -19.48 -11.15 10.33
C PHE E 92 -18.17 -11.88 10.62
N LEU E 93 -17.71 -11.82 11.86
CA LEU E 93 -16.42 -12.41 12.18
C LEU E 93 -16.47 -13.94 12.21
N TYR E 94 -17.60 -14.51 12.67
CA TYR E 94 -17.71 -15.96 12.64
C TYR E 94 -17.70 -16.50 11.21
N GLY E 95 -18.39 -15.80 10.29
CA GLY E 95 -18.29 -16.17 8.89
C GLY E 95 -16.90 -15.97 8.33
N MET E 96 -16.21 -14.91 8.79
CA MET E 96 -14.88 -14.62 8.27
C MET E 96 -13.85 -15.64 8.73
N VAL E 97 -14.03 -16.23 9.92
CA VAL E 97 -12.98 -17.07 10.50
C VAL E 97 -13.32 -18.54 10.40
N HIS E 98 -14.40 -18.97 11.06
CA HIS E 98 -14.65 -20.40 11.19
C HIS E 98 -15.16 -21.02 9.89
N VAL E 99 -15.97 -20.27 9.14
CA VAL E 99 -16.36 -20.71 7.80
C VAL E 99 -15.16 -20.54 6.89
N TYR E 100 -15.20 -21.17 5.72
CA TYR E 100 -14.08 -21.18 4.77
C TYR E 100 -12.84 -21.81 5.41
N ASP F 1 -42.74 -61.42 -47.78
CA ASP F 1 -43.44 -60.45 -46.93
C ASP F 1 -42.47 -59.44 -46.36
N ARG F 2 -41.36 -59.20 -47.05
CA ARG F 2 -40.36 -58.23 -46.64
C ARG F 2 -40.34 -57.08 -47.63
N PHE F 3 -40.28 -55.85 -47.11
CA PHE F 3 -40.41 -54.66 -47.92
C PHE F 3 -39.31 -53.68 -47.58
N LYS F 4 -39.24 -52.59 -48.35
CA LYS F 4 -38.18 -51.60 -48.24
C LYS F 4 -38.77 -50.21 -48.16
N ILE F 5 -37.99 -49.29 -47.59
CA ILE F 5 -38.35 -47.88 -47.46
C ILE F 5 -37.29 -47.06 -48.20
N GLU F 6 -37.74 -46.17 -49.08
CA GLU F 6 -36.83 -45.37 -49.88
C GLU F 6 -37.06 -43.88 -49.59
N GLY F 7 -36.01 -43.08 -49.77
CA GLY F 7 -36.18 -41.66 -49.57
C GLY F 7 -34.94 -40.89 -49.95
N ARG F 8 -35.05 -39.57 -49.82
CA ARG F 8 -33.94 -38.65 -50.09
C ARG F 8 -33.83 -37.63 -48.98
N ALA F 9 -32.60 -37.12 -48.79
CA ALA F 9 -32.31 -36.11 -47.78
C ALA F 9 -31.50 -35.00 -48.43
N VAL F 10 -31.93 -33.75 -48.21
CA VAL F 10 -31.29 -32.58 -48.81
C VAL F 10 -31.09 -31.52 -47.73
N VAL F 11 -29.87 -31.00 -47.65
CA VAL F 11 -29.54 -29.88 -46.77
C VAL F 11 -29.39 -28.63 -47.64
N PRO F 12 -30.23 -27.61 -47.44
CA PRO F 12 -30.16 -26.43 -48.33
C PRO F 12 -28.88 -25.64 -48.12
N GLY F 13 -28.22 -25.31 -49.22
CA GLY F 13 -27.02 -24.51 -49.20
C GLY F 13 -25.73 -25.28 -49.08
N VAL F 14 -25.78 -26.59 -48.86
CA VAL F 14 -24.59 -27.42 -48.71
C VAL F 14 -24.72 -28.63 -49.64
N LYS F 15 -23.68 -28.88 -50.43
CA LYS F 15 -23.69 -30.03 -51.30
C LYS F 15 -23.51 -31.31 -50.48
N PRO F 16 -24.09 -32.42 -50.94
CA PRO F 16 -24.21 -33.61 -50.08
C PRO F 16 -22.89 -34.20 -49.61
N GLN F 17 -21.80 -34.03 -50.37
CA GLN F 17 -20.56 -34.74 -50.04
C GLN F 17 -19.91 -34.28 -48.74
N ASP F 18 -20.38 -33.17 -48.15
CA ASP F 18 -19.73 -32.62 -46.96
C ASP F 18 -20.27 -33.17 -45.66
N TRP F 19 -21.43 -33.86 -45.67
CA TRP F 19 -22.07 -34.27 -44.43
C TRP F 19 -22.54 -35.71 -44.39
N ILE F 20 -22.63 -36.40 -45.53
CA ILE F 20 -23.15 -37.77 -45.54
C ILE F 20 -22.24 -38.77 -44.86
N SER F 21 -20.98 -38.41 -44.62
CA SER F 21 -20.02 -39.35 -44.06
C SER F 21 -20.22 -39.59 -42.57
N ALA F 22 -21.07 -38.80 -41.90
CA ALA F 22 -21.30 -38.95 -40.46
C ALA F 22 -22.80 -38.88 -40.16
N ALA F 23 -23.59 -39.64 -40.91
CA ALA F 23 -25.03 -39.64 -40.73
C ALA F 23 -25.57 -41.06 -40.87
N ARG F 24 -26.72 -41.29 -40.25
CA ARG F 24 -27.44 -42.55 -40.37
C ARG F 24 -28.92 -42.27 -40.52
N VAL F 25 -29.67 -43.29 -40.95
CA VAL F 25 -31.12 -43.23 -40.95
C VAL F 25 -31.62 -44.39 -40.08
N LEU F 26 -32.44 -44.06 -39.08
CA LEU F 26 -32.93 -45.02 -38.11
C LEU F 26 -34.42 -45.24 -38.30
N VAL F 27 -34.81 -46.52 -38.26
CA VAL F 27 -36.20 -46.94 -38.34
C VAL F 27 -36.57 -47.60 -37.04
N ASP F 28 -37.58 -47.04 -36.35
CA ASP F 28 -38.09 -47.56 -35.08
C ASP F 28 -37.00 -47.58 -34.00
N GLY F 29 -36.17 -46.54 -33.98
CA GLY F 29 -35.21 -46.36 -32.91
C GLY F 29 -34.17 -47.47 -32.78
N GLU F 30 -33.26 -47.54 -33.74
CA GLU F 30 -32.17 -48.52 -33.83
C GLU F 30 -32.66 -49.92 -34.13
N GLU F 31 -33.97 -50.12 -34.34
CA GLU F 31 -34.46 -51.41 -34.79
C GLU F 31 -33.97 -51.73 -36.19
N HIS F 32 -33.94 -50.72 -37.07
CA HIS F 32 -33.36 -50.90 -38.40
C HIS F 32 -32.46 -49.71 -38.70
N VAL F 33 -31.32 -49.99 -39.34
CA VAL F 33 -30.28 -49.01 -39.58
C VAL F 33 -29.98 -48.95 -41.07
N GLY F 34 -29.82 -47.73 -41.58
CA GLY F 34 -29.45 -47.55 -42.97
C GLY F 34 -28.46 -46.41 -43.11
N PHE F 35 -27.79 -46.39 -44.27
CA PHE F 35 -26.76 -45.40 -44.56
C PHE F 35 -27.11 -44.67 -45.84
N LEU F 36 -26.58 -43.46 -45.96
CA LEU F 36 -26.88 -42.56 -47.07
C LEU F 36 -25.93 -42.82 -48.24
N LYS F 37 -26.44 -42.70 -49.45
CA LYS F 37 -25.63 -42.83 -50.65
C LYS F 37 -24.89 -41.52 -50.92
N THR F 38 -24.14 -41.49 -52.02
CA THR F 38 -23.31 -40.34 -52.34
C THR F 38 -24.17 -39.10 -52.61
N ASP F 39 -25.26 -39.26 -53.38
CA ASP F 39 -26.09 -38.13 -53.75
C ASP F 39 -27.08 -37.73 -52.66
N GLY F 40 -27.31 -38.57 -51.66
CA GLY F 40 -28.20 -38.26 -50.55
C GLY F 40 -29.34 -39.25 -50.37
N SER F 41 -29.69 -40.02 -51.41
CA SER F 41 -30.78 -40.97 -51.29
C SER F 41 -30.41 -42.12 -50.36
N PHE F 42 -31.43 -42.80 -49.84
CA PHE F 42 -31.23 -43.89 -48.92
C PHE F 42 -32.34 -44.91 -49.07
N VAL F 43 -32.02 -46.16 -48.76
CA VAL F 43 -32.95 -47.29 -48.84
C VAL F 43 -32.70 -48.21 -47.65
N VAL F 44 -33.77 -48.62 -46.99
CA VAL F 44 -33.71 -49.56 -45.87
C VAL F 44 -34.49 -50.81 -46.26
N HIS F 45 -33.93 -51.97 -45.95
CA HIS F 45 -34.49 -53.24 -46.42
C HIS F 45 -35.06 -54.05 -45.26
N ASP F 46 -35.91 -55.01 -45.62
CA ASP F 46 -36.47 -55.99 -44.69
C ASP F 46 -37.27 -55.32 -43.58
N ILE F 47 -38.34 -54.64 -44.00
CA ILE F 47 -39.28 -53.98 -43.09
C ILE F 47 -40.60 -54.73 -43.17
N PRO F 48 -41.03 -55.40 -42.10
CA PRO F 48 -42.34 -56.07 -42.12
C PRO F 48 -43.46 -55.05 -42.01
N SER F 49 -44.68 -55.53 -42.22
CA SER F 49 -45.87 -54.68 -42.19
C SER F 49 -46.10 -54.12 -40.79
N GLY F 50 -46.64 -52.92 -40.74
CA GLY F 50 -46.95 -52.29 -39.46
C GLY F 50 -46.86 -50.77 -39.58
N SER F 51 -46.41 -50.15 -38.50
CA SER F 51 -46.19 -48.72 -38.45
C SER F 51 -44.84 -48.44 -37.81
N TYR F 52 -44.09 -47.51 -38.39
CA TYR F 52 -42.74 -47.23 -37.92
C TYR F 52 -42.48 -45.73 -37.97
N VAL F 53 -41.46 -45.30 -37.24
CA VAL F 53 -41.00 -43.91 -37.23
C VAL F 53 -39.60 -43.89 -37.84
N VAL F 54 -39.43 -43.13 -38.92
CA VAL F 54 -38.17 -43.03 -39.64
C VAL F 54 -37.59 -41.64 -39.37
N GLU F 55 -36.29 -41.61 -39.04
CA GLU F 55 -35.61 -40.35 -38.80
C GLU F 55 -34.19 -40.43 -39.32
N VAL F 56 -33.57 -39.27 -39.51
CA VAL F 56 -32.20 -39.17 -39.97
C VAL F 56 -31.39 -38.48 -38.89
N VAL F 57 -30.31 -39.12 -38.44
CA VAL F 57 -29.48 -38.63 -37.36
C VAL F 57 -28.14 -38.18 -37.93
N SER F 58 -27.73 -36.97 -37.57
CA SER F 58 -26.45 -36.38 -37.92
C SER F 58 -26.11 -35.37 -36.84
N PRO F 59 -24.85 -35.35 -36.37
CA PRO F 59 -24.49 -34.47 -35.25
C PRO F 59 -24.37 -33.00 -35.59
N ALA F 60 -24.78 -32.57 -36.79
CA ALA F 60 -24.63 -31.18 -37.18
C ALA F 60 -25.87 -30.59 -37.84
N TYR F 61 -26.92 -31.37 -38.05
CA TYR F 61 -28.11 -30.86 -38.74
C TYR F 61 -29.35 -31.51 -38.15
N ARG F 62 -30.50 -30.89 -38.42
CA ARG F 62 -31.78 -31.29 -37.87
C ARG F 62 -32.66 -31.90 -38.95
N PHE F 63 -33.41 -32.95 -38.58
CA PHE F 63 -34.37 -33.59 -39.47
C PHE F 63 -35.58 -34.03 -38.67
N ASP F 64 -36.77 -33.77 -39.23
CA ASP F 64 -38.01 -34.14 -38.55
C ASP F 64 -38.36 -35.60 -38.82
N PRO F 65 -38.79 -36.35 -37.80
CA PRO F 65 -39.19 -37.74 -38.02
C PRO F 65 -40.51 -37.81 -38.78
N VAL F 66 -40.70 -38.95 -39.47
CA VAL F 66 -41.89 -39.18 -40.27
C VAL F 66 -42.42 -40.57 -39.98
N ARG F 67 -43.74 -40.68 -39.81
CA ARG F 67 -44.36 -41.98 -39.57
C ARG F 67 -44.72 -42.62 -40.89
N VAL F 68 -44.42 -43.92 -41.02
CA VAL F 68 -44.69 -44.68 -42.23
C VAL F 68 -45.56 -45.86 -41.84
N ASP F 69 -46.69 -46.01 -42.53
CA ASP F 69 -47.62 -47.11 -42.34
C ASP F 69 -47.54 -48.01 -43.57
N ILE F 70 -47.19 -49.28 -43.34
CA ILE F 70 -47.04 -50.25 -44.42
C ILE F 70 -48.03 -51.37 -44.18
N THR F 71 -48.88 -51.63 -45.16
CA THR F 71 -49.96 -52.60 -45.03
C THR F 71 -49.42 -54.01 -45.28
N SER F 72 -50.32 -54.99 -45.33
CA SER F 72 -49.90 -56.37 -45.54
C SER F 72 -49.48 -56.63 -46.97
N LYS F 73 -50.16 -56.00 -47.94
CA LYS F 73 -49.85 -56.26 -49.33
C LYS F 73 -48.55 -55.58 -49.74
N GLY F 74 -48.33 -54.34 -49.29
CA GLY F 74 -47.11 -53.64 -49.62
C GLY F 74 -47.29 -52.15 -49.84
N LYS F 75 -48.53 -51.73 -50.12
CA LYS F 75 -48.81 -50.31 -50.28
C LYS F 75 -48.52 -49.57 -48.98
N MET F 76 -47.81 -48.46 -49.09
CA MET F 76 -47.32 -47.74 -47.92
C MET F 76 -47.68 -46.26 -48.01
N ARG F 77 -47.79 -45.63 -46.84
CA ARG F 77 -48.21 -44.25 -46.73
C ARG F 77 -47.34 -43.55 -45.69
N ALA F 78 -47.22 -42.23 -45.82
CA ALA F 78 -46.39 -41.43 -44.94
C ALA F 78 -47.21 -40.30 -44.33
N ARG F 79 -46.90 -39.97 -43.08
CA ARG F 79 -47.65 -38.95 -42.36
C ARG F 79 -46.78 -38.39 -41.24
N TYR F 80 -47.32 -37.40 -40.53
CA TYR F 80 -46.66 -36.80 -39.39
C TYR F 80 -46.55 -37.78 -38.23
N VAL F 81 -45.87 -37.36 -37.18
CA VAL F 81 -45.71 -38.13 -35.96
C VAL F 81 -46.37 -37.37 -34.81
N ASN F 82 -47.27 -38.03 -34.10
CA ASN F 82 -47.97 -37.42 -32.97
C ASN F 82 -48.34 -38.52 -31.99
N TYR F 83 -47.93 -38.37 -30.73
CA TYR F 83 -48.19 -39.38 -29.72
C TYR F 83 -49.46 -39.12 -28.92
N ILE F 84 -49.99 -37.89 -28.98
CA ILE F 84 -51.27 -37.56 -28.39
C ILE F 84 -52.29 -37.43 -29.52
N LYS F 85 -53.44 -38.09 -29.36
CA LYS F 85 -54.46 -38.19 -30.41
C LYS F 85 -53.84 -38.83 -31.66
N THR F 86 -53.46 -40.10 -31.48
CA THR F 86 -52.74 -40.84 -32.51
C THR F 86 -53.55 -41.01 -33.79
N SER F 87 -54.88 -40.95 -33.71
CA SER F 87 -55.71 -41.19 -34.89
C SER F 87 -55.63 -40.07 -35.93
N GLU F 88 -55.03 -38.94 -35.58
CA GLU F 88 -54.92 -37.84 -36.54
C GLU F 88 -54.00 -38.23 -37.69
N VAL F 89 -54.39 -37.88 -38.91
CA VAL F 89 -53.65 -38.22 -40.11
C VAL F 89 -53.45 -36.96 -40.93
N VAL F 90 -52.20 -36.64 -41.26
CA VAL F 90 -51.85 -35.56 -42.17
C VAL F 90 -50.89 -36.13 -43.21
N ARG F 91 -51.30 -36.12 -44.47
CA ARG F 91 -50.54 -36.78 -45.52
C ARG F 91 -49.22 -36.07 -45.78
N LEU F 92 -48.20 -36.86 -46.10
CA LEU F 92 -46.90 -36.37 -46.52
C LEU F 92 -46.47 -37.12 -47.78
N PRO F 93 -45.68 -36.48 -48.64
CA PRO F 93 -45.31 -37.11 -49.91
C PRO F 93 -44.47 -38.36 -49.70
N TYR F 94 -44.65 -39.32 -50.61
CA TYR F 94 -43.86 -40.53 -50.67
C TYR F 94 -43.39 -40.76 -52.10
N PRO F 95 -42.12 -41.13 -52.32
CA PRO F 95 -41.05 -41.42 -51.36
C PRO F 95 -40.66 -40.23 -50.50
N LEU F 96 -40.06 -40.49 -49.34
CA LEU F 96 -39.82 -39.45 -48.35
C LEU F 96 -38.94 -38.34 -48.89
N GLN F 97 -39.34 -37.10 -48.65
CA GLN F 97 -38.57 -35.91 -49.01
C GLN F 97 -38.25 -35.19 -47.71
N MET F 98 -37.16 -35.59 -47.07
CA MET F 98 -36.78 -35.07 -45.76
C MET F 98 -35.78 -33.94 -45.95
N LYS F 99 -36.21 -32.71 -45.71
CA LYS F 99 -35.37 -31.53 -45.87
C LYS F 99 -34.99 -31.00 -44.50
N SER F 100 -33.73 -30.63 -44.34
CA SER F 100 -33.25 -30.13 -43.06
C SER F 100 -33.81 -28.75 -42.77
N SER F 101 -33.74 -28.36 -41.50
CA SER F 101 -34.21 -27.06 -41.05
C SER F 101 -33.09 -26.15 -40.54
N GLY F 102 -31.87 -26.66 -40.43
CA GLY F 102 -30.76 -25.87 -39.96
C GLY F 102 -30.00 -26.56 -38.84
N PRO F 103 -28.85 -26.01 -38.47
CA PRO F 103 -28.07 -26.60 -37.38
C PRO F 103 -28.81 -26.49 -36.06
N PRO F 104 -28.67 -27.47 -35.18
CA PRO F 104 -29.31 -27.39 -33.86
C PRO F 104 -28.58 -26.40 -32.96
N SER F 105 -29.29 -25.98 -31.91
CA SER F 105 -28.79 -25.00 -30.95
C SER F 105 -28.53 -25.72 -29.63
N TYR F 106 -27.25 -25.94 -29.33
CA TYR F 106 -26.86 -26.57 -28.07
C TYR F 106 -26.50 -25.55 -26.99
N PHE F 107 -26.49 -24.26 -27.29
CA PHE F 107 -25.98 -23.25 -26.40
C PHE F 107 -27.03 -22.17 -26.14
N ILE F 108 -26.74 -21.33 -25.15
CA ILE F 108 -27.65 -20.28 -24.69
C ILE F 108 -26.96 -18.93 -24.86
N LYS F 109 -27.69 -17.97 -25.43
CA LYS F 109 -27.13 -16.66 -25.76
C LYS F 109 -27.16 -15.76 -24.52
N ARG F 110 -26.88 -14.46 -24.73
CA ARG F 110 -26.83 -13.48 -23.65
C ARG F 110 -27.42 -12.18 -24.17
N GLU F 111 -27.23 -11.10 -23.40
CA GLU F 111 -27.87 -9.81 -23.66
C GLU F 111 -26.87 -8.81 -24.20
N SER F 112 -27.34 -7.92 -25.07
CA SER F 112 -26.53 -6.92 -25.74
C SER F 112 -26.75 -5.54 -25.12
N TRP F 113 -26.22 -4.51 -25.78
CA TRP F 113 -26.36 -3.13 -25.31
C TRP F 113 -27.83 -2.72 -25.31
N GLY F 114 -28.22 -1.99 -24.26
CA GLY F 114 -29.61 -1.66 -24.05
C GLY F 114 -30.13 -0.39 -24.69
N TRP F 115 -29.53 0.75 -24.37
CA TRP F 115 -30.05 2.06 -24.77
C TRP F 115 -29.05 2.77 -25.67
N THR F 116 -29.52 3.25 -26.82
CA THR F 116 -28.68 3.97 -27.76
C THR F 116 -28.22 5.31 -27.18
N GLY G 1 -3.26 76.35 46.45
CA GLY G 1 -2.80 75.03 46.07
C GLY G 1 -3.00 73.99 47.16
N VAL G 2 -2.86 72.71 46.78
CA VAL G 2 -3.05 71.61 47.72
C VAL G 2 -1.75 70.84 47.84
N LYS G 3 -0.91 70.93 46.80
CA LYS G 3 0.43 70.34 46.80
C LYS G 3 0.38 68.82 47.03
N LEU G 4 -0.21 68.14 46.04
CA LEU G 4 -0.24 66.68 46.06
C LEU G 4 1.17 66.11 46.08
N THR G 5 1.33 65.01 46.81
CA THR G 5 2.62 64.34 46.91
C THR G 5 2.87 63.50 45.66
N THR G 6 3.92 62.67 45.68
CA THR G 6 4.25 61.84 44.53
C THR G 6 3.50 60.52 44.52
N GLN G 7 3.34 59.91 45.71
CA GLN G 7 2.67 58.60 45.78
C GLN G 7 1.23 58.70 45.34
N ALA G 8 0.51 59.73 45.79
CA ALA G 8 -0.89 59.89 45.40
C ALA G 8 -1.02 60.08 43.90
N TYR G 9 -0.17 60.92 43.32
CA TYR G 9 -0.23 61.16 41.88
C TYR G 9 0.08 59.89 41.10
N CYS G 10 1.11 59.15 41.51
CA CYS G 10 1.48 57.94 40.79
C CYS G 10 0.38 56.88 40.89
N LYS G 11 -0.19 56.70 42.08
CA LYS G 11 -1.26 55.72 42.24
C LYS G 11 -2.51 56.13 41.45
N MET G 12 -2.83 57.42 41.45
CA MET G 12 -3.96 57.90 40.66
C MET G 12 -3.75 57.63 39.18
N VAL G 13 -2.56 57.92 38.67
CA VAL G 13 -2.27 57.68 37.25
C VAL G 13 -2.35 56.20 36.94
N LEU G 14 -1.79 55.34 37.80
CA LEU G 14 -1.83 53.91 37.56
C LEU G 14 -3.25 53.38 37.57
N HIS G 15 -4.07 53.82 38.53
CA HIS G 15 -5.46 53.38 38.57
C HIS G 15 -6.23 53.85 37.35
N GLY G 16 -5.99 55.09 36.92
CA GLY G 16 -6.63 55.58 35.72
C GLY G 16 -6.21 54.83 34.47
N ALA G 17 -4.97 54.37 34.42
CA ALA G 17 -4.46 53.67 33.25
C ALA G 17 -4.76 52.17 33.26
N LYS G 18 -5.11 51.60 34.42
CA LYS G 18 -5.37 50.16 34.47
C LYS G 18 -6.63 49.80 33.70
N TYR G 19 -7.65 50.66 33.76
CA TYR G 19 -8.93 50.44 33.09
C TYR G 19 -9.22 51.64 32.21
N PRO G 20 -8.63 51.70 31.01
CA PRO G 20 -8.83 52.87 30.14
C PRO G 20 -10.27 53.09 29.73
N HIS G 21 -11.05 52.02 29.54
CA HIS G 21 -12.40 52.13 28.99
C HIS G 21 -13.47 52.38 30.04
N CYS G 22 -13.12 52.37 31.32
CA CYS G 22 -14.08 52.54 32.40
C CYS G 22 -13.90 53.89 33.06
N ALA G 23 -14.75 54.18 34.03
CA ALA G 23 -14.64 55.37 34.87
C ALA G 23 -14.25 54.95 36.27
N VAL G 24 -13.21 55.58 36.81
CA VAL G 24 -12.62 55.16 38.06
C VAL G 24 -12.70 56.31 39.07
N ASN G 25 -12.73 55.94 40.35
CA ASN G 25 -12.73 56.92 41.42
C ASN G 25 -12.14 56.31 42.68
N GLY G 26 -11.68 57.17 43.57
CA GLY G 26 -11.07 56.73 44.80
C GLY G 26 -11.15 57.81 45.86
N LEU G 27 -10.25 57.70 46.85
CA LEU G 27 -10.23 58.60 47.99
C LEU G 27 -8.83 59.18 48.17
N LEU G 28 -8.77 60.34 48.82
CA LEU G 28 -7.52 61.00 49.16
C LEU G 28 -7.49 61.25 50.66
N VAL G 29 -6.40 60.88 51.31
CA VAL G 29 -6.23 61.07 52.74
C VAL G 29 -5.13 62.09 52.98
N ALA G 30 -5.17 62.70 54.16
CA ALA G 30 -4.19 63.69 54.57
C ALA G 30 -3.88 63.49 56.05
N GLU G 31 -2.71 63.97 56.46
CA GLU G 31 -2.30 63.86 57.85
C GLU G 31 -3.14 64.77 58.74
N LYS G 32 -3.49 64.26 59.91
CA LYS G 32 -4.29 65.03 60.87
C LYS G 32 -3.47 66.15 61.50
N HIS G 48 2.14 73.16 51.41
CA HIS G 48 1.39 74.38 51.16
C HIS G 48 0.23 74.50 52.14
N HIS G 49 -0.99 74.29 51.64
CA HIS G 49 -2.17 74.40 52.49
C HIS G 49 -2.42 73.10 53.26
N THR G 50 -2.68 72.01 52.53
CA THR G 50 -2.95 70.71 53.15
C THR G 50 -2.25 69.65 52.32
N LEU G 51 -1.19 69.07 52.87
CA LEU G 51 -0.37 68.10 52.15
C LEU G 51 -1.00 66.71 52.24
N PHE G 52 -1.38 66.15 51.09
CA PHE G 52 -1.85 64.79 51.02
C PHE G 52 -0.69 63.81 51.16
N VAL G 53 -0.99 62.61 51.61
CA VAL G 53 0.00 61.56 51.86
C VAL G 53 -0.07 60.47 50.81
N ASP G 54 -1.26 59.91 50.58
CA ASP G 54 -1.46 58.88 49.56
C ASP G 54 -2.94 58.77 49.28
N CYS G 55 -3.28 57.94 48.29
CA CYS G 55 -4.66 57.79 47.85
C CYS G 55 -5.04 56.31 47.83
N ILE G 56 -6.33 56.05 48.00
CA ILE G 56 -6.86 54.69 47.96
C ILE G 56 -7.88 54.59 46.83
N PRO G 57 -7.60 53.82 45.78
CA PRO G 57 -8.57 53.67 44.69
C PRO G 57 -9.77 52.85 45.13
N LEU G 58 -10.96 53.38 44.85
CA LEU G 58 -12.19 52.76 45.32
C LEU G 58 -12.86 51.86 44.28
N PHE G 59 -13.28 52.43 43.16
CA PHE G 59 -14.17 51.70 42.25
C PHE G 59 -13.89 52.05 40.80
N HIS G 60 -14.33 51.13 39.93
CA HIS G 60 -14.30 51.31 38.48
C HIS G 60 -15.57 50.72 37.89
N GLY G 61 -16.01 51.28 36.76
CA GLY G 61 -17.18 50.78 36.09
C GLY G 61 -18.40 51.66 36.27
N THR G 62 -19.41 51.17 36.97
CA THR G 62 -20.61 51.93 37.27
C THR G 62 -20.51 52.45 38.70
N LEU G 63 -20.64 53.77 38.86
CA LEU G 63 -20.35 54.43 40.12
C LEU G 63 -21.56 54.97 40.85
N ALA G 64 -22.74 54.97 40.23
CA ALA G 64 -23.93 55.56 40.83
C ALA G 64 -24.73 54.55 41.65
N LEU G 65 -24.05 53.87 42.58
CA LEU G 65 -24.71 52.92 43.47
C LEU G 65 -24.20 53.15 44.89
N ALA G 66 -25.13 53.17 45.84
CA ALA G 66 -24.89 53.62 47.22
C ALA G 66 -24.22 52.60 48.15
N PRO G 67 -24.69 51.36 48.23
CA PRO G 67 -24.29 50.50 49.36
C PRO G 67 -22.80 50.20 49.43
N MET G 68 -22.20 49.79 48.31
CA MET G 68 -20.78 49.45 48.33
C MET G 68 -19.92 50.68 48.58
N LEU G 69 -20.33 51.83 48.05
CA LEU G 69 -19.63 53.07 48.33
C LEU G 69 -19.68 53.40 49.82
N GLU G 70 -20.85 53.21 50.45
CA GLU G 70 -20.98 53.46 51.87
C GLU G 70 -20.09 52.52 52.69
N VAL G 71 -20.09 51.24 52.33
CA VAL G 71 -19.27 50.26 53.05
C VAL G 71 -17.79 50.62 52.93
N ALA G 72 -17.35 50.95 51.70
CA ALA G 72 -15.96 51.32 51.49
C ALA G 72 -15.61 52.58 52.26
N LEU G 73 -16.49 53.58 52.26
CA LEU G 73 -16.23 54.81 53.01
C LEU G 73 -16.09 54.52 54.49
N THR G 74 -16.97 53.68 55.05
CA THR G 74 -16.88 53.37 56.47
C THR G 74 -15.58 52.65 56.80
N LEU G 75 -15.22 51.65 56.00
CA LEU G 75 -13.99 50.90 56.27
C LEU G 75 -12.76 51.78 56.17
N ILE G 76 -12.69 52.61 55.11
CA ILE G 76 -11.53 53.46 54.93
C ILE G 76 -11.46 54.52 56.03
N ASP G 77 -12.61 55.06 56.44
CA ASP G 77 -12.62 56.03 57.52
C ASP G 77 -12.12 55.41 58.82
N SER G 78 -12.57 54.20 59.13
CA SER G 78 -12.08 53.53 60.34
C SER G 78 -10.58 53.27 60.27
N TRP G 79 -10.10 52.80 59.11
CA TRP G 79 -8.67 52.53 58.96
C TRP G 79 -7.85 53.81 59.11
N CYS G 80 -8.31 54.91 58.50
CA CYS G 80 -7.61 56.18 58.64
C CYS G 80 -7.62 56.67 60.08
N LYS G 81 -8.76 56.51 60.77
CA LYS G 81 -8.82 56.90 62.18
C LYS G 81 -7.86 56.09 63.02
N ASP G 82 -7.65 54.81 62.68
CA ASP G 82 -6.69 54.00 63.44
C ASP G 82 -5.28 54.56 63.31
N HIS G 83 -4.89 55.00 62.11
CA HIS G 83 -3.55 55.49 61.85
C HIS G 83 -3.46 57.01 61.85
N SER G 84 -4.46 57.70 62.38
CA SER G 84 -4.45 59.16 62.52
C SER G 84 -4.32 59.86 61.17
N TYR G 85 -5.29 59.61 60.30
CA TYR G 85 -5.43 60.29 59.02
C TYR G 85 -6.79 60.96 58.96
N VAL G 86 -7.09 61.60 57.83
CA VAL G 86 -8.40 62.20 57.60
C VAL G 86 -8.66 62.26 56.10
N ILE G 87 -9.86 61.86 55.69
CA ILE G 87 -10.23 61.90 54.28
C ILE G 87 -10.48 63.35 53.88
N ALA G 88 -9.75 63.81 52.86
CA ALA G 88 -9.78 65.22 52.49
C ALA G 88 -10.00 65.48 51.00
N GLY G 89 -9.93 64.47 50.14
CA GLY G 89 -10.06 64.69 48.72
C GLY G 89 -10.79 63.54 48.05
N TYR G 90 -11.37 63.86 46.89
CA TYR G 90 -12.07 62.86 46.08
C TYR G 90 -11.73 63.11 44.63
N TYR G 91 -11.15 62.10 43.97
CA TYR G 91 -10.73 62.23 42.58
C TYR G 91 -11.56 61.31 41.70
N GLN G 92 -11.94 61.82 40.53
CA GLN G 92 -12.75 61.05 39.58
C GLN G 92 -12.25 61.30 38.17
N ALA G 93 -12.48 60.31 37.31
CA ALA G 93 -12.13 60.38 35.90
C ALA G 93 -13.29 59.81 35.09
N ASN G 94 -13.83 60.59 34.17
CA ASN G 94 -14.97 60.14 33.38
C ASN G 94 -14.52 59.17 32.29
N GLU G 95 -15.48 58.76 31.47
CA GLU G 95 -15.23 57.79 30.40
C GLU G 95 -14.94 58.46 29.07
N ARG G 96 -15.71 59.47 28.70
CA ARG G 96 -15.49 60.19 27.45
C ARG G 96 -14.18 60.96 27.51
N VAL G 97 -13.50 61.04 26.35
CA VAL G 97 -12.22 61.74 26.29
C VAL G 97 -12.39 63.25 26.31
N LYS G 98 -13.59 63.74 26.03
CA LYS G 98 -13.88 65.18 26.02
C LYS G 98 -14.90 65.54 27.10
N ASP G 99 -14.74 64.97 28.29
CA ASP G 99 -15.65 65.25 29.40
C ASP G 99 -14.84 65.31 30.69
N ALA G 100 -14.80 66.50 31.30
CA ALA G 100 -14.02 66.69 32.53
C ALA G 100 -14.78 67.52 33.55
N SER G 101 -16.11 67.49 33.55
CA SER G 101 -16.87 68.25 34.53
C SER G 101 -17.48 67.31 35.57
N PRO G 102 -17.62 67.78 36.81
CA PRO G 102 -18.17 66.92 37.86
C PRO G 102 -19.63 66.60 37.62
N ASN G 103 -20.04 65.43 38.11
CA ASN G 103 -21.41 64.97 38.04
C ASN G 103 -22.02 64.95 39.44
N GLN G 104 -23.25 64.43 39.54
CA GLN G 104 -23.95 64.45 40.81
C GLN G 104 -23.26 63.60 41.87
N VAL G 105 -22.74 62.43 41.47
CA VAL G 105 -22.12 61.53 42.44
C VAL G 105 -20.91 62.19 43.09
N ALA G 106 -20.04 62.80 42.28
CA ALA G 106 -18.85 63.43 42.82
C ALA G 106 -19.20 64.58 43.74
N GLU G 107 -20.18 65.40 43.34
CA GLU G 107 -20.60 66.51 44.19
C GLU G 107 -21.18 66.02 45.51
N LYS G 108 -22.00 64.97 45.47
CA LYS G 108 -22.58 64.43 46.70
C LYS G 108 -21.50 63.89 47.62
N VAL G 109 -20.55 63.12 47.08
CA VAL G 109 -19.51 62.53 47.93
C VAL G 109 -18.62 63.62 48.50
N ALA G 110 -18.25 64.61 47.69
CA ALA G 110 -17.39 65.68 48.16
C ALA G 110 -18.10 66.53 49.23
N SER G 111 -19.39 66.78 49.05
CA SER G 111 -20.14 67.51 50.07
C SER G 111 -20.24 66.72 51.36
N ARG G 112 -20.43 65.40 51.26
CA ARG G 112 -20.44 64.56 52.44
C ARG G 112 -19.10 64.60 53.17
N ILE G 113 -18.00 64.56 52.41
CA ILE G 113 -16.67 64.61 53.02
C ILE G 113 -16.42 65.97 53.66
N ALA G 114 -16.89 67.04 53.03
CA ALA G 114 -16.57 68.39 53.48
C ALA G 114 -17.09 68.67 54.89
N GLU G 115 -18.16 67.99 55.30
CA GLU G 115 -18.74 68.24 56.62
C GLU G 115 -17.86 67.75 57.75
N GLY G 116 -16.84 66.96 57.47
CA GLY G 116 -15.96 66.47 58.51
C GLY G 116 -14.54 67.01 58.42
N PHE G 117 -14.26 67.76 57.35
CA PHE G 117 -12.93 68.32 57.14
C PHE G 117 -13.05 69.52 56.21
N SER G 118 -12.48 70.64 56.63
CA SER G 118 -12.59 71.87 55.85
C SER G 118 -11.68 71.83 54.63
N ASP G 119 -11.97 72.72 53.68
CA ASP G 119 -11.23 72.89 52.42
C ASP G 119 -10.87 71.54 51.80
N THR G 120 -11.88 70.69 51.62
CA THR G 120 -11.69 69.44 50.90
C THR G 120 -11.50 69.71 49.42
N ALA G 121 -10.94 68.74 48.71
CA ALA G 121 -10.56 68.89 47.31
C ALA G 121 -11.37 67.96 46.42
N LEU G 122 -11.84 68.49 45.29
CA LEU G 122 -12.49 67.68 44.26
C LEU G 122 -11.59 67.65 43.04
N ILE G 123 -10.94 66.51 42.79
CA ILE G 123 -9.96 66.39 41.73
C ILE G 123 -10.60 65.68 40.55
N MET G 124 -10.47 66.25 39.37
CA MET G 124 -10.96 65.66 38.13
C MET G 124 -9.78 65.38 37.22
N VAL G 125 -9.70 64.15 36.72
CA VAL G 125 -8.63 63.77 35.81
C VAL G 125 -9.02 64.16 34.39
N ASP G 126 -8.10 64.82 33.69
CA ASP G 126 -8.35 65.30 32.33
C ASP G 126 -7.79 64.27 31.34
N ASN G 127 -8.67 63.75 30.49
CA ASN G 127 -8.27 62.69 29.57
C ASN G 127 -7.42 63.22 28.42
N THR G 128 -7.63 64.47 28.02
CA THR G 128 -6.88 65.02 26.90
C THR G 128 -5.39 65.08 27.19
N LYS G 129 -5.01 65.50 28.40
CA LYS G 129 -3.61 65.60 28.79
C LYS G 129 -3.06 64.31 29.39
N PHE G 130 -3.75 63.19 29.16
CA PHE G 130 -3.30 61.90 29.70
C PHE G 130 -2.25 61.28 28.79
N THR G 131 -1.16 61.99 28.56
CA THR G 131 -0.09 61.50 27.69
C THR G 131 0.74 60.44 28.41
N MET G 132 1.60 59.76 27.65
CA MET G 132 2.36 58.64 28.20
C MET G 132 3.30 59.10 29.31
N ASP G 133 4.31 59.90 28.97
CA ASP G 133 5.31 60.27 29.98
C ASP G 133 4.83 61.46 30.81
N CYS G 134 4.73 62.64 30.18
CA CYS G 134 4.18 63.83 30.82
C CYS G 134 4.09 64.98 29.83
N VAL G 135 3.01 65.77 29.89
CA VAL G 135 2.96 67.05 29.22
C VAL G 135 2.50 68.10 30.22
N ALA G 136 1.78 67.65 31.25
CA ALA G 136 1.14 68.52 32.23
C ALA G 136 0.70 67.71 33.44
N PRO G 137 0.37 68.34 34.57
CA PRO G 137 -0.14 67.58 35.73
C PRO G 137 -1.49 66.93 35.48
N THR G 138 -2.15 67.23 34.36
CA THR G 138 -3.44 66.67 33.95
C THR G 138 -4.38 66.45 35.14
N ILE G 139 -4.59 67.52 35.90
CA ILE G 139 -5.44 67.50 37.08
C ILE G 139 -6.19 68.83 37.16
N HIS G 140 -7.49 68.76 37.44
CA HIS G 140 -8.29 69.95 37.73
C HIS G 140 -8.72 69.87 39.18
N VAL G 141 -8.50 70.96 39.92
CA VAL G 141 -8.78 71.02 41.35
C VAL G 141 -9.96 71.95 41.58
N TYR G 142 -10.96 71.45 42.31
CA TYR G 142 -12.16 72.19 42.61
C TYR G 142 -12.26 72.39 44.12
N GLU G 143 -12.59 73.60 44.52
CA GLU G 143 -12.72 74.00 45.92
C GLU G 143 -14.16 74.36 46.22
N HIS G 144 -14.56 74.13 47.47
CA HIS G 144 -15.94 74.31 47.90
C HIS G 144 -16.15 75.76 48.31
N HIS G 145 -16.91 76.50 47.51
CA HIS G 145 -17.27 77.88 47.80
C HIS G 145 -18.78 77.95 47.94
N GLU G 146 -19.25 78.60 49.02
CA GLU G 146 -20.64 78.50 49.47
C GLU G 146 -21.19 77.10 49.24
N ASN G 147 -22.30 76.99 48.51
CA ASN G 147 -22.93 75.70 48.27
C ASN G 147 -22.56 75.08 46.92
N ARG G 148 -21.55 75.62 46.25
CA ARG G 148 -21.11 75.11 44.95
C ARG G 148 -19.61 74.86 44.98
N TRP G 149 -19.07 74.47 43.82
CA TRP G 149 -17.66 74.19 43.66
C TRP G 149 -17.10 75.02 42.52
N ARG G 150 -15.90 75.55 42.71
CA ARG G 150 -15.25 76.40 41.72
C ARG G 150 -13.88 75.85 41.36
N CYS G 151 -13.49 76.04 40.11
CA CYS G 151 -12.22 75.53 39.60
C CYS G 151 -11.12 76.52 39.97
N ARG G 152 -10.43 76.26 41.07
CA ARG G 152 -9.31 77.10 41.50
C ARG G 152 -8.06 76.66 40.73
N ASP G 153 -7.94 77.17 39.51
CA ASP G 153 -6.85 76.81 38.60
C ASP G 153 -6.16 78.07 38.11
N PRO G 154 -5.32 78.70 38.93
CA PRO G 154 -4.50 79.82 38.43
C PRO G 154 -3.22 79.33 37.78
N HIS G 155 -3.33 78.29 36.95
CA HIS G 155 -2.16 77.65 36.32
C HIS G 155 -1.11 77.28 37.36
N HIS G 156 -1.59 76.75 38.49
CA HIS G 156 -0.74 76.49 39.63
C HIS G 156 0.01 75.16 39.45
N ASP G 157 0.80 74.80 40.47
CA ASP G 157 1.58 73.58 40.48
C ASP G 157 1.15 72.78 41.71
N TYR G 158 0.17 71.90 41.52
CA TYR G 158 -0.38 71.10 42.61
C TYR G 158 0.45 69.84 42.86
N CYS G 159 1.77 70.01 42.99
CA CYS G 159 2.67 68.90 43.26
C CYS G 159 3.80 69.37 44.16
N GLU G 160 4.31 68.44 44.97
CA GLU G 160 5.44 68.76 45.83
C GLU G 160 6.68 69.09 45.01
N ASP G 161 6.94 68.31 43.96
CA ASP G 161 8.05 68.58 43.04
C ASP G 161 7.69 67.95 41.70
N TRP G 162 7.33 68.79 40.74
CA TRP G 162 6.85 68.30 39.44
C TRP G 162 7.84 67.41 38.70
N PRO G 163 9.12 67.77 38.54
CA PRO G 163 10.01 66.92 37.72
C PRO G 163 10.17 65.51 38.24
N GLU G 164 10.43 65.35 39.53
CA GLU G 164 10.58 64.01 40.09
C GLU G 164 9.29 63.21 39.96
N ALA G 165 8.15 63.85 40.25
CA ALA G 165 6.87 63.16 40.17
C ALA G 165 6.59 62.68 38.75
N GLN G 166 6.80 63.56 37.76
CA GLN G 166 6.53 63.17 36.38
C GLN G 166 7.49 62.09 35.91
N ARG G 167 8.76 62.18 36.32
CA ARG G 167 9.73 61.15 35.96
C ARG G 167 9.34 59.80 36.54
N ILE G 168 8.95 59.77 37.81
CA ILE G 168 8.56 58.51 38.45
C ILE G 168 7.31 57.94 37.80
N SER G 169 6.32 58.80 37.54
CA SER G 169 5.09 58.33 36.89
C SER G 169 5.37 57.77 35.51
N ALA G 170 6.23 58.44 34.73
CA ALA G 170 6.56 57.96 33.40
C ALA G 170 7.28 56.63 33.47
N SER G 171 8.22 56.48 34.41
CA SER G 171 8.94 55.21 34.54
C SER G 171 7.99 54.08 34.94
N LEU G 172 7.08 54.35 35.88
CA LEU G 172 6.13 53.32 36.30
C LEU G 172 5.20 52.93 35.16
N LEU G 173 4.71 53.92 34.40
CA LEU G 173 3.86 53.60 33.25
C LEU G 173 4.61 52.80 32.20
N ASP G 174 5.86 53.16 31.92
CA ASP G 174 6.65 52.44 30.94
C ASP G 174 6.96 51.02 31.40
N SER G 175 7.10 50.81 32.71
CA SER G 175 7.43 49.49 33.23
C SER G 175 6.24 48.54 33.28
N ARG G 176 5.06 48.98 32.82
CA ARG G 176 3.85 48.16 32.85
C ARG G 176 3.56 47.67 34.26
N SER G 177 3.68 48.58 35.23
CA SER G 177 3.49 48.25 36.63
C SER G 177 2.07 48.41 37.11
N TYR G 178 1.15 48.82 36.23
CA TYR G 178 -0.25 48.93 36.61
C TYR G 178 -0.97 47.59 36.70
N GLU G 179 -0.34 46.51 36.25
CA GLU G 179 -0.96 45.20 36.33
C GLU G 179 -0.95 44.63 37.75
N THR G 180 -0.22 45.25 38.67
CA THR G 180 -0.19 44.82 40.06
C THR G 180 -1.00 45.71 40.99
N LEU G 181 -1.46 46.86 40.51
CA LEU G 181 -2.31 47.73 41.33
C LEU G 181 -3.65 47.07 41.58
N VAL G 182 -4.12 47.15 42.82
CA VAL G 182 -5.37 46.54 43.24
C VAL G 182 -6.20 47.57 44.00
N ASP G 183 -7.45 47.74 43.60
CA ASP G 183 -8.37 48.68 44.23
C ASP G 183 -9.34 47.93 45.13
N PHE G 184 -10.33 48.65 45.65
CA PHE G 184 -11.27 48.06 46.60
C PHE G 184 -12.19 47.04 45.94
N ASP G 185 -12.51 47.23 44.66
CA ASP G 185 -13.35 46.26 43.96
C ASP G 185 -12.66 44.89 43.87
N ASN G 186 -11.37 44.88 43.56
CA ASN G 186 -10.62 43.62 43.55
C ASN G 186 -10.52 43.02 44.94
N HIS G 187 -10.56 43.87 45.98
CA HIS G 187 -10.57 43.36 47.35
C HIS G 187 -11.91 42.70 47.67
N LEU G 188 -13.00 43.27 47.18
CA LEU G 188 -14.30 42.64 47.38
C LEU G 188 -14.44 41.36 46.57
N ASP G 189 -13.85 41.31 45.37
CA ASP G 189 -13.87 40.08 44.59
C ASP G 189 -13.13 38.96 45.30
N ASP G 190 -11.97 39.26 45.86
CA ASP G 190 -11.20 38.28 46.63
C ASP G 190 -10.59 38.98 47.83
N ILE G 191 -10.87 38.45 49.03
CA ILE G 191 -10.50 39.13 50.27
C ILE G 191 -8.99 39.23 50.41
N ARG G 192 -8.24 38.28 49.85
CA ARG G 192 -6.80 38.23 50.07
C ARG G 192 -6.05 39.38 49.41
N ASN G 193 -6.69 40.17 48.56
CA ASN G 193 -6.05 41.34 48.00
C ASN G 193 -5.90 42.43 49.06
N ASP G 194 -5.05 43.41 48.76
CA ASP G 194 -4.74 44.51 49.67
C ASP G 194 -4.94 45.83 48.94
N TRP G 195 -5.72 46.72 49.53
CA TRP G 195 -5.99 48.02 48.93
C TRP G 195 -5.01 49.11 49.36
N THR G 196 -4.01 48.78 50.18
CA THR G 196 -2.99 49.77 50.54
C THR G 196 -1.84 49.79 49.54
N ASN G 197 -1.70 48.75 48.72
CA ASN G 197 -0.69 48.68 47.66
C ASN G 197 0.72 48.86 48.18
N PRO G 198 1.24 47.93 48.98
CA PRO G 198 2.64 48.04 49.42
C PRO G 198 3.64 47.99 48.28
N GLU G 199 3.34 47.26 47.21
CA GLU G 199 4.27 47.13 46.10
C GLU G 199 4.52 48.47 45.43
N ILE G 200 3.48 49.27 45.24
CA ILE G 200 3.66 50.58 44.62
C ILE G 200 4.47 51.49 45.52
N ASN G 201 4.25 51.42 46.83
CA ASN G 201 5.04 52.22 47.77
C ASN G 201 6.51 51.83 47.71
N LYS G 202 6.79 50.53 47.68
CA LYS G 202 8.17 50.07 47.57
C LYS G 202 8.80 50.52 46.26
N ALA G 203 8.06 50.43 45.16
CA ALA G 203 8.59 50.83 43.86
C ALA G 203 8.88 52.32 43.80
N VAL G 204 7.99 53.14 44.36
CA VAL G 204 8.23 54.58 44.35
C VAL G 204 9.30 54.98 45.35
N LEU G 205 9.52 54.19 46.41
CA LEU G 205 10.62 54.47 47.33
C LEU G 205 11.96 54.14 46.69
N HIS G 206 12.06 52.98 46.03
CA HIS G 206 13.30 52.61 45.37
C HIS G 206 13.59 53.51 44.18
N LEU G 207 12.57 53.83 43.39
CA LEU G 207 12.74 54.62 42.16
C LEU G 207 12.51 56.09 42.49
N CYS G 208 13.59 56.81 42.75
CA CYS G 208 13.52 58.22 43.05
C CYS G 208 14.51 59.01 42.18
N GLY H 1 -65.44 -73.50 -6.98
CA GLY H 1 -64.75 -74.58 -6.30
C GLY H 1 -63.87 -74.10 -5.16
N THR H 2 -63.63 -74.98 -4.18
CA THR H 2 -62.82 -74.65 -3.01
C THR H 2 -61.66 -75.63 -2.91
N VAL H 3 -60.50 -75.11 -2.49
CA VAL H 3 -59.30 -75.90 -2.32
C VAL H 3 -58.80 -75.75 -0.90
N GLY H 4 -58.01 -76.72 -0.47
CA GLY H 4 -57.46 -76.74 0.88
C GLY H 4 -55.95 -76.72 0.85
N LEU H 5 -55.35 -75.92 1.73
CA LEU H 5 -53.91 -75.79 1.83
C LEU H 5 -53.47 -76.05 3.27
N LEU H 6 -52.47 -76.89 3.44
CA LEU H 6 -51.90 -77.13 4.77
C LEU H 6 -51.09 -75.92 5.21
N LEU H 7 -51.05 -75.70 6.53
CA LEU H 7 -50.29 -74.59 7.10
C LEU H 7 -49.56 -75.11 8.34
N GLU H 8 -48.23 -75.04 8.31
CA GLU H 8 -47.41 -75.55 9.39
C GLU H 8 -46.65 -74.42 10.06
N HIS H 9 -46.41 -74.57 11.35
CA HIS H 9 -45.68 -73.58 12.13
C HIS H 9 -44.58 -74.28 12.92
N SER H 10 -43.47 -73.58 13.10
CA SER H 10 -42.28 -74.16 13.71
C SER H 10 -41.63 -73.15 14.65
N PHE H 11 -41.17 -73.65 15.79
CA PHE H 11 -40.39 -72.85 16.73
C PHE H 11 -39.56 -73.80 17.59
N GLU H 12 -38.29 -73.47 17.78
CA GLU H 12 -37.38 -74.36 18.49
C GLU H 12 -36.38 -73.54 19.29
N ILE H 13 -35.76 -74.19 20.26
CA ILE H 13 -34.81 -73.52 21.14
C ILE H 13 -33.56 -73.09 20.36
N ASP H 14 -33.04 -73.98 19.54
CA ASP H 14 -31.81 -73.74 18.79
C ASP H 14 -32.06 -73.22 17.38
N ASP H 15 -33.31 -72.88 17.05
CA ASP H 15 -33.68 -72.28 15.77
C ASP H 15 -33.36 -73.25 14.61
N SER H 16 -33.95 -74.43 14.69
CA SER H 16 -33.89 -75.42 13.63
C SER H 16 -35.25 -75.50 12.94
N ALA H 17 -35.36 -76.43 11.98
CA ALA H 17 -36.58 -76.62 11.20
C ALA H 17 -37.28 -77.88 11.69
N ASN H 18 -38.41 -77.69 12.38
CA ASN H 18 -39.19 -78.81 12.91
C ASN H 18 -40.67 -78.56 12.63
N PHE H 19 -40.99 -78.24 11.39
CA PHE H 19 -42.36 -77.91 11.02
C PHE H 19 -43.30 -79.07 11.29
N ARG H 20 -44.48 -78.73 11.84
CA ARG H 20 -45.55 -79.70 12.05
C ARG H 20 -46.88 -79.01 11.77
N LYS H 21 -47.90 -79.82 11.54
CA LYS H 21 -49.19 -79.30 11.11
C LYS H 21 -49.78 -78.37 12.16
N ARG H 22 -50.28 -77.22 11.70
CA ARG H 22 -50.98 -76.27 12.55
C ARG H 22 -52.43 -76.06 12.12
N GLY H 23 -52.68 -75.85 10.84
CA GLY H 23 -54.03 -75.57 10.42
C GLY H 23 -54.24 -75.79 8.94
N SER H 24 -55.45 -75.46 8.48
CA SER H 24 -55.84 -75.63 7.09
C SER H 24 -56.53 -74.36 6.60
N LEU H 25 -56.19 -73.96 5.37
CA LEU H 25 -56.78 -72.81 4.72
C LEU H 25 -57.73 -73.29 3.63
N LEU H 26 -58.96 -72.78 3.64
CA LEU H 26 -59.95 -73.04 2.61
C LEU H 26 -60.05 -71.82 1.72
N TRP H 27 -59.82 -72.03 0.42
CA TRP H 27 -59.75 -70.94 -0.56
C TRP H 27 -60.79 -71.20 -1.64
N ASN H 28 -61.68 -70.22 -1.83
CA ASN H 28 -62.70 -70.28 -2.89
C ASN H 28 -62.34 -69.26 -3.95
N GLN H 29 -62.07 -69.75 -5.17
CA GLN H 29 -61.65 -68.88 -6.26
C GLN H 29 -62.80 -68.11 -6.89
N GLN H 30 -64.02 -68.64 -6.82
CA GLN H 30 -65.15 -68.00 -7.48
C GLN H 30 -65.42 -66.61 -6.90
N ASP H 31 -65.75 -66.54 -5.62
CA ASP H 31 -65.91 -65.25 -4.95
C ASP H 31 -64.61 -64.72 -4.36
N GLY H 32 -63.53 -65.51 -4.42
CA GLY H 32 -62.25 -65.09 -3.89
C GLY H 32 -62.25 -64.88 -2.40
N THR H 33 -62.48 -65.96 -1.64
CA THR H 33 -62.55 -65.89 -0.20
C THR H 33 -61.56 -66.87 0.41
N LEU H 34 -61.06 -66.53 1.60
CA LEU H 34 -60.08 -67.34 2.30
C LEU H 34 -60.48 -67.47 3.76
N SER H 35 -60.42 -68.69 4.29
CA SER H 35 -60.78 -68.96 5.67
C SER H 35 -59.76 -69.91 6.28
N LEU H 36 -59.67 -69.89 7.61
CA LEU H 36 -58.69 -70.68 8.32
C LEU H 36 -59.37 -71.53 9.39
N SER H 37 -58.94 -72.79 9.51
CA SER H 37 -59.39 -73.68 10.56
C SER H 37 -58.15 -74.22 11.27
N GLN H 38 -58.05 -73.98 12.58
CA GLN H 38 -56.85 -74.28 13.34
C GLN H 38 -57.22 -74.90 14.68
N ARG H 39 -56.20 -75.23 15.46
CA ARG H 39 -56.37 -75.80 16.78
C ARG H 39 -55.58 -74.97 17.78
N GLN H 40 -55.99 -75.05 19.05
CA GLN H 40 -55.32 -74.32 20.10
C GLN H 40 -54.06 -75.04 20.55
N LEU H 41 -53.16 -74.29 21.19
CA LEU H 41 -51.87 -74.84 21.59
C LEU H 41 -52.03 -75.79 22.78
N SER H 42 -51.09 -76.72 22.89
CA SER H 42 -51.04 -77.65 24.01
C SER H 42 -50.34 -76.99 25.18
N GLU H 43 -50.00 -77.79 26.20
CA GLU H 43 -49.33 -77.24 27.39
C GLU H 43 -47.82 -77.14 27.16
N GLU H 44 -47.19 -78.25 26.82
CA GLU H 44 -45.75 -78.22 26.53
C GLU H 44 -45.46 -77.34 25.32
N GLU H 45 -46.42 -77.19 24.41
CA GLU H 45 -46.26 -76.23 23.34
C GLU H 45 -46.16 -74.80 23.88
N ARG H 46 -47.03 -74.46 24.85
CA ARG H 46 -46.94 -73.14 25.47
C ARG H 46 -45.61 -72.97 26.20
N GLY H 47 -45.16 -74.00 26.91
CA GLY H 47 -43.88 -73.89 27.60
C GLY H 47 -42.72 -73.68 26.65
N ARG H 48 -42.70 -74.45 25.56
CA ARG H 48 -41.64 -74.30 24.57
C ARG H 48 -41.70 -72.93 23.90
N LEU H 49 -42.91 -72.44 23.61
CA LEU H 49 -43.05 -71.11 23.03
C LEU H 49 -42.54 -70.03 23.98
N ARG H 50 -42.83 -70.17 25.27
CA ARG H 50 -42.32 -69.22 26.25
C ARG H 50 -40.80 -69.26 26.30
N ASP H 51 -40.21 -70.44 26.27
CA ASP H 51 -38.76 -70.55 26.27
C ASP H 51 -38.17 -69.90 25.03
N VAL H 52 -38.77 -70.14 23.86
CA VAL H 52 -38.28 -69.57 22.61
C VAL H 52 -38.36 -68.05 22.65
N ALA H 53 -39.49 -67.52 23.14
CA ALA H 53 -39.62 -66.07 23.27
C ALA H 53 -38.61 -65.50 24.26
N ALA H 54 -38.30 -66.25 25.32
CA ALA H 54 -37.28 -65.81 26.26
C ALA H 54 -35.91 -65.74 25.59
N LEU H 55 -35.59 -66.73 24.74
CA LEU H 55 -34.30 -66.80 24.08
C LEU H 55 -34.27 -66.05 22.75
N ASN H 56 -35.20 -65.12 22.54
CA ASN H 56 -35.24 -64.30 21.32
C ASN H 56 -35.28 -65.16 20.06
N GLY H 57 -36.09 -66.22 20.10
CA GLY H 57 -36.19 -67.14 18.98
C GLY H 57 -37.07 -66.60 17.86
N LEU H 58 -37.39 -67.49 16.94
CA LEU H 58 -38.20 -67.15 15.78
C LEU H 58 -39.39 -68.10 15.68
N TYR H 59 -40.40 -67.64 14.94
CA TYR H 59 -41.62 -68.40 14.70
C TYR H 59 -41.85 -68.43 13.20
N ARG H 60 -41.82 -69.62 12.61
CA ARG H 60 -41.83 -69.79 11.18
C ARG H 60 -43.15 -70.38 10.72
N VAL H 61 -43.65 -69.89 9.59
CA VAL H 61 -44.88 -70.39 8.98
C VAL H 61 -44.56 -70.86 7.57
N ARG H 62 -45.13 -71.99 7.17
CA ARG H 62 -44.83 -72.61 5.89
C ARG H 62 -46.10 -73.21 5.28
N ILE H 63 -46.30 -72.98 3.99
CA ILE H 63 -47.39 -73.63 3.26
C ILE H 63 -46.84 -74.18 1.95
N PRO H 64 -47.40 -75.26 1.43
CA PRO H 64 -46.96 -75.81 0.13
C PRO H 64 -47.49 -74.96 -1.02
N ARG H 65 -47.09 -75.34 -2.23
CA ARG H 65 -47.49 -74.62 -3.43
C ARG H 65 -48.60 -75.31 -4.22
N ARG H 66 -48.66 -76.64 -4.18
CA ARG H 66 -49.64 -77.37 -4.97
C ARG H 66 -50.75 -77.88 -4.08
N PRO H 67 -51.99 -77.37 -4.22
CA PRO H 67 -53.14 -77.82 -3.43
C PRO H 67 -53.47 -79.30 -3.66
N ALA H 75 -44.66 -82.94 -2.11
CA ALA H 75 -43.34 -82.36 -1.91
C ALA H 75 -42.91 -81.55 -3.12
N GLY H 76 -43.84 -80.78 -3.67
CA GLY H 76 -43.57 -79.96 -4.83
C GLY H 76 -42.96 -78.61 -4.54
N GLY H 77 -42.73 -78.29 -3.26
CA GLY H 77 -42.15 -77.01 -2.89
C GLY H 77 -42.84 -76.39 -1.69
N TYR H 78 -42.30 -75.27 -1.21
CA TYR H 78 -42.86 -74.60 -0.05
C TYR H 78 -42.62 -73.10 -0.16
N VAL H 79 -43.42 -72.34 0.56
CA VAL H 79 -43.21 -70.91 0.77
C VAL H 79 -43.37 -70.64 2.25
N SER H 80 -42.43 -69.89 2.81
CA SER H 80 -42.35 -69.75 4.26
C SER H 80 -41.93 -68.34 4.62
N SER H 81 -42.12 -68.00 5.89
CA SER H 81 -41.73 -66.71 6.44
C SER H 81 -41.56 -66.87 7.95
N PHE H 82 -41.16 -65.80 8.61
CA PHE H 82 -40.85 -65.88 10.03
C PHE H 82 -41.16 -64.55 10.71
N VAL H 83 -41.31 -64.62 12.03
CA VAL H 83 -41.59 -63.45 12.85
C VAL H 83 -40.92 -63.64 14.21
N PRO H 84 -40.50 -62.58 14.89
CA PRO H 84 -39.98 -62.75 16.25
C PRO H 84 -41.03 -63.36 17.18
N ALA H 85 -40.58 -64.30 18.03
CA ALA H 85 -41.50 -65.00 18.92
C ALA H 85 -41.94 -64.12 20.08
N CYS H 86 -41.04 -63.31 20.62
CA CYS H 86 -41.40 -62.43 21.72
C CYS H 86 -42.44 -61.41 21.30
N SER H 87 -42.33 -60.88 20.08
CA SER H 87 -43.33 -59.95 19.57
C SER H 87 -44.69 -60.61 19.36
N LEU H 88 -44.74 -61.95 19.32
CA LEU H 88 -46.01 -62.67 19.19
C LEU H 88 -46.59 -63.04 20.55
N VAL H 89 -45.74 -63.46 21.48
CA VAL H 89 -46.21 -63.82 22.82
C VAL H 89 -46.80 -62.61 23.52
N GLU H 90 -46.09 -61.47 23.45
CA GLU H 90 -46.58 -60.25 24.10
C GLU H 90 -47.81 -59.68 23.42
N SER H 91 -48.17 -60.15 22.22
CA SER H 91 -49.33 -59.67 21.50
C SER H 91 -50.56 -60.54 21.73
N HIS H 92 -50.49 -61.48 22.69
CA HIS H 92 -51.61 -62.37 23.01
C HIS H 92 -52.05 -63.17 21.78
N LEU H 93 -51.07 -63.61 20.98
CA LEU H 93 -51.32 -64.42 19.79
C LEU H 93 -52.27 -63.73 18.82
N SER H 94 -52.12 -62.41 18.69
CA SER H 94 -52.88 -61.63 17.72
C SER H 94 -51.99 -61.37 16.52
N ASP H 95 -52.31 -61.98 15.39
CA ASP H 95 -51.43 -61.93 14.22
C ASP H 95 -52.26 -61.86 12.95
N GLN H 96 -51.58 -61.50 11.87
CA GLN H 96 -52.20 -61.34 10.56
C GLN H 96 -51.37 -62.07 9.51
N LEU H 97 -52.04 -62.87 8.68
CA LEU H 97 -51.42 -63.60 7.59
C LEU H 97 -51.96 -63.09 6.27
N THR H 98 -51.06 -62.90 5.31
CA THR H 98 -51.41 -62.45 3.98
C THR H 98 -50.89 -63.45 2.96
N LEU H 99 -51.74 -63.82 2.01
CA LEU H 99 -51.39 -64.77 0.96
C LEU H 99 -51.35 -64.02 -0.37
N HIS H 100 -50.14 -63.80 -0.88
CA HIS H 100 -49.95 -63.10 -2.15
C HIS H 100 -50.00 -64.11 -3.28
N VAL H 101 -50.89 -63.88 -4.24
CA VAL H 101 -51.15 -64.81 -5.32
C VAL H 101 -50.76 -64.16 -6.64
N ASP H 102 -50.52 -65.01 -7.64
CA ASP H 102 -50.12 -64.55 -8.96
C ASP H 102 -51.33 -64.06 -9.75
N VAL H 103 -51.06 -63.47 -10.92
CA VAL H 103 -52.13 -62.99 -11.77
C VAL H 103 -52.93 -64.16 -12.36
N ALA H 104 -52.24 -65.25 -12.72
CA ALA H 104 -52.94 -66.40 -13.27
C ALA H 104 -53.70 -67.17 -12.20
N GLY H 105 -53.24 -67.10 -10.95
CA GLY H 105 -53.89 -67.82 -9.87
C GLY H 105 -52.98 -68.81 -9.17
N ASN H 106 -51.68 -68.56 -9.23
CA ASN H 106 -50.69 -69.41 -8.59
C ASN H 106 -50.22 -68.76 -7.29
N VAL H 107 -50.04 -69.58 -6.26
CA VAL H 107 -49.60 -69.07 -4.96
C VAL H 107 -48.16 -68.59 -5.08
N VAL H 108 -47.92 -67.36 -4.63
CA VAL H 108 -46.60 -66.74 -4.73
C VAL H 108 -45.92 -66.65 -3.36
N GLY H 109 -46.62 -66.13 -2.36
CA GLY H 109 -45.96 -65.95 -1.07
C GLY H 109 -46.92 -65.86 0.09
N VAL H 110 -46.34 -65.97 1.28
CA VAL H 110 -47.07 -65.87 2.54
C VAL H 110 -46.32 -64.92 3.47
N SER H 111 -47.06 -64.03 4.13
CA SER H 111 -46.48 -63.04 5.02
C SER H 111 -47.20 -63.08 6.35
N VAL H 112 -46.44 -62.89 7.43
CA VAL H 112 -46.98 -62.95 8.79
C VAL H 112 -46.50 -61.71 9.54
N VAL H 113 -47.44 -61.01 10.20
CA VAL H 113 -47.13 -59.84 11.00
C VAL H 113 -47.95 -59.89 12.28
N THR H 114 -47.60 -59.03 13.23
CA THR H 114 -48.29 -58.95 14.51
C THR H 114 -48.60 -57.50 14.85
N HIS H 115 -49.66 -57.29 15.62
CA HIS H 115 -50.06 -55.96 16.06
C HIS H 115 -50.20 -55.95 17.57
N PRO H 116 -49.47 -55.08 18.29
CA PRO H 116 -48.42 -54.18 17.81
C PRO H 116 -47.07 -54.88 17.72
N GLY H 117 -46.12 -54.30 16.99
CA GLY H 117 -44.78 -54.86 16.90
C GLY H 117 -43.91 -54.47 18.08
N GLY H 118 -42.66 -54.91 18.01
CA GLY H 118 -41.70 -54.60 19.05
C GLY H 118 -41.78 -55.54 20.23
N CYS H 119 -40.82 -55.37 21.15
CA CYS H 119 -40.70 -56.22 22.32
C CYS H 119 -40.35 -55.33 23.51
N ARG H 120 -41.32 -55.05 24.37
CA ARG H 120 -41.13 -54.21 25.54
C ARG H 120 -40.72 -55.00 26.77
N GLY H 121 -40.57 -56.32 26.65
CA GLY H 121 -40.17 -57.14 27.80
C GLY H 121 -41.19 -57.20 28.91
N HIS H 122 -42.47 -57.38 28.57
CA HIS H 122 -43.51 -57.52 29.57
C HIS H 122 -43.50 -58.95 30.13
N GLU H 123 -44.50 -59.27 30.94
CA GLU H 123 -44.67 -60.63 31.46
C GLU H 123 -46.08 -61.09 31.14
N VAL H 124 -46.18 -62.26 30.50
CA VAL H 124 -47.46 -62.83 30.09
C VAL H 124 -47.61 -64.18 30.75
N GLU H 125 -48.73 -64.40 31.42
CA GLU H 125 -49.00 -65.64 32.13
C GLU H 125 -49.55 -66.68 31.17
N ASP H 126 -49.91 -67.85 31.70
CA ASP H 126 -50.40 -68.93 30.87
C ASP H 126 -51.84 -68.71 30.41
N VAL H 127 -52.65 -67.99 31.19
CA VAL H 127 -54.06 -67.81 30.87
C VAL H 127 -54.29 -66.90 29.67
N ASP H 128 -53.25 -66.25 29.16
CA ASP H 128 -53.37 -65.38 27.99
C ASP H 128 -52.91 -66.06 26.71
N LEU H 129 -52.63 -67.37 26.76
CA LEU H 129 -52.13 -68.09 25.58
C LEU H 129 -53.05 -69.24 25.20
N GLU H 130 -54.36 -68.99 25.18
CA GLU H 130 -55.33 -70.05 24.90
C GLU H 130 -56.06 -69.90 23.57
N LEU H 131 -56.02 -68.72 22.94
CA LEU H 131 -56.80 -68.48 21.73
C LEU H 131 -55.93 -67.81 20.68
N PHE H 132 -56.23 -68.12 19.41
CA PHE H 132 -55.52 -67.56 18.26
C PHE H 132 -56.38 -66.45 17.67
N ASN H 133 -56.01 -65.21 17.96
CA ASN H 133 -56.64 -64.04 17.34
C ASN H 133 -55.91 -63.79 16.02
N THR H 134 -56.31 -64.56 15.00
CA THR H 134 -55.61 -64.59 13.72
C THR H 134 -56.51 -64.03 12.64
N SER H 135 -55.96 -63.13 11.83
CA SER H 135 -56.63 -62.60 10.65
C SER H 135 -55.99 -63.18 9.40
N VAL H 136 -56.79 -63.43 8.38
CA VAL H 136 -56.31 -64.04 7.14
C VAL H 136 -56.77 -63.18 5.97
N GLN H 137 -55.86 -62.89 5.04
CA GLN H 137 -56.16 -62.02 3.92
C GLN H 137 -55.54 -62.57 2.65
N LEU H 138 -56.18 -62.29 1.52
CA LEU H 138 -55.72 -62.68 0.20
C LEU H 138 -55.33 -61.44 -0.59
N GLN H 139 -54.32 -61.57 -1.44
CA GLN H 139 -53.82 -60.40 -2.15
C GLN H 139 -53.43 -60.73 -3.59
N PRO H 140 -54.22 -60.29 -4.56
CA PRO H 140 -53.78 -60.35 -5.95
C PRO H 140 -53.10 -59.06 -6.35
N PRO H 141 -52.31 -59.07 -7.42
CA PRO H 141 -51.68 -57.83 -7.89
C PRO H 141 -52.69 -56.81 -8.37
N THR H 142 -52.38 -55.53 -8.18
CA THR H 142 -53.23 -54.45 -8.61
C THR H 142 -52.98 -54.18 -10.10
N THR H 143 -53.54 -53.07 -10.61
CA THR H 143 -53.36 -52.67 -12.00
C THR H 143 -52.78 -51.26 -12.03
N ALA H 144 -51.66 -51.10 -12.72
CA ALA H 144 -51.05 -49.79 -12.83
C ALA H 144 -51.87 -48.89 -13.76
N PRO H 145 -51.91 -47.60 -13.49
CA PRO H 145 -52.67 -46.68 -14.35
C PRO H 145 -51.89 -46.35 -15.62
N GLY H 146 -52.59 -45.69 -16.54
CA GLY H 146 -52.00 -45.25 -17.78
C GLY H 146 -52.04 -43.74 -17.91
N PRO H 147 -51.33 -43.20 -18.90
CA PRO H 147 -51.33 -41.74 -19.10
C PRO H 147 -52.65 -41.22 -19.63
N GLU H 148 -53.42 -40.54 -18.78
CA GLU H 148 -54.68 -39.96 -19.22
C GLU H 148 -54.43 -38.80 -20.17
N THR H 149 -55.15 -38.78 -21.29
CA THR H 149 -54.91 -37.78 -22.33
C THR H 149 -56.20 -37.05 -22.72
N ALA H 150 -57.34 -37.76 -22.66
CA ALA H 150 -58.60 -37.18 -23.11
C ALA H 150 -58.96 -35.93 -22.32
N ALA H 151 -58.79 -35.97 -20.99
CA ALA H 151 -59.06 -34.80 -20.18
C ALA H 151 -58.14 -33.64 -20.55
N PHE H 152 -56.85 -33.94 -20.77
CA PHE H 152 -55.91 -32.91 -21.19
C PHE H 152 -56.29 -32.34 -22.54
N ILE H 153 -56.72 -33.19 -23.47
CA ILE H 153 -57.09 -32.73 -24.81
C ILE H 153 -58.30 -31.81 -24.72
N GLU H 154 -59.33 -32.21 -23.98
CA GLU H 154 -60.55 -31.41 -23.91
C GLU H 154 -60.32 -30.11 -23.14
N ARG H 155 -59.45 -30.13 -22.12
CA ARG H 155 -59.14 -28.89 -21.41
C ARG H 155 -58.28 -27.97 -22.25
N LEU H 156 -57.46 -28.53 -23.15
CA LEU H 156 -56.63 -27.71 -24.02
C LEU H 156 -57.46 -26.93 -25.04
N GLU H 157 -58.67 -27.39 -25.34
CA GLU H 157 -59.53 -26.72 -26.32
C GLU H 157 -59.91 -25.31 -25.86
N LEU I 1 -13.62 34.72 -17.64
CA LEU I 1 -13.86 35.56 -16.48
C LEU I 1 -15.30 35.41 -16.00
N LYS I 2 -15.52 34.49 -15.04
CA LYS I 2 -16.86 34.23 -14.53
C LYS I 2 -16.70 33.62 -13.14
N ASN I 3 -17.11 34.36 -12.11
CA ASN I 3 -16.93 33.87 -10.74
C ASN I 3 -18.16 34.11 -9.86
N PRO I 4 -19.39 33.76 -10.29
CA PRO I 4 -20.52 33.88 -9.35
C PRO I 4 -20.48 32.82 -8.25
N ILE I 5 -20.43 31.54 -8.65
CA ILE I 5 -20.36 30.44 -7.71
C ILE I 5 -19.25 29.47 -8.10
N ARG I 6 -19.30 28.98 -9.34
CA ARG I 6 -18.54 27.80 -9.72
C ARG I 6 -17.03 28.02 -9.60
N ARG I 7 -16.55 29.17 -10.08
CA ARG I 7 -15.12 29.47 -9.94
C ARG I 7 -14.72 29.58 -8.48
N ALA I 8 -15.57 30.20 -7.66
CA ALA I 8 -15.29 30.28 -6.23
C ALA I 8 -15.37 28.91 -5.56
N CYS I 9 -16.29 28.06 -6.00
CA CYS I 9 -16.52 26.77 -5.36
C CYS I 9 -15.66 25.65 -5.95
N ILE I 10 -14.81 25.93 -6.93
CA ILE I 10 -13.92 24.93 -7.46
C ILE I 10 -12.45 25.19 -7.10
N SER I 11 -12.08 26.45 -6.85
CA SER I 11 -10.74 26.75 -6.36
C SER I 11 -10.56 26.36 -4.90
N ILE I 12 -11.64 26.01 -4.21
CA ILE I 12 -11.55 25.59 -2.81
C ILE I 12 -11.05 24.16 -2.68
N VAL I 13 -11.13 23.36 -3.74
CA VAL I 13 -10.69 21.96 -3.66
C VAL I 13 -9.20 21.97 -4.00
N GLU I 14 -8.40 22.29 -2.99
CA GLU I 14 -6.95 22.27 -3.06
C GLU I 14 -6.39 21.65 -1.80
N TRP I 15 -7.06 20.62 -1.30
CA TRP I 15 -6.67 19.96 -0.08
C TRP I 15 -5.27 19.35 -0.19
N LYS I 16 -4.62 19.21 0.95
CA LYS I 16 -3.44 18.36 1.01
C LYS I 16 -3.76 16.90 0.69
N PRO I 17 -4.81 16.29 1.25
CA PRO I 17 -5.14 14.92 0.84
C PRO I 17 -5.49 14.80 -0.64
N PHE I 18 -5.97 15.87 -1.28
CA PHE I 18 -6.22 15.82 -2.71
C PHE I 18 -4.91 15.58 -3.47
N GLU I 19 -3.88 16.38 -3.17
CA GLU I 19 -2.58 16.16 -3.78
C GLU I 19 -1.98 14.82 -3.36
N ILE I 20 -2.27 14.37 -2.14
CA ILE I 20 -1.78 13.05 -1.70
C ILE I 20 -2.38 11.95 -2.57
N ILE I 21 -3.69 12.03 -2.83
CA ILE I 21 -4.35 11.03 -3.66
C ILE I 21 -3.85 11.10 -5.10
N ILE I 22 -3.55 12.32 -5.58
CA ILE I 22 -3.01 12.45 -6.93
C ILE I 22 -1.63 11.82 -7.02
N LEU I 23 -0.79 12.04 -6.01
CA LEU I 23 0.54 11.42 -5.98
C LEU I 23 0.43 9.90 -5.89
N LEU I 24 -0.53 9.40 -5.11
CA LEU I 24 -0.75 7.97 -5.02
C LEU I 24 -1.18 7.40 -6.36
N THR I 25 -2.04 8.11 -7.09
CA THR I 25 -2.42 7.69 -8.43
C THR I 25 -1.22 7.65 -9.36
N ILE I 26 -0.36 8.68 -9.29
CA ILE I 26 0.83 8.71 -10.13
C ILE I 26 1.75 7.54 -9.80
N PHE I 27 1.94 7.26 -8.51
CA PHE I 27 2.78 6.13 -8.10
C PHE I 27 2.19 4.81 -8.58
N ALA I 28 0.87 4.67 -8.50
CA ALA I 28 0.22 3.46 -9.00
C ALA I 28 0.43 3.31 -10.51
N ASN I 29 0.34 4.42 -11.25
CA ASN I 29 0.61 4.36 -12.68
C ASN I 29 2.06 3.95 -12.96
N CYS I 30 3.00 4.49 -12.18
CA CYS I 30 4.40 4.13 -12.36
C CYS I 30 4.63 2.64 -12.09
N VAL I 31 3.97 2.11 -11.06
CA VAL I 31 4.11 0.69 -10.75
C VAL I 31 3.45 -0.16 -11.83
N ALA I 32 2.32 0.30 -12.36
CA ALA I 32 1.63 -0.44 -13.41
C ALA I 32 2.49 -0.53 -14.67
N LEU I 33 3.13 0.59 -15.06
CA LEU I 33 4.02 0.57 -16.21
C LEU I 33 5.34 -0.13 -15.93
N ALA I 34 5.62 -0.47 -14.66
CA ALA I 34 6.92 -1.05 -14.33
C ALA I 34 7.05 -2.47 -14.84
N ILE I 35 6.01 -3.29 -14.69
CA ILE I 35 6.13 -4.70 -15.06
C ILE I 35 5.87 -4.88 -16.55
N TYR I 36 4.65 -4.60 -16.98
CA TYR I 36 4.24 -4.54 -18.40
C TYR I 36 5.02 -5.54 -19.24
N ILE I 37 4.82 -6.82 -18.93
CA ILE I 37 5.58 -7.93 -19.51
C ILE I 37 5.67 -7.79 -21.02
N PRO I 38 6.86 -7.51 -21.57
CA PRO I 38 6.97 -7.29 -23.01
C PRO I 38 6.73 -8.57 -23.79
N PHE I 39 6.21 -8.41 -25.00
CA PHE I 39 5.94 -9.51 -25.92
C PHE I 39 6.35 -9.08 -27.31
N PRO I 40 6.65 -10.04 -28.20
CA PRO I 40 7.05 -9.69 -29.57
C PRO I 40 6.00 -8.85 -30.29
N GLU I 41 4.77 -9.36 -30.41
CA GLU I 41 3.72 -8.60 -31.08
C GLU I 41 2.36 -9.12 -30.60
N ASP I 42 1.70 -8.32 -29.75
CA ASP I 42 0.30 -8.52 -29.38
C ASP I 42 0.04 -9.93 -28.84
N ASP I 43 0.66 -10.23 -27.70
CA ASP I 43 0.39 -11.47 -26.97
C ASP I 43 -0.48 -11.13 -25.78
N SER I 44 -1.77 -11.43 -25.89
CA SER I 44 -2.77 -11.10 -24.86
C SER I 44 -2.89 -12.29 -23.92
N ASN I 45 -2.12 -12.27 -22.84
CA ASN I 45 -2.15 -13.30 -21.81
C ASN I 45 -2.92 -12.86 -20.57
N ALA I 46 -3.99 -12.07 -20.76
CA ALA I 46 -4.89 -11.62 -19.70
C ALA I 46 -4.20 -10.65 -18.74
N THR I 47 -2.92 -10.37 -18.97
CA THR I 47 -2.20 -9.37 -18.17
C THR I 47 -2.23 -8.00 -18.86
N ASN I 48 -1.69 -7.94 -20.08
CA ASN I 48 -1.78 -6.71 -20.85
C ASN I 48 -3.22 -6.36 -21.17
N SER I 49 -4.10 -7.36 -21.22
CA SER I 49 -5.53 -7.07 -21.43
C SER I 49 -6.09 -6.24 -20.29
N ASN I 50 -5.73 -6.57 -19.04
CA ASN I 50 -6.19 -5.78 -17.90
C ASN I 50 -5.45 -4.46 -17.80
N LEU I 51 -4.16 -4.46 -18.13
CA LEU I 51 -3.39 -3.21 -18.13
C LEU I 51 -3.92 -2.22 -19.16
N GLU I 52 -4.52 -2.72 -20.24
CA GLU I 52 -5.19 -1.84 -21.19
C GLU I 52 -6.39 -1.14 -20.56
N ARG I 53 -7.16 -1.86 -19.74
CA ARG I 53 -8.34 -1.27 -19.12
C ARG I 53 -7.99 -0.32 -17.98
N VAL I 54 -6.92 -0.60 -17.24
CA VAL I 54 -6.52 0.28 -16.15
C VAL I 54 -6.18 1.68 -16.67
N GLU I 55 -5.66 1.76 -17.90
CA GLU I 55 -5.34 3.05 -18.49
C GLU I 55 -6.57 3.93 -18.64
N TYR I 56 -7.75 3.33 -18.83
CA TYR I 56 -8.98 4.12 -18.90
C TYR I 56 -9.25 4.84 -17.60
N LEU I 57 -9.12 4.14 -16.47
CA LEU I 57 -9.31 4.76 -15.17
C LEU I 57 -8.28 5.84 -14.92
N PHE I 58 -7.01 5.55 -15.23
CA PHE I 58 -5.97 6.55 -15.04
C PHE I 58 -6.23 7.79 -15.88
N LEU I 59 -6.61 7.60 -17.14
CA LEU I 59 -6.89 8.72 -18.02
C LEU I 59 -8.07 9.54 -17.53
N ILE I 60 -9.14 8.87 -17.07
CA ILE I 60 -10.33 9.62 -16.68
C ILE I 60 -10.08 10.42 -15.42
N ILE I 61 -9.34 9.85 -14.45
CA ILE I 61 -9.06 10.63 -13.25
C ILE I 61 -8.11 11.79 -13.55
N PHE I 62 -7.11 11.54 -14.41
CA PHE I 62 -6.22 12.64 -14.79
C PHE I 62 -6.95 13.75 -15.51
N THR I 63 -7.88 13.39 -16.41
CA THR I 63 -8.57 14.42 -17.18
C THR I 63 -9.59 15.16 -16.33
N VAL I 64 -10.22 14.50 -15.34
CA VAL I 64 -11.11 15.25 -14.45
C VAL I 64 -10.29 16.20 -13.59
N GLU I 65 -9.10 15.78 -13.16
CA GLU I 65 -8.22 16.70 -12.43
C GLU I 65 -7.84 17.90 -13.30
N ALA I 66 -7.49 17.64 -14.56
CA ALA I 66 -7.11 18.72 -15.47
C ALA I 66 -8.28 19.67 -15.71
N PHE I 67 -9.50 19.12 -15.86
CA PHE I 67 -10.67 19.97 -16.04
C PHE I 67 -10.92 20.84 -14.81
N LEU I 68 -10.77 20.26 -13.62
CA LEU I 68 -10.90 21.06 -12.39
C LEU I 68 -9.89 22.19 -12.37
N LYS I 69 -8.63 21.89 -12.70
CA LYS I 69 -7.60 22.93 -12.70
C LYS I 69 -7.91 24.03 -13.72
N VAL I 70 -8.35 23.64 -14.91
CA VAL I 70 -8.65 24.61 -15.95
C VAL I 70 -9.80 25.52 -15.54
N ILE I 71 -10.86 24.94 -14.97
CA ILE I 71 -11.97 25.76 -14.51
C ILE I 71 -11.52 26.68 -13.39
N ALA I 72 -10.69 26.19 -12.47
CA ALA I 72 -10.24 27.00 -11.34
C ALA I 72 -9.41 28.19 -11.79
N TYR I 73 -8.50 27.98 -12.75
CA TYR I 73 -7.52 29.02 -13.08
C TYR I 73 -7.80 29.73 -14.40
N GLY I 74 -8.44 29.08 -15.36
CA GLY I 74 -8.70 29.74 -16.63
C GLY I 74 -7.40 29.94 -17.41
N LEU I 75 -7.17 31.17 -17.85
CA LEU I 75 -5.97 31.49 -18.63
C LEU I 75 -4.79 31.83 -17.72
N LEU I 76 -4.55 30.94 -16.75
CA LEU I 76 -3.33 30.98 -15.94
C LEU I 76 -2.73 29.61 -15.73
N PHE I 77 -3.48 28.53 -16.00
CA PHE I 77 -2.92 27.19 -15.97
C PHE I 77 -1.86 26.99 -17.04
N HIS I 78 -2.11 27.51 -18.25
CA HIS I 78 -1.18 27.33 -19.35
C HIS I 78 0.19 27.99 -19.13
N PRO I 79 0.29 29.24 -18.67
CA PRO I 79 1.62 29.86 -18.57
C PRO I 79 2.62 29.09 -17.71
N ASN I 80 2.16 28.39 -16.68
CA ASN I 80 3.06 27.58 -15.88
C ASN I 80 3.64 26.44 -16.72
N ALA I 81 4.94 26.22 -16.59
CA ALA I 81 5.62 25.24 -17.43
C ALA I 81 5.18 23.81 -17.08
N TYR I 82 5.17 23.47 -15.80
CA TYR I 82 4.85 22.09 -15.40
C TYR I 82 3.39 21.77 -15.67
N LEU I 83 2.50 22.73 -15.42
CA LEU I 83 1.09 22.53 -15.75
C LEU I 83 0.91 22.31 -17.24
N ARG I 84 1.62 23.08 -18.07
CA ARG I 84 1.55 22.91 -19.51
C ARG I 84 2.09 21.53 -19.92
N ASN I 85 3.16 21.08 -19.29
CA ASN I 85 3.71 19.75 -19.57
C ASN I 85 2.70 18.67 -19.25
N GLY I 86 2.07 18.76 -18.07
CA GLY I 86 1.05 17.78 -17.71
C GLY I 86 -0.13 17.79 -18.65
N TRP I 87 -0.59 18.99 -19.05
CA TRP I 87 -1.70 19.09 -19.97
C TRP I 87 -1.35 18.50 -21.32
N ASN I 88 -0.14 18.74 -21.82
CA ASN I 88 0.28 18.18 -23.09
C ASN I 88 0.37 16.66 -23.02
N LEU I 89 0.91 16.13 -21.91
CA LEU I 89 0.95 14.68 -21.73
C LEU I 89 -0.44 14.09 -21.74
N LEU I 90 -1.38 14.71 -21.02
CA LEU I 90 -2.74 14.22 -20.98
C LEU I 90 -3.39 14.27 -22.35
N ASP I 91 -3.15 15.36 -23.10
CA ASP I 91 -3.72 15.47 -24.44
C ASP I 91 -3.18 14.39 -25.36
N PHE I 92 -1.87 14.14 -25.31
CA PHE I 92 -1.31 13.08 -26.12
C PHE I 92 -1.90 11.72 -25.76
N ILE I 93 -2.07 11.45 -24.46
CA ILE I 93 -2.60 10.16 -24.03
C ILE I 93 -4.04 10.00 -24.52
N ILE I 94 -4.87 11.02 -24.36
CA ILE I 94 -6.26 10.89 -24.79
C ILE I 94 -6.34 10.77 -26.30
N VAL I 95 -5.47 11.49 -27.03
CA VAL I 95 -5.49 11.42 -28.49
C VAL I 95 -5.13 10.01 -28.95
N VAL I 96 -4.07 9.42 -28.37
CA VAL I 96 -3.67 8.10 -28.81
C VAL I 96 -4.72 7.06 -28.42
N VAL I 97 -5.33 7.22 -27.23
CA VAL I 97 -6.38 6.28 -26.82
C VAL I 97 -7.56 6.34 -27.79
N GLY I 98 -7.98 7.57 -28.15
CA GLY I 98 -9.08 7.70 -29.09
C GLY I 98 -8.75 7.15 -30.46
N LEU I 99 -7.53 7.40 -30.95
CA LEU I 99 -7.14 6.89 -32.25
C LEU I 99 -7.10 5.37 -32.26
N PHE I 100 -6.57 4.76 -31.19
CA PHE I 100 -6.56 3.30 -31.12
C PHE I 100 -7.96 2.73 -31.03
N SER I 101 -8.84 3.37 -30.26
CA SER I 101 -10.21 2.88 -30.13
C SER I 101 -10.98 3.04 -31.43
N ALA I 102 -10.66 4.04 -32.23
CA ALA I 102 -11.36 4.24 -33.50
C ALA I 102 -11.14 3.07 -34.45
N ILE I 103 -9.92 2.56 -34.51
CA ILE I 103 -9.60 1.44 -35.38
C ILE I 103 -9.69 0.13 -34.61
N LYS I 126 0.61 2.46 -32.12
CA LYS I 126 1.21 2.03 -30.86
C LYS I 126 2.52 2.77 -30.60
N ALA I 127 2.84 3.73 -31.47
CA ALA I 127 4.08 4.49 -31.31
C ALA I 127 3.96 5.50 -30.18
N LEU I 128 2.79 6.13 -30.03
CA LEU I 128 2.60 7.16 -29.02
C LEU I 128 2.53 6.61 -27.60
N ARG I 129 2.45 5.29 -27.43
CA ARG I 129 2.39 4.72 -26.09
C ARG I 129 3.60 5.09 -25.26
N ALA I 130 4.74 5.38 -25.91
CA ALA I 130 5.93 5.80 -25.19
C ALA I 130 5.70 7.09 -24.40
N PHE I 131 4.72 7.91 -24.80
CA PHE I 131 4.42 9.11 -24.03
C PHE I 131 3.94 8.76 -22.62
N ARG I 132 3.34 7.58 -22.45
CA ARG I 132 2.99 7.12 -21.10
C ARG I 132 4.22 7.06 -20.21
N VAL I 133 5.38 6.72 -20.78
CA VAL I 133 6.61 6.67 -20.01
C VAL I 133 6.95 8.03 -19.42
N LEU I 134 6.46 9.12 -20.02
CA LEU I 134 6.71 10.45 -19.50
C LEU I 134 5.92 10.75 -18.23
N ARG I 135 4.98 9.88 -17.85
CA ARG I 135 4.13 10.16 -16.68
C ARG I 135 4.90 10.36 -15.37
N PRO I 136 5.92 9.58 -15.02
CA PRO I 136 6.58 9.79 -13.73
C PRO I 136 7.16 11.19 -13.53
N LEU I 137 7.54 11.88 -14.60
CA LEU I 137 8.08 13.23 -14.45
C LEU I 137 7.08 14.15 -13.77
N ARG I 138 5.79 13.95 -14.03
CA ARG I 138 4.75 14.76 -13.40
C ARG I 138 4.82 14.68 -11.88
N LEU I 139 5.38 13.60 -11.33
CA LEU I 139 5.53 13.49 -9.88
C LEU I 139 6.34 14.65 -9.32
N VAL I 140 7.37 15.10 -10.05
CA VAL I 140 8.19 16.21 -9.57
C VAL I 140 7.48 17.54 -9.71
N SER I 141 6.36 17.59 -10.43
CA SER I 141 5.66 18.85 -10.65
C SER I 141 4.98 19.38 -9.39
N GLY I 142 4.68 18.51 -8.43
CA GLY I 142 3.94 18.93 -7.25
C GLY I 142 4.67 18.76 -5.94
N VAL I 143 5.60 17.81 -5.88
CA VAL I 143 6.28 17.50 -4.61
C VAL I 143 7.22 18.65 -4.26
N PRO I 144 7.13 19.21 -3.05
CA PRO I 144 8.07 20.26 -2.65
C PRO I 144 9.45 19.68 -2.36
N SER I 145 10.40 20.58 -2.14
CA SER I 145 11.81 20.28 -1.90
C SER I 145 12.47 19.59 -3.09
N LEU I 146 11.78 19.48 -4.21
CA LEU I 146 12.33 18.95 -5.45
C LEU I 146 12.19 19.91 -6.62
N GLN I 147 11.12 20.71 -6.65
CA GLN I 147 10.98 21.74 -7.68
C GLN I 147 12.10 22.77 -7.58
N VAL I 148 12.42 23.21 -6.35
CA VAL I 148 13.45 24.21 -6.17
C VAL I 148 14.81 23.67 -6.62
N VAL I 149 15.09 22.41 -6.29
CA VAL I 149 16.37 21.81 -6.67
C VAL I 149 16.50 21.75 -8.19
N LEU I 150 15.43 21.29 -8.86
CA LEU I 150 15.48 21.19 -10.32
C LEU I 150 15.60 22.58 -10.95
N ASN I 151 14.91 23.57 -10.40
CA ASN I 151 15.02 24.93 -10.91
C ASN I 151 16.44 25.46 -10.76
N SER I 152 17.07 25.22 -9.60
CA SER I 152 18.44 25.65 -9.41
C SER I 152 19.38 24.95 -10.37
N ILE I 153 19.18 23.64 -10.58
CA ILE I 153 20.05 22.89 -11.48
C ILE I 153 19.93 23.43 -12.92
N ILE I 154 18.70 23.66 -13.38
CA ILE I 154 18.52 24.14 -14.75
C ILE I 154 18.99 25.58 -14.89
N LYS I 155 18.91 26.38 -13.82
CA LYS I 155 19.38 27.76 -13.90
C LYS I 155 20.89 27.84 -13.87
N ALA I 156 21.56 26.92 -13.18
CA ALA I 156 23.01 26.95 -13.08
C ALA I 156 23.68 26.74 -14.44
N MET I 157 23.11 25.84 -15.25
CA MET I 157 23.72 25.50 -16.53
C MET I 157 23.45 26.51 -17.64
N VAL I 158 22.50 27.43 -17.45
CA VAL I 158 22.19 28.40 -18.51
C VAL I 158 23.37 29.29 -18.85
N PRO I 159 24.03 29.96 -17.90
CA PRO I 159 25.16 30.84 -18.29
C PRO I 159 26.31 30.10 -18.95
N LEU I 160 26.43 28.80 -18.72
CA LEU I 160 27.48 27.99 -19.34
C LEU I 160 27.07 27.43 -20.70
N LEU I 161 25.83 27.69 -21.13
CA LEU I 161 25.35 27.10 -22.38
C LEU I 161 26.23 27.49 -23.55
N HIS I 162 26.62 28.76 -23.64
CA HIS I 162 27.52 29.21 -24.69
C HIS I 162 28.77 28.33 -24.76
N ILE I 163 29.33 27.98 -23.59
CA ILE I 163 30.52 27.14 -23.55
C ILE I 163 30.28 25.85 -24.32
N ALA I 164 29.12 25.21 -24.07
CA ALA I 164 28.82 23.96 -24.74
C ALA I 164 28.86 24.11 -26.26
N LEU I 165 28.40 25.26 -26.76
CA LEU I 165 28.40 25.49 -28.20
C LEU I 165 29.80 25.30 -28.79
N LEU I 166 30.83 25.73 -28.07
CA LEU I 166 32.20 25.60 -28.56
C LEU I 166 32.51 24.15 -28.90
N VAL I 167 32.07 23.21 -28.06
CA VAL I 167 32.37 21.80 -28.29
C VAL I 167 31.88 21.39 -29.68
N LEU I 168 30.70 21.87 -30.07
CA LEU I 168 30.16 21.54 -31.38
C LEU I 168 31.18 21.88 -32.46
N PHE I 169 31.69 23.11 -32.43
CA PHE I 169 32.72 23.50 -33.40
C PHE I 169 33.87 22.50 -33.39
N VAL I 170 34.39 22.21 -32.19
CA VAL I 170 35.49 21.25 -32.08
C VAL I 170 35.06 19.92 -32.67
N ILE I 171 33.89 19.42 -32.26
CA ILE I 171 33.47 18.09 -32.68
C ILE I 171 33.23 18.04 -34.17
N ILE I 172 33.15 19.20 -34.83
CA ILE I 172 33.13 19.23 -36.29
C ILE I 172 34.54 19.33 -36.85
N ILE I 173 35.33 20.28 -36.33
CA ILE I 173 36.57 20.68 -37.00
C ILE I 173 37.47 19.48 -37.21
N TYR I 174 37.89 18.84 -36.12
CA TYR I 174 38.78 17.69 -36.24
C TYR I 174 38.14 16.59 -37.07
N ALA I 175 36.83 16.41 -36.95
CA ALA I 175 36.13 15.43 -37.78
C ALA I 175 36.40 15.69 -39.25
N ILE I 176 36.29 16.96 -39.66
CA ILE I 176 36.56 17.31 -41.06
C ILE I 176 37.97 16.88 -41.45
N ILE I 177 38.93 17.07 -40.54
CA ILE I 177 40.30 16.68 -40.82
C ILE I 177 40.35 15.20 -41.19
N GLY I 178 39.62 14.36 -40.44
CA GLY I 178 39.60 12.94 -40.76
C GLY I 178 39.07 12.68 -42.15
N LEU I 179 38.03 13.41 -42.55
CA LEU I 179 37.48 13.24 -43.90
C LEU I 179 38.52 13.57 -44.96
N GLU I 180 39.46 14.46 -44.65
CA GLU I 180 40.54 14.75 -45.58
C GLU I 180 41.59 13.65 -45.59
N LEU I 181 41.82 12.99 -44.45
CA LEU I 181 42.92 12.04 -44.32
C LEU I 181 42.48 10.59 -44.25
N PHE I 182 41.25 10.30 -43.86
CA PHE I 182 40.77 8.94 -43.69
C PHE I 182 39.50 8.71 -44.50
N MET I 183 39.47 9.21 -45.73
CA MET I 183 38.34 8.99 -46.62
C MET I 183 38.48 7.62 -47.27
N GLY I 184 37.69 6.66 -46.79
CA GLY I 184 37.71 5.33 -47.38
C GLY I 184 39.02 4.59 -47.22
N LYS I 185 39.71 4.78 -46.10
CA LYS I 185 40.96 4.08 -45.85
C LYS I 185 40.76 2.68 -45.26
N MET I 186 39.53 2.33 -44.89
CA MET I 186 39.24 1.01 -44.33
C MET I 186 38.59 0.08 -45.35
N HIS I 187 38.40 0.53 -46.59
CA HIS I 187 37.76 -0.32 -47.59
C HIS I 187 38.59 -1.57 -47.88
N LYS I 188 39.90 -1.40 -48.06
CA LYS I 188 40.75 -2.54 -48.32
C LYS I 188 40.83 -3.45 -47.09
N THR I 189 40.71 -4.75 -47.33
CA THR I 189 40.67 -5.74 -46.27
C THR I 189 41.60 -6.90 -46.66
N CYS I 190 41.50 -8.00 -45.92
CA CYS I 190 42.32 -9.18 -46.15
C CYS I 190 41.47 -10.45 -46.11
N TYR I 191 40.36 -10.44 -46.85
CA TYR I 191 39.54 -11.63 -46.98
C TYR I 191 40.36 -12.78 -47.53
N ASN I 192 40.50 -13.84 -46.74
CA ASN I 192 41.42 -14.93 -47.06
C ASN I 192 41.06 -15.62 -48.37
N GLN I 193 39.89 -16.26 -48.43
CA GLN I 193 39.45 -16.90 -49.67
C GLN I 193 38.20 -16.25 -50.24
N GLU I 194 37.09 -16.21 -49.49
CA GLU I 194 35.83 -15.67 -49.99
C GLU I 194 35.04 -15.14 -48.78
N GLY I 195 35.09 -13.83 -48.58
CA GLY I 195 34.30 -13.21 -47.54
C GLY I 195 34.73 -13.52 -46.12
N ILE I 196 35.87 -14.20 -45.94
CA ILE I 196 36.39 -14.52 -44.62
C ILE I 196 37.82 -14.00 -44.55
N ALA I 197 38.10 -13.14 -43.57
CA ALA I 197 39.44 -12.59 -43.43
C ALA I 197 40.40 -13.64 -42.90
N ASP I 198 41.68 -13.46 -43.22
CA ASP I 198 42.71 -14.37 -42.73
C ASP I 198 43.17 -13.95 -41.34
N VAL I 199 42.21 -13.73 -40.45
CA VAL I 199 42.48 -13.35 -39.06
C VAL I 199 41.51 -14.09 -38.16
N PRO I 200 41.85 -14.23 -36.86
CA PRO I 200 40.92 -14.82 -35.89
C PRO I 200 39.81 -13.87 -35.46
N ALA I 201 39.21 -13.19 -36.45
CA ALA I 201 38.09 -12.26 -36.25
C ALA I 201 38.43 -11.12 -35.29
N GLU I 202 39.71 -10.88 -35.03
CA GLU I 202 40.10 -9.83 -34.11
C GLU I 202 41.12 -8.86 -34.69
N ASP I 203 42.05 -9.34 -35.51
CA ASP I 203 43.06 -8.46 -36.09
C ASP I 203 42.46 -7.61 -37.20
N ASP I 204 42.90 -6.38 -37.31
CA ASP I 204 42.45 -5.50 -38.37
C ASP I 204 43.08 -5.91 -39.70
N PRO I 205 42.29 -6.29 -40.70
CA PRO I 205 42.87 -6.64 -42.00
C PRO I 205 43.38 -5.42 -42.75
N SER I 206 44.53 -4.91 -42.35
CA SER I 206 45.08 -3.71 -42.95
C SER I 206 45.49 -3.98 -44.39
N PRO I 207 45.40 -2.99 -45.27
CA PRO I 207 45.65 -3.24 -46.70
C PRO I 207 47.07 -3.68 -46.97
N CYS I 208 47.22 -4.49 -48.03
CA CYS I 208 48.53 -4.90 -48.54
C CYS I 208 49.13 -3.71 -49.28
N ALA I 209 49.66 -2.76 -48.50
CA ALA I 209 50.13 -1.50 -49.05
C ALA I 209 51.31 -1.72 -50.00
N LEU I 210 51.42 -0.83 -50.98
CA LEU I 210 52.56 -0.89 -51.90
C LEU I 210 53.87 -0.72 -51.16
N GLU I 211 53.92 0.22 -50.21
CA GLU I 211 55.03 0.33 -49.28
C GLU I 211 54.71 -0.54 -48.07
N THR I 212 55.38 -1.67 -47.97
CA THR I 212 55.07 -2.64 -46.92
C THR I 212 55.53 -2.13 -45.56
N GLY I 213 55.06 -2.81 -44.51
CA GLY I 213 55.35 -2.42 -43.15
C GLY I 213 54.13 -2.52 -42.26
N HIS I 214 52.95 -2.34 -42.86
CA HIS I 214 51.68 -2.47 -42.16
C HIS I 214 50.73 -3.31 -43.00
N GLY I 215 50.02 -4.22 -42.35
CA GLY I 215 49.16 -5.15 -43.06
C GLY I 215 49.91 -6.10 -43.97
N ARG I 216 51.02 -6.67 -43.49
CA ARG I 216 51.80 -7.59 -44.30
C ARG I 216 51.03 -8.85 -44.63
N GLN I 217 50.04 -9.20 -43.81
CA GLN I 217 49.17 -10.37 -43.97
C GLN I 217 49.95 -11.60 -44.45
N CYS I 218 50.93 -12.00 -43.63
CA CYS I 218 51.76 -13.16 -43.94
C CYS I 218 51.19 -14.41 -43.27
N GLN I 219 50.06 -14.88 -43.80
CA GLN I 219 49.39 -16.07 -43.30
C GLN I 219 49.60 -17.27 -44.22
N ASN I 220 50.69 -17.29 -44.97
CA ASN I 220 51.01 -18.37 -45.91
C ASN I 220 49.88 -18.55 -46.92
N GLY I 221 49.63 -17.50 -47.70
CA GLY I 221 48.54 -17.48 -48.65
C GLY I 221 47.47 -16.50 -48.25
N THR I 222 47.47 -15.31 -48.84
CA THR I 222 46.56 -14.25 -48.45
C THR I 222 45.99 -13.57 -49.70
N VAL I 223 44.81 -13.00 -49.53
CA VAL I 223 44.16 -12.18 -50.55
C VAL I 223 43.70 -10.89 -49.89
N CYS I 224 44.10 -9.76 -50.45
CA CYS I 224 43.68 -8.45 -49.96
C CYS I 224 42.70 -7.85 -50.96
N LYS I 225 41.44 -7.75 -50.56
CA LYS I 225 40.36 -7.25 -51.39
C LYS I 225 39.56 -6.21 -50.62
N PRO I 226 38.88 -5.29 -51.31
CA PRO I 226 38.05 -4.31 -50.61
C PRO I 226 36.89 -4.98 -49.87
N GLY I 227 36.51 -4.37 -48.75
CA GLY I 227 35.44 -4.93 -47.94
C GLY I 227 35.22 -4.10 -46.70
N TRP I 228 34.45 -4.65 -45.78
CA TRP I 228 34.16 -4.02 -44.49
C TRP I 228 34.62 -4.96 -43.38
N ASP I 229 35.91 -4.84 -43.02
CA ASP I 229 36.49 -5.59 -41.91
C ASP I 229 37.10 -4.64 -40.89
N GLY I 230 36.44 -3.51 -40.67
CA GLY I 230 36.88 -2.52 -39.72
C GLY I 230 36.10 -2.63 -38.43
N PRO I 231 35.07 -1.81 -38.30
CA PRO I 231 34.20 -1.89 -37.11
C PRO I 231 33.56 -3.26 -36.98
N LYS I 232 33.22 -3.62 -35.75
CA LYS I 232 32.59 -4.90 -35.49
C LYS I 232 31.27 -5.07 -36.24
N HIS I 233 30.62 -3.96 -36.59
CA HIS I 233 29.38 -3.99 -37.36
C HIS I 233 29.41 -3.02 -38.53
N GLY I 234 30.59 -2.54 -38.90
CA GLY I 234 30.69 -1.54 -39.95
C GLY I 234 30.05 -0.22 -39.57
N ILE I 235 30.25 0.22 -38.33
CA ILE I 235 29.59 1.42 -37.82
C ILE I 235 30.56 2.60 -37.77
N THR I 236 31.69 2.42 -37.08
CA THR I 236 32.61 3.52 -36.81
C THR I 236 33.61 3.75 -37.94
N ASN I 237 33.31 3.29 -39.16
CA ASN I 237 34.15 3.60 -40.30
C ASN I 237 34.09 5.10 -40.60
N PHE I 238 35.20 5.65 -41.08
CA PHE I 238 35.31 7.10 -41.22
C PHE I 238 34.52 7.63 -42.41
N ASP I 239 34.05 6.77 -43.31
CA ASP I 239 33.12 7.20 -44.33
C ASP I 239 31.75 7.43 -43.69
N ASN I 240 30.79 7.91 -44.50
CA ASN I 240 29.43 8.16 -44.03
C ASN I 240 29.45 9.16 -42.87
N PHE I 241 29.77 10.40 -43.21
CA PHE I 241 30.21 11.47 -42.32
C PHE I 241 29.55 11.45 -40.93
N ALA I 242 28.27 11.10 -40.86
CA ALA I 242 27.64 10.90 -39.55
C ALA I 242 28.40 9.86 -38.73
N PHE I 243 28.89 8.80 -39.39
CA PHE I 243 29.70 7.81 -38.69
C PHE I 243 31.01 8.41 -38.21
N ALA I 244 31.61 9.30 -39.00
CA ALA I 244 32.82 9.99 -38.56
C ALA I 244 32.55 10.85 -37.32
N MET I 245 31.40 11.54 -37.31
CA MET I 245 31.02 12.31 -36.14
C MET I 245 30.83 11.42 -34.92
N LEU I 246 30.18 10.27 -35.11
CA LEU I 246 30.02 9.32 -34.01
C LEU I 246 31.38 8.84 -33.50
N THR I 247 32.31 8.56 -34.42
CA THR I 247 33.63 8.09 -34.03
C THR I 247 34.39 9.15 -33.23
N VAL I 248 34.36 10.39 -33.70
CA VAL I 248 35.08 11.45 -33.00
C VAL I 248 34.44 11.73 -31.64
N PHE I 249 33.11 11.62 -31.54
CA PHE I 249 32.45 11.77 -30.25
C PHE I 249 32.84 10.64 -29.30
N GLN I 250 32.91 9.40 -29.81
CA GLN I 250 33.35 8.29 -28.98
C GLN I 250 34.80 8.45 -28.54
N CYS I 251 35.63 9.08 -29.38
CA CYS I 251 37.02 9.31 -29.00
C CYS I 251 37.15 10.42 -27.97
N ILE I 252 36.32 11.46 -28.07
CA ILE I 252 36.45 12.62 -27.19
C ILE I 252 35.99 12.35 -25.76
N THR I 253 35.38 11.20 -25.50
CA THR I 253 34.93 10.88 -24.14
C THR I 253 35.98 10.12 -23.33
N MET I 254 37.19 9.94 -23.88
CA MET I 254 38.26 9.21 -23.21
C MET I 254 37.84 7.77 -22.88
N GLU I 255 37.53 7.02 -23.93
CA GLU I 255 37.14 5.62 -23.77
C GLU I 255 37.39 4.90 -25.08
N GLY I 256 38.42 4.05 -25.11
CA GLY I 256 38.68 3.22 -26.26
C GLY I 256 39.30 3.91 -27.44
N TRP I 257 39.77 5.15 -27.30
CA TRP I 257 40.40 5.85 -28.42
C TRP I 257 41.69 5.17 -28.86
N THR I 258 42.36 4.47 -27.93
CA THR I 258 43.57 3.74 -28.30
C THR I 258 43.27 2.64 -29.31
N ASP I 259 42.07 2.05 -29.24
CA ASP I 259 41.71 1.00 -30.19
C ASP I 259 41.67 1.54 -31.61
N VAL I 260 40.96 2.66 -31.83
CA VAL I 260 40.89 3.23 -33.16
C VAL I 260 42.24 3.81 -33.58
N LEU I 261 43.03 4.29 -32.62
CA LEU I 261 44.37 4.76 -32.94
C LEU I 261 45.22 3.63 -33.49
N TYR I 262 45.19 2.46 -32.83
CA TYR I 262 45.93 1.32 -33.33
C TYR I 262 45.38 0.85 -34.67
N TRP I 263 44.06 0.87 -34.83
CA TRP I 263 43.46 0.47 -36.10
C TRP I 263 43.95 1.34 -37.25
N VAL I 264 43.91 2.66 -37.07
CA VAL I 264 44.31 3.57 -38.14
C VAL I 264 45.82 3.48 -38.38
N ASN I 265 46.61 3.32 -37.31
CA ASN I 265 48.05 3.18 -37.48
C ASN I 265 48.39 1.93 -38.28
N ASP I 266 47.71 0.82 -37.99
CA ASP I 266 47.92 -0.40 -38.78
C ASP I 266 47.42 -0.22 -40.21
N ALA I 267 46.35 0.55 -40.40
CA ALA I 267 45.78 0.70 -41.73
C ALA I 267 46.65 1.55 -42.65
N VAL I 268 47.14 2.68 -42.17
CA VAL I 268 47.82 3.63 -43.05
C VAL I 268 49.32 3.65 -42.81
N GLY I 269 49.74 3.44 -41.58
CA GLY I 269 51.16 3.48 -41.25
C GLY I 269 51.38 4.00 -39.84
N ARG I 270 52.62 3.86 -39.39
CA ARG I 270 53.01 4.19 -38.03
C ARG I 270 53.62 5.57 -37.95
N ASP I 271 53.38 6.25 -36.82
CA ASP I 271 53.95 7.53 -36.42
C ASP I 271 53.41 8.72 -37.18
N TRP I 272 52.62 8.52 -38.23
CA TRP I 272 52.10 9.66 -38.99
C TRP I 272 50.96 10.38 -38.27
N PRO I 273 49.88 9.70 -37.87
CA PRO I 273 48.66 10.41 -37.46
C PRO I 273 48.41 10.59 -35.96
N TRP I 274 49.30 10.14 -35.07
CA TRP I 274 49.02 10.23 -33.65
C TRP I 274 48.87 11.66 -33.15
N ILE I 275 49.48 12.63 -33.85
CA ILE I 275 49.39 14.04 -33.42
C ILE I 275 47.94 14.49 -33.40
N TYR I 276 47.15 14.04 -34.38
CA TYR I 276 45.74 14.43 -34.44
C TYR I 276 44.99 13.98 -33.20
N PHE I 277 45.16 12.71 -32.81
CA PHE I 277 44.46 12.20 -31.63
C PHE I 277 44.98 12.85 -30.35
N VAL I 278 46.29 13.12 -30.27
CA VAL I 278 46.83 13.78 -29.10
C VAL I 278 46.25 15.18 -28.95
N THR I 279 46.16 15.93 -30.06
CA THR I 279 45.56 17.25 -30.02
C THR I 279 44.09 17.18 -29.62
N LEU I 280 43.37 16.19 -30.15
CA LEU I 280 41.97 16.02 -29.77
C LEU I 280 41.82 15.78 -28.28
N ILE I 281 42.67 14.92 -27.72
CA ILE I 281 42.54 14.56 -26.31
C ILE I 281 42.92 15.75 -25.41
N ILE I 282 43.94 16.52 -25.81
CA ILE I 282 44.32 17.67 -24.98
C ILE I 282 43.27 18.77 -25.06
N ILE I 283 42.66 18.95 -26.24
CA ILE I 283 41.57 19.91 -26.35
C ILE I 283 40.38 19.48 -25.50
N GLY I 284 40.09 18.18 -25.49
CA GLY I 284 39.03 17.69 -24.62
C GLY I 284 39.31 17.92 -23.15
N SER I 285 40.55 17.69 -22.73
CA SER I 285 40.91 17.95 -21.33
C SER I 285 40.77 19.43 -20.99
N PHE I 286 41.23 20.31 -21.90
CA PHE I 286 41.09 21.74 -21.67
C PHE I 286 39.62 22.15 -21.57
N PHE I 287 38.77 21.56 -22.42
CA PHE I 287 37.35 21.89 -22.36
C PHE I 287 36.72 21.39 -21.06
N VAL I 288 37.14 20.22 -20.59
CA VAL I 288 36.66 19.73 -19.30
C VAL I 288 37.05 20.70 -18.18
N LEU I 289 38.30 21.19 -18.23
CA LEU I 289 38.73 22.17 -17.24
C LEU I 289 37.88 23.44 -17.32
N ASN I 290 37.61 23.92 -18.53
CA ASN I 290 36.79 25.11 -18.69
C ASN I 290 35.38 24.92 -18.14
N LEU I 291 34.78 23.75 -18.42
CA LEU I 291 33.45 23.47 -17.90
C LEU I 291 33.45 23.38 -16.38
N VAL I 292 34.49 22.79 -15.80
CA VAL I 292 34.59 22.72 -14.34
C VAL I 292 34.71 24.11 -13.75
N LEU I 293 35.48 25.00 -14.38
CA LEU I 293 35.60 26.37 -13.87
C LEU I 293 34.27 27.12 -14.01
N GLY I 294 33.54 26.88 -15.10
CA GLY I 294 32.23 27.50 -15.24
C GLY I 294 31.26 27.05 -14.17
N VAL I 295 31.25 25.74 -13.87
CA VAL I 295 30.42 25.22 -12.80
C VAL I 295 30.86 25.79 -11.46
N LEU I 296 32.17 25.96 -11.27
CA LEU I 296 32.70 26.61 -10.08
C LEU I 296 32.11 28.01 -9.92
N SER I 297 32.15 28.80 -10.98
CA SER I 297 31.60 30.16 -10.91
C SER I 297 30.12 30.15 -10.63
N GLY I 298 29.38 29.26 -11.29
CA GLY I 298 27.95 29.16 -11.05
C GLY I 298 27.63 28.82 -9.60
N GLU I 299 28.39 27.90 -9.01
CA GLU I 299 28.17 27.53 -7.61
C GLU I 299 28.57 28.66 -6.67
N PHE I 300 29.68 29.34 -6.97
CA PHE I 300 30.14 30.43 -6.11
C PHE I 300 29.19 31.62 -6.15
N SER I 301 28.46 31.79 -7.25
CA SER I 301 27.52 32.89 -7.36
C SER I 301 26.40 32.78 -6.33
N LYS I 302 26.20 31.62 -5.72
CA LYS I 302 25.17 31.44 -4.70
C LYS I 302 25.70 30.92 -3.37
N GLU I 303 26.91 30.34 -3.32
CA GLU I 303 27.42 29.82 -2.06
C GLU I 303 27.74 30.93 -1.07
N ARG I 304 28.01 32.13 -1.58
CA ARG I 304 28.30 33.30 -0.74
C ARG I 304 27.18 34.33 -0.78
N GLU I 305 26.80 34.78 -1.98
CA GLU I 305 25.66 35.68 -2.11
C GLU I 305 24.39 34.96 -1.71
N LYS I 306 23.51 35.68 -1.00
CA LYS I 306 22.26 35.19 -0.44
C LYS I 306 22.47 34.17 0.66
N ALA I 307 23.72 33.81 0.98
CA ALA I 307 24.04 32.92 2.08
C ALA I 307 24.64 33.66 3.27
N LYS I 308 25.54 34.61 3.02
CA LYS I 308 26.04 35.46 4.08
C LYS I 308 24.97 36.44 4.56
N ALA I 309 23.91 36.64 3.78
CA ALA I 309 22.85 37.55 4.18
C ALA I 309 22.10 37.01 5.39
N ARG I 310 21.50 35.82 5.28
CA ARG I 310 20.81 35.23 6.41
C ARG I 310 21.79 34.67 7.44
N GLY I 311 23.01 34.33 7.03
CA GLY I 311 24.03 33.87 7.96
C GLY I 311 23.68 32.60 8.70
N ASP I 312 23.16 31.58 7.99
CA ASP I 312 22.78 30.34 8.64
C ASP I 312 23.97 29.67 9.32
N PHE I 313 25.18 29.88 8.79
CA PHE I 313 26.38 29.39 9.48
C PHE I 313 26.53 30.06 10.84
N GLN I 314 26.25 31.37 10.90
CA GLN I 314 26.27 32.05 12.19
C GLN I 314 25.19 31.50 13.12
N LYS I 315 24.05 31.11 12.56
CA LYS I 315 23.00 30.49 13.37
C LYS I 315 23.47 29.16 13.96
N LEU I 316 24.14 28.33 13.15
CA LEU I 316 24.66 27.07 13.66
C LEU I 316 25.72 27.29 14.72
N ARG I 317 26.60 28.28 14.49
CA ARG I 317 27.61 28.61 15.51
C ARG I 317 26.95 29.07 16.80
N GLU I 318 25.88 29.87 16.69
CA GLU I 318 25.15 30.30 17.88
C GLU I 318 24.51 29.11 18.59
N LYS I 319 23.97 28.15 17.83
CA LYS I 319 23.38 26.97 18.45
C LYS I 319 24.41 26.17 19.23
N GLN I 320 25.59 25.93 18.63
CA GLN I 320 26.60 25.15 19.33
C GLN I 320 27.17 25.91 20.52
N GLN I 321 27.31 27.24 20.39
CA GLN I 321 27.73 28.06 21.52
C GLN I 321 26.71 28.01 22.65
N LEU I 322 25.42 28.02 22.30
CA LEU I 322 24.37 27.91 23.31
C LEU I 322 24.44 26.57 24.02
N GLU I 323 24.67 25.49 23.27
CA GLU I 323 24.82 24.18 23.90
C GLU I 323 26.01 24.16 24.86
N GLU I 324 27.14 24.72 24.43
CA GLU I 324 28.33 24.76 25.29
C GLU I 324 28.07 25.58 26.55
N ASP I 325 27.45 26.75 26.40
CA ASP I 325 27.17 27.60 27.55
C ASP I 325 26.18 26.92 28.50
N LEU I 326 25.17 26.24 27.94
CA LEU I 326 24.21 25.53 28.77
C LEU I 326 24.88 24.43 29.57
N LYS I 327 25.75 23.64 28.94
CA LYS I 327 26.43 22.57 29.68
C LYS I 327 27.34 23.15 30.75
N GLY I 328 28.02 24.25 30.45
CA GLY I 328 28.87 24.87 31.45
C GLY I 328 28.09 25.39 32.65
N TYR I 329 26.98 26.07 32.39
CA TYR I 329 26.18 26.60 33.49
C TYR I 329 25.49 25.49 34.27
N LEU I 330 25.10 24.40 33.61
CA LEU I 330 24.56 23.27 34.33
C LEU I 330 25.61 22.61 35.22
N ASP I 331 26.85 22.54 34.74
CA ASP I 331 27.93 22.07 35.59
C ASP I 331 28.12 23.00 36.79
N TRP I 332 28.02 24.30 36.57
CA TRP I 332 28.11 25.26 37.66
C TRP I 332 27.02 25.02 38.70
N ILE I 333 25.79 24.79 38.23
CA ILE I 333 24.67 24.55 39.13
C ILE I 333 24.88 23.25 39.91
N THR I 334 25.36 22.22 39.24
CA THR I 334 25.63 20.95 39.93
C THR I 334 26.70 21.13 41.00
N GLN I 335 27.75 21.90 40.69
CA GLN I 335 28.77 22.19 41.70
C GLN I 335 28.17 22.95 42.88
N ALA I 336 27.30 23.92 42.59
CA ALA I 336 26.69 24.71 43.66
C ALA I 336 25.83 23.84 44.56
N GLU I 337 25.06 22.92 43.98
CA GLU I 337 24.19 22.08 44.80
C GLU I 337 25.00 21.00 45.52
N ASP I 338 26.11 20.55 44.94
CA ASP I 338 26.93 19.52 45.57
C ASP I 338 27.78 20.07 46.70
N ILE I 339 28.17 21.34 46.64
CA ILE I 339 29.06 21.90 47.65
C ILE I 339 28.42 21.91 49.04
N ASP I 340 27.10 21.79 49.12
CA ASP I 340 26.42 21.77 50.40
C ASP I 340 25.57 20.52 50.55
N TRP I 398 22.90 8.32 55.68
CA TRP I 398 21.57 8.69 55.20
C TRP I 398 21.67 9.50 53.90
N ARG I 399 21.93 10.79 54.02
CA ARG I 399 22.10 11.65 52.86
C ARG I 399 23.41 12.43 52.94
N ARG I 400 23.85 12.76 54.15
CA ARG I 400 25.09 13.50 54.31
C ARG I 400 26.30 12.73 53.78
N TRP I 401 26.37 11.44 54.09
CA TRP I 401 27.45 10.62 53.56
C TRP I 401 27.37 10.51 52.05
N ASN I 402 26.15 10.37 51.52
CA ASN I 402 25.98 10.31 50.07
C ASN I 402 26.42 11.62 49.42
N ARG I 403 26.06 12.76 50.02
CA ARG I 403 26.51 14.04 49.50
C ARG I 403 28.02 14.19 49.56
N PHE I 404 28.65 13.72 50.64
CA PHE I 404 30.10 13.77 50.73
C PHE I 404 30.75 12.92 49.65
N CYS I 405 30.23 11.71 49.42
CA CYS I 405 30.78 10.85 48.38
C CYS I 405 30.53 11.42 46.99
N ARG I 406 29.46 12.20 46.83
CA ARG I 406 29.14 12.79 45.53
C ARG I 406 30.28 13.71 45.07
N ARG I 407 30.81 14.52 45.98
CA ARG I 407 31.89 15.44 45.62
C ARG I 407 33.12 14.69 45.15
N LYS I 408 33.50 13.63 45.88
CA LYS I 408 34.69 12.86 45.49
C LYS I 408 34.47 12.14 44.18
N CYS I 409 33.27 11.58 43.96
CA CYS I 409 32.99 10.92 42.69
C CYS I 409 33.03 11.90 41.53
N ARG I 410 32.52 13.11 41.73
CA ARG I 410 32.52 14.11 40.67
C ARG I 410 33.93 14.61 40.39
N ALA I 411 34.77 14.71 41.43
CA ALA I 411 36.12 15.22 41.23
C ALA I 411 37.03 14.15 40.61
N ALA I 412 36.85 12.89 40.98
CA ALA I 412 37.76 11.84 40.52
C ALA I 412 37.66 11.61 39.02
N VAL I 413 36.44 11.62 38.47
CA VAL I 413 36.24 11.32 37.06
C VAL I 413 36.88 12.37 36.16
N LYS I 414 37.06 13.60 36.66
CA LYS I 414 37.62 14.67 35.85
C LYS I 414 39.15 14.64 35.79
N SER I 415 39.80 13.78 36.57
CA SER I 415 41.25 13.70 36.54
C SER I 415 41.74 13.15 35.20
N ASN I 416 42.82 13.73 34.70
CA ASN I 416 43.37 13.28 33.42
C ASN I 416 43.97 11.88 33.50
N VAL I 417 44.50 11.50 34.66
CA VAL I 417 45.07 10.16 34.81
C VAL I 417 43.99 9.10 34.62
N PHE I 418 42.80 9.34 35.19
CA PHE I 418 41.68 8.42 35.00
C PHE I 418 41.31 8.29 33.54
N TYR I 419 41.26 9.43 32.83
CA TYR I 419 40.93 9.39 31.40
C TYR I 419 41.98 8.61 30.61
N TRP I 420 43.26 8.83 30.90
CA TRP I 420 44.32 8.10 30.21
C TRP I 420 44.23 6.60 30.48
N LEU I 421 43.99 6.23 31.73
CA LEU I 421 43.85 4.81 32.05
C LEU I 421 42.65 4.19 31.34
N VAL I 422 41.53 4.92 31.30
CA VAL I 422 40.33 4.40 30.65
C VAL I 422 40.57 4.23 29.16
N ILE I 423 41.19 5.21 28.51
CA ILE I 423 41.40 5.11 27.06
C ILE I 423 42.41 4.02 26.75
N PHE I 424 43.44 3.84 27.59
CA PHE I 424 44.37 2.74 27.39
C PHE I 424 43.66 1.39 27.53
N LEU I 425 42.80 1.25 28.54
CA LEU I 425 42.07 0.01 28.71
C LEU I 425 41.15 -0.26 27.53
N VAL I 426 40.48 0.79 27.02
CA VAL I 426 39.58 0.62 25.88
C VAL I 426 40.36 0.20 24.65
N PHE I 427 41.53 0.82 24.42
CA PHE I 427 42.36 0.44 23.27
C PHE I 427 42.84 -1.00 23.41
N LEU I 428 43.25 -1.40 24.61
CA LEU I 428 43.70 -2.78 24.81
C LEU I 428 42.57 -3.76 24.57
N ASN I 429 41.38 -3.47 25.05
CA ASN I 429 40.24 -4.36 24.82
C ASN I 429 39.87 -4.43 23.35
N THR I 430 39.94 -3.30 22.65
CA THR I 430 39.65 -3.29 21.21
C THR I 430 40.68 -4.11 20.44
N LEU I 431 41.95 -4.02 20.84
CA LEU I 431 42.97 -4.87 20.23
C LEU I 431 42.70 -6.34 20.53
N THR I 432 42.28 -6.64 21.76
CA THR I 432 41.99 -8.02 22.13
C THR I 432 40.87 -8.60 21.29
N ILE I 433 39.77 -7.86 21.14
CA ILE I 433 38.67 -8.35 20.32
C ILE I 433 39.05 -8.35 18.84
N ALA I 434 40.03 -7.54 18.44
CA ALA I 434 40.53 -7.54 17.08
C ALA I 434 41.73 -8.47 16.90
N SER I 435 42.12 -9.20 17.93
CA SER I 435 43.23 -10.15 17.82
C SER I 435 42.91 -11.32 16.93
N GLU I 436 41.64 -11.50 16.54
CA GLU I 436 41.27 -12.56 15.61
C GLU I 436 41.97 -12.35 14.27
N HIS I 437 42.81 -13.32 13.89
CA HIS I 437 43.57 -13.27 12.65
C HIS I 437 43.06 -14.29 11.65
N TYR I 438 41.74 -14.46 11.60
CA TYR I 438 41.02 -15.38 10.71
C TYR I 438 41.25 -16.85 11.06
N ASN I 439 42.09 -17.15 12.04
CA ASN I 439 42.32 -18.53 12.43
C ASN I 439 41.07 -19.10 13.11
N GLN I 440 41.01 -20.43 13.15
CA GLN I 440 39.91 -21.15 13.79
C GLN I 440 40.47 -22.15 14.80
N PRO I 441 41.06 -21.65 15.89
CA PRO I 441 41.54 -22.56 16.94
C PRO I 441 40.46 -22.83 17.98
N ASN I 442 40.80 -23.61 19.01
CA ASN I 442 39.83 -23.90 20.06
C ASN I 442 40.42 -23.62 21.44
N TRP I 443 41.74 -23.75 21.57
CA TRP I 443 42.36 -23.59 22.89
C TRP I 443 42.33 -22.13 23.34
N LEU I 444 42.49 -21.18 22.41
CA LEU I 444 42.49 -19.78 22.76
C LEU I 444 41.15 -19.09 22.54
N THR I 445 40.33 -19.60 21.61
CA THR I 445 39.04 -18.97 21.34
C THR I 445 38.17 -18.96 22.60
N GLU I 446 38.18 -20.05 23.36
CA GLU I 446 37.47 -20.07 24.64
C GLU I 446 37.98 -18.97 25.56
N VAL I 447 39.30 -18.79 25.62
CA VAL I 447 39.88 -17.71 26.41
C VAL I 447 39.39 -16.36 25.89
N GLN I 448 39.13 -16.26 24.59
CA GLN I 448 38.63 -15.03 24.00
C GLN I 448 37.18 -14.75 24.42
N ASP I 449 36.46 -15.73 24.96
CA ASP I 449 35.04 -15.54 25.24
C ASP I 449 34.81 -14.79 26.54
N THR I 450 35.27 -15.37 27.66
CA THR I 450 34.88 -14.87 28.98
C THR I 450 35.33 -13.42 29.17
N ALA I 451 36.55 -13.10 28.73
CA ALA I 451 37.06 -11.73 28.87
C ALA I 451 36.10 -10.72 28.27
N ASN I 452 35.45 -11.08 27.16
CA ASN I 452 34.50 -10.17 26.52
C ASN I 452 33.44 -9.71 27.52
N LYS I 453 32.89 -10.64 28.30
CA LYS I 453 31.89 -10.28 29.30
C LYS I 453 32.46 -9.29 30.29
N ALA I 454 33.71 -9.52 30.73
CA ALA I 454 34.34 -8.58 31.65
C ALA I 454 34.42 -7.18 31.03
N LEU I 455 34.62 -7.10 29.72
CA LEU I 455 34.66 -5.80 29.06
C LEU I 455 33.39 -5.00 29.32
N LEU I 456 32.25 -5.69 29.42
CA LEU I 456 31.00 -4.99 29.72
C LEU I 456 31.12 -4.20 31.01
N ALA I 457 31.69 -4.81 32.06
CA ALA I 457 31.94 -4.07 33.28
C ALA I 457 32.87 -2.89 33.02
N LEU I 458 33.93 -3.12 32.25
CA LEU I 458 34.84 -2.03 31.90
C LEU I 458 34.16 -0.95 31.08
N PHE I 459 33.01 -1.27 30.46
CA PHE I 459 32.25 -0.30 29.71
C PHE I 459 31.00 0.17 30.46
N THR I 460 30.91 -0.12 31.76
CA THR I 460 29.77 0.29 32.56
C THR I 460 30.13 1.17 33.74
N ALA I 461 31.32 1.00 34.31
CA ALA I 461 31.69 1.73 35.52
C ALA I 461 31.62 3.23 35.31
N GLU I 462 32.12 3.72 34.18
CA GLU I 462 32.00 5.15 33.87
C GLU I 462 30.55 5.56 33.73
N MET I 463 29.73 4.72 33.08
CA MET I 463 28.36 5.07 32.77
C MET I 463 27.61 5.53 34.02
N LEU I 464 27.49 4.65 35.01
CA LEU I 464 26.81 5.01 36.24
C LEU I 464 27.47 6.22 36.90
N LEU I 465 28.80 6.31 36.81
CA LEU I 465 29.48 7.48 37.36
C LEU I 465 29.02 8.75 36.65
N LYS I 466 28.88 8.70 35.33
CA LYS I 466 28.35 9.86 34.62
C LYS I 466 26.88 10.09 34.93
N MET I 467 26.17 9.05 35.38
CA MET I 467 24.82 9.23 35.91
C MET I 467 24.83 9.73 37.34
N TYR I 468 25.96 9.61 38.04
CA TYR I 468 26.08 10.03 39.44
C TYR I 468 26.86 11.33 39.59
N SER I 469 28.06 11.39 39.00
CA SER I 469 28.85 12.62 39.06
C SER I 469 28.15 13.78 38.36
N LEU I 470 27.55 13.51 37.22
CA LEU I 470 26.83 14.53 36.46
C LEU I 470 25.32 14.38 36.65
N GLY I 471 24.59 15.40 36.19
CA GLY I 471 23.14 15.39 36.35
C GLY I 471 22.49 14.30 35.51
N LEU I 472 21.32 13.86 35.98
CA LEU I 472 20.58 12.83 35.27
C LEU I 472 20.14 13.32 33.89
N GLN I 473 19.63 14.54 33.81
CA GLN I 473 19.18 15.12 32.56
C GLN I 473 20.27 15.92 31.84
N ALA I 474 21.44 16.08 32.47
CA ALA I 474 22.54 16.82 31.87
C ALA I 474 23.41 15.94 30.99
N TYR I 475 23.95 14.86 31.57
CA TYR I 475 24.78 13.95 30.81
C TYR I 475 23.99 13.24 29.72
N PHE I 476 22.73 12.87 30.01
CA PHE I 476 21.93 12.11 29.06
C PHE I 476 21.64 12.89 27.79
N VAL I 477 21.67 14.22 27.83
CA VAL I 477 21.34 15.02 26.65
C VAL I 477 22.59 15.74 26.15
N SER I 478 23.33 15.10 25.24
CA SER I 478 24.44 15.74 24.55
C SER I 478 24.53 15.40 23.07
N LEU I 479 23.72 14.45 22.58
CA LEU I 479 23.70 13.96 21.20
C LEU I 479 24.96 13.17 20.83
N PHE I 480 25.94 13.07 21.73
CA PHE I 480 27.12 12.25 21.52
C PHE I 480 27.25 11.15 22.55
N ASN I 481 27.15 11.48 23.84
CA ASN I 481 27.24 10.44 24.88
C ASN I 481 25.96 9.62 24.96
N ARG I 482 24.83 10.18 24.54
CA ARG I 482 23.60 9.40 24.46
C ARG I 482 23.74 8.26 23.45
N PHE I 483 24.40 8.55 22.32
CA PHE I 483 24.73 7.49 21.37
C PHE I 483 25.61 6.42 22.02
N ASP I 484 26.55 6.85 22.87
CA ASP I 484 27.39 5.89 23.58
C ASP I 484 26.57 5.03 24.53
N CYS I 485 25.61 5.63 25.22
CA CYS I 485 24.73 4.86 26.10
C CYS I 485 23.94 3.83 25.32
N PHE I 486 23.38 4.25 24.18
CA PHE I 486 22.65 3.31 23.33
C PHE I 486 23.56 2.19 22.84
N VAL I 487 24.79 2.52 22.47
CA VAL I 487 25.73 1.52 21.98
C VAL I 487 26.05 0.50 23.05
N VAL I 488 26.35 0.98 24.27
CA VAL I 488 26.73 0.05 25.33
C VAL I 488 25.55 -0.80 25.78
N CYS I 489 24.34 -0.21 25.82
CA CYS I 489 23.16 -0.99 26.18
C CYS I 489 22.87 -2.06 25.13
N GLY I 490 22.97 -1.70 23.85
CA GLY I 490 22.80 -2.69 22.80
C GLY I 490 23.86 -3.79 22.87
N GLY I 491 25.10 -3.41 23.18
CA GLY I 491 26.15 -4.41 23.28
C GLY I 491 25.93 -5.38 24.43
N ILE I 492 25.55 -4.88 25.60
CA ILE I 492 25.33 -5.78 26.73
C ILE I 492 24.10 -6.65 26.50
N LEU I 493 23.05 -6.08 25.89
CA LEU I 493 21.87 -6.89 25.56
C LEU I 493 22.22 -7.97 24.54
N GLU I 494 23.04 -7.64 23.55
CA GLU I 494 23.45 -8.63 22.56
C GLU I 494 24.31 -9.72 23.19
N THR I 495 25.18 -9.34 24.13
CA THR I 495 25.97 -10.35 24.84
C THR I 495 25.08 -11.28 25.64
N ILE I 496 24.08 -10.73 26.33
CA ILE I 496 23.15 -11.56 27.09
C ILE I 496 22.39 -12.50 26.15
N LEU I 497 21.97 -11.98 24.99
CA LEU I 497 21.23 -12.81 24.04
C LEU I 497 22.10 -13.94 23.49
N VAL I 498 23.34 -13.63 23.11
CA VAL I 498 24.23 -14.66 22.55
C VAL I 498 24.77 -15.60 23.61
N GLU I 499 24.60 -15.28 24.89
CA GLU I 499 24.87 -16.26 25.94
C GLU I 499 24.03 -17.51 25.76
N THR I 500 22.86 -17.38 25.14
CA THR I 500 21.98 -18.49 24.81
C THR I 500 21.97 -18.71 23.30
N LYS I 501 21.19 -19.70 22.87
CA LYS I 501 21.11 -20.03 21.46
C LYS I 501 20.27 -19.00 20.69
N ILE I 502 20.69 -18.75 19.44
CA ILE I 502 20.00 -17.80 18.58
C ILE I 502 20.34 -18.14 17.14
N MET I 503 19.32 -18.17 16.29
CA MET I 503 19.54 -18.42 14.86
C MET I 503 19.98 -17.15 14.16
N SER I 504 20.95 -17.27 13.27
CA SER I 504 21.61 -16.14 12.63
C SER I 504 22.02 -15.11 13.69
N PRO I 505 22.96 -15.45 14.57
CA PRO I 505 23.23 -14.60 15.74
C PRO I 505 23.66 -13.19 15.39
N LEU I 506 24.73 -13.05 14.62
CA LEU I 506 25.35 -11.78 14.30
C LEU I 506 25.81 -11.01 15.53
N GLY I 507 25.77 -11.65 16.71
CA GLY I 507 26.16 -10.95 17.92
C GLY I 507 27.63 -10.58 17.97
N ILE I 508 28.49 -11.51 17.55
CA ILE I 508 29.93 -11.23 17.52
C ILE I 508 30.22 -10.10 16.54
N SER I 509 29.54 -10.10 15.39
CA SER I 509 29.76 -9.07 14.40
C SER I 509 29.40 -7.69 14.95
N VAL I 510 28.21 -7.56 15.55
CA VAL I 510 27.79 -6.26 16.05
C VAL I 510 28.61 -5.86 17.28
N LEU I 511 29.02 -6.84 18.10
CA LEU I 511 29.88 -6.52 19.23
C LEU I 511 31.21 -5.97 18.77
N ARG I 512 31.80 -6.58 17.73
CA ARG I 512 33.04 -6.06 17.18
C ARG I 512 32.84 -4.70 16.52
N CYS I 513 31.68 -4.50 15.88
CA CYS I 513 31.38 -3.21 15.28
C CYS I 513 31.28 -2.11 16.33
N VAL I 514 30.63 -2.39 17.46
CA VAL I 514 30.55 -1.39 18.52
C VAL I 514 31.89 -1.25 19.24
N ARG I 515 32.76 -2.27 19.15
CA ARG I 515 34.14 -2.07 19.59
C ARG I 515 34.88 -1.11 18.67
N LEU I 516 34.54 -1.11 17.37
CA LEU I 516 35.06 -0.08 16.48
C LEU I 516 34.57 1.30 16.89
N LEU I 517 33.32 1.38 17.37
CA LEU I 517 32.78 2.65 17.86
C LEU I 517 33.50 3.13 19.11
N ARG I 518 34.23 2.24 19.80
CA ARG I 518 35.06 2.70 20.92
C ARG I 518 36.15 3.64 20.42
N ILE I 519 36.66 3.42 19.22
CA ILE I 519 37.61 4.35 18.61
C ILE I 519 36.95 5.70 18.36
N PHE I 520 35.61 5.75 18.34
CA PHE I 520 34.93 7.04 18.30
C PHE I 520 35.27 7.89 19.52
N LYS I 521 35.49 7.26 20.67
CA LYS I 521 36.05 7.99 21.81
C LYS I 521 37.42 8.56 21.46
N ILE I 522 38.26 7.75 20.82
CA ILE I 522 39.52 8.24 20.29
C ILE I 522 39.27 9.32 19.23
N THR I 523 38.11 9.27 18.58
CA THR I 523 37.74 10.33 17.65
C THR I 523 37.33 11.60 18.37
N ARG I 524 36.83 11.47 19.61
CA ARG I 524 36.52 12.66 20.40
C ARG I 524 37.76 13.51 20.61
N TYR I 525 38.86 12.88 20.98
CA TYR I 525 40.17 13.52 20.92
C TYR I 525 40.62 13.61 19.47
N TRP I 526 41.46 14.61 19.17
CA TRP I 526 41.99 14.80 17.82
C TRP I 526 40.84 14.99 16.83
N ASN I 527 40.13 16.11 17.00
CA ASN I 527 38.86 16.37 16.33
C ASN I 527 38.97 16.46 14.82
N SER I 528 40.17 16.26 14.27
CA SER I 528 40.38 16.31 12.83
C SER I 528 39.53 15.29 12.08
N LEU I 529 39.06 14.24 12.75
CA LEU I 529 38.13 13.30 12.16
C LEU I 529 36.70 13.48 12.65
N SER I 530 36.52 14.00 13.88
CA SER I 530 35.18 14.27 14.38
C SER I 530 34.48 15.33 13.55
N ASN I 531 35.21 16.39 13.17
CA ASN I 531 34.61 17.41 12.31
C ASN I 531 34.22 16.83 10.96
N LEU I 532 35.07 15.95 10.40
CA LEU I 532 34.77 15.34 9.10
C LEU I 532 33.52 14.46 9.20
N VAL I 533 33.41 13.66 10.25
CA VAL I 533 32.23 12.79 10.35
C VAL I 533 30.99 13.61 10.64
N ALA I 534 31.11 14.72 11.39
CA ALA I 534 29.96 15.60 11.59
C ALA I 534 29.51 16.22 10.27
N SER I 535 30.46 16.64 9.43
CA SER I 535 30.11 17.17 8.12
C SER I 535 29.45 16.11 7.25
N LEU I 536 29.95 14.87 7.32
CA LEU I 536 29.34 13.77 6.57
C LEU I 536 27.91 13.54 7.03
N LEU I 537 27.67 13.57 8.34
CA LEU I 537 26.30 13.41 8.85
C LEU I 537 25.41 14.55 8.39
N ASN I 538 25.94 15.78 8.40
CA ASN I 538 25.15 16.94 7.98
C ASN I 538 24.78 16.87 6.51
N SER I 539 25.71 16.42 5.67
CA SER I 539 25.53 16.51 4.22
C SER I 539 24.45 15.60 3.68
N VAL I 540 24.09 14.52 4.40
CA VAL I 540 23.15 13.55 3.86
C VAL I 540 21.76 14.17 3.72
N ARG I 541 21.37 15.02 4.66
CA ARG I 541 20.06 15.64 4.60
C ARG I 541 19.89 16.48 3.34
N SER I 542 20.95 17.20 2.95
CA SER I 542 20.90 17.97 1.71
C SER I 542 21.00 17.07 0.48
N ILE I 543 21.85 16.05 0.54
CA ILE I 543 22.08 15.19 -0.63
C ILE I 543 20.94 14.24 -0.91
N ALA I 544 20.00 14.10 0.03
CA ALA I 544 18.86 13.19 -0.18
C ALA I 544 18.05 13.59 -1.40
N SER I 545 17.77 14.88 -1.56
CA SER I 545 16.98 15.34 -2.70
C SER I 545 17.69 15.05 -4.02
N LEU I 546 19.00 15.31 -4.08
CA LEU I 546 19.75 15.06 -5.30
C LEU I 546 19.80 13.58 -5.65
N LEU I 547 20.02 12.72 -4.64
CA LEU I 547 20.06 11.29 -4.92
C LEU I 547 18.68 10.78 -5.34
N LEU I 548 17.61 11.31 -4.75
CA LEU I 548 16.27 10.94 -5.18
C LEU I 548 16.02 11.36 -6.62
N LEU I 549 16.46 12.56 -6.99
CA LEU I 549 16.30 13.03 -8.36
C LEU I 549 17.07 12.14 -9.33
N LEU I 550 18.31 11.77 -8.98
CA LEU I 550 19.08 10.89 -9.84
C LEU I 550 18.44 9.51 -9.99
N PHE I 551 17.89 8.98 -8.89
CA PHE I 551 17.22 7.69 -8.95
C PHE I 551 15.98 7.76 -9.84
N LEU I 552 15.20 8.84 -9.72
CA LEU I 552 14.04 9.00 -10.58
C LEU I 552 14.46 9.13 -12.04
N PHE I 553 15.57 9.84 -12.30
CA PHE I 553 16.06 10.00 -13.66
C PHE I 553 16.47 8.67 -14.27
N ILE I 554 17.21 7.85 -13.51
CA ILE I 554 17.58 6.55 -14.05
C ILE I 554 16.35 5.67 -14.21
N ILE I 555 15.34 5.85 -13.36
CA ILE I 555 14.10 5.08 -13.51
C ILE I 555 13.41 5.41 -14.82
N ILE I 556 13.25 6.71 -15.12
CA ILE I 556 12.56 7.09 -16.35
C ILE I 556 13.35 6.65 -17.57
N PHE I 557 14.68 6.79 -17.53
CA PHE I 557 15.47 6.39 -18.69
C PHE I 557 15.45 4.87 -18.87
N SER I 558 15.45 4.12 -17.77
CA SER I 558 15.34 2.66 -17.88
C SER I 558 13.99 2.25 -18.44
N LEU I 559 12.92 2.93 -18.03
CA LEU I 559 11.60 2.64 -18.59
C LEU I 559 11.57 2.92 -20.08
N LEU I 560 12.15 4.05 -20.51
CA LEU I 560 12.19 4.38 -21.92
C LEU I 560 13.00 3.35 -22.71
N GLY I 561 14.14 2.92 -22.16
CA GLY I 561 14.92 1.89 -22.83
C GLY I 561 14.19 0.58 -22.94
N MET I 562 13.47 0.20 -21.88
CA MET I 562 12.68 -1.04 -21.92
C MET I 562 11.57 -0.94 -22.96
N GLN I 563 10.91 0.22 -23.05
CA GLN I 563 9.88 0.41 -24.05
C GLN I 563 10.44 0.34 -25.47
N LEU I 564 11.59 0.99 -25.71
CA LEU I 564 12.11 1.11 -27.06
C LEU I 564 12.49 -0.24 -27.64
N PHE I 565 13.15 -1.09 -26.85
CA PHE I 565 13.65 -2.38 -27.34
C PHE I 565 12.72 -3.52 -26.96
N GLY I 566 12.47 -3.72 -25.67
CA GLY I 566 11.54 -4.76 -25.23
C GLY I 566 11.92 -6.17 -25.66
N GLY I 567 13.20 -6.53 -25.48
CA GLY I 567 13.65 -7.87 -25.82
C GLY I 567 14.03 -8.06 -27.27
N LYS I 568 14.20 -6.99 -28.04
CA LYS I 568 14.62 -7.08 -29.44
C LYS I 568 16.12 -7.31 -29.59
N PHE I 569 16.82 -7.69 -28.52
CA PHE I 569 18.25 -7.95 -28.61
C PHE I 569 18.52 -9.36 -29.13
N ASN I 570 17.92 -9.72 -30.26
CA ASN I 570 18.15 -11.03 -30.84
C ASN I 570 19.54 -11.12 -31.45
N PHE I 571 19.92 -10.12 -32.24
CA PHE I 571 21.25 -10.00 -32.84
C PHE I 571 21.57 -11.14 -33.81
N ASP I 572 20.61 -12.05 -34.00
CA ASP I 572 20.81 -13.24 -34.83
C ASP I 572 22.04 -14.02 -34.39
N GLU I 573 22.24 -14.10 -33.07
CA GLU I 573 23.42 -14.76 -32.51
C GLU I 573 23.00 -15.54 -31.27
N MET I 574 23.92 -16.39 -30.80
CA MET I 574 23.67 -17.25 -29.66
C MET I 574 24.41 -16.84 -28.40
N GLN I 575 25.54 -16.15 -28.54
CA GLN I 575 26.37 -15.82 -27.38
C GLN I 575 25.61 -14.97 -26.38
N THR I 576 25.83 -15.24 -25.09
CA THR I 576 25.11 -14.55 -24.02
C THR I 576 25.60 -13.12 -23.91
N ARG I 577 24.77 -12.17 -24.34
CA ARG I 577 25.11 -10.76 -24.19
C ARG I 577 25.09 -10.37 -22.72
N ARG I 578 26.07 -9.55 -22.33
CA ARG I 578 26.20 -9.13 -20.94
C ARG I 578 25.07 -8.22 -20.49
N SER I 579 24.27 -7.69 -21.40
CA SER I 579 23.17 -6.80 -21.04
C SER I 579 22.00 -7.03 -21.97
N THR I 580 20.81 -6.71 -21.49
CA THR I 580 19.58 -6.87 -22.25
C THR I 580 18.51 -5.97 -21.66
N PHE I 581 17.45 -5.75 -22.43
CA PHE I 581 16.35 -4.87 -22.03
C PHE I 581 15.04 -5.62 -21.98
N ASP I 582 15.02 -6.82 -21.40
CA ASP I 582 13.81 -7.63 -21.31
C ASP I 582 13.10 -7.48 -19.98
N ASN I 583 13.84 -7.43 -18.87
CA ASN I 583 13.26 -7.27 -17.55
C ASN I 583 13.69 -5.95 -16.93
N PHE I 584 12.95 -5.54 -15.91
CA PHE I 584 13.22 -4.27 -15.23
C PHE I 584 14.59 -4.23 -14.55
N PRO I 585 14.99 -5.20 -13.73
CA PRO I 585 16.28 -5.07 -13.05
C PRO I 585 17.47 -5.10 -13.99
N GLN I 586 17.45 -5.99 -15.00
CA GLN I 586 18.54 -6.04 -15.95
C GLN I 586 18.62 -4.75 -16.76
N SER I 587 17.48 -4.19 -17.14
CA SER I 587 17.48 -2.91 -17.83
C SER I 587 18.05 -1.81 -16.95
N LEU I 588 17.68 -1.80 -15.66
CA LEU I 588 18.18 -0.79 -14.74
C LEU I 588 19.70 -0.89 -14.60
N LEU I 589 20.22 -2.11 -14.43
CA LEU I 589 21.66 -2.26 -14.29
C LEU I 589 22.38 -1.93 -15.60
N THR I 590 21.78 -2.24 -16.74
CA THR I 590 22.37 -1.85 -18.02
C THR I 590 22.44 -0.34 -18.16
N VAL I 591 21.37 0.36 -17.75
CA VAL I 591 21.37 1.82 -17.80
C VAL I 591 22.44 2.37 -16.87
N PHE I 592 22.59 1.79 -15.68
CA PHE I 592 23.62 2.23 -14.76
C PHE I 592 25.01 2.03 -15.37
N GLN I 593 25.25 0.88 -16.01
CA GLN I 593 26.54 0.62 -16.62
C GLN I 593 26.81 1.59 -17.76
N ILE I 594 25.80 1.90 -18.56
CA ILE I 594 25.97 2.87 -19.64
C ILE I 594 26.29 4.24 -19.06
N LEU I 595 25.62 4.62 -17.97
CA LEU I 595 25.91 5.89 -17.32
C LEU I 595 27.34 5.95 -16.80
N THR I 596 27.84 4.83 -16.27
CA THR I 596 29.23 4.77 -15.86
C THR I 596 30.20 4.85 -17.03
N GLY I 597 29.72 4.67 -18.26
CA GLY I 597 30.57 4.78 -19.43
C GLY I 597 31.44 3.58 -19.72
N GLU I 598 31.15 2.43 -19.09
CA GLU I 598 31.97 1.23 -19.26
C GLU I 598 31.36 0.36 -20.37
N ASP I 599 32.08 0.24 -21.49
CA ASP I 599 31.68 -0.60 -22.62
C ASP I 599 30.33 -0.19 -23.20
N TRP I 600 29.95 1.08 -23.03
CA TRP I 600 28.66 1.53 -23.56
C TRP I 600 28.66 1.56 -25.09
N ASN I 601 29.83 1.74 -25.70
CA ASN I 601 29.90 1.81 -27.15
C ASN I 601 29.43 0.52 -27.81
N SER I 602 29.89 -0.62 -27.29
CA SER I 602 29.46 -1.90 -27.84
C SER I 602 27.97 -2.13 -27.63
N VAL I 603 27.44 -1.71 -26.47
CA VAL I 603 26.01 -1.84 -26.22
C VAL I 603 25.22 -1.01 -27.21
N MET I 604 25.68 0.21 -27.48
CA MET I 604 25.00 1.06 -28.46
C MET I 604 25.08 0.46 -29.86
N TYR I 605 26.23 -0.12 -30.22
CA TYR I 605 26.36 -0.78 -31.52
C TYR I 605 25.37 -1.93 -31.64
N ASP I 606 25.27 -2.75 -30.59
CA ASP I 606 24.31 -3.85 -30.60
C ASP I 606 22.88 -3.33 -30.70
N GLY I 607 22.56 -2.28 -29.95
CA GLY I 607 21.22 -1.74 -29.99
C GLY I 607 20.82 -1.21 -31.35
N ILE I 608 21.74 -0.49 -32.00
CA ILE I 608 21.42 0.03 -33.33
C ILE I 608 21.36 -1.11 -34.35
N MET I 609 22.24 -2.11 -34.23
CA MET I 609 22.22 -3.23 -35.16
C MET I 609 21.04 -4.16 -34.94
N ALA I 610 20.34 -4.06 -33.80
CA ALA I 610 19.20 -4.93 -33.56
C ALA I 610 18.12 -4.71 -34.60
N TYR I 611 17.68 -3.46 -34.79
CA TYR I 611 16.69 -3.12 -35.80
C TYR I 611 17.21 -2.13 -36.83
N GLY I 612 17.75 -1.00 -36.38
CA GLY I 612 18.15 0.07 -37.28
C GLY I 612 19.55 -0.08 -37.86
N GLY I 613 19.70 -0.98 -38.83
CA GLY I 613 20.96 -1.16 -39.52
C GLY I 613 21.48 0.14 -40.10
N PRO I 614 22.79 0.22 -40.34
CA PRO I 614 23.38 1.49 -40.82
C PRO I 614 22.72 2.02 -42.07
N SER I 615 22.02 3.14 -41.94
CA SER I 615 21.25 3.75 -43.01
C SER I 615 20.75 5.10 -42.52
N PHE I 616 19.98 5.78 -43.37
CA PHE I 616 19.39 7.06 -42.98
C PHE I 616 18.45 6.94 -41.79
N PRO I 617 17.48 6.01 -41.74
CA PRO I 617 16.60 5.95 -40.57
C PRO I 617 17.10 5.08 -39.42
N GLY I 618 18.24 4.39 -39.59
CA GLY I 618 18.74 3.49 -38.57
C GLY I 618 19.49 4.15 -37.43
N MET I 619 19.74 5.45 -37.52
CA MET I 619 20.48 6.18 -36.49
C MET I 619 19.59 6.74 -35.40
N LEU I 620 18.27 6.62 -35.52
CA LEU I 620 17.35 7.16 -34.54
C LEU I 620 17.60 6.58 -33.15
N VAL I 621 18.07 5.33 -33.08
CA VAL I 621 18.40 4.73 -31.79
C VAL I 621 19.63 5.38 -31.20
N CYS I 622 20.62 5.69 -32.03
CA CYS I 622 21.95 6.08 -31.52
C CYS I 622 21.87 7.33 -30.65
N ILE I 623 21.12 8.34 -31.09
CA ILE I 623 21.02 9.58 -30.31
C ILE I 623 20.48 9.30 -28.92
N TYR I 624 19.58 8.31 -28.79
CA TYR I 624 19.05 7.96 -27.48
C TYR I 624 20.16 7.66 -26.49
N PHE I 625 21.21 6.96 -26.94
CA PHE I 625 22.34 6.70 -26.07
C PHE I 625 23.08 7.99 -25.70
N ILE I 626 23.31 8.85 -26.70
CA ILE I 626 24.20 10.00 -26.49
C ILE I 626 23.65 10.89 -25.40
N ILE I 627 22.38 11.28 -25.51
CA ILE I 627 21.74 12.07 -24.46
C ILE I 627 21.85 11.35 -23.13
N LEU I 628 21.56 10.04 -23.13
CA LEU I 628 21.58 9.26 -21.91
C LEU I 628 22.93 9.36 -21.21
N PHE I 629 23.99 9.59 -21.97
CA PHE I 629 25.28 9.87 -21.34
C PHE I 629 25.30 11.27 -20.78
N ILE I 630 25.18 12.28 -21.65
CA ILE I 630 25.49 13.65 -21.26
C ILE I 630 24.54 14.11 -20.16
N CYS I 631 23.24 14.12 -20.45
CA CYS I 631 22.26 14.54 -19.45
C CYS I 631 22.32 13.66 -18.21
N GLY I 632 22.87 12.46 -18.32
CA GLY I 632 23.16 11.69 -17.14
C GLY I 632 24.44 12.15 -16.47
N ASN I 633 25.54 12.12 -17.23
CA ASN I 633 26.86 12.36 -16.64
C ASN I 633 26.94 13.75 -16.02
N TYR I 634 26.44 14.77 -16.74
CA TYR I 634 26.40 16.11 -16.18
C TYR I 634 25.70 16.11 -14.83
N ILE I 635 24.55 15.44 -14.74
CA ILE I 635 23.85 15.36 -13.47
C ILE I 635 24.74 14.72 -12.41
N LEU I 636 25.42 13.62 -12.76
CA LEU I 636 26.40 13.03 -11.86
C LEU I 636 27.49 14.03 -11.54
N LEU I 637 27.98 14.73 -12.57
CA LEU I 637 28.92 15.82 -12.32
C LEU I 637 28.24 16.91 -11.49
N ASN I 638 26.98 17.20 -11.77
CA ASN I 638 26.22 18.08 -10.89
C ASN I 638 26.08 17.47 -9.51
N VAL I 639 25.88 16.15 -9.45
CA VAL I 639 25.98 15.46 -8.16
C VAL I 639 27.38 15.64 -7.59
N PHE I 640 28.39 15.54 -8.46
CA PHE I 640 29.75 15.93 -8.05
C PHE I 640 29.78 17.40 -7.66
N LEU I 641 29.09 18.26 -8.42
CA LEU I 641 28.87 19.62 -7.97
C LEU I 641 28.12 19.63 -6.65
N ALA I 642 27.12 18.76 -6.52
CA ALA I 642 26.49 18.55 -5.22
C ALA I 642 27.52 18.04 -4.21
N ILE I 643 28.40 17.13 -4.64
CA ILE I 643 29.55 16.78 -3.81
C ILE I 643 30.39 18.03 -3.55
N ALA I 644 30.60 18.85 -4.58
CA ALA I 644 31.20 20.15 -4.36
C ALA I 644 30.35 20.98 -3.39
N VAL I 645 29.03 20.95 -3.56
CA VAL I 645 28.15 21.53 -2.56
C VAL I 645 28.36 20.84 -1.22
N ASP I 646 28.46 19.51 -1.25
CA ASP I 646 28.89 18.77 -0.07
C ASP I 646 30.26 19.25 0.38
N ASN I 647 31.18 19.45 -0.56
CA ASN I 647 32.45 20.10 -0.25
C ASN I 647 32.21 21.51 0.27
N LEU I 648 31.25 22.22 -0.32
CA LEU I 648 30.80 23.48 0.27
C LEU I 648 30.27 23.25 1.67
N ALA I 649 29.45 22.20 1.84
CA ALA I 649 29.05 21.80 3.18
C ALA I 649 30.24 21.35 4.00
N ASP I 650 31.28 20.86 3.34
CA ASP I 650 32.53 20.53 4.01
C ASP I 650 33.47 21.73 4.11
N ALA I 651 33.18 22.83 3.40
CA ALA I 651 33.92 24.06 3.53
C ALA I 651 33.23 25.08 4.43
N GLU I 652 32.11 24.71 5.03
CA GLU I 652 31.34 25.62 5.87
C GLU I 652 31.20 25.07 7.29
N LEU I 909 69.98 3.97 -12.02
CA LEU I 909 71.35 4.07 -11.52
C LEU I 909 72.35 4.10 -12.67
N ARG I 910 71.92 4.60 -13.82
CA ARG I 910 72.76 4.64 -15.01
C ARG I 910 73.01 6.04 -15.52
N VAL I 911 71.97 6.88 -15.62
CA VAL I 911 72.07 8.18 -16.26
C VAL I 911 71.51 9.25 -15.33
N LEU I 912 71.73 9.09 -14.03
CA LEU I 912 71.23 10.02 -13.03
C LEU I 912 72.09 11.30 -13.03
N ARG I 913 71.86 12.13 -14.05
CA ARG I 913 72.56 13.40 -14.20
C ARG I 913 71.58 14.50 -14.61
N VAL I 914 70.42 14.55 -13.96
CA VAL I 914 69.34 15.45 -14.33
C VAL I 914 69.01 16.39 -13.19
N LEU I 915 70.00 16.76 -12.40
CA LEU I 915 69.79 17.62 -11.23
C LEU I 915 69.66 19.10 -11.59
N ARG I 916 69.92 19.48 -12.84
CA ARG I 916 69.82 20.89 -13.23
C ARG I 916 68.41 21.45 -13.06
N PRO I 917 67.34 20.79 -13.51
CA PRO I 917 65.99 21.38 -13.31
C PRO I 917 65.64 21.64 -11.86
N LEU I 918 66.15 20.82 -10.92
CA LEU I 918 65.84 21.05 -9.52
C LEU I 918 66.33 22.42 -9.06
N ARG I 919 67.55 22.80 -9.47
CA ARG I 919 68.04 24.14 -9.15
C ARG I 919 67.36 25.21 -10.00
N ALA I 920 66.98 24.87 -11.24
CA ALA I 920 66.43 25.87 -12.15
C ALA I 920 65.00 26.26 -11.80
N ILE I 921 64.24 25.36 -11.18
CA ILE I 921 62.81 25.57 -10.98
C ILE I 921 62.55 26.19 -9.61
N ASN I 922 63.61 26.65 -8.95
CA ASN I 922 63.50 27.21 -7.61
C ASN I 922 63.27 28.73 -7.62
N ARG I 923 62.65 29.25 -8.68
CA ARG I 923 62.42 30.69 -8.82
C ARG I 923 61.01 31.12 -8.46
N ALA I 924 60.00 30.35 -8.87
CA ALA I 924 58.61 30.74 -8.63
C ALA I 924 58.28 30.70 -7.14
N LYS I 925 58.71 29.65 -6.43
CA LYS I 925 58.47 29.47 -5.00
C LYS I 925 56.99 29.37 -4.67
N GLY I 926 56.14 29.19 -5.67
CA GLY I 926 54.71 29.04 -5.46
C GLY I 926 54.24 27.61 -5.25
N LEU I 927 55.15 26.65 -5.28
CA LEU I 927 54.80 25.24 -5.11
C LEU I 927 55.64 24.52 -4.05
N LYS I 928 56.74 25.10 -3.59
CA LYS I 928 57.49 24.49 -2.49
C LYS I 928 56.65 24.42 -1.22
N HIS I 929 55.90 25.48 -0.94
CA HIS I 929 54.97 25.45 0.20
C HIS I 929 53.89 24.40 -0.02
N VAL I 930 53.47 24.21 -1.28
CA VAL I 930 52.49 23.16 -1.59
C VAL I 930 53.06 21.80 -1.24
N VAL I 931 54.31 21.55 -1.62
CA VAL I 931 54.96 20.27 -1.31
C VAL I 931 55.09 20.10 0.19
N GLN I 932 55.47 21.17 0.90
CA GLN I 932 55.59 21.09 2.35
C GLN I 932 54.27 20.75 3.01
N CYS I 933 53.18 21.40 2.57
CA CYS I 933 51.87 21.11 3.13
C CYS I 933 51.44 19.67 2.84
N VAL I 934 51.71 19.19 1.62
CA VAL I 934 51.33 17.82 1.28
C VAL I 934 52.10 16.83 2.13
N PHE I 935 53.40 17.05 2.29
CA PHE I 935 54.22 16.12 3.07
C PHE I 935 54.07 16.30 4.58
N VAL I 936 53.39 17.37 5.02
CA VAL I 936 53.03 17.47 6.43
C VAL I 936 51.62 16.95 6.71
N ALA I 937 50.75 16.88 5.71
CA ALA I 937 49.44 16.26 5.86
C ALA I 937 49.43 14.79 5.46
N ILE I 938 50.53 14.28 4.89
CA ILE I 938 50.60 12.87 4.52
C ILE I 938 50.46 11.98 5.74
N ARG I 939 50.85 12.46 6.93
CA ARG I 939 50.65 11.67 8.14
C ARG I 939 49.18 11.47 8.44
N THR I 940 48.38 12.53 8.34
CA THR I 940 46.93 12.39 8.52
C THR I 940 46.32 11.53 7.42
N ILE I 941 46.82 11.67 6.20
CA ILE I 941 46.34 10.83 5.10
C ILE I 941 46.60 9.36 5.40
N GLY I 942 47.80 9.05 5.89
CA GLY I 942 48.12 7.67 6.23
C GLY I 942 47.30 7.15 7.40
N ASN I 943 47.03 8.02 8.38
CA ASN I 943 46.16 7.61 9.49
C ASN I 943 44.76 7.29 9.01
N ILE I 944 44.23 8.10 8.10
CA ILE I 944 42.91 7.81 7.54
C ILE I 944 42.94 6.51 6.74
N VAL I 945 44.01 6.28 5.98
CA VAL I 945 44.15 5.03 5.26
C VAL I 945 44.18 3.85 6.24
N ILE I 946 44.87 4.01 7.37
CA ILE I 946 44.96 2.94 8.36
C ILE I 946 43.60 2.65 8.97
N VAL I 947 42.83 3.69 9.32
CA VAL I 947 41.53 3.44 9.93
C VAL I 947 40.56 2.82 8.91
N THR I 948 40.64 3.23 7.65
CA THR I 948 39.83 2.59 6.63
C THR I 948 40.24 1.14 6.43
N THR I 949 41.54 0.85 6.52
CA THR I 949 42.01 -0.52 6.42
C THR I 949 41.51 -1.35 7.61
N LEU I 950 41.44 -0.76 8.79
CA LEU I 950 40.88 -1.45 9.95
C LEU I 950 39.40 -1.75 9.75
N LEU I 951 38.66 -0.79 9.18
CA LEU I 951 37.26 -1.04 8.85
C LEU I 951 37.13 -2.18 7.83
N GLN I 952 38.01 -2.18 6.83
CA GLN I 952 38.01 -3.27 5.85
C GLN I 952 38.32 -4.60 6.51
N PHE I 953 39.26 -4.60 7.46
CA PHE I 953 39.60 -5.82 8.18
C PHE I 953 38.40 -6.35 8.95
N MET I 954 37.68 -5.45 9.63
CA MET I 954 36.47 -5.83 10.36
C MET I 954 35.44 -6.44 9.42
N PHE I 955 35.13 -5.74 8.32
CA PHE I 955 34.11 -6.22 7.40
C PHE I 955 34.51 -7.55 6.77
N ALA I 956 35.78 -7.68 6.38
CA ALA I 956 36.25 -8.92 5.76
C ALA I 956 36.20 -10.08 6.74
N CYS I 957 36.60 -9.85 8.00
CA CYS I 957 36.51 -10.91 8.99
C CYS I 957 35.06 -11.36 9.14
N ILE I 958 34.13 -10.41 9.27
CA ILE I 958 32.72 -10.76 9.40
C ILE I 958 32.26 -11.57 8.19
N GLY I 959 32.56 -11.07 6.99
CA GLY I 959 32.05 -11.72 5.79
C GLY I 959 32.61 -13.11 5.58
N VAL I 960 33.92 -13.28 5.74
CA VAL I 960 34.54 -14.56 5.44
C VAL I 960 34.29 -15.56 6.56
N GLN I 961 34.05 -15.09 7.79
CA GLN I 961 33.66 -16.01 8.85
C GLN I 961 32.20 -16.43 8.72
N LEU I 962 31.35 -15.56 8.17
CA LEU I 962 29.94 -15.89 7.99
C LEU I 962 29.64 -16.48 6.61
N PHE I 963 30.35 -16.06 5.58
CA PHE I 963 30.12 -16.54 4.22
C PHE I 963 31.47 -16.74 3.53
N LYS I 964 31.42 -16.90 2.21
CA LYS I 964 32.63 -17.12 1.39
C LYS I 964 33.43 -18.30 1.91
N GLY I 965 32.75 -19.40 2.21
CA GLY I 965 33.40 -20.60 2.72
C GLY I 965 33.96 -21.44 1.60
N LYS I 966 35.28 -21.67 1.65
CA LYS I 966 35.93 -22.51 0.65
C LYS I 966 35.43 -23.94 0.78
N LEU I 967 35.11 -24.55 -0.37
CA LEU I 967 34.61 -25.91 -0.39
C LEU I 967 35.74 -26.92 -0.19
N ASP I 1011 42.85 -13.73 -0.02
CA ASP I 1011 44.25 -13.54 0.35
C ASP I 1011 44.40 -13.36 1.85
N ASN I 1012 43.91 -12.23 2.37
CA ASN I 1012 44.03 -11.93 3.79
C ASN I 1012 42.82 -11.09 4.20
N VAL I 1013 42.52 -11.13 5.50
CA VAL I 1013 41.41 -10.34 6.04
C VAL I 1013 41.70 -8.85 6.04
N LEU I 1014 42.96 -8.45 5.80
CA LEU I 1014 43.32 -7.03 5.74
C LEU I 1014 44.14 -6.70 4.49
N ALA I 1015 44.26 -7.62 3.54
CA ALA I 1015 45.00 -7.37 2.31
C ALA I 1015 44.30 -7.80 1.04
N ALA I 1016 43.34 -8.74 1.11
CA ALA I 1016 42.65 -9.18 -0.10
C ALA I 1016 41.84 -8.05 -0.71
N MET I 1017 41.17 -7.25 0.13
CA MET I 1017 40.39 -6.13 -0.38
C MET I 1017 41.29 -5.09 -1.02
N MET I 1018 42.48 -4.86 -0.44
CA MET I 1018 43.43 -3.95 -1.06
C MET I 1018 43.91 -4.48 -2.41
N ALA I 1019 44.19 -5.79 -2.49
CA ALA I 1019 44.63 -6.39 -3.74
C ALA I 1019 43.55 -6.28 -4.81
N LEU I 1020 42.29 -6.50 -4.43
CA LEU I 1020 41.19 -6.29 -5.37
C LEU I 1020 41.06 -4.82 -5.76
N PHE I 1021 41.29 -3.91 -4.80
CA PHE I 1021 41.24 -2.48 -5.09
C PHE I 1021 42.32 -2.07 -6.07
N THR I 1022 43.44 -2.78 -6.11
CA THR I 1022 44.47 -2.50 -7.10
C THR I 1022 43.94 -2.64 -8.52
N VAL I 1023 42.88 -3.42 -8.72
CA VAL I 1023 42.17 -3.48 -9.98
C VAL I 1023 40.77 -2.89 -9.87
N SER I 1024 40.44 -2.29 -8.73
CA SER I 1024 39.11 -1.74 -8.44
C SER I 1024 39.22 -0.27 -8.05
N THR I 1025 39.87 0.53 -8.91
CA THR I 1025 40.06 1.95 -8.69
C THR I 1025 38.97 2.80 -9.36
N PHE I 1026 37.74 2.27 -9.44
CA PHE I 1026 36.59 2.78 -10.19
C PHE I 1026 36.75 2.44 -11.67
N GLU I 1027 37.87 1.83 -12.07
CA GLU I 1027 38.07 1.28 -13.40
C GLU I 1027 38.45 -0.19 -13.22
N GLY I 1028 37.44 -1.05 -13.16
CA GLY I 1028 37.65 -2.46 -12.93
C GLY I 1028 36.61 -3.08 -12.02
N TRP I 1029 36.08 -2.31 -11.07
CA TRP I 1029 34.89 -2.76 -10.35
C TRP I 1029 33.68 -2.92 -11.27
N PRO I 1030 33.39 -2.00 -12.21
CA PRO I 1030 32.40 -2.33 -13.24
C PRO I 1030 32.79 -3.54 -14.05
N GLU I 1031 34.09 -3.78 -14.27
CA GLU I 1031 34.53 -5.02 -14.89
C GLU I 1031 34.21 -6.22 -14.00
N LEU I 1032 34.35 -6.05 -12.68
CA LEU I 1032 33.96 -7.12 -11.76
C LEU I 1032 32.48 -7.45 -11.90
N LEU I 1033 31.63 -6.43 -11.96
CA LEU I 1033 30.20 -6.67 -12.16
C LEU I 1033 29.94 -7.31 -13.52
N TYR I 1034 30.66 -6.86 -14.55
CA TYR I 1034 30.50 -7.40 -15.90
C TYR I 1034 30.83 -8.88 -15.93
N ARG I 1035 31.89 -9.29 -15.21
CA ARG I 1035 32.26 -10.70 -15.16
C ARG I 1035 31.31 -11.51 -14.29
N SER I 1036 30.85 -10.93 -13.19
CA SER I 1036 30.00 -11.65 -12.24
C SER I 1036 28.53 -11.67 -12.63
N ILE I 1037 28.14 -10.96 -13.69
CA ILE I 1037 26.75 -10.99 -14.13
C ILE I 1037 26.37 -12.36 -14.67
N ASP I 1038 27.35 -13.18 -15.06
CA ASP I 1038 27.09 -14.52 -15.57
C ASP I 1038 26.64 -15.45 -14.44
N ILE I 1047 29.78 -17.48 -4.19
CA ILE I 1047 29.74 -18.28 -5.41
C ILE I 1047 29.17 -17.44 -6.55
N TYR I 1048 27.93 -17.72 -6.95
CA TYR I 1048 27.26 -16.96 -7.98
C TYR I 1048 26.45 -15.80 -7.39
N ASN I 1049 25.49 -16.13 -6.54
CA ASN I 1049 24.73 -15.13 -5.79
C ASN I 1049 25.01 -15.20 -4.30
N TYR I 1050 26.00 -15.98 -3.89
CA TYR I 1050 26.31 -16.17 -2.47
C TYR I 1050 27.14 -14.98 -1.99
N ARG I 1051 26.52 -14.12 -1.19
CA ARG I 1051 27.13 -12.91 -0.66
C ARG I 1051 27.63 -12.00 -1.80
N VAL I 1052 26.66 -11.51 -2.57
CA VAL I 1052 26.94 -10.45 -3.53
C VAL I 1052 27.07 -9.09 -2.85
N GLU I 1053 26.66 -8.99 -1.58
CA GLU I 1053 26.72 -7.73 -0.87
C GLU I 1053 28.14 -7.18 -0.76
N ILE I 1054 29.16 -8.05 -0.88
CA ILE I 1054 30.54 -7.57 -0.88
C ILE I 1054 30.74 -6.54 -1.98
N SER I 1055 30.14 -6.79 -3.15
CA SER I 1055 30.17 -5.80 -4.22
C SER I 1055 29.60 -4.46 -3.73
N ILE I 1056 28.44 -4.50 -3.10
CA ILE I 1056 27.88 -3.27 -2.53
C ILE I 1056 28.78 -2.78 -1.40
N PHE I 1057 29.42 -3.70 -0.67
CA PHE I 1057 30.46 -3.29 0.26
C PHE I 1057 31.60 -2.62 -0.48
N PHE I 1058 32.03 -3.22 -1.60
CA PHE I 1058 33.02 -2.58 -2.45
C PHE I 1058 32.49 -1.27 -3.01
N ILE I 1059 31.18 -1.07 -3.00
CA ILE I 1059 30.63 0.28 -3.20
C ILE I 1059 30.89 1.13 -1.97
N ILE I 1060 30.35 0.71 -0.82
CA ILE I 1060 30.31 1.55 0.37
C ILE I 1060 31.72 1.99 0.76
N TYR I 1061 32.64 1.02 0.86
CA TYR I 1061 34.03 1.35 1.17
C TYR I 1061 34.56 2.39 0.18
N ILE I 1062 34.41 2.11 -1.11
CA ILE I 1062 34.84 3.07 -2.13
C ILE I 1062 34.10 4.39 -1.92
N ILE I 1063 32.78 4.31 -1.70
CA ILE I 1063 32.01 5.51 -1.41
C ILE I 1063 32.61 6.24 -0.22
N ILE I 1064 32.93 5.49 0.85
CA ILE I 1064 33.59 6.10 2.00
C ILE I 1064 34.87 6.80 1.55
N ILE I 1065 35.69 6.10 0.77
CA ILE I 1065 36.86 6.74 0.18
C ILE I 1065 36.41 7.91 -0.68
N ALA I 1066 35.46 7.66 -1.58
CA ALA I 1066 34.92 8.71 -2.44
C ALA I 1066 34.40 9.89 -1.66
N PHE I 1067 34.20 9.74 -0.35
CA PHE I 1067 33.95 10.87 0.53
C PHE I 1067 35.22 11.26 1.28
N PHE I 1068 35.81 10.30 2.00
CA PHE I 1068 36.89 10.65 2.93
C PHE I 1068 38.13 11.10 2.18
N MET I 1069 38.52 10.37 1.13
CA MET I 1069 39.56 10.89 0.25
C MET I 1069 39.16 12.24 -0.31
N MET I 1070 37.90 12.37 -0.74
CA MET I 1070 37.38 13.67 -1.12
C MET I 1070 37.48 14.65 0.05
N ASN I 1071 37.14 14.17 1.25
CA ASN I 1071 37.36 14.99 2.44
C ASN I 1071 38.84 15.31 2.60
N ILE I 1072 39.71 14.33 2.38
CA ILE I 1072 41.14 14.61 2.31
C ILE I 1072 41.40 15.63 1.21
N PHE I 1073 40.78 15.44 0.05
CA PHE I 1073 40.82 16.46 -0.98
C PHE I 1073 40.20 17.76 -0.48
N VAL I 1074 39.08 17.65 0.24
CA VAL I 1074 38.52 18.84 0.90
C VAL I 1074 39.55 19.41 1.87
N GLY I 1075 40.24 18.53 2.62
CA GLY I 1075 41.38 18.99 3.38
C GLY I 1075 42.42 19.64 2.49
N PHE I 1076 42.75 18.97 1.38
CA PHE I 1076 43.58 19.60 0.36
C PHE I 1076 42.96 20.91 -0.10
N VAL I 1077 41.64 20.93 -0.27
CA VAL I 1077 40.93 22.18 -0.55
C VAL I 1077 41.31 23.23 0.48
N ILE I 1078 41.15 22.90 1.76
CA ILE I 1078 41.58 23.81 2.82
C ILE I 1078 43.06 24.10 2.68
N VAL I 1079 43.85 23.06 2.39
CA VAL I 1079 45.27 23.26 2.13
C VAL I 1079 45.48 24.23 0.97
N THR I 1080 44.74 24.04 -0.12
CA THR I 1080 44.80 25.03 -1.20
C THR I 1080 44.31 26.38 -0.72
N PHE I 1081 43.24 26.39 0.08
CA PHE I 1081 42.81 27.63 0.72
C PHE I 1081 43.89 28.21 1.61
N GLN I 1082 44.74 27.36 2.21
CA GLN I 1082 45.93 27.83 2.88
C GLN I 1082 47.06 28.13 1.90
N GLU I 1083 47.16 27.38 0.81
CA GLU I 1083 48.24 27.60 -0.15
C GLU I 1083 48.02 28.88 -0.96
N GLN I 1084 46.80 29.09 -1.45
CA GLN I 1084 46.52 30.21 -2.34
C GLN I 1084 45.37 31.09 -1.88
N GLY I 1085 44.44 30.57 -1.09
CA GLY I 1085 43.33 31.38 -0.60
C GLY I 1085 43.68 32.30 0.55
N GLU I 1086 44.84 32.13 1.18
CA GLU I 1086 45.31 33.01 2.24
C GLU I 1086 46.20 34.12 1.74
N GLN I 1087 46.38 34.23 0.42
CA GLN I 1087 47.21 35.26 -0.19
C GLN I 1087 46.45 36.55 -0.44
N GLU I 1088 45.35 36.79 0.28
CA GLU I 1088 44.59 38.02 0.09
C GLU I 1088 45.25 39.21 0.76
N TYR I 1089 46.13 38.97 1.73
CA TYR I 1089 46.86 39.97 2.51
C TYR I 1089 45.90 41.07 2.97
N LYS I 1090 46.41 42.29 3.13
CA LYS I 1090 45.62 43.41 3.62
C LYS I 1090 45.29 44.36 2.47
N ASN I 1091 44.05 44.89 2.49
CA ASN I 1091 43.59 45.73 1.40
C ASN I 1091 44.43 46.99 1.26
N CYS I 1092 44.59 47.73 2.37
CA CYS I 1092 45.43 48.93 2.42
C CYS I 1092 44.99 50.01 1.43
N GLU I 1093 43.69 50.06 1.13
CA GLU I 1093 43.16 51.09 0.23
C GLU I 1093 41.82 51.55 0.79
N LEU I 1094 41.15 52.44 0.03
CA LEU I 1094 39.91 53.04 0.50
C LEU I 1094 38.78 52.01 0.62
N ASP I 1095 38.68 51.10 -0.33
CA ASP I 1095 37.54 50.20 -0.44
C ASP I 1095 38.07 48.81 -0.77
N LYS I 1096 37.18 47.91 -1.19
CA LYS I 1096 37.54 46.57 -1.61
C LYS I 1096 37.31 46.35 -3.10
N ASN I 1097 36.15 46.73 -3.62
CA ASN I 1097 35.87 46.69 -5.05
C ASN I 1097 36.01 48.06 -5.71
N GLN I 1098 35.56 49.11 -5.02
CA GLN I 1098 35.76 50.46 -5.56
C GLN I 1098 37.24 50.83 -5.61
N ARG I 1099 38.07 50.24 -4.74
CA ARG I 1099 39.51 50.42 -4.88
C ARG I 1099 40.00 49.83 -6.19
N GLN I 1100 39.49 48.66 -6.57
CA GLN I 1100 39.85 48.06 -7.85
C GLN I 1100 39.35 48.93 -9.00
N CYS I 1101 38.15 49.50 -8.87
CA CYS I 1101 37.64 50.40 -9.90
C CYS I 1101 38.53 51.62 -10.05
N VAL I 1102 38.96 52.21 -8.93
CA VAL I 1102 39.80 53.41 -8.99
C VAL I 1102 41.16 53.07 -9.59
N GLU I 1103 41.80 52.01 -9.11
CA GLU I 1103 43.10 51.62 -9.66
C GLU I 1103 42.99 51.12 -11.10
N TYR I 1104 41.78 50.81 -11.56
CA TYR I 1104 41.55 50.38 -12.94
C TYR I 1104 41.18 51.54 -13.85
N ALA I 1105 40.45 52.54 -13.35
CA ALA I 1105 40.02 53.67 -14.15
C ALA I 1105 41.00 54.84 -14.11
N LEU I 1106 42.02 54.78 -13.27
CA LEU I 1106 43.02 55.84 -13.22
C LEU I 1106 44.18 55.60 -14.18
N LYS I 1107 44.41 54.35 -14.57
CA LYS I 1107 45.45 54.02 -15.53
C LYS I 1107 44.95 54.01 -16.97
N ALA I 1108 43.64 54.06 -17.19
CA ALA I 1108 43.09 54.04 -18.53
C ALA I 1108 43.47 55.31 -19.28
N ARG I 1109 43.91 55.15 -20.52
CA ARG I 1109 44.34 56.27 -21.35
C ARG I 1109 43.57 56.27 -22.66
N PRO I 1110 43.24 57.45 -23.20
CA PRO I 1110 42.52 57.50 -24.47
C PRO I 1110 43.40 57.11 -25.64
N LEU I 1111 42.75 56.68 -26.72
CA LEU I 1111 43.41 56.31 -27.96
C LEU I 1111 42.90 57.21 -29.09
N ARG I 1112 43.33 56.91 -30.31
CA ARG I 1112 43.00 57.72 -31.48
C ARG I 1112 42.15 56.98 -32.50
N ARG I 1113 42.54 55.76 -32.87
CA ARG I 1113 41.82 54.96 -33.87
C ARG I 1113 41.72 55.71 -35.20
N TYR I 1114 42.90 55.94 -35.79
CA TYR I 1114 42.99 56.69 -37.04
C TYR I 1114 42.23 55.97 -38.15
N ILE I 1115 41.52 56.76 -38.96
CA ILE I 1115 40.71 56.25 -40.06
C ILE I 1115 41.19 56.93 -41.34
N PRO I 1116 41.44 56.19 -42.42
CA PRO I 1116 41.93 56.82 -43.65
C PRO I 1116 40.87 57.64 -44.38
N LYS I 1117 41.27 58.25 -45.50
CA LYS I 1117 40.40 59.18 -46.21
C LYS I 1117 39.33 58.49 -47.04
N ASN I 1118 39.52 57.22 -47.41
CA ASN I 1118 38.61 56.54 -48.32
C ASN I 1118 37.24 56.39 -47.67
N GLN I 1119 36.25 57.13 -48.17
CA GLN I 1119 34.92 57.13 -47.57
C GLN I 1119 33.98 56.13 -48.24
N HIS I 1120 34.04 56.00 -49.56
CA HIS I 1120 33.12 55.08 -50.26
C HIS I 1120 33.46 53.63 -49.94
N GLN I 1121 34.73 53.26 -50.02
CA GLN I 1121 35.14 51.89 -49.74
C GLN I 1121 34.90 51.53 -48.28
N TYR I 1122 35.13 52.48 -47.37
CA TYR I 1122 34.88 52.18 -45.96
C TYR I 1122 33.39 52.17 -45.64
N LYS I 1123 32.58 52.93 -46.38
CA LYS I 1123 31.13 52.78 -46.26
C LYS I 1123 30.69 51.40 -46.74
N VAL I 1124 31.30 50.91 -47.82
CA VAL I 1124 31.03 49.55 -48.27
C VAL I 1124 31.42 48.55 -47.19
N TRP I 1125 32.56 48.80 -46.53
CA TRP I 1125 32.97 47.94 -45.41
C TRP I 1125 31.94 47.98 -44.29
N TYR I 1126 31.44 49.16 -43.95
CA TYR I 1126 30.48 49.28 -42.85
C TYR I 1126 29.16 48.60 -43.17
N VAL I 1127 28.68 48.73 -44.40
CA VAL I 1127 27.35 48.26 -44.75
C VAL I 1127 27.40 46.80 -45.22
N VAL I 1128 28.11 46.55 -46.32
CA VAL I 1128 28.18 45.21 -46.88
C VAL I 1128 28.94 44.27 -45.94
N ASN I 1129 30.19 44.63 -45.61
CA ASN I 1129 30.99 43.80 -44.72
C ASN I 1129 30.52 43.93 -43.29
N SER I 1130 29.37 43.32 -43.00
CA SER I 1130 28.69 43.45 -41.71
C SER I 1130 27.98 42.13 -41.44
N THR I 1131 26.99 42.17 -40.56
CA THR I 1131 26.15 41.01 -40.25
C THR I 1131 25.78 40.23 -41.51
N TYR I 1132 25.42 40.96 -42.59
CA TYR I 1132 25.12 40.32 -43.85
C TYR I 1132 26.32 39.54 -44.38
N PHE I 1133 27.51 40.16 -44.36
CA PHE I 1133 28.69 39.52 -44.92
C PHE I 1133 29.11 38.30 -44.10
N GLU I 1134 29.13 38.42 -42.78
CA GLU I 1134 29.50 37.27 -41.96
C GLU I 1134 28.47 36.16 -42.08
N TYR I 1135 27.19 36.50 -42.15
CA TYR I 1135 26.16 35.47 -42.31
C TYR I 1135 26.29 34.76 -43.66
N LEU I 1136 26.53 35.51 -44.74
CA LEU I 1136 26.69 34.88 -46.05
C LEU I 1136 27.96 34.04 -46.10
N MET I 1137 29.03 34.50 -45.45
CA MET I 1137 30.24 33.70 -45.36
C MET I 1137 29.98 32.40 -44.61
N PHE I 1138 29.24 32.48 -43.50
CA PHE I 1138 28.96 31.29 -42.71
C PHE I 1138 28.11 30.30 -43.50
N VAL I 1139 27.08 30.78 -44.20
CA VAL I 1139 26.23 29.86 -44.95
C VAL I 1139 26.99 29.27 -46.14
N LEU I 1140 27.87 30.06 -46.77
CA LEU I 1140 28.60 29.53 -47.91
C LEU I 1140 29.64 28.51 -47.47
N ILE I 1141 30.32 28.72 -46.34
CA ILE I 1141 31.24 27.70 -45.86
C ILE I 1141 30.47 26.49 -45.35
N LEU I 1142 29.25 26.68 -44.84
CA LEU I 1142 28.43 25.55 -44.43
C LEU I 1142 28.06 24.68 -45.62
N LEU I 1143 27.61 25.30 -46.72
CA LEU I 1143 27.31 24.52 -47.91
C LEU I 1143 28.57 23.96 -48.55
N ASN I 1144 29.71 24.63 -48.38
CA ASN I 1144 30.98 24.08 -48.81
C ASN I 1144 31.30 22.79 -48.05
N THR I 1145 31.06 22.79 -46.74
CA THR I 1145 31.20 21.56 -45.97
C THR I 1145 30.23 20.50 -46.46
N ILE I 1146 28.98 20.90 -46.71
CA ILE I 1146 28.01 19.98 -47.30
C ILE I 1146 28.55 19.39 -48.61
N CYS I 1147 29.40 20.13 -49.31
CA CYS I 1147 30.12 19.59 -50.46
C CYS I 1147 31.31 18.71 -50.06
N LEU I 1148 32.00 19.03 -48.96
CA LEU I 1148 33.19 18.29 -48.56
C LEU I 1148 33.02 17.47 -47.30
N ALA I 1149 32.39 18.03 -46.25
CA ALA I 1149 32.09 17.24 -45.06
C ALA I 1149 31.10 16.14 -45.38
N MET I 1150 30.11 16.44 -46.22
CA MET I 1150 29.10 15.47 -46.66
C MET I 1150 29.47 14.83 -48.00
N GLN I 1151 30.76 14.60 -48.24
CA GLN I 1151 31.19 13.95 -49.47
C GLN I 1151 30.54 12.59 -49.61
N HIS I 1152 30.24 12.21 -50.85
CA HIS I 1152 29.58 10.94 -51.13
C HIS I 1152 30.41 9.78 -50.59
N TYR I 1153 29.72 8.83 -49.96
CA TYR I 1153 30.38 7.63 -49.47
C TYR I 1153 31.06 6.90 -50.62
N GLY I 1154 32.31 6.52 -50.43
CA GLY I 1154 33.11 6.12 -51.57
C GLY I 1154 33.35 7.34 -52.44
N GLN I 1155 32.99 7.22 -53.72
CA GLN I 1155 33.03 8.36 -54.63
C GLN I 1155 32.29 8.00 -55.91
N SER I 1156 31.60 8.99 -56.48
CA SER I 1156 30.91 8.85 -57.75
C SER I 1156 31.35 9.98 -58.67
N CYS I 1157 31.45 9.67 -59.97
CA CYS I 1157 31.99 10.63 -60.93
C CYS I 1157 31.11 11.88 -61.03
N LEU I 1158 29.80 11.71 -61.01
CA LEU I 1158 28.90 12.86 -61.09
C LEU I 1158 29.09 13.79 -59.89
N PHE I 1159 29.04 13.23 -58.68
CA PHE I 1159 29.28 14.05 -57.50
C PHE I 1159 30.71 14.56 -57.45
N LYS I 1160 31.66 13.82 -58.04
CA LYS I 1160 33.04 14.29 -58.09
C LYS I 1160 33.17 15.56 -58.91
N ILE I 1161 32.63 15.55 -60.14
CA ILE I 1161 32.70 16.75 -60.97
C ILE I 1161 31.86 17.87 -60.35
N ALA I 1162 30.73 17.52 -59.71
CA ALA I 1162 29.93 18.54 -59.05
C ALA I 1162 30.71 19.24 -57.94
N MET I 1163 31.38 18.46 -57.08
CA MET I 1163 32.16 19.09 -56.02
C MET I 1163 33.37 19.82 -56.58
N ASN I 1164 33.94 19.35 -57.70
CA ASN I 1164 35.05 20.08 -58.30
C ASN I 1164 34.61 21.46 -58.79
N ILE I 1165 33.51 21.52 -59.53
CA ILE I 1165 33.06 22.81 -60.05
C ILE I 1165 32.58 23.70 -58.90
N LEU I 1166 31.96 23.12 -57.87
CA LEU I 1166 31.57 23.92 -56.71
C LEU I 1166 32.79 24.46 -55.99
N ASN I 1167 33.85 23.67 -55.86
CA ASN I 1167 35.09 24.15 -55.27
C ASN I 1167 35.69 25.28 -56.09
N MET I 1168 35.64 25.17 -57.42
CA MET I 1168 36.11 26.26 -58.27
C MET I 1168 35.31 27.54 -58.02
N LEU I 1169 33.98 27.40 -57.90
CA LEU I 1169 33.15 28.56 -57.61
C LEU I 1169 33.48 29.16 -56.24
N PHE I 1170 33.73 28.29 -55.24
CA PHE I 1170 34.07 28.76 -53.91
C PHE I 1170 35.39 29.51 -53.92
N THR I 1171 36.38 28.99 -54.64
CA THR I 1171 37.67 29.69 -54.76
C THR I 1171 37.48 31.03 -55.46
N GLY I 1172 36.64 31.08 -56.49
CA GLY I 1172 36.39 32.34 -57.16
C GLY I 1172 35.76 33.38 -56.25
N LEU I 1173 34.74 32.96 -55.48
CA LEU I 1173 34.09 33.90 -54.58
C LEU I 1173 35.03 34.32 -53.45
N PHE I 1174 35.88 33.40 -52.98
CA PHE I 1174 36.88 33.77 -51.98
C PHE I 1174 37.84 34.81 -52.53
N THR I 1175 38.29 34.62 -53.78
CA THR I 1175 39.19 35.61 -54.39
C THR I 1175 38.49 36.96 -54.52
N VAL I 1176 37.22 36.96 -54.93
CA VAL I 1176 36.48 38.21 -55.06
C VAL I 1176 36.36 38.92 -53.72
N GLU I 1177 36.00 38.17 -52.67
CA GLU I 1177 35.80 38.79 -51.37
C GLU I 1177 37.12 39.30 -50.80
N MET I 1178 38.22 38.58 -51.00
CA MET I 1178 39.49 39.07 -50.48
C MET I 1178 40.01 40.25 -51.30
N ILE I 1179 39.70 40.29 -52.59
CA ILE I 1179 40.06 41.47 -53.38
C ILE I 1179 39.30 42.70 -52.90
N LEU I 1180 38.00 42.53 -52.64
CA LEU I 1180 37.23 43.68 -52.13
C LEU I 1180 37.55 44.01 -50.68
N LYS I 1181 38.15 43.07 -49.94
CA LYS I 1181 38.62 43.35 -48.59
C LYS I 1181 40.06 43.81 -48.52
N LEU I 1182 40.79 43.79 -49.64
CA LEU I 1182 42.18 44.18 -49.67
C LEU I 1182 42.38 45.62 -50.17
N ILE I 1183 41.92 45.91 -51.38
CA ILE I 1183 42.09 47.25 -51.94
C ILE I 1183 41.21 48.25 -51.22
N ALA I 1184 39.96 47.88 -50.94
CA ALA I 1184 39.03 48.80 -50.29
C ALA I 1184 39.43 49.13 -48.86
N PHE I 1185 40.30 48.33 -48.25
CA PHE I 1185 40.74 48.56 -46.88
C PHE I 1185 41.95 49.48 -46.78
N LYS I 1186 42.24 50.25 -47.84
CA LYS I 1186 43.38 51.17 -47.84
C LYS I 1186 44.66 50.44 -47.48
N PRO I 1187 45.26 49.68 -48.43
CA PRO I 1187 46.39 48.79 -48.11
C PRO I 1187 47.40 49.31 -47.10
N LYS I 1188 47.57 50.64 -47.03
CA LYS I 1188 48.36 51.22 -45.95
C LYS I 1188 47.84 50.77 -44.59
N HIS I 1217 46.52 50.65 -44.44
CA HIS I 1217 45.90 50.18 -43.21
C HIS I 1217 45.60 48.69 -43.24
N TYR I 1218 45.93 47.99 -44.31
CA TYR I 1218 45.59 46.57 -44.44
C TYR I 1218 46.34 45.72 -43.42
N PHE I 1219 47.61 46.03 -43.17
CA PHE I 1219 48.47 45.24 -42.30
C PHE I 1219 48.59 45.84 -40.91
N CYS I 1220 47.52 46.43 -40.38
CA CYS I 1220 47.53 47.06 -39.06
C CYS I 1220 46.71 46.29 -38.03
N ASP I 1221 45.44 46.02 -38.31
CA ASP I 1221 44.58 45.34 -37.35
C ASP I 1221 44.99 43.88 -37.19
N ALA I 1222 44.83 43.36 -35.97
CA ALA I 1222 45.20 41.98 -35.68
C ALA I 1222 44.31 41.00 -36.46
N TRP I 1223 43.00 41.21 -36.40
CA TRP I 1223 42.10 40.36 -37.20
C TRP I 1223 42.33 40.57 -38.68
N ASN I 1224 42.78 41.77 -39.08
CA ASN I 1224 43.17 41.99 -40.46
C ASN I 1224 44.34 41.10 -40.84
N THR I 1225 45.33 40.97 -39.95
CA THR I 1225 46.43 40.04 -40.21
C THR I 1225 45.94 38.59 -40.23
N PHE I 1226 44.96 38.27 -39.39
CA PHE I 1226 44.41 36.91 -39.38
C PHE I 1226 43.76 36.58 -40.73
N ASP I 1227 42.90 37.47 -41.22
CA ASP I 1227 42.31 37.23 -42.52
C ASP I 1227 43.33 37.35 -43.65
N ALA I 1228 44.42 38.09 -43.44
CA ALA I 1228 45.52 38.09 -44.41
C ALA I 1228 46.19 36.72 -44.49
N LEU I 1229 46.37 36.07 -43.34
CA LEU I 1229 46.87 34.70 -43.34
C LEU I 1229 45.88 33.77 -44.04
N ILE I 1230 44.59 33.98 -43.81
CA ILE I 1230 43.57 33.20 -44.52
C ILE I 1230 43.70 33.42 -46.03
N VAL I 1231 43.93 34.67 -46.44
CA VAL I 1231 44.07 34.99 -47.86
C VAL I 1231 45.30 34.33 -48.45
N VAL I 1232 46.41 34.32 -47.70
CA VAL I 1232 47.62 33.69 -48.21
C VAL I 1232 47.43 32.18 -48.33
N GLY I 1233 46.67 31.58 -47.41
CA GLY I 1233 46.32 30.18 -47.57
C GLY I 1233 45.46 29.94 -48.80
N SER I 1234 44.52 30.84 -49.06
CA SER I 1234 43.67 30.71 -50.24
C SER I 1234 44.49 30.82 -51.53
N ILE I 1235 45.43 31.76 -51.58
CA ILE I 1235 46.24 31.92 -52.79
C ILE I 1235 47.24 30.80 -52.93
N VAL I 1236 47.64 30.16 -51.83
CA VAL I 1236 48.37 28.90 -51.94
C VAL I 1236 47.47 27.83 -52.56
N ASP I 1237 46.21 27.80 -52.15
CA ASP I 1237 45.26 26.86 -52.73
C ASP I 1237 45.13 27.03 -54.23
N ILE I 1238 44.86 28.27 -54.69
CA ILE I 1238 44.64 28.50 -56.10
C ILE I 1238 45.90 28.26 -56.93
N ALA I 1239 47.07 28.28 -56.30
CA ALA I 1239 48.33 28.03 -56.99
C ALA I 1239 48.77 26.57 -56.91
N ILE I 1240 47.97 25.71 -56.27
CA ILE I 1240 48.32 24.30 -56.14
C ILE I 1240 47.16 23.44 -56.61
N THR I 1241 45.99 24.06 -56.78
CA THR I 1241 44.80 23.33 -57.21
C THR I 1241 44.91 22.92 -58.68
N ARG I 1262 46.09 16.31 -52.97
CA ARG I 1262 47.43 16.62 -52.47
C ARG I 1262 47.47 16.54 -50.95
N ILE I 1263 47.74 15.34 -50.44
CA ILE I 1263 47.77 15.14 -48.99
C ILE I 1263 48.95 15.87 -48.37
N SER I 1264 48.80 16.20 -47.09
CA SER I 1264 49.77 16.90 -46.25
C SER I 1264 49.99 18.35 -46.68
N ILE I 1265 49.35 18.81 -47.76
CA ILE I 1265 49.47 20.18 -48.21
C ILE I 1265 48.07 20.76 -48.34
N THR I 1266 47.06 19.91 -48.13
CA THR I 1266 45.68 20.37 -48.24
C THR I 1266 45.25 21.04 -46.94
N PHE I 1267 46.04 21.99 -46.46
CA PHE I 1267 45.63 22.80 -45.33
C PHE I 1267 44.68 23.91 -45.73
N PHE I 1268 44.66 24.28 -47.02
CA PHE I 1268 43.78 25.34 -47.48
C PHE I 1268 42.31 24.97 -47.31
N ARG I 1269 41.97 23.72 -47.61
CA ARG I 1269 40.64 23.23 -47.27
C ARG I 1269 40.41 23.32 -45.77
N LEU I 1270 41.43 22.96 -44.98
CA LEU I 1270 41.37 23.19 -43.54
C LEU I 1270 41.22 24.67 -43.23
N PHE I 1271 41.86 25.52 -44.05
CA PHE I 1271 41.62 26.96 -43.95
C PHE I 1271 40.13 27.27 -43.99
N ARG I 1272 39.40 26.59 -44.88
CA ARG I 1272 37.95 26.74 -44.92
C ARG I 1272 37.33 26.37 -43.59
N VAL I 1273 37.73 25.22 -43.02
CA VAL I 1273 37.26 24.88 -41.69
C VAL I 1273 37.86 25.83 -40.66
N MET I 1274 39.05 26.37 -40.94
CA MET I 1274 39.59 27.44 -40.11
C MET I 1274 38.70 28.67 -40.14
N ARG I 1275 37.99 28.90 -41.24
CA ARG I 1275 37.00 29.98 -41.28
C ARG I 1275 35.91 29.75 -40.25
N LEU I 1276 35.62 28.50 -39.92
CA LEU I 1276 34.68 28.21 -38.85
C LEU I 1276 35.17 28.75 -37.51
N VAL I 1277 36.48 28.74 -37.29
CA VAL I 1277 37.04 29.34 -36.08
C VAL I 1277 36.73 30.83 -36.04
N LYS I 1278 36.57 31.46 -37.20
CA LYS I 1278 36.20 32.86 -37.24
C LYS I 1278 34.85 33.09 -36.59
N LEU I 1279 33.96 32.10 -36.62
CA LEU I 1279 32.69 32.20 -35.89
C LEU I 1279 32.93 32.47 -34.41
N LEU I 1280 33.96 31.84 -33.84
CA LEU I 1280 34.30 32.10 -32.45
C LEU I 1280 34.60 33.56 -32.21
N SER I 1281 35.19 34.25 -33.19
CA SER I 1281 35.39 35.69 -33.08
C SER I 1281 34.07 36.41 -32.89
N ARG I 1282 33.06 36.02 -33.68
CA ARG I 1282 31.74 36.61 -33.53
C ARG I 1282 31.17 36.39 -32.13
N GLY I 1283 31.68 35.39 -31.41
CA GLY I 1283 31.40 35.27 -29.99
C GLY I 1283 32.41 36.03 -29.17
N GLU I 1284 32.55 37.33 -29.42
CA GLU I 1284 33.43 38.16 -28.60
C GLU I 1284 33.13 37.97 -27.12
N GLY I 1285 31.85 37.95 -26.75
CA GLY I 1285 31.48 37.82 -25.36
C GLY I 1285 32.03 36.57 -24.70
N ILE I 1286 32.31 35.54 -25.49
CA ILE I 1286 32.95 34.34 -24.95
C ILE I 1286 34.45 34.30 -25.23
N ARG I 1287 34.94 35.02 -26.24
CA ARG I 1287 36.36 34.98 -26.53
C ARG I 1287 37.19 35.58 -25.41
N THR I 1288 36.59 36.48 -24.60
CA THR I 1288 37.28 36.97 -23.42
C THR I 1288 37.64 35.82 -22.50
N LEU I 1289 36.74 34.83 -22.36
CA LEU I 1289 37.08 33.61 -21.64
C LEU I 1289 38.36 33.00 -22.20
N LEU I 1290 38.44 32.87 -23.52
CA LEU I 1290 39.67 32.40 -24.14
C LEU I 1290 40.82 33.36 -23.84
N TRP I 1291 40.55 34.66 -23.89
CA TRP I 1291 41.58 35.65 -23.57
C TRP I 1291 42.04 35.52 -22.11
N THR I 1292 41.28 34.85 -21.27
CA THR I 1292 41.69 34.60 -19.89
C THR I 1292 42.24 33.20 -19.67
N PHE I 1293 42.15 32.32 -20.67
CA PHE I 1293 42.69 30.97 -20.56
C PHE I 1293 44.03 30.82 -21.29
N ILE I 1294 44.04 31.05 -22.61
CA ILE I 1294 45.26 30.89 -23.38
C ILE I 1294 46.29 31.92 -22.96
N LYS I 1295 45.85 33.11 -22.54
CA LYS I 1295 46.75 34.13 -22.03
C LYS I 1295 47.03 33.96 -20.54
N SER I 1296 46.46 32.95 -19.90
CA SER I 1296 46.73 32.66 -18.50
C SER I 1296 48.09 32.00 -18.28
N PHE I 1297 48.92 31.93 -19.32
CA PHE I 1297 50.21 31.23 -19.25
C PHE I 1297 51.24 32.07 -18.48
N GLN I 1298 50.95 32.27 -17.20
CA GLN I 1298 51.86 32.96 -16.29
C GLN I 1298 52.39 32.02 -15.22
N ALA I 1299 51.50 31.37 -14.47
CA ALA I 1299 51.88 30.29 -13.57
C ALA I 1299 51.87 28.93 -14.24
N LEU I 1300 51.29 28.83 -15.45
CA LEU I 1300 51.31 27.58 -16.20
C LEU I 1300 52.72 27.08 -16.52
N PRO I 1301 53.68 27.91 -16.92
CA PRO I 1301 55.00 27.34 -17.28
C PRO I 1301 55.66 26.55 -16.17
N TYR I 1302 55.49 26.93 -14.90
CA TYR I 1302 56.16 26.20 -13.82
C TYR I 1302 55.62 24.79 -13.69
N VAL I 1303 54.30 24.64 -13.61
CA VAL I 1303 53.71 23.31 -13.50
C VAL I 1303 53.93 22.51 -14.79
N ALA I 1304 53.93 23.18 -15.94
CA ALA I 1304 54.22 22.50 -17.20
C ALA I 1304 55.64 21.94 -17.20
N LEU I 1305 56.60 22.74 -16.73
CA LEU I 1305 57.98 22.25 -16.65
C LEU I 1305 58.09 21.09 -15.67
N LEU I 1306 57.37 21.18 -14.54
CA LEU I 1306 57.37 20.07 -13.58
C LEU I 1306 56.82 18.80 -14.22
N ILE I 1307 55.71 18.89 -14.94
CA ILE I 1307 55.11 17.69 -15.51
C ILE I 1307 55.98 17.13 -16.64
N VAL I 1308 56.60 18.00 -17.44
CA VAL I 1308 57.44 17.48 -18.51
C VAL I 1308 58.72 16.86 -17.95
N MET I 1309 59.27 17.42 -16.87
CA MET I 1309 60.44 16.78 -16.27
C MET I 1309 60.06 15.48 -15.56
N LEU I 1310 58.83 15.39 -15.03
CA LEU I 1310 58.35 14.12 -14.53
C LEU I 1310 58.23 13.09 -15.64
N PHE I 1311 57.73 13.50 -16.80
CA PHE I 1311 57.69 12.61 -17.95
C PHE I 1311 59.08 12.18 -18.37
N PHE I 1312 60.04 13.11 -18.35
CA PHE I 1312 61.42 12.79 -18.70
C PHE I 1312 62.00 11.76 -17.74
N ILE I 1313 61.84 11.98 -16.44
CA ILE I 1313 62.45 11.07 -15.46
C ILE I 1313 61.75 9.71 -15.45
N TYR I 1314 60.45 9.67 -15.72
CA TYR I 1314 59.73 8.41 -15.74
C TYR I 1314 59.74 7.72 -17.10
N ALA I 1315 60.28 8.38 -18.14
CA ALA I 1315 60.41 7.77 -19.46
C ALA I 1315 61.78 7.15 -19.68
N VAL I 1316 62.84 7.89 -19.37
CA VAL I 1316 64.19 7.37 -19.52
C VAL I 1316 64.49 6.25 -18.52
N ILE I 1317 63.74 6.18 -17.42
CA ILE I 1317 63.96 5.12 -16.44
C ILE I 1317 63.35 3.80 -16.89
N GLY I 1318 62.31 3.83 -17.71
CA GLY I 1318 61.69 2.60 -18.18
C GLY I 1318 62.44 1.91 -19.29
N MET I 1319 63.30 2.63 -20.01
CA MET I 1319 63.96 2.06 -21.18
C MET I 1319 64.84 0.87 -20.80
N GLN I 1320 65.73 1.06 -19.82
CA GLN I 1320 66.64 -0.01 -19.44
C GLN I 1320 65.98 -1.09 -18.59
N VAL I 1321 64.95 -0.75 -17.81
CA VAL I 1321 64.29 -1.74 -16.96
C VAL I 1321 63.21 -2.51 -17.70
N PHE I 1322 62.69 -1.99 -18.81
CA PHE I 1322 61.69 -2.67 -19.62
C PHE I 1322 62.22 -2.93 -21.03
N GLY I 1323 63.54 -3.06 -21.17
CA GLY I 1323 64.12 -3.35 -22.46
C GLY I 1323 63.73 -4.71 -22.98
N LYS I 1324 63.77 -4.86 -24.30
CA LYS I 1324 63.33 -6.07 -24.99
C LYS I 1324 61.88 -6.40 -24.60
N ILE I 1325 60.99 -5.49 -24.97
CA ILE I 1325 59.60 -5.54 -24.54
C ILE I 1325 58.84 -6.75 -25.07
N ALA I 1326 59.42 -7.48 -26.03
CA ALA I 1326 58.82 -8.69 -26.59
C ALA I 1326 57.46 -8.39 -27.25
N LEU I 1327 57.51 -7.54 -28.27
CA LEU I 1327 56.32 -7.22 -29.03
C LEU I 1327 55.86 -8.45 -29.82
N ASN I 1328 54.60 -8.83 -29.64
CA ASN I 1328 54.03 -9.99 -30.31
C ASN I 1328 52.58 -9.70 -30.67
N ASP I 1329 52.10 -10.33 -31.73
CA ASP I 1329 50.76 -10.06 -32.23
C ASP I 1329 49.70 -10.61 -31.29
N THR I 1330 48.72 -9.77 -30.97
CA THR I 1330 47.51 -10.17 -30.22
C THR I 1330 47.85 -10.79 -28.87
N THR I 1331 48.71 -10.09 -28.10
CA THR I 1331 49.01 -10.51 -26.74
C THR I 1331 49.13 -9.32 -25.80
N GLU I 1332 48.48 -8.21 -26.14
CA GLU I 1332 48.47 -6.95 -25.40
C GLU I 1332 49.83 -6.26 -25.41
N ILE I 1333 50.86 -6.85 -26.04
CA ILE I 1333 52.14 -6.20 -26.22
C ILE I 1333 52.59 -6.46 -27.65
N ASN I 1334 52.38 -5.47 -28.52
CA ASN I 1334 52.56 -5.68 -29.96
C ASN I 1334 53.40 -4.55 -30.58
N ARG I 1335 53.44 -4.51 -31.91
CA ARG I 1335 54.15 -3.44 -32.60
C ARG I 1335 53.55 -2.08 -32.28
N ASN I 1336 52.22 -2.00 -32.21
CA ASN I 1336 51.59 -0.77 -31.76
C ASN I 1336 51.89 -0.49 -30.29
N ASN I 1337 52.01 -1.53 -29.47
CA ASN I 1337 52.36 -1.41 -28.07
C ASN I 1337 53.88 -1.44 -27.84
N ASN I 1338 54.67 -1.12 -28.86
CA ASN I 1338 56.12 -1.16 -28.73
C ASN I 1338 56.60 -0.13 -27.72
N PHE I 1339 57.72 -0.43 -27.07
CA PHE I 1339 58.20 0.42 -25.98
C PHE I 1339 59.66 0.85 -26.16
N GLN I 1340 60.48 0.04 -26.82
CA GLN I 1340 61.90 0.36 -26.90
C GLN I 1340 62.14 1.65 -27.68
N THR I 1341 61.26 1.98 -28.62
CA THR I 1341 61.35 3.27 -29.29
C THR I 1341 60.84 4.37 -28.37
N PHE I 1342 61.60 5.46 -28.28
CA PHE I 1342 61.28 6.53 -27.34
C PHE I 1342 59.92 7.17 -27.59
N PRO I 1343 59.57 7.61 -28.81
CA PRO I 1343 58.23 8.21 -28.99
C PRO I 1343 57.10 7.25 -28.67
N GLN I 1344 57.24 5.97 -29.00
CA GLN I 1344 56.19 5.01 -28.66
C GLN I 1344 56.13 4.75 -27.15
N ALA I 1345 57.27 4.80 -26.48
CA ALA I 1345 57.26 4.71 -25.02
C ALA I 1345 56.52 5.90 -24.41
N VAL I 1346 56.74 7.09 -24.96
CA VAL I 1346 56.02 8.27 -24.50
C VAL I 1346 54.53 8.10 -24.75
N LEU I 1347 54.16 7.55 -25.92
CA LEU I 1347 52.76 7.30 -26.22
C LEU I 1347 52.14 6.33 -25.22
N LEU I 1348 52.87 5.26 -24.88
CA LEU I 1348 52.35 4.27 -23.93
C LEU I 1348 52.19 4.87 -22.54
N LEU I 1349 53.17 5.65 -22.08
CA LEU I 1349 53.04 6.25 -20.76
C LEU I 1349 51.94 7.29 -20.72
N PHE I 1350 51.73 8.02 -21.82
CA PHE I 1350 50.60 8.95 -21.90
C PHE I 1350 49.27 8.20 -21.86
N ARG I 1351 49.19 7.07 -22.57
CA ARG I 1351 47.97 6.26 -22.53
C ARG I 1351 47.71 5.74 -21.12
N CYS I 1352 48.76 5.34 -20.41
CA CYS I 1352 48.60 4.92 -19.03
C CYS I 1352 48.20 6.08 -18.13
N ALA I 1353 48.67 7.30 -18.44
CA ALA I 1353 48.38 8.45 -17.60
C ALA I 1353 46.88 8.78 -17.58
N THR I 1354 46.23 8.72 -18.74
CA THR I 1354 44.81 9.06 -18.80
C THR I 1354 43.91 8.01 -18.18
N GLY I 1355 44.45 6.85 -17.82
CA GLY I 1355 43.67 5.80 -17.19
C GLY I 1355 42.93 4.88 -18.14
N GLU I 1356 43.30 4.88 -19.42
CA GLU I 1356 42.61 4.04 -20.41
C GLU I 1356 43.10 2.61 -20.25
N ALA I 1357 42.44 1.87 -19.36
CA ALA I 1357 42.70 0.45 -19.14
C ALA I 1357 44.17 0.17 -18.86
N TRP I 1358 44.77 0.98 -17.99
CA TRP I 1358 46.17 0.77 -17.62
C TRP I 1358 46.36 -0.45 -16.73
N GLN I 1359 45.28 -1.03 -16.21
CA GLN I 1359 45.41 -2.27 -15.45
C GLN I 1359 45.95 -3.40 -16.31
N ASP I 1360 45.51 -3.47 -17.57
CA ASP I 1360 46.05 -4.46 -18.49
C ASP I 1360 47.53 -4.24 -18.74
N ILE I 1361 47.94 -2.97 -18.85
CA ILE I 1361 49.36 -2.66 -19.01
C ILE I 1361 50.15 -3.12 -17.79
N MET I 1362 49.61 -2.89 -16.59
CA MET I 1362 50.28 -3.35 -15.38
C MET I 1362 50.37 -4.88 -15.36
N LEU I 1363 49.32 -5.56 -15.83
CA LEU I 1363 49.28 -7.02 -15.84
C LEU I 1363 50.09 -7.62 -16.99
N ALA I 1364 50.61 -6.79 -17.89
CA ALA I 1364 51.34 -7.25 -19.06
C ALA I 1364 52.84 -7.38 -18.81
N CYS I 1365 53.30 -7.15 -17.59
CA CYS I 1365 54.72 -7.26 -17.23
C CYS I 1365 54.81 -8.13 -15.98
N MET I 1366 54.98 -9.44 -16.19
CA MET I 1366 55.02 -10.43 -15.12
C MET I 1366 56.43 -11.01 -14.98
N PRO I 1367 56.81 -11.44 -13.77
CA PRO I 1367 58.14 -12.06 -13.61
C PRO I 1367 58.32 -13.32 -14.44
N GLY I 1368 57.27 -14.09 -14.66
CA GLY I 1368 57.34 -15.31 -15.43
C GLY I 1368 57.17 -15.15 -16.93
N LYS I 1369 57.11 -13.92 -17.43
CA LYS I 1369 56.89 -13.67 -18.85
C LYS I 1369 58.22 -13.50 -19.56
N LYS I 1370 58.40 -14.24 -20.66
CA LYS I 1370 59.62 -14.14 -21.45
C LYS I 1370 59.63 -12.85 -22.27
N CYS I 1371 60.78 -12.18 -22.27
CA CYS I 1371 60.95 -10.90 -22.96
C CYS I 1371 62.04 -11.06 -24.03
N ALA I 1372 61.61 -11.24 -25.28
CA ALA I 1372 62.48 -11.30 -26.45
C ALA I 1372 63.59 -12.34 -26.26
N PRO I 1373 63.26 -13.64 -26.32
CA PRO I 1373 64.31 -14.66 -26.13
C PRO I 1373 65.28 -14.73 -27.29
N GLU I 1374 66.05 -13.65 -27.49
CA GLU I 1374 67.04 -13.59 -28.56
C GLU I 1374 68.48 -13.53 -28.06
N SER I 1375 68.69 -13.18 -26.80
CA SER I 1375 70.04 -13.11 -26.26
C SER I 1375 70.62 -14.52 -26.10
N GLU I 1376 71.95 -14.58 -26.07
CA GLU I 1376 72.62 -15.87 -25.94
C GLU I 1376 72.27 -16.60 -24.65
N PRO I 1377 72.28 -15.95 -23.43
CA PRO I 1377 71.87 -16.65 -22.20
C PRO I 1377 70.36 -16.64 -21.99
N SER I 1378 69.61 -16.97 -23.05
CA SER I 1378 68.16 -17.02 -23.00
C SER I 1378 67.64 -18.31 -23.62
N ASN I 1379 68.32 -19.42 -23.35
CA ASN I 1379 67.96 -20.72 -23.89
C ASN I 1379 66.97 -21.47 -23.00
N SER I 1380 66.54 -20.86 -21.89
CA SER I 1380 65.60 -21.48 -20.95
C SER I 1380 66.14 -22.81 -20.43
N THR I 1381 67.44 -22.87 -20.18
CA THR I 1381 68.04 -24.08 -19.62
C THR I 1381 67.50 -24.36 -18.23
N GLU I 1382 67.37 -23.34 -17.40
CA GLU I 1382 66.82 -23.47 -16.06
C GLU I 1382 65.34 -23.16 -15.99
N GLY I 1383 64.69 -22.92 -17.13
CA GLY I 1383 63.29 -22.55 -17.15
C GLY I 1383 63.02 -21.20 -16.52
N GLU I 1384 63.90 -20.23 -16.74
CA GLU I 1384 63.79 -18.90 -16.16
C GLU I 1384 63.62 -17.88 -17.28
N THR I 1385 62.63 -17.00 -17.14
CA THR I 1385 62.46 -15.89 -18.06
C THR I 1385 63.23 -14.69 -17.52
N PRO I 1386 64.27 -14.22 -18.19
CA PRO I 1386 65.06 -13.10 -17.65
C PRO I 1386 64.33 -11.77 -17.75
N CYS I 1387 63.11 -11.72 -17.20
CA CYS I 1387 62.29 -10.51 -17.27
C CYS I 1387 61.43 -10.45 -16.01
N GLY I 1388 61.90 -9.72 -15.00
CA GLY I 1388 61.13 -9.57 -13.78
C GLY I 1388 59.99 -8.58 -13.96
N SER I 1389 60.33 -7.29 -14.06
CA SER I 1389 59.37 -6.23 -14.33
C SER I 1389 58.21 -6.23 -13.33
N SER I 1390 58.39 -6.88 -12.20
CA SER I 1390 57.33 -6.94 -11.18
C SER I 1390 57.49 -5.81 -10.16
N PHE I 1391 57.85 -4.63 -10.66
CA PHE I 1391 57.91 -3.42 -9.85
C PHE I 1391 57.21 -2.24 -10.49
N ALA I 1392 56.76 -2.35 -11.74
CA ALA I 1392 56.11 -1.25 -12.43
C ALA I 1392 54.75 -0.91 -11.87
N VAL I 1393 54.13 -1.80 -11.08
CA VAL I 1393 52.81 -1.53 -10.52
C VAL I 1393 52.86 -0.32 -9.59
N PHE I 1394 53.73 -0.39 -8.58
CA PHE I 1394 53.84 0.71 -7.62
C PHE I 1394 54.35 1.98 -8.29
N TYR I 1395 55.31 1.85 -9.20
CA TYR I 1395 55.87 3.01 -9.89
C TYR I 1395 54.80 3.71 -10.72
N PHE I 1396 53.99 2.96 -11.46
CA PHE I 1396 52.95 3.56 -12.27
C PHE I 1396 51.80 4.10 -11.41
N ILE I 1397 51.52 3.47 -10.27
CA ILE I 1397 50.52 4.03 -9.36
C ILE I 1397 51.00 5.37 -8.82
N SER I 1398 52.28 5.47 -8.44
CA SER I 1398 52.84 6.73 -7.99
C SER I 1398 52.81 7.77 -9.10
N PHE I 1399 53.12 7.36 -10.33
CA PHE I 1399 53.06 8.27 -11.47
C PHE I 1399 51.64 8.81 -11.67
N TYR I 1400 50.65 7.92 -11.60
CA TYR I 1400 49.26 8.34 -11.75
C TYR I 1400 48.86 9.33 -10.66
N MET I 1401 49.24 9.03 -9.40
CA MET I 1401 48.91 9.94 -8.30
C MET I 1401 49.57 11.29 -8.49
N LEU I 1402 50.85 11.30 -8.88
CA LEU I 1402 51.56 12.56 -9.06
C LEU I 1402 50.97 13.37 -10.20
N CYS I 1403 50.65 12.71 -11.32
CA CYS I 1403 50.08 13.43 -12.45
C CYS I 1403 48.71 14.00 -12.11
N ALA I 1404 47.88 13.22 -11.40
CA ALA I 1404 46.58 13.71 -10.98
C ALA I 1404 46.73 14.91 -10.04
N PHE I 1405 47.65 14.82 -9.09
CA PHE I 1405 47.86 15.93 -8.16
C PHE I 1405 48.35 17.17 -8.90
N LEU I 1406 49.24 17.00 -9.87
CA LEU I 1406 49.79 18.16 -10.58
C LEU I 1406 48.74 18.80 -11.49
N ILE I 1407 47.91 18.00 -12.15
CA ILE I 1407 46.86 18.60 -12.96
C ILE I 1407 45.83 19.28 -12.06
N ILE I 1408 45.57 18.73 -10.87
CA ILE I 1408 44.72 19.43 -9.91
C ILE I 1408 45.33 20.76 -9.50
N ASN I 1409 46.65 20.78 -9.29
CA ASN I 1409 47.34 22.02 -8.94
C ASN I 1409 47.21 23.04 -10.05
N LEU I 1410 47.37 22.62 -11.30
CA LEU I 1410 47.23 23.56 -12.41
C LEU I 1410 45.79 24.06 -12.54
N PHE I 1411 44.81 23.18 -12.26
CA PHE I 1411 43.43 23.61 -12.24
C PHE I 1411 43.20 24.67 -11.16
N VAL I 1412 43.76 24.45 -9.97
CA VAL I 1412 43.64 25.43 -8.89
C VAL I 1412 44.28 26.74 -9.30
N ALA I 1413 45.46 26.67 -9.94
CA ALA I 1413 46.14 27.88 -10.37
C ALA I 1413 45.30 28.67 -11.36
N VAL I 1414 44.72 27.98 -12.36
CA VAL I 1414 43.96 28.70 -13.38
C VAL I 1414 42.67 29.25 -12.79
N ILE I 1415 42.01 28.51 -11.89
CA ILE I 1415 40.77 29.03 -11.32
C ILE I 1415 41.05 30.21 -10.39
N MET I 1416 42.18 30.20 -9.68
CA MET I 1416 42.55 31.35 -8.88
C MET I 1416 42.90 32.54 -9.78
N ASP I 1417 43.55 32.28 -10.91
CA ASP I 1417 43.86 33.35 -11.86
C ASP I 1417 42.58 33.97 -12.41
N ASN I 1418 41.56 33.16 -12.66
CA ASN I 1418 40.31 33.64 -13.23
C ASN I 1418 39.25 33.98 -12.20
N PHE I 1419 39.57 33.88 -10.91
CA PHE I 1419 38.58 34.20 -9.87
C PHE I 1419 38.20 35.67 -9.91
N ASP I 1420 39.18 36.55 -10.07
CA ASP I 1420 38.91 37.97 -10.26
C ASP I 1420 38.41 38.29 -11.67
N TYR I 1421 38.08 37.26 -12.46
CA TYR I 1421 37.51 37.44 -13.79
C TYR I 1421 36.14 36.80 -13.94
N LEU I 1422 35.98 35.55 -13.49
CA LEU I 1422 34.75 34.81 -13.72
C LEU I 1422 33.81 34.87 -12.53
N THR I 1423 34.33 34.65 -11.31
CA THR I 1423 33.52 34.66 -10.10
C THR I 1423 33.27 36.07 -9.57
N ARG I 1424 33.52 37.10 -10.38
CA ARG I 1424 33.33 38.48 -9.97
C ARG I 1424 31.87 38.90 -10.10
N ASP I 1425 31.64 40.22 -10.12
CA ASP I 1425 30.31 40.81 -10.07
C ASP I 1425 29.68 40.86 -11.46
N TRP I 1426 30.06 39.94 -12.33
CA TRP I 1426 29.59 39.90 -13.72
C TRP I 1426 28.07 39.77 -13.84
N SER I 1427 27.38 39.67 -12.71
CA SER I 1427 25.93 39.60 -12.73
C SER I 1427 25.32 40.85 -13.35
N ILE I 1428 25.61 42.02 -12.78
CA ILE I 1428 25.01 43.26 -13.25
C ILE I 1428 26.06 44.33 -13.49
N LEU I 1429 26.85 44.65 -12.46
CA LEU I 1429 27.75 45.81 -12.49
C LEU I 1429 29.17 45.39 -12.14
N GLY I 1430 29.66 44.33 -12.77
CA GLY I 1430 31.02 43.90 -12.60
C GLY I 1430 32.00 44.91 -13.13
N PRO I 1431 33.17 45.02 -12.48
CA PRO I 1431 34.19 45.96 -12.96
C PRO I 1431 34.66 45.68 -14.37
N HIS I 1432 34.63 44.43 -14.81
CA HIS I 1432 34.97 44.13 -16.19
C HIS I 1432 33.96 44.72 -17.16
N HIS I 1433 32.69 44.84 -16.73
CA HIS I 1433 31.73 45.57 -17.54
C HIS I 1433 32.13 47.04 -17.67
N LEU I 1434 32.65 47.62 -16.59
CA LEU I 1434 33.17 48.99 -16.66
C LEU I 1434 34.35 49.08 -17.62
N ASP I 1435 35.23 48.07 -17.61
CA ASP I 1435 36.34 48.06 -18.56
C ASP I 1435 35.84 47.95 -20.00
N GLU I 1436 34.84 47.12 -20.23
CA GLU I 1436 34.26 47.01 -21.57
C GLU I 1436 33.64 48.33 -22.01
N PHE I 1437 32.98 49.03 -21.08
CA PHE I 1437 32.44 50.35 -21.41
C PHE I 1437 33.55 51.38 -21.62
N LYS I 1438 34.70 51.22 -20.96
CA LYS I 1438 35.85 52.07 -21.25
C LYS I 1438 36.34 51.83 -22.68
N ARG I 1439 36.41 50.56 -23.09
CA ARG I 1439 36.75 50.26 -24.48
C ARG I 1439 35.72 50.84 -25.43
N ILE I 1440 34.44 50.80 -25.06
CA ILE I 1440 33.40 51.43 -25.87
C ILE I 1440 33.68 52.93 -25.98
N TRP I 1441 33.98 53.58 -24.86
CA TRP I 1441 34.34 54.99 -24.88
C TRP I 1441 35.49 55.24 -25.85
N ALA I 1442 36.49 54.36 -25.84
CA ALA I 1442 37.57 54.45 -26.83
C ALA I 1442 37.07 54.22 -28.25
N GLU I 1443 35.92 53.55 -28.41
CA GLU I 1443 35.35 53.26 -29.72
C GLU I 1443 34.11 54.09 -30.05
N TYR I 1444 33.25 54.35 -29.08
CA TYR I 1444 31.97 55.02 -29.31
C TYR I 1444 32.12 56.46 -29.77
N ASP I 1445 33.31 57.05 -29.65
CA ASP I 1445 33.57 58.42 -30.11
C ASP I 1445 34.44 58.37 -31.35
N PRO I 1446 33.86 58.21 -32.55
CA PRO I 1446 34.68 58.13 -33.76
C PRO I 1446 35.43 59.41 -34.09
N GLU I 1447 34.97 60.56 -33.57
CA GLU I 1447 35.62 61.83 -33.91
C GLU I 1447 37.06 61.85 -33.40
N ALA I 1448 37.27 61.41 -32.15
CA ALA I 1448 38.60 61.36 -31.54
C ALA I 1448 39.32 62.70 -31.63
N LYS I 1449 38.57 63.78 -31.39
CA LYS I 1449 39.12 65.13 -31.48
C LYS I 1449 39.88 65.54 -30.22
N GLY I 1450 39.88 64.73 -29.18
CA GLY I 1450 40.57 65.07 -27.95
C GLY I 1450 39.84 66.02 -27.04
N ARG I 1451 39.37 67.14 -27.58
CA ARG I 1451 38.64 68.15 -26.82
C ARG I 1451 37.21 68.20 -27.37
N ILE I 1452 36.36 67.31 -26.85
CA ILE I 1452 34.97 67.23 -27.31
C ILE I 1452 34.14 68.31 -26.63
N LYS I 1453 33.44 69.10 -27.43
CA LYS I 1453 32.67 70.22 -26.92
C LYS I 1453 31.44 69.73 -26.16
N HIS I 1454 30.96 70.57 -25.24
CA HIS I 1454 29.75 70.23 -24.49
C HIS I 1454 28.53 70.18 -25.41
N LEU I 1455 28.50 70.99 -26.45
CA LEU I 1455 27.46 70.91 -27.46
C LEU I 1455 27.67 69.74 -28.42
N ASP I 1456 28.83 69.08 -28.36
CA ASP I 1456 29.10 67.90 -29.17
C ASP I 1456 28.91 66.60 -28.41
N VAL I 1457 29.16 66.59 -27.11
CA VAL I 1457 28.92 65.38 -26.32
C VAL I 1457 27.43 65.10 -26.20
N VAL I 1458 26.60 66.14 -26.20
CA VAL I 1458 25.15 65.93 -26.15
C VAL I 1458 24.67 65.28 -27.44
N THR I 1459 25.35 65.53 -28.56
CA THR I 1459 24.91 64.95 -29.83
C THR I 1459 25.21 63.46 -29.91
N LEU I 1460 26.42 63.05 -29.50
CA LEU I 1460 26.85 61.67 -29.64
C LEU I 1460 27.09 61.00 -28.30
N LEU I 1461 27.85 61.62 -27.41
CA LEU I 1461 28.18 61.05 -26.10
C LEU I 1461 27.02 61.09 -25.12
N ARG I 1462 25.82 61.37 -25.61
CA ARG I 1462 24.65 61.44 -24.75
C ARG I 1462 24.41 60.11 -24.05
N ARG I 1463 24.57 59.01 -24.77
CA ARG I 1463 24.47 57.67 -24.16
C ARG I 1463 25.82 57.32 -23.56
N ILE I 1464 25.91 57.37 -22.23
CA ILE I 1464 27.19 57.15 -21.55
C ILE I 1464 27.32 55.68 -21.18
N GLN I 1465 26.44 55.19 -20.31
CA GLN I 1465 26.49 53.80 -19.87
C GLN I 1465 25.16 53.43 -19.21
N PRO I 1466 24.49 52.38 -19.68
CA PRO I 1466 23.20 51.99 -19.07
C PRO I 1466 23.36 51.53 -17.64
N PRO I 1467 24.27 50.56 -17.31
CA PRO I 1467 24.33 50.09 -15.93
C PRO I 1467 24.84 51.14 -14.95
N LEU I 1468 25.99 51.74 -15.25
CA LEU I 1468 26.60 52.68 -14.32
C LEU I 1468 25.90 54.04 -14.33
N GLY I 1469 25.33 54.43 -15.47
CA GLY I 1469 24.67 55.72 -15.54
C GLY I 1469 23.41 55.79 -14.71
N PHE I 1470 23.03 57.02 -14.36
CA PHE I 1470 21.84 57.22 -13.53
C PHE I 1470 20.58 56.77 -14.25
N GLY I 1471 20.44 57.06 -15.53
CA GLY I 1471 19.25 56.67 -16.26
C GLY I 1471 19.33 57.13 -17.69
N LYS I 1472 18.25 56.87 -18.43
CA LYS I 1472 18.16 57.23 -19.84
C LYS I 1472 17.50 58.60 -20.00
N LEU I 1473 18.19 59.62 -19.48
CA LEU I 1473 17.76 61.00 -19.54
C LEU I 1473 18.92 61.88 -19.99
N CYS I 1474 19.57 61.47 -21.07
CA CYS I 1474 20.75 62.11 -21.65
C CYS I 1474 20.54 63.61 -21.84
N PRO I 1475 21.60 64.42 -21.74
CA PRO I 1475 23.01 64.06 -21.52
C PRO I 1475 23.30 63.65 -20.08
N HIS I 1476 22.54 64.17 -19.11
CA HIS I 1476 22.72 63.81 -17.72
C HIS I 1476 21.35 63.65 -17.07
N ARG I 1477 21.09 62.47 -16.50
CA ARG I 1477 19.82 62.25 -15.81
C ARG I 1477 19.69 63.19 -14.61
N VAL I 1478 20.69 63.20 -13.74
CA VAL I 1478 20.75 64.18 -12.65
C VAL I 1478 21.59 65.34 -13.20
N ALA I 1479 20.92 66.24 -13.91
CA ALA I 1479 21.61 67.37 -14.53
C ALA I 1479 22.26 68.25 -13.47
N CYS I 1480 21.54 68.55 -12.39
CA CYS I 1480 22.09 69.40 -11.33
C CYS I 1480 23.32 68.77 -10.72
N LYS I 1481 23.22 67.50 -10.29
CA LYS I 1481 24.35 66.86 -9.63
C LYS I 1481 25.52 66.66 -10.59
N ARG I 1482 25.26 66.12 -11.77
CA ARG I 1482 26.34 65.82 -12.70
C ARG I 1482 26.89 67.06 -13.39
N LEU I 1483 26.27 68.22 -13.21
CA LEU I 1483 26.83 69.46 -13.75
C LEU I 1483 27.30 70.44 -12.68
N VAL I 1484 27.06 70.16 -11.40
CA VAL I 1484 27.58 70.97 -10.31
C VAL I 1484 28.64 70.21 -9.50
N SER I 1485 28.28 69.03 -8.99
CA SER I 1485 29.27 68.19 -8.30
C SER I 1485 30.40 67.83 -9.24
N MET I 1486 30.06 67.38 -10.44
CA MET I 1486 31.02 67.30 -11.54
C MET I 1486 30.83 68.58 -12.36
N ASN I 1487 31.72 69.56 -12.14
CA ASN I 1487 31.55 70.87 -12.74
C ASN I 1487 31.45 70.78 -14.26
N MET I 1488 30.50 71.53 -14.82
CA MET I 1488 30.27 71.58 -16.26
C MET I 1488 31.58 71.89 -16.97
N PRO I 1489 32.14 70.94 -17.72
CA PRO I 1489 33.44 71.15 -18.36
C PRO I 1489 33.33 72.20 -19.45
N LEU I 1490 34.09 73.28 -19.31
CA LEU I 1490 34.07 74.38 -20.27
C LEU I 1490 35.49 74.86 -20.54
N ASN I 1491 36.43 73.92 -20.71
CA ASN I 1491 37.82 74.29 -20.97
C ASN I 1491 37.94 75.03 -22.30
N SER I 1492 37.27 74.55 -23.33
CA SER I 1492 37.27 75.21 -24.64
C SER I 1492 35.95 74.87 -25.33
N ASP I 1493 34.99 75.79 -25.24
CA ASP I 1493 33.64 75.60 -25.78
C ASP I 1493 33.00 74.32 -25.24
N GLY I 1494 33.31 73.98 -24.00
CA GLY I 1494 32.76 72.77 -23.39
C GLY I 1494 33.63 71.55 -23.56
N THR I 1495 34.95 71.75 -23.54
CA THR I 1495 35.88 70.64 -23.73
C THR I 1495 35.73 69.61 -22.62
N VAL I 1496 35.63 68.35 -23.02
CA VAL I 1496 35.50 67.22 -22.09
C VAL I 1496 36.68 66.29 -22.32
N MET I 1497 37.32 65.87 -21.22
CA MET I 1497 38.45 64.95 -21.28
C MET I 1497 37.97 63.53 -21.01
N PHE I 1498 38.51 62.58 -21.77
CA PHE I 1498 38.16 61.17 -21.57
C PHE I 1498 38.51 60.72 -20.16
N ASN I 1499 39.71 61.07 -19.69
CA ASN I 1499 40.08 60.73 -18.32
C ASN I 1499 39.20 61.46 -17.30
N ALA I 1500 38.88 62.73 -17.57
CA ALA I 1500 37.99 63.46 -16.67
C ALA I 1500 36.60 62.85 -16.66
N THR I 1501 36.10 62.43 -17.83
CA THR I 1501 34.79 61.80 -17.88
C THR I 1501 34.79 60.46 -17.14
N LEU I 1502 35.87 59.69 -17.28
CA LEU I 1502 35.99 58.44 -16.54
C LEU I 1502 36.03 58.70 -15.04
N PHE I 1503 36.74 59.76 -14.62
CA PHE I 1503 36.76 60.11 -13.21
C PHE I 1503 35.38 60.52 -12.72
N ALA I 1504 34.62 61.22 -13.58
CA ALA I 1504 33.24 61.58 -13.22
C ALA I 1504 32.38 60.33 -13.06
N LEU I 1505 32.53 59.36 -13.95
CA LEU I 1505 31.80 58.11 -13.82
C LEU I 1505 32.20 57.36 -12.54
N VAL I 1506 33.49 57.43 -12.18
CA VAL I 1506 33.93 56.86 -10.91
C VAL I 1506 33.26 57.57 -9.75
N ARG I 1507 33.18 58.91 -9.81
CA ARG I 1507 32.49 59.68 -8.78
C ARG I 1507 31.03 59.26 -8.67
N THR I 1508 30.39 58.96 -9.80
CA THR I 1508 29.04 58.41 -9.76
C THR I 1508 29.04 57.05 -9.06
N ALA I 1509 30.05 56.22 -9.34
CA ALA I 1509 30.18 54.95 -8.64
C ALA I 1509 30.63 55.16 -7.19
N LEU I 1510 31.57 56.06 -6.97
CA LEU I 1510 32.03 56.40 -5.63
C LEU I 1510 31.06 57.38 -4.99
N ARG I 1511 31.47 58.00 -3.87
CA ARG I 1511 30.62 58.96 -3.16
C ARG I 1511 31.49 60.11 -2.65
N ILE I 1512 31.59 61.16 -3.45
CA ILE I 1512 32.19 62.43 -3.02
C ILE I 1512 31.27 63.55 -3.47
N LYS I 1513 31.08 64.55 -2.61
CA LYS I 1513 30.09 65.59 -2.85
C LYS I 1513 30.64 66.64 -3.82
N THR I 1514 29.94 67.77 -3.91
CA THR I 1514 30.28 68.82 -4.85
C THR I 1514 31.50 69.60 -4.36
N GLU I 1515 31.78 70.73 -5.01
CA GLU I 1515 32.89 71.58 -4.60
C GLU I 1515 32.72 71.98 -3.13
N GLY I 1516 33.84 71.95 -2.41
CA GLY I 1516 33.80 71.94 -0.96
C GLY I 1516 34.00 70.57 -0.36
N ASN I 1517 34.33 69.56 -1.16
CA ASN I 1517 34.63 68.22 -0.70
C ASN I 1517 36.12 68.02 -0.44
N LEU I 1518 36.81 69.08 0.00
CA LEU I 1518 38.26 69.05 0.10
C LEU I 1518 38.76 67.87 0.95
N GLU I 1519 38.01 67.48 1.98
CA GLU I 1519 38.46 66.39 2.83
C GLU I 1519 38.60 65.10 2.03
N GLN I 1520 37.49 64.54 1.56
CA GLN I 1520 37.54 63.23 0.91
C GLN I 1520 38.18 63.33 -0.47
N ALA I 1521 37.80 64.33 -1.26
CA ALA I 1521 38.35 64.47 -2.61
C ALA I 1521 39.83 64.77 -2.56
N ASN I 1522 40.26 65.66 -1.67
CA ASN I 1522 41.67 65.99 -1.57
C ASN I 1522 42.46 64.82 -1.01
N GLU I 1523 41.89 64.05 -0.08
CA GLU I 1523 42.58 62.85 0.39
C GLU I 1523 42.76 61.86 -0.75
N GLU I 1524 41.73 61.66 -1.58
CA GLU I 1524 41.86 60.76 -2.71
C GLU I 1524 42.91 61.25 -3.70
N LEU I 1525 42.90 62.55 -4.01
CA LEU I 1525 43.75 63.10 -5.07
C LEU I 1525 45.17 63.42 -4.61
N ARG I 1526 45.44 63.44 -3.31
CA ARG I 1526 46.79 63.65 -2.80
C ARG I 1526 47.42 62.39 -2.24
N ALA I 1527 46.63 61.44 -1.72
CA ALA I 1527 47.15 60.15 -1.37
C ALA I 1527 47.51 59.32 -2.59
N ILE I 1528 47.15 59.80 -3.79
CA ILE I 1528 47.67 59.24 -5.03
C ILE I 1528 49.19 59.10 -4.96
N ILE I 1529 49.86 60.11 -4.40
CA ILE I 1529 51.31 60.09 -4.34
C ILE I 1529 51.79 58.96 -3.43
N LYS I 1530 51.07 58.68 -2.34
CA LYS I 1530 51.60 57.84 -1.28
C LYS I 1530 50.91 56.48 -1.17
N LYS I 1531 49.58 56.41 -1.02
CA LYS I 1531 48.98 55.18 -0.55
C LYS I 1531 47.72 54.73 -1.27
N ILE I 1532 47.24 55.45 -2.29
CA ILE I 1532 46.00 55.08 -2.99
C ILE I 1532 46.31 54.52 -4.38
N TRP I 1533 46.96 55.30 -5.23
CA TRP I 1533 47.29 54.86 -6.59
C TRP I 1533 48.59 55.54 -6.97
N LYS I 1534 49.69 54.79 -6.90
CA LYS I 1534 51.03 55.37 -7.01
C LYS I 1534 51.24 56.02 -8.37
N ARG I 1535 51.22 57.35 -8.38
CA ARG I 1535 51.35 58.13 -9.62
C ARG I 1535 52.28 59.32 -9.37
N THR I 1536 53.42 59.04 -8.74
CA THR I 1536 54.42 60.09 -8.54
C THR I 1536 54.91 60.64 -9.88
N SER I 1537 55.12 59.75 -10.85
CA SER I 1537 55.38 60.16 -12.22
C SER I 1537 54.04 60.39 -12.93
N MET I 1538 54.14 60.64 -14.24
CA MET I 1538 52.99 60.89 -15.13
C MET I 1538 51.94 61.76 -14.44
N LYS I 1539 52.39 62.92 -13.96
CA LYS I 1539 51.57 63.87 -13.21
C LYS I 1539 50.58 64.64 -14.11
N LEU I 1540 50.40 64.21 -15.36
CA LEU I 1540 49.49 64.90 -16.27
C LEU I 1540 48.06 64.94 -15.72
N LEU I 1541 47.70 63.98 -14.87
CA LEU I 1541 46.38 64.01 -14.24
C LEU I 1541 46.23 65.26 -13.38
N ASP I 1542 47.27 65.63 -12.64
CA ASP I 1542 47.23 66.86 -11.84
C ASP I 1542 47.25 68.13 -12.71
N GLN I 1543 47.17 68.01 -14.03
CA GLN I 1543 46.99 69.16 -14.91
C GLN I 1543 45.64 69.15 -15.61
N VAL I 1544 44.92 68.03 -15.61
CA VAL I 1544 43.61 67.95 -16.23
C VAL I 1544 42.49 67.81 -15.21
N VAL I 1545 42.79 67.30 -14.02
CA VAL I 1545 41.81 67.21 -12.92
C VAL I 1545 41.55 68.57 -12.28
N PRO I 1546 42.52 69.46 -12.12
CA PRO I 1546 42.23 70.79 -11.53
C PRO I 1546 41.14 71.54 -12.29
N PRO I 1547 41.04 71.40 -13.62
CA PRO I 1547 39.83 71.91 -14.29
C PRO I 1547 38.55 71.29 -13.77
N ALA I 1548 38.58 70.03 -13.31
CA ALA I 1548 37.38 69.33 -12.88
C ALA I 1548 37.38 69.04 -11.38
N GLY I 1549 38.44 68.44 -10.85
CA GLY I 1549 38.40 67.97 -9.47
C GLY I 1549 39.33 68.66 -8.49
N ASP I 1550 40.57 68.91 -8.87
CA ASP I 1550 41.54 69.51 -7.95
C ASP I 1550 41.23 70.99 -7.73
N GLU J 1 62.55 85.85 54.24
CA GLU J 1 61.35 85.03 54.37
C GLU J 1 61.71 83.64 54.91
N SER J 2 62.33 83.61 56.08
CA SER J 2 62.75 82.36 56.70
C SER J 2 61.60 81.65 57.41
N ALA J 3 60.49 82.33 57.65
CA ALA J 3 59.36 81.68 58.33
C ALA J 3 58.78 80.55 57.48
N ARG J 4 58.69 80.76 56.17
CA ARG J 4 58.18 79.71 55.29
C ARG J 4 59.07 78.48 55.32
N ARG J 5 60.40 78.68 55.26
CA ARG J 5 61.32 77.56 55.33
C ARG J 5 61.23 76.85 56.68
N GLU J 6 61.12 77.62 57.77
CA GLU J 6 61.02 77.03 59.10
C GLU J 6 59.76 76.18 59.23
N VAL J 7 58.61 76.70 58.78
CA VAL J 7 57.38 75.93 58.90
C VAL J 7 57.40 74.73 57.96
N GLU J 8 58.03 74.85 56.79
CA GLU J 8 58.18 73.70 55.91
C GLU J 8 59.03 72.61 56.55
N SER J 9 60.13 73.00 57.21
CA SER J 9 60.96 72.03 57.91
C SER J 9 60.20 71.37 59.05
N GLN J 10 59.44 72.16 59.80
CA GLN J 10 58.66 71.58 60.90
C GLN J 10 57.60 70.61 60.38
N ALA J 11 56.92 70.97 59.29
CA ALA J 11 55.92 70.08 58.72
C ALA J 11 56.56 68.79 58.19
N GLN J 12 57.73 68.90 57.56
CA GLN J 12 58.42 67.70 57.10
C GLN J 12 58.85 66.82 58.26
N GLN J 13 59.32 67.43 59.35
CA GLN J 13 59.67 66.65 60.54
C GLN J 13 58.45 65.93 61.10
N GLN J 14 57.32 66.63 61.18
CA GLN J 14 56.10 65.99 61.67
C GLN J 14 55.66 64.86 60.77
N LEU J 15 55.76 65.05 59.44
CA LEU J 15 55.43 63.98 58.51
C LEU J 15 56.31 62.76 58.72
N GLU J 16 57.63 62.97 58.71
CA GLU J 16 58.55 61.84 58.86
C GLU J 16 58.40 61.18 60.22
N ARG J 17 57.93 61.92 61.22
CA ARG J 17 57.62 61.31 62.51
C ARG J 17 56.34 60.51 62.45
N ALA J 18 55.40 60.89 61.58
CA ALA J 18 54.10 60.23 61.49
C ALA J 18 53.78 59.77 60.09
N LYS J 19 54.80 59.38 59.31
CA LYS J 19 54.55 58.82 57.99
C LYS J 19 53.83 57.47 58.09
N HIS J 20 54.23 56.63 59.04
CA HIS J 20 53.74 55.27 59.16
C HIS J 20 52.59 55.13 60.16
N LYS J 21 52.06 56.23 60.67
CA LYS J 21 50.99 56.15 61.65
C LYS J 21 49.70 55.65 60.99
N PRO J 22 48.78 55.09 61.77
CA PRO J 22 47.56 54.52 61.19
C PRO J 22 46.68 55.57 60.53
N VAL J 23 45.64 55.08 59.85
CA VAL J 23 44.72 55.94 59.12
C VAL J 23 43.65 56.46 60.07
N ALA J 24 43.40 57.77 60.02
CA ALA J 24 42.36 58.35 60.85
C ALA J 24 40.97 58.10 60.27
N PHE J 25 40.72 58.56 59.05
CA PHE J 25 39.40 58.49 58.45
C PHE J 25 39.49 57.98 57.01
N ALA J 26 38.37 57.49 56.51
CA ALA J 26 38.21 57.14 55.10
C ALA J 26 37.43 58.23 54.40
N VAL J 27 37.85 58.54 53.16
CA VAL J 27 37.34 59.70 52.43
C VAL J 27 36.91 59.27 51.04
N ARG J 28 35.71 59.65 50.64
CA ARG J 28 35.24 59.47 49.27
C ARG J 28 34.86 60.85 48.74
N THR J 29 35.62 61.34 47.76
CA THR J 29 35.47 62.70 47.25
C THR J 29 34.87 62.68 45.85
N ASN J 30 34.00 63.65 45.58
CA ASN J 30 33.36 63.80 44.29
C ASN J 30 33.63 65.17 43.68
N VAL J 31 34.72 65.83 44.08
CA VAL J 31 35.10 67.14 43.58
C VAL J 31 36.52 67.07 43.05
N SER J 32 36.75 67.73 41.92
CA SER J 32 38.04 67.69 41.24
C SER J 32 38.86 68.93 41.59
N TYR J 33 40.11 68.70 41.99
CA TYR J 33 41.03 69.79 42.31
C TYR J 33 42.46 69.27 42.22
N CYS J 34 43.35 70.11 41.72
CA CYS J 34 44.76 69.77 41.59
C CYS J 34 45.54 70.45 42.72
N GLY J 35 46.20 69.64 43.56
CA GLY J 35 46.95 70.17 44.68
C GLY J 35 48.45 69.98 44.54
N VAL J 36 48.88 69.36 43.43
CA VAL J 36 50.31 69.14 43.23
C VAL J 36 51.04 70.46 43.07
N LEU J 37 50.46 71.41 42.32
CA LEU J 37 51.06 72.72 42.12
C LEU J 37 50.70 73.71 43.23
N ASP J 38 49.91 73.29 44.22
CA ASP J 38 49.51 74.18 45.30
C ASP J 38 50.70 74.43 46.22
N GLU J 39 51.27 75.64 46.13
CA GLU J 39 52.36 76.02 47.02
C GLU J 39 51.87 76.48 48.39
N GLU J 40 50.55 76.61 48.57
CA GLU J 40 50.01 77.07 49.85
C GLU J 40 50.24 76.08 50.98
N CYS J 41 50.45 74.80 50.66
CA CYS J 41 50.76 73.82 51.69
C CYS J 41 52.13 74.10 52.29
N PRO J 42 52.33 73.78 53.57
CA PRO J 42 53.63 74.07 54.20
C PRO J 42 54.81 73.43 53.49
N VAL J 43 54.65 72.20 53.00
CA VAL J 43 55.70 71.51 52.25
C VAL J 43 55.31 71.58 50.78
N GLN J 44 55.89 72.53 50.06
CA GLN J 44 55.55 72.74 48.66
C GLN J 44 55.92 71.53 47.82
N GLY J 45 55.05 71.18 46.87
CA GLY J 45 55.25 70.02 46.04
C GLY J 45 54.77 68.71 46.63
N SER J 46 54.25 68.71 47.86
CA SER J 46 53.76 67.51 48.51
C SER J 46 52.24 67.42 48.50
N GLY J 47 51.57 68.24 47.71
CA GLY J 47 50.13 68.18 47.63
C GLY J 47 49.64 66.98 46.84
N ILE J 48 48.40 66.59 47.12
CA ILE J 48 47.75 65.46 46.47
C ILE J 48 46.49 65.95 45.77
N ASN J 49 46.35 65.60 44.49
CA ASN J 49 45.18 66.00 43.72
C ASN J 49 44.03 65.04 44.01
N PHE J 50 42.92 65.59 44.51
CA PHE J 50 41.72 64.81 44.76
C PHE J 50 40.69 65.13 43.68
N GLU J 51 40.17 64.09 43.03
CA GLU J 51 39.27 64.24 41.90
C GLU J 51 37.90 63.65 42.24
N ALA J 52 36.99 63.72 41.28
CA ALA J 52 35.64 63.21 41.49
C ALA J 52 35.66 61.70 41.62
N LYS J 53 34.92 61.19 42.62
CA LYS J 53 34.79 59.76 42.88
C LYS J 53 36.16 59.11 43.09
N ASP J 54 36.87 59.62 44.10
CA ASP J 54 38.17 59.09 44.48
C ASP J 54 38.17 58.74 45.96
N PHE J 55 39.00 57.78 46.33
CA PHE J 55 39.08 57.29 47.70
C PHE J 55 40.43 57.62 48.31
N LEU J 56 40.41 58.15 49.53
CA LEU J 56 41.59 58.61 50.23
C LEU J 56 41.55 58.13 51.67
N HIS J 57 42.72 58.11 52.31
CA HIS J 57 42.84 57.74 53.71
C HIS J 57 43.49 58.91 54.45
N ILE J 58 42.72 59.56 55.32
CA ILE J 58 43.25 60.63 56.15
C ILE J 58 43.96 60.02 57.34
N LYS J 59 45.20 60.46 57.59
CA LYS J 59 46.08 59.87 58.59
C LYS J 59 46.06 60.64 59.90
N GLU J 60 46.34 61.95 59.86
CA GLU J 60 46.33 62.77 61.07
C GLU J 60 46.14 64.23 60.68
N LYS J 61 46.09 65.09 61.69
CA LYS J 61 45.89 66.51 61.52
C LYS J 61 47.20 67.26 61.74
N TYR J 62 47.64 67.99 60.73
CA TYR J 62 48.76 68.92 60.92
C TYR J 62 48.31 70.15 61.70
N SER J 63 47.15 70.68 61.36
CA SER J 63 46.55 71.84 62.01
C SER J 63 45.11 71.96 61.49
N ASN J 64 44.42 73.00 61.92
CA ASN J 64 43.09 73.27 61.38
C ASN J 64 43.14 73.69 59.92
N ASP J 65 44.30 74.11 59.43
CA ASP J 65 44.43 74.62 58.08
C ASP J 65 45.16 73.66 57.13
N TRP J 66 45.62 72.52 57.61
CA TRP J 66 46.22 71.50 56.75
C TRP J 66 46.14 70.15 57.44
N TRP J 67 45.88 69.11 56.66
CA TRP J 67 45.80 67.73 57.15
C TRP J 67 46.72 66.85 56.34
N ILE J 68 46.73 65.55 56.67
CA ILE J 68 47.62 64.58 56.05
C ILE J 68 46.78 63.44 55.48
N GLY J 69 47.03 63.09 54.22
CA GLY J 69 46.28 62.03 53.58
C GLY J 69 47.15 61.21 52.64
N ARG J 70 46.62 60.05 52.26
CA ARG J 70 47.28 59.17 51.31
C ARG J 70 46.24 58.62 50.34
N LEU J 71 46.73 58.20 49.18
CA LEU J 71 45.88 57.59 48.16
C LEU J 71 45.76 56.09 48.40
N VAL J 72 44.57 55.56 48.16
CA VAL J 72 44.28 54.15 48.42
C VAL J 72 44.78 53.29 47.28
N LYS J 73 45.42 53.91 46.30
CA LYS J 73 45.95 53.18 45.15
C LYS J 73 47.14 52.32 45.57
N GLU J 74 47.48 51.36 44.71
CA GLU J 74 48.61 50.48 44.97
C GLU J 74 49.89 51.27 45.11
N GLY J 75 50.66 50.96 46.16
CA GLY J 75 51.88 51.69 46.42
C GLY J 75 51.67 53.16 46.73
N GLY J 76 50.58 53.49 47.42
CA GLY J 76 50.32 54.89 47.73
C GLY J 76 51.31 55.44 48.73
N ASP J 77 51.55 56.75 48.62
CA ASP J 77 52.48 57.45 49.48
C ASP J 77 51.76 58.55 50.24
N ILE J 78 52.04 58.65 51.53
CA ILE J 78 51.39 59.62 52.40
C ILE J 78 51.98 61.00 52.14
N ALA J 79 51.14 62.02 52.18
CA ALA J 79 51.56 63.39 51.93
C ALA J 79 50.52 64.33 52.54
N PHE J 80 50.63 65.62 52.21
CA PHE J 80 49.69 66.60 52.73
C PHE J 80 48.39 66.60 51.93
N ILE J 81 47.35 67.18 52.52
CA ILE J 81 46.03 67.26 51.91
C ILE J 81 45.30 68.40 52.62
N PRO J 82 44.46 69.17 51.93
CA PRO J 82 43.72 70.24 52.61
C PRO J 82 42.86 69.71 53.74
N SER J 83 42.89 70.43 54.86
CA SER J 83 42.07 70.10 56.02
C SER J 83 40.60 70.46 55.75
N PRO J 84 39.68 69.93 56.56
CA PRO J 84 38.27 70.36 56.42
C PRO J 84 38.08 71.87 56.38
N GLN J 85 38.67 72.59 57.35
CA GLN J 85 38.64 74.05 57.28
C GLN J 85 39.43 74.55 56.08
N ARG J 86 40.55 73.90 55.76
CA ARG J 86 41.29 74.28 54.57
C ARG J 86 40.51 73.97 53.30
N LEU J 87 39.75 72.86 53.29
CA LEU J 87 38.90 72.58 52.15
C LEU J 87 37.80 73.63 52.01
N GLU J 88 37.26 74.09 53.14
CA GLU J 88 36.30 75.19 53.11
C GLU J 88 36.92 76.45 52.54
N SER J 89 38.15 76.76 52.96
CA SER J 89 38.84 77.93 52.42
C SER J 89 39.11 77.77 50.92
N ILE J 90 39.48 76.56 50.49
CA ILE J 90 39.77 76.32 49.09
C ILE J 90 38.51 76.48 48.24
N ARG J 91 37.38 75.94 48.72
CA ARG J 91 36.14 76.11 47.96
C ARG J 91 35.66 77.56 48.00
N LEU J 92 35.94 78.28 49.08
CA LEU J 92 35.66 79.71 49.10
C LEU J 92 36.48 80.44 48.04
N LYS J 93 37.77 80.09 47.90
CA LYS J 93 38.60 80.67 46.85
C LYS J 93 38.07 80.29 45.47
N GLN J 94 37.62 79.05 45.31
CA GLN J 94 37.10 78.60 44.03
C GLN J 94 35.85 79.39 43.63
N GLU J 95 34.94 79.61 44.57
CA GLU J 95 33.75 80.40 44.27
C GLU J 95 34.06 81.90 44.22
N GLN J 96 35.20 82.34 44.76
CA GLN J 96 35.64 83.72 44.59
C GLN J 96 36.15 83.96 43.18
N LYS J 97 36.96 83.03 42.67
CA LYS J 97 37.46 83.17 41.30
C LYS J 97 36.31 83.13 40.29
N ALA J 98 35.37 82.22 40.48
CA ALA J 98 34.16 82.17 39.67
C ALA J 98 33.08 83.04 40.30
N ARG J 99 31.85 82.91 39.84
CA ARG J 99 30.74 83.67 40.42
C ARG J 99 29.76 82.72 41.09
N ALA J 128 25.71 75.68 47.29
CA ALA J 128 24.67 74.76 46.84
C ALA J 128 24.86 73.38 47.45
N GLU J 129 25.59 72.51 46.74
CA GLU J 129 25.84 71.17 47.24
C GLU J 129 26.68 71.19 48.51
N HIS J 130 27.70 72.05 48.56
CA HIS J 130 28.61 72.21 49.69
C HIS J 130 29.08 70.86 50.24
N VAL J 131 29.19 69.86 49.37
CA VAL J 131 29.57 68.52 49.78
C VAL J 131 31.06 68.48 50.07
N PRO J 132 31.46 68.15 51.30
CA PRO J 132 32.89 68.05 51.60
C PRO J 132 33.51 66.86 50.87
N PRO J 133 34.78 66.95 50.49
CA PRO J 133 35.45 65.77 49.93
C PRO J 133 35.48 64.59 50.89
N TYR J 134 35.54 64.85 52.20
CA TYR J 134 35.64 63.80 53.21
C TYR J 134 34.26 63.26 53.59
N ASP J 135 33.59 62.68 52.60
CA ASP J 135 32.32 62.04 52.84
C ASP J 135 32.51 60.81 53.71
N VAL J 136 31.62 60.64 54.69
CA VAL J 136 31.75 59.55 55.66
C VAL J 136 31.46 58.24 54.95
N VAL J 137 32.49 57.44 54.71
CA VAL J 137 32.36 56.14 54.05
C VAL J 137 33.16 55.13 54.86
N PRO J 138 32.81 53.84 54.74
CA PRO J 138 33.60 52.80 55.42
C PRO J 138 35.06 52.82 54.98
N SER J 139 35.87 52.04 55.72
CA SER J 139 37.31 52.05 55.47
C SER J 139 37.64 51.63 54.05
N MET J 140 36.97 50.59 53.54
CA MET J 140 37.07 50.23 52.14
C MET J 140 35.70 49.79 51.65
N ARG J 141 35.53 49.85 50.34
CA ARG J 141 34.22 49.61 49.73
C ARG J 141 33.78 48.17 49.95
N PRO J 142 32.58 47.94 50.46
CA PRO J 142 32.07 46.57 50.56
C PRO J 142 31.74 46.01 49.19
N VAL J 143 31.73 44.69 49.11
CA VAL J 143 31.49 43.97 47.86
C VAL J 143 30.13 43.28 47.94
N VAL J 144 29.29 43.51 46.93
CA VAL J 144 27.96 42.93 46.86
C VAL J 144 27.78 42.28 45.50
N LEU J 145 27.16 41.11 45.47
CA LEU J 145 26.95 40.35 44.25
C LEU J 145 25.49 40.47 43.82
N VAL J 146 25.28 40.78 42.54
CA VAL J 146 23.94 40.92 41.99
C VAL J 146 23.83 40.03 40.75
N GLY J 147 22.58 39.72 40.38
CA GLY J 147 22.30 38.93 39.22
C GLY J 147 22.50 37.45 39.45
N PRO J 148 22.14 36.62 38.45
CA PRO J 148 21.56 37.01 37.16
C PRO J 148 20.04 37.13 37.22
N SER J 149 19.45 36.93 38.38
CA SER J 149 18.00 37.02 38.54
C SER J 149 17.70 37.49 39.96
N LEU J 150 16.45 37.36 40.38
CA LEU J 150 16.06 37.78 41.72
C LEU J 150 16.72 36.90 42.77
N LYS J 151 17.31 37.53 43.78
CA LYS J 151 17.87 36.79 44.89
C LYS J 151 16.74 36.16 45.73
N GLY J 152 17.04 34.99 46.30
CA GLY J 152 16.05 34.20 47.00
C GLY J 152 15.47 33.08 46.17
N TYR J 153 15.60 33.14 44.85
CA TYR J 153 15.19 32.06 43.98
C TYR J 153 16.34 31.10 43.75
N GLU J 154 15.99 29.89 43.32
CA GLU J 154 16.93 28.77 43.40
C GLU J 154 18.18 29.00 42.55
N VAL J 155 18.01 29.41 41.30
CA VAL J 155 19.15 29.52 40.39
C VAL J 155 20.13 30.56 40.90
N THR J 156 19.64 31.76 41.20
CA THR J 156 20.51 32.83 41.69
C THR J 156 21.13 32.47 43.03
N ASP J 157 20.36 31.83 43.91
CA ASP J 157 20.88 31.44 45.22
C ASP J 157 22.05 30.48 45.07
N MET J 158 21.91 29.46 44.22
CA MET J 158 23.00 28.52 44.04
C MET J 158 24.21 29.18 43.37
N MET J 159 23.95 30.02 42.36
CA MET J 159 25.05 30.67 41.64
C MET J 159 25.87 31.55 42.58
N GLN J 160 25.20 32.30 43.46
CA GLN J 160 25.94 33.14 44.40
C GLN J 160 26.51 32.34 45.56
N LYS J 161 25.87 31.23 45.94
CA LYS J 161 26.39 30.38 47.01
C LYS J 161 27.72 29.76 46.61
N ALA J 162 27.84 29.32 45.35
CA ALA J 162 29.10 28.76 44.88
C ALA J 162 30.23 29.78 44.99
N LEU J 163 29.97 31.01 44.55
CA LEU J 163 30.98 32.06 44.63
C LEU J 163 31.32 32.40 46.07
N PHE J 164 30.30 32.44 46.95
CA PHE J 164 30.55 32.72 48.36
C PHE J 164 31.44 31.64 48.98
N ASP J 165 31.15 30.37 48.67
CA ASP J 165 31.99 29.29 49.18
C ASP J 165 33.42 29.40 48.66
N PHE J 166 33.57 29.69 47.37
CA PHE J 166 34.92 29.84 46.81
C PHE J 166 35.68 30.98 47.48
N LEU J 167 35.03 32.13 47.66
CA LEU J 167 35.67 33.27 48.29
C LEU J 167 36.06 32.96 49.73
N LYS J 168 35.16 32.30 50.47
CA LYS J 168 35.46 31.97 51.86
C LYS J 168 36.62 30.99 51.96
N HIS J 169 36.63 29.95 51.12
CA HIS J 169 37.65 28.91 51.26
C HIS J 169 39.01 29.37 50.76
N ARG J 170 39.05 30.05 49.60
CA ARG J 170 40.34 30.40 49.03
C ARG J 170 41.06 31.46 49.84
N PHE J 171 40.37 32.53 50.19
CA PHE J 171 40.97 33.68 50.87
C PHE J 171 40.62 33.72 52.36
N ASP J 172 40.56 32.56 52.99
CA ASP J 172 40.26 32.50 54.42
C ASP J 172 41.40 33.12 55.23
N GLY J 173 41.03 33.81 56.30
CA GLY J 173 42.02 34.42 57.18
C GLY J 173 41.92 35.93 57.26
N ARG J 174 41.70 36.59 56.12
CA ARG J 174 41.58 38.05 56.09
C ARG J 174 40.38 38.50 55.27
N ILE J 175 39.36 37.66 55.13
CA ILE J 175 38.14 37.99 54.38
C ILE J 175 36.95 37.74 55.30
N SER J 176 36.04 38.72 55.36
CA SER J 176 34.86 38.64 56.19
C SER J 176 33.62 38.65 55.32
N ILE J 177 32.61 37.89 55.76
CA ILE J 177 31.32 37.81 55.08
C ILE J 177 30.25 38.32 56.03
N THR J 178 29.40 39.23 55.53
CA THR J 178 28.36 39.85 56.33
C THR J 178 27.02 39.68 55.65
N ARG J 179 26.01 39.26 56.42
CA ARG J 179 24.65 39.11 55.92
C ARG J 179 23.77 40.19 56.53
N VAL J 180 22.98 40.85 55.68
CA VAL J 180 22.04 41.88 56.10
C VAL J 180 20.64 41.46 55.67
N THR J 181 19.70 41.49 56.62
CA THR J 181 18.33 41.07 56.36
C THR J 181 17.44 42.25 55.98
N ALA J 182 17.53 43.35 56.74
CA ALA J 182 16.69 44.50 56.48
C ALA J 182 17.12 45.22 55.20
N ASP J 183 16.19 45.97 54.62
CA ASP J 183 16.46 46.71 53.40
C ASP J 183 17.48 47.82 53.66
N LEU J 184 18.32 48.07 52.64
CA LEU J 184 19.33 49.12 52.71
C LEU J 184 19.18 50.14 51.59
N SER J 185 18.14 50.05 50.77
CA SER J 185 17.98 50.96 49.65
C SER J 185 17.56 52.37 50.07
N LEU J 186 17.16 52.55 51.32
CA LEU J 186 16.73 53.86 51.83
C LEU J 186 17.84 54.41 52.72
N ALA J 187 18.67 55.28 52.16
CA ALA J 187 19.77 55.88 52.92
C ALA J 187 19.91 57.38 52.75
N LYS J 188 19.30 58.00 51.75
CA LYS J 188 19.32 59.46 51.61
C LYS J 188 17.94 60.07 51.74
N ARG J 189 16.98 59.62 50.94
CA ARG J 189 15.61 60.10 51.03
C ARG J 189 14.77 59.16 51.90
N SER J 190 13.75 59.73 52.54
CA SER J 190 12.84 59.02 53.43
C SER J 190 13.56 58.56 54.70
N VAL J 191 14.84 58.90 54.82
CA VAL J 191 15.60 58.61 56.04
C VAL J 191 15.94 59.88 56.81
N LEU J 192 15.74 61.06 56.22
CA LEU J 192 15.99 62.34 56.85
C LEU J 192 14.81 62.82 57.69
N ASN J 193 13.94 61.90 58.12
CA ASN J 193 12.69 62.25 58.80
C ASN J 193 11.83 63.16 57.93
N ASN J 194 11.84 62.89 56.64
CA ASN J 194 11.06 63.68 55.68
C ASN J 194 9.57 63.42 55.90
N PRO J 195 8.76 64.45 56.13
CA PRO J 195 7.32 64.22 56.37
C PRO J 195 6.62 63.52 55.23
N GLY J 196 7.03 63.77 53.99
CA GLY J 196 6.33 63.18 52.85
C GLY J 196 6.46 61.67 52.77
N LYS J 197 7.68 61.14 53.01
CA LYS J 197 7.96 59.74 52.76
C LYS J 197 8.32 58.92 53.99
N ARG J 198 8.60 59.55 55.13
CA ARG J 198 8.86 58.75 56.33
C ARG J 198 7.59 58.15 56.90
N THR J 199 6.42 58.62 56.46
CA THR J 199 5.17 58.04 56.93
C THR J 199 5.00 56.61 56.42
N ILE J 200 5.20 56.41 55.12
CA ILE J 200 5.06 55.06 54.53
C ILE J 200 6.43 54.40 54.62
N ILE J 201 6.73 53.90 55.82
CA ILE J 201 7.89 53.04 56.02
C ILE J 201 7.55 51.75 56.76
N GLU J 202 6.48 51.72 57.55
CA GLU J 202 6.08 50.53 58.27
C GLU J 202 5.19 49.61 57.45
N ARG J 203 4.49 50.14 56.45
CA ARG J 203 3.60 49.37 55.60
C ARG J 203 4.12 49.30 54.16
N SER J 204 5.44 49.18 54.01
CA SER J 204 6.07 49.02 52.71
C SER J 204 6.49 47.57 52.44
N SER J 205 5.90 46.62 53.18
CA SER J 205 6.22 45.19 53.04
C SER J 205 7.70 44.93 53.26
N ALA J 206 8.26 45.52 54.31
CA ALA J 206 9.65 45.30 54.68
C ALA J 206 9.85 45.64 56.15
N ARG J 207 10.80 44.96 56.77
CA ARG J 207 11.16 45.24 58.17
C ARG J 207 12.02 46.49 58.18
N SER J 208 11.37 47.65 58.21
CA SER J 208 12.07 48.94 58.12
C SER J 208 11.46 49.88 59.17
N SER J 209 12.14 49.99 60.31
CA SER J 209 11.79 50.96 61.34
C SER J 209 12.90 51.97 61.54
N ILE J 210 13.72 52.18 60.50
CA ILE J 210 14.80 53.16 60.48
C ILE J 210 15.91 52.80 61.47
N ALA J 211 15.53 52.48 62.71
CA ALA J 211 16.53 52.21 63.74
C ALA J 211 17.42 51.04 63.37
N GLU J 212 16.83 49.95 62.86
CA GLU J 212 17.64 48.80 62.48
C GLU J 212 18.51 49.10 61.26
N VAL J 213 18.02 49.96 60.36
CA VAL J 213 18.85 50.37 59.22
C VAL J 213 20.09 51.10 59.71
N GLN J 214 19.92 52.03 60.65
CA GLN J 214 21.06 52.75 61.21
C GLN J 214 21.99 51.80 61.95
N SER J 215 21.42 50.84 62.68
CA SER J 215 22.24 49.86 63.40
C SER J 215 23.08 49.05 62.42
N GLU J 216 22.49 48.63 61.30
CA GLU J 216 23.24 47.87 60.31
C GLU J 216 24.31 48.73 59.63
N ILE J 217 24.01 50.02 59.41
CA ILE J 217 25.01 50.91 58.84
C ILE J 217 26.20 51.05 59.79
N GLU J 218 25.93 51.23 61.08
CA GLU J 218 27.01 51.32 62.07
C GLU J 218 27.76 50.00 62.16
N ARG J 219 27.06 48.88 62.01
CA ARG J 219 27.72 47.57 62.00
C ARG J 219 28.68 47.46 60.82
N ILE J 220 28.24 47.91 59.64
CA ILE J 220 29.12 47.89 58.47
C ILE J 220 30.33 48.78 58.71
N PHE J 221 30.12 49.97 59.27
CA PHE J 221 31.23 50.88 59.52
C PHE J 221 32.23 50.29 60.49
N GLU J 222 31.75 49.68 61.58
CA GLU J 222 32.66 49.12 62.57
C GLU J 222 33.37 47.87 62.05
N LEU J 223 32.70 47.07 61.22
CA LEU J 223 33.37 45.94 60.59
C LEU J 223 34.45 46.40 59.63
N ALA J 224 34.19 47.48 58.88
CA ALA J 224 35.20 48.03 57.99
C ALA J 224 36.36 48.63 58.77
N LYS J 225 36.10 49.22 59.95
CA LYS J 225 37.15 49.81 60.76
C LYS J 225 38.21 48.79 61.17
N SER J 226 37.89 47.50 61.13
CA SER J 226 38.88 46.47 61.42
C SER J 226 39.93 46.35 60.31
N LEU J 227 39.74 47.04 59.18
CA LEU J 227 40.66 47.00 58.05
C LEU J 227 40.82 45.58 57.49
N GLN J 228 39.74 44.81 57.51
CA GLN J 228 39.68 43.50 56.88
C GLN J 228 38.63 43.54 55.78
N LEU J 229 38.98 43.06 54.59
CA LEU J 229 38.07 43.13 53.46
C LEU J 229 36.79 42.36 53.75
N VAL J 230 35.65 42.98 53.47
CA VAL J 230 34.35 42.43 53.84
C VAL J 230 33.43 42.47 52.62
N VAL J 231 32.46 41.56 52.61
CA VAL J 231 31.45 41.52 51.56
C VAL J 231 30.07 41.50 52.22
N LEU J 232 29.06 41.91 51.46
CA LEU J 232 27.70 42.02 51.96
C LEU J 232 26.78 41.09 51.18
N ASP J 233 26.01 40.28 51.90
CA ASP J 233 25.00 39.43 51.30
C ASP J 233 23.63 40.09 51.43
N ALA J 234 23.42 41.10 50.58
CA ALA J 234 22.20 41.89 50.60
C ALA J 234 21.09 41.12 49.90
N ASP J 235 20.22 40.49 50.68
CA ASP J 235 19.10 39.74 50.13
C ASP J 235 18.04 40.62 49.49
N THR J 236 18.10 41.93 49.70
CA THR J 236 17.13 42.86 49.12
C THR J 236 17.63 43.52 47.85
N ILE J 237 18.94 43.72 47.72
CA ILE J 237 19.50 44.44 46.58
C ILE J 237 19.50 43.51 45.37
N ASN J 238 18.84 43.94 44.29
CA ASN J 238 18.82 43.20 43.04
C ASN J 238 19.08 44.09 41.83
N HIS J 239 19.56 45.31 42.06
CA HIS J 239 19.79 46.27 40.98
C HIS J 239 20.74 47.36 41.47
N PRO J 240 21.75 47.72 40.67
CA PRO J 240 22.71 48.74 41.13
C PRO J 240 22.07 50.09 41.41
N ALA J 241 21.08 50.49 40.60
CA ALA J 241 20.55 51.85 40.69
C ALA J 241 19.81 52.12 41.99
N GLN J 242 19.42 51.09 42.73
CA GLN J 242 18.77 51.27 44.01
C GLN J 242 19.77 51.36 45.17
N LEU J 243 21.06 51.32 44.88
CA LEU J 243 22.11 51.45 45.88
C LEU J 243 23.19 52.40 45.40
N ALA J 244 22.77 53.52 44.80
CA ALA J 244 23.68 54.51 44.26
C ALA J 244 23.75 55.78 45.09
N LYS J 245 22.60 56.37 45.43
CA LYS J 245 22.59 57.59 46.24
C LYS J 245 22.99 57.33 47.69
N THR J 246 23.09 56.07 48.10
CA THR J 246 23.52 55.75 49.45
C THR J 246 24.98 56.12 49.66
N SER J 247 25.34 56.30 50.93
CA SER J 247 26.71 56.67 51.29
C SER J 247 27.65 55.48 51.36
N LEU J 248 27.13 54.25 51.22
CA LEU J 248 28.00 53.07 51.30
C LEU J 248 28.99 53.03 50.14
N ALA J 249 28.53 53.29 48.92
CA ALA J 249 29.33 53.19 47.71
C ALA J 249 30.03 51.84 47.64
N PRO J 250 29.29 50.75 47.43
CA PRO J 250 29.91 49.42 47.48
C PRO J 250 30.55 49.00 46.17
N ILE J 251 31.10 47.78 46.14
CA ILE J 251 31.67 47.19 44.93
C ILE J 251 30.63 46.26 44.34
N ILE J 252 30.30 46.46 43.07
CA ILE J 252 29.25 45.71 42.39
C ILE J 252 29.90 44.62 41.55
N VAL J 253 29.50 43.38 41.79
CA VAL J 253 29.97 42.23 41.03
C VAL J 253 28.80 41.70 40.20
N PHE J 254 28.95 41.71 38.88
CA PHE J 254 27.90 41.31 37.96
C PHE J 254 28.23 39.94 37.39
N VAL J 255 27.34 38.98 37.61
CA VAL J 255 27.39 37.66 36.97
C VAL J 255 26.11 37.49 36.18
N LYS J 256 26.26 37.21 34.88
CA LYS J 256 25.11 37.18 33.98
C LYS J 256 25.20 35.97 33.07
N VAL J 257 24.04 35.59 32.53
CA VAL J 257 23.92 34.52 31.55
C VAL J 257 23.97 35.14 30.16
N SER J 258 24.62 34.44 29.22
CA SER J 258 24.83 35.00 27.89
C SER J 258 23.51 35.24 27.17
N SER J 259 22.57 34.30 27.28
CA SER J 259 21.33 34.39 26.54
C SER J 259 20.13 34.20 27.46
N PRO J 260 19.02 34.91 27.20
CA PRO J 260 17.79 34.62 27.95
C PRO J 260 17.27 33.22 27.74
N LYS J 261 17.47 32.64 26.55
CA LYS J 261 17.03 31.27 26.32
C LYS J 261 17.79 30.28 27.21
N VAL J 262 19.09 30.51 27.40
CA VAL J 262 19.86 29.66 28.29
C VAL J 262 19.33 29.75 29.72
N LEU J 263 19.02 30.97 30.17
CA LEU J 263 18.46 31.14 31.50
C LEU J 263 17.12 30.45 31.64
N GLN J 264 16.27 30.55 30.61
CA GLN J 264 14.97 29.87 30.65
C GLN J 264 15.14 28.37 30.73
N ARG J 265 16.06 27.81 29.95
CA ARG J 265 16.29 26.37 29.99
C ARG J 265 16.86 25.94 31.34
N LEU J 266 17.74 26.75 31.92
CA LEU J 266 18.26 26.44 33.26
C LEU J 266 17.14 26.45 34.29
N ILE J 267 16.24 27.44 34.21
CA ILE J 267 15.11 27.51 35.13
C ILE J 267 14.22 26.29 34.99
N ARG J 268 13.93 25.90 33.75
CA ARG J 268 13.10 24.72 33.52
C ARG J 268 13.77 23.45 34.04
N SER J 269 15.09 23.32 33.83
CA SER J 269 15.80 22.14 34.25
C SER J 269 16.03 22.08 35.76
N ARG J 270 15.99 23.23 36.45
CA ARG J 270 16.26 23.23 37.88
C ARG J 270 15.23 22.42 38.65
N GLY J 271 13.96 22.56 38.31
CA GLY J 271 12.92 21.81 38.99
C GLY J 271 11.55 22.21 38.51
N LYS J 272 10.55 21.59 39.13
CA LYS J 272 9.15 21.81 38.81
C LYS J 272 8.49 22.86 39.71
N SER J 273 9.25 23.46 40.63
CA SER J 273 8.70 24.44 41.56
C SER J 273 8.85 25.87 41.08
N GLN J 274 9.91 26.18 40.34
CA GLN J 274 10.18 27.53 39.88
C GLN J 274 9.40 27.90 38.63
N MET J 275 8.56 26.99 38.11
CA MET J 275 7.78 27.30 36.92
C MET J 275 6.82 28.46 37.18
N LYS J 276 6.21 28.49 38.36
CA LYS J 276 5.30 29.57 38.72
C LYS J 276 6.03 30.92 38.83
N HIS J 277 7.33 30.91 39.09
CA HIS J 277 8.10 32.14 39.27
C HIS J 277 9.05 32.41 38.11
N LEU J 278 8.79 31.80 36.95
CA LEU J 278 9.68 32.00 35.81
C LEU J 278 9.56 33.40 35.23
N THR J 279 8.33 33.93 35.14
CA THR J 279 8.12 35.22 34.51
C THR J 279 8.81 36.35 35.25
N VAL J 280 8.72 36.35 36.58
CA VAL J 280 9.34 37.41 37.36
C VAL J 280 10.86 37.34 37.25
N GLN J 281 11.41 36.13 37.22
CA GLN J 281 12.85 35.98 37.04
C GLN J 281 13.30 36.51 35.68
N MET J 282 12.54 36.20 34.63
CA MET J 282 12.88 36.72 33.31
C MET J 282 12.78 38.23 33.28
N MET J 283 11.75 38.80 33.92
CA MET J 283 11.60 40.25 33.97
C MET J 283 12.78 40.90 34.68
N ALA J 284 13.20 40.33 35.81
CA ALA J 284 14.34 40.86 36.53
C ALA J 284 15.62 40.77 35.68
N TYR J 285 15.80 39.65 34.99
CA TYR J 285 16.99 39.48 34.15
C TYR J 285 17.03 40.53 33.05
N ASP J 286 15.91 40.71 32.33
CA ASP J 286 15.93 41.66 31.22
C ASP J 286 16.04 43.10 31.73
N LYS J 287 15.48 43.40 32.90
CA LYS J 287 15.65 44.72 33.49
C LYS J 287 17.11 44.97 33.86
N LEU J 288 17.77 43.95 34.41
CA LEU J 288 19.18 44.08 34.79
C LEU J 288 20.07 44.19 33.56
N VAL J 289 19.68 43.58 32.43
CA VAL J 289 20.49 43.65 31.23
C VAL J 289 20.61 45.09 30.75
N GLN J 290 19.51 45.85 30.80
CA GLN J 290 19.49 47.21 30.29
C GLN J 290 20.36 48.17 31.11
N CYS J 291 20.83 47.75 32.27
CA CYS J 291 21.67 48.63 33.08
C CYS J 291 22.97 48.95 32.34
N PRO J 292 23.41 50.22 32.35
CA PRO J 292 24.63 50.56 31.63
C PRO J 292 25.84 49.87 32.23
N PRO J 293 26.82 49.50 31.41
CA PRO J 293 28.02 48.84 31.94
C PRO J 293 28.80 49.70 32.93
N GLU J 294 28.78 51.03 32.77
CA GLU J 294 29.57 51.89 33.65
C GLU J 294 29.09 51.83 35.09
N SER J 295 27.81 51.50 35.30
CA SER J 295 27.30 51.35 36.66
C SER J 295 28.00 50.21 37.39
N PHE J 296 28.22 49.09 36.70
CA PHE J 296 28.91 47.96 37.31
C PHE J 296 30.41 48.25 37.40
N ASP J 297 31.05 47.62 38.38
CA ASP J 297 32.49 47.75 38.55
C ASP J 297 33.24 46.62 37.85
N VAL J 298 32.80 45.38 38.03
CA VAL J 298 33.40 44.23 37.37
C VAL J 298 32.30 43.40 36.73
N ILE J 299 32.68 42.64 35.71
CA ILE J 299 31.76 41.79 34.97
C ILE J 299 32.32 40.37 34.97
N LEU J 300 31.47 39.40 35.34
CA LEU J 300 31.83 37.99 35.36
C LEU J 300 30.86 37.26 34.43
N ASP J 301 31.20 37.21 33.15
CA ASP J 301 30.38 36.58 32.13
C ASP J 301 31.11 35.41 31.47
N GLU J 302 31.92 34.70 32.26
CA GLU J 302 32.65 33.54 31.77
C GLU J 302 31.87 32.27 32.10
N ASN J 303 31.69 31.41 31.10
CA ASN J 303 30.87 30.21 31.29
C ASN J 303 31.48 29.28 32.33
N GLN J 304 32.79 29.09 32.30
CA GLN J 304 33.43 28.22 33.28
C GLN J 304 33.44 28.87 34.64
N LEU J 305 33.16 28.07 35.68
CA LEU J 305 33.18 28.57 37.05
C LEU J 305 34.58 29.03 37.45
N GLU J 306 35.60 28.26 37.05
CA GLU J 306 36.97 28.59 37.44
C GLU J 306 37.41 29.92 36.85
N ASP J 307 37.02 30.18 35.59
CA ASP J 307 37.41 31.44 34.95
C ASP J 307 36.85 32.64 35.70
N ALA J 308 35.56 32.60 36.03
CA ALA J 308 34.95 33.70 36.77
C ALA J 308 35.54 33.83 38.17
N CYS J 309 35.79 32.69 38.82
CA CYS J 309 36.37 32.72 40.15
C CYS J 309 37.74 33.40 40.15
N GLU J 310 38.59 33.01 39.19
CA GLU J 310 39.91 33.64 39.11
C GLU J 310 39.81 35.11 38.71
N HIS J 311 38.86 35.44 37.83
CA HIS J 311 38.70 36.84 37.43
C HIS J 311 38.32 37.71 38.61
N LEU J 312 37.42 37.21 39.47
CA LEU J 312 37.06 37.97 40.67
C LEU J 312 38.21 37.99 41.67
N ALA J 313 38.93 36.87 41.80
CA ALA J 313 40.01 36.79 42.79
C ALA J 313 41.14 37.75 42.45
N GLU J 314 41.45 37.91 41.16
CA GLU J 314 42.52 38.83 40.77
C GLU J 314 42.18 40.26 41.17
N TYR J 315 40.95 40.69 40.91
CA TYR J 315 40.53 42.03 41.32
C TYR J 315 40.52 42.17 42.83
N LEU J 316 40.09 41.12 43.55
CA LEU J 316 40.08 41.16 45.00
C LEU J 316 41.50 41.34 45.54
N GLU J 317 42.46 40.58 44.99
CA GLU J 317 43.84 40.69 45.44
C GLU J 317 44.44 42.05 45.09
N VAL J 318 44.11 42.58 43.91
CA VAL J 318 44.60 43.90 43.52
C VAL J 318 44.10 44.96 44.49
N TYR J 319 42.81 44.90 44.81
CA TYR J 319 42.25 45.88 45.76
C TYR J 319 42.86 45.71 47.15
N TRP J 320 43.06 44.47 47.59
CA TRP J 320 43.63 44.23 48.90
C TRP J 320 45.06 44.76 48.98
N ARG J 321 45.85 44.58 47.91
CA ARG J 321 47.19 45.14 47.89
C ARG J 321 47.17 46.66 47.79
N ALA J 322 46.13 47.22 47.14
CA ALA J 322 46.06 48.67 47.00
C ALA J 322 45.96 49.37 48.35
N THR J 323 45.15 48.82 49.26
CA THR J 323 45.01 49.39 50.60
C THR J 323 46.05 48.84 51.58
N HIS J 324 46.94 47.96 51.13
CA HIS J 324 48.01 47.46 51.98
C HIS J 324 49.37 47.63 51.31
N ARG K 1 -25.23 53.43 58.00
CA ARG K 1 -26.17 53.73 59.08
C ARG K 1 -25.94 55.14 59.61
N PHE K 2 -24.67 55.49 59.80
CA PHE K 2 -24.29 56.77 60.35
C PHE K 2 -23.24 57.42 59.47
N LYS K 3 -23.18 58.75 59.55
CA LYS K 3 -22.16 59.55 58.86
C LYS K 3 -22.23 59.34 57.35
N TRP K 4 -21.40 58.44 56.84
CA TRP K 4 -21.29 58.22 55.40
C TRP K 4 -22.58 57.58 54.89
N ALA K 5 -23.38 58.37 54.18
CA ALA K 5 -24.62 57.87 53.59
C ALA K 5 -25.02 58.82 52.48
N ILE K 6 -25.19 58.30 51.27
CA ILE K 6 -25.40 59.11 50.08
C ILE K 6 -26.76 58.76 49.48
N GLU K 7 -27.54 59.79 49.18
CA GLU K 7 -28.87 59.64 48.60
C GLU K 7 -28.84 60.20 47.18
N LEU K 8 -29.01 59.31 46.19
CA LEU K 8 -29.11 59.72 44.79
C LEU K 8 -30.58 59.72 44.40
N SER K 9 -31.09 60.89 44.04
CA SER K 9 -32.49 61.04 43.67
C SER K 9 -32.59 61.83 42.37
N GLY K 10 -33.64 61.54 41.60
CA GLY K 10 -33.87 62.23 40.33
C GLY K 10 -34.99 61.63 39.52
N TYR K 30 -40.93 54.57 28.05
CA TYR K 30 -41.84 53.58 28.61
C TYR K 30 -41.53 52.17 28.09
N PRO K 31 -40.58 51.49 28.75
CA PRO K 31 -40.24 50.11 28.36
C PRO K 31 -41.45 49.19 28.48
N VAL K 32 -41.81 48.56 27.35
CA VAL K 32 -43.02 47.77 27.13
C VAL K 32 -44.03 47.91 28.26
N GLY K 33 -44.15 46.86 29.08
CA GLY K 33 -45.13 46.88 30.16
C GLY K 33 -44.68 47.70 31.34
N TYR K 34 -45.54 48.63 31.74
CA TYR K 34 -45.22 49.52 32.86
C TYR K 34 -46.50 50.06 33.51
N LEU K 35 -46.86 49.50 34.66
CA LEU K 35 -48.04 49.92 35.42
C LEU K 35 -47.61 50.23 36.86
N ASP K 36 -48.55 50.77 37.65
CA ASP K 36 -48.15 51.33 38.93
C ASP K 36 -48.99 50.89 40.13
N LYS K 37 -50.25 50.52 39.91
CA LYS K 37 -51.22 50.56 41.00
C LYS K 37 -52.01 49.26 41.12
N GLN K 38 -52.57 49.08 42.31
CA GLN K 38 -53.50 48.03 42.72
C GLN K 38 -53.26 46.66 42.07
N VAL K 39 -54.31 46.08 41.52
CA VAL K 39 -54.34 44.69 41.05
C VAL K 39 -54.02 43.78 42.21
N PRO K 40 -54.94 43.61 43.18
CA PRO K 40 -54.70 42.71 44.31
C PRO K 40 -54.72 41.24 43.91
N HIS K 147 -48.16 -26.41 15.86
CA HIS K 147 -46.81 -25.88 15.88
C HIS K 147 -45.84 -26.84 15.20
N ALA K 148 -46.39 -27.70 14.34
CA ALA K 148 -45.60 -28.69 13.62
C ALA K 148 -44.92 -28.04 12.42
N SER K 149 -44.36 -28.88 11.54
CA SER K 149 -43.65 -28.46 10.33
C SER K 149 -42.38 -27.71 10.66
N ASP K 150 -42.08 -27.55 11.95
CA ASP K 150 -40.82 -27.03 12.44
C ASP K 150 -40.07 -28.14 13.14
N TRP K 151 -38.83 -27.83 13.54
CA TRP K 151 -37.91 -28.81 14.14
C TRP K 151 -37.56 -29.91 13.15
N LEU K 152 -38.04 -29.78 11.91
CA LEU K 152 -37.78 -30.82 10.90
C LEU K 152 -36.31 -30.84 10.49
N ALA K 153 -35.70 -29.67 10.36
CA ALA K 153 -34.29 -29.60 9.99
C ALA K 153 -33.37 -30.11 11.09
N PHE K 154 -33.87 -30.28 12.31
CA PHE K 154 -33.08 -30.78 13.42
C PHE K 154 -33.24 -32.28 13.63
N ILE K 155 -34.00 -32.96 12.77
CA ILE K 155 -34.23 -34.39 12.88
C ILE K 155 -33.08 -35.09 12.15
N GLU K 156 -32.09 -35.54 12.90
CA GLU K 156 -31.01 -36.30 12.30
C GLU K 156 -31.51 -37.68 11.89
N PRO K 157 -31.02 -38.22 10.78
CA PRO K 157 -31.56 -39.48 10.28
C PRO K 157 -31.22 -40.63 11.21
N PRO K 158 -32.09 -41.64 11.30
CA PRO K 158 -31.75 -42.85 12.07
C PRO K 158 -30.72 -43.71 11.34
N GLU K 159 -30.42 -44.89 11.88
CA GLU K 159 -29.40 -45.77 11.33
C GLU K 159 -29.98 -47.15 11.09
N ARG K 160 -29.32 -47.89 10.20
CA ARG K 160 -29.73 -49.24 9.88
C ARG K 160 -29.56 -50.16 11.08
N MET K 161 -30.29 -51.27 11.07
CA MET K 161 -30.13 -52.33 12.04
C MET K 161 -29.62 -53.63 11.45
N GLU K 162 -29.70 -53.80 10.13
CA GLU K 162 -29.21 -54.99 9.47
C GLU K 162 -28.56 -54.59 8.15
N PHE K 163 -27.75 -55.51 7.61
CA PHE K 163 -27.11 -55.31 6.32
C PHE K 163 -27.41 -56.51 5.42
N SER K 164 -27.71 -56.23 4.16
CA SER K 164 -28.09 -57.27 3.21
C SER K 164 -27.55 -56.92 1.83
N GLY K 165 -27.10 -57.95 1.12
CA GLY K 165 -26.58 -57.76 -0.23
C GLY K 165 -26.75 -59.02 -1.05
N GLY K 166 -26.70 -58.85 -2.35
CA GLY K 166 -26.88 -59.96 -3.27
C GLY K 166 -27.60 -59.49 -4.52
N GLY K 167 -28.32 -60.41 -5.12
CA GLY K 167 -29.03 -60.15 -6.36
C GLY K 167 -29.09 -61.41 -7.21
N LEU K 168 -29.05 -61.21 -8.52
CA LEU K 168 -29.01 -62.34 -9.44
C LEU K 168 -27.74 -63.15 -9.23
N LEU K 169 -27.85 -64.46 -9.44
CA LEU K 169 -26.71 -65.35 -9.25
C LEU K 169 -25.54 -64.94 -10.13
N LEU K 170 -24.35 -64.90 -9.55
CA LEU K 170 -23.16 -64.44 -10.24
C LEU K 170 -22.54 -65.55 -11.10
C1 NAG L . -37.46 -47.53 18.35
C2 NAG L . -38.00 -47.72 19.76
C3 NAG L . -36.86 -47.90 20.75
C4 NAG L . -35.92 -49.01 20.29
C5 NAG L . -35.49 -48.78 18.85
C6 NAG L . -34.67 -49.92 18.28
C7 NAG L . -40.15 -46.72 20.42
C8 NAG L . -40.86 -45.46 20.82
N2 NAG L . -38.85 -46.60 20.16
O3 NAG L . -37.38 -48.21 22.04
O4 NAG L . -34.76 -49.04 21.12
O5 NAG L . -36.64 -48.63 18.00
O6 NAG L . -35.26 -51.17 18.59
O7 NAG L . -40.73 -47.80 20.35
C1 NAG L . -34.71 -50.26 21.86
C2 NAG L . -33.38 -50.30 22.63
C3 NAG L . -33.30 -51.56 23.47
C4 NAG L . -34.52 -51.68 24.38
C5 NAG L . -35.80 -51.58 23.55
C6 NAG L . -37.05 -51.56 24.39
C7 NAG L . -31.72 -49.07 21.30
C8 NAG L . -30.55 -49.17 20.36
N2 NAG L . -32.25 -50.23 21.72
O3 NAG L . -32.12 -51.53 24.27
O4 NAG L . -34.50 -52.93 25.07
O5 NAG L . -35.80 -50.36 22.79
O6 NAG L . -38.04 -50.71 23.84
O7 NAG L . -32.16 -47.98 21.67
C1 NAG M . -19.05 -29.16 -32.13
C2 NAG M . -18.23 -29.22 -33.41
C3 NAG M . -17.01 -28.31 -33.30
C4 NAG M . -17.42 -26.90 -32.89
C5 NAG M . -18.31 -26.94 -31.64
C6 NAG M . -18.89 -25.60 -31.27
C7 NAG M . -17.59 -31.04 -34.94
C8 NAG M . -17.18 -32.47 -35.05
N2 NAG M . -17.82 -30.59 -33.71
O3 NAG M . -16.32 -28.28 -34.54
O4 NAG M . -16.26 -26.13 -32.62
O5 NAG M . -19.42 -27.82 -31.87
O6 NAG M . -17.90 -24.78 -30.64
O7 NAG M . -17.71 -30.31 -35.92
C1 NAG M . -16.19 -24.98 -33.51
C2 NAG M . -15.13 -24.03 -32.96
C3 NAG M . -14.97 -22.83 -33.89
C4 NAG M . -14.71 -23.29 -35.31
C5 NAG M . -15.77 -24.29 -35.76
C6 NAG M . -15.48 -24.88 -37.12
C7 NAG M . -14.58 -23.59 -30.61
C8 NAG M . -15.11 -23.11 -29.28
N2 NAG M . -15.47 -23.59 -31.61
O3 NAG M . -13.91 -22.01 -33.42
O4 NAG M . -14.71 -22.17 -36.20
O5 NAG M . -15.84 -25.38 -34.83
O6 NAG M . -14.16 -25.38 -37.19
O7 NAG M . -13.43 -23.96 -30.76
C1 NAG N . -57.35 -59.15 17.85
C2 NAG N . -57.02 -58.09 18.94
C3 NAG N . -57.17 -56.66 18.40
C4 NAG N . -56.37 -56.49 17.12
C5 NAG N . -56.86 -57.52 16.11
C6 NAG N . -56.12 -57.45 14.79
C7 NAG N . -59.09 -58.23 20.41
C8 NAG N . -59.99 -57.93 19.24
N2 NAG N . -57.76 -58.28 20.20
O3 NAG N . -56.72 -55.73 19.39
O4 NAG N . -56.43 -55.18 16.59
O5 NAG N . -56.63 -58.84 16.64
O6 NAG N . -55.50 -56.18 14.62
O7 NAG N . -59.56 -58.41 21.53
C1 NAG N . -57.74 -54.57 16.59
C2 NAG N . -57.53 -53.09 16.90
C3 NAG N . -58.86 -52.35 16.85
C4 NAG N . -59.57 -52.61 15.53
C5 NAG N . -59.71 -54.11 15.29
C6 NAG N . -60.28 -54.44 13.93
C7 NAG N . -56.01 -51.93 18.43
C8 NAG N . -55.44 -51.87 19.81
N2 NAG N . -56.88 -52.90 18.18
O3 NAG N . -58.64 -50.96 17.02
O4 NAG N . -60.86 -52.02 15.54
O5 NAG N . -58.40 -54.73 15.34
O6 NAG N . -59.85 -53.52 12.95
O7 NAG N . -55.69 -51.11 17.56
C1 NAG O . 15.21 -57.11 -22.65
C2 NAG O . 14.28 -55.92 -22.46
C3 NAG O . 14.92 -54.90 -21.50
C4 NAG O . 15.32 -55.59 -20.20
C5 NAG O . 16.19 -56.80 -20.49
C6 NAG O . 16.54 -57.59 -19.25
C7 NAG O . 12.88 -54.56 -23.95
C8 NAG O . 12.71 -54.00 -25.33
N2 NAG O . 13.97 -55.29 -23.74
O3 NAG O . 14.01 -53.85 -21.24
O4 NAG O . 16.04 -54.67 -19.38
O5 NAG O . 15.51 -57.69 -21.38
O6 NAG O . 17.08 -58.87 -19.58
O7 NAG O . 12.04 -54.37 -23.07
C01 9Z9 P . 38.85 22.94 -6.44
C02 9Z9 P . 37.30 23.17 -6.50
C03 9Z9 P . 36.52 21.96 -7.12
C04 9Z9 P . 36.49 20.93 -5.96
C05 9Z9 P . 36.75 21.71 -4.65
C06 9Z9 P . 36.64 23.19 -5.10
C07 9Z9 P . 37.13 24.34 -4.16
C08 9Z9 P . 36.99 25.74 -4.85
C09 9Z9 P . 37.48 25.74 -6.34
C10 9Z9 P . 36.98 24.52 -7.18
C11 9Z9 P . 37.58 26.90 -3.97
C12 9Z9 P . 39.11 27.07 -4.25
C13 9Z9 P . 37.37 26.67 -2.48
C14 9Z9 P . 36.82 25.56 -1.98
C15 9Z9 P . 36.34 24.39 -2.83
C16 9Z9 P . 37.83 27.81 -1.55
C17 9Z9 P . 37.37 29.23 -1.97
C18 9Z9 P . 37.32 29.45 -3.49
C19 9Z9 P . 36.84 28.23 -4.30
O20 9Z9 P . 38.32 30.19 -1.48
C21 9Z9 P . 37.96 30.91 -0.29
C22 9Z9 P . 38.39 32.39 -0.43
C23 9Z9 P . 37.55 33.30 -1.37
C24 9Z9 P . 36.02 33.25 -1.12
O25 9Z9 P . 35.43 32.14 -1.83
C26 9Z9 P . 34.43 31.41 -1.09
C48 9Z9 P . 37.91 33.13 -2.88
O49 9Z9 P . 37.13 34.06 -3.66
C50 9Z9 P . 37.64 35.41 -3.74
O72 9Z9 P . 37.54 20.01 -6.31
C73 9Z9 P . 37.49 19.78 -7.74
C74 9Z9 P . 37.10 21.17 -8.32
C75 9Z9 P . 36.15 21.13 -9.54
C76 9Z9 P . 38.84 19.23 -8.25
C77 9Z9 P . 38.65 18.24 -9.42
C78 9Z9 P . 37.73 17.06 -9.01
C79 9Z9 P . 36.76 17.45 -7.87
O80 9Z9 P . 36.41 18.85 -8.01
C81 9Z9 P . 38.56 15.81 -8.63
#